data_5AWC
#
_entry.id   5AWC
#
_cell.length_a   86.401
_cell.length_b   140.175
_cell.length_c   169.603
_cell.angle_alpha   90.00
_cell.angle_beta   90.47
_cell.angle_gamma   90.00
#
_symmetry.space_group_name_H-M   'P 1 21 1'
#
loop_
_entity.id
_entity.type
_entity.pdbx_description
1 polymer 'Toll-like receptor 8'
2 branched beta-D-mannopyranose-(1-4)-2-acetamido-2-deoxy-beta-D-glucopyranose-(1-4)-2-acetamido-2-deoxy-beta-D-glucopyranose
3 branched 2-acetamido-2-deoxy-beta-D-glucopyranose-(1-4)-2-acetamido-2-deoxy-beta-D-glucopyranose
4 non-polymer 2-acetamido-2-deoxy-beta-D-glucopyranose
5 non-polymer 5-(4-azanylbutyl)-3-pentyl-quinolin-2-amine
6 water water
#
_entity_poly.entity_id   1
_entity_poly.type   'polypeptide(L)'
_entity_poly.pdbx_seq_one_letter_code
;RSPWEENFSRSYPCDEKKQNDSVIAECSNRRLQEVPQTVGKYVTELDLSDNFITHITNESFQGLQNLTKINLNHNPNVQH
QNGNPGIQSNGLNITDGAFLNLKNLRELLLEDNQLPQIPSGLPESLTELSLIQNNIYNITKEGISRLINLKNLYLAWNCY
FNKVCEKTNIEDGVFETLTNLELLSLSFNSLSHVPPKLPSSLRKLFLSNTQIKYISEEDFKGLINLTLLDLSGNCPRCFN
APFPCVPCDGGASINIDRFAFQNLTQLRYLNLSSTSLRKINAAWFKNMPHLKVLDLEFNYLVGEIASGAFLTMLPRLEIL
DLSFNYIKGSYPQHINISRNFSKLLSLRALHLRGYVFQELREDDFQPLMQLPNLSTINLGINFIKQIDFKLFQNFSNLEI
IYLSENRISPLVKDTRQSYANSSSFQRHIRKRRSTDFEFDPHSNFYHFTRPLIKPQCAAYGKALDLSLNSIFFIGPNQFE
NLPDIACLNLSANSNAQVLSGTEFSAIPHVKYLDLTNNRLDFDNASALTELSDLEVLDLSYNSHYFRIAGVTHHLEFIQN
FTNLKVLNLSHNNIYTLTDKYNLESKSLVELVFSGNRLDILWNDDDNRYISIFKGLKNLTRLDLSLNRLKHIPNEAFLNL
PASLTELHINDNMLKFFNWTLLQQFPRLELLDLRGNKLLFLTDSLSDFTSSLRTLLLSHNRISHLPSGFLSEVSSLKHLD
LSSNLLKTINKSALETKTTTKLSMLELHGNPFECTCDIGDFRRWMDEHLNVKIPRLVDVICASPGDQRGKSIVSLELTTC
VSDVTEFLVPR
;
_entity_poly.pdbx_strand_id   A,B,C,D
#
# COMPACT_ATOMS: atom_id res chain seq x y z
N SER A 9 5.47 -25.11 -29.88
CA SER A 9 6.68 -25.99 -29.99
C SER A 9 7.83 -25.55 -29.07
N ARG A 10 8.76 -26.47 -28.78
CA ARG A 10 9.88 -26.19 -27.88
C ARG A 10 10.79 -25.10 -28.42
N SER A 11 10.83 -23.96 -27.74
CA SER A 11 11.66 -22.85 -28.19
C SER A 11 13.11 -23.27 -28.15
N TYR A 12 13.93 -22.56 -28.89
CA TYR A 12 15.34 -22.85 -28.99
C TYR A 12 16.06 -21.70 -29.74
N PRO A 13 17.20 -21.24 -29.24
CA PRO A 13 17.86 -21.80 -28.08
C PRO A 13 17.50 -21.12 -26.76
N CYS A 14 16.42 -20.36 -26.71
CA CYS A 14 16.05 -19.67 -25.50
C CYS A 14 14.95 -20.43 -24.76
N ASP A 15 15.01 -20.43 -23.41
CA ASP A 15 13.89 -20.83 -22.55
C ASP A 15 12.87 -19.68 -22.53
N GLU A 16 11.70 -19.88 -23.15
CA GLU A 16 10.67 -18.84 -23.25
C GLU A 16 9.52 -19.12 -22.30
N LYS A 17 8.74 -18.09 -21.96
CA LYS A 17 7.68 -18.18 -20.94
C LYS A 17 6.81 -16.92 -20.97
N LYS A 18 5.64 -16.96 -20.32
CA LYS A 18 4.84 -15.75 -20.10
C LYS A 18 5.03 -15.20 -18.67
N GLN A 19 4.90 -13.88 -18.53
CA GLN A 19 4.94 -13.20 -17.24
C GLN A 19 4.23 -11.86 -17.42
N VAL A 23 5.94 -11.90 -22.25
CA VAL A 23 6.70 -12.98 -22.90
C VAL A 23 8.22 -12.76 -22.88
N ILE A 24 8.93 -13.58 -22.11
CA ILE A 24 10.35 -13.40 -21.77
C ILE A 24 11.16 -14.54 -22.35
N ALA A 25 12.11 -14.24 -23.23
CA ALA A 25 13.10 -15.22 -23.67
C ALA A 25 14.35 -15.14 -22.81
N GLU A 26 14.70 -16.26 -22.16
CA GLU A 26 15.89 -16.34 -21.34
C GLU A 26 16.97 -17.10 -22.09
N CYS A 27 17.90 -16.34 -22.64
CA CYS A 27 18.84 -16.87 -23.60
C CYS A 27 20.24 -16.58 -23.12
N SER A 28 20.44 -16.65 -21.81
CA SER A 28 21.68 -16.22 -21.19
C SER A 28 22.69 -17.33 -21.16
N ASN A 29 23.96 -16.95 -21.03
CA ASN A 29 25.03 -17.88 -20.65
C ASN A 29 24.96 -19.18 -21.46
N ARG A 30 25.05 -19.03 -22.76
CA ARG A 30 24.61 -20.12 -23.59
C ARG A 30 25.58 -20.42 -24.69
N ARG A 31 26.77 -19.86 -24.61
CA ARG A 31 27.77 -20.04 -25.64
C ARG A 31 27.28 -19.65 -27.05
N LEU A 32 26.28 -18.77 -27.14
CA LEU A 32 25.81 -18.30 -28.44
C LEU A 32 26.78 -17.30 -29.01
N GLN A 33 27.02 -17.41 -30.31
CA GLN A 33 28.02 -16.59 -31.02
C GLN A 33 27.44 -15.52 -31.93
N GLU A 34 26.16 -15.68 -32.30
CA GLU A 34 25.39 -14.68 -33.05
C GLU A 34 24.04 -14.60 -32.35
N VAL A 35 23.26 -13.58 -32.68
CA VAL A 35 21.93 -13.46 -32.08
C VAL A 35 21.04 -14.49 -32.76
N PRO A 36 20.30 -15.28 -31.97
CA PRO A 36 19.53 -16.34 -32.60
C PRO A 36 18.45 -15.77 -33.49
N GLN A 37 18.21 -16.41 -34.62
CA GLN A 37 17.15 -15.99 -35.53
C GLN A 37 15.90 -16.86 -35.34
N THR A 38 15.99 -17.78 -34.38
CA THR A 38 14.92 -18.70 -34.06
C THR A 38 14.21 -18.32 -32.76
N VAL A 39 14.00 -17.02 -32.55
CA VAL A 39 13.36 -16.57 -31.33
C VAL A 39 11.88 -16.34 -31.61
N GLY A 40 11.02 -16.77 -30.68
CA GLY A 40 9.57 -16.50 -30.76
C GLY A 40 9.28 -15.04 -31.08
N LYS A 41 8.27 -14.78 -31.92
CA LYS A 41 8.00 -13.40 -32.38
C LYS A 41 7.08 -12.61 -31.45
N TYR A 42 6.49 -13.29 -30.48
CA TYR A 42 5.69 -12.62 -29.46
C TYR A 42 6.60 -12.13 -28.30
N VAL A 43 7.90 -12.40 -28.39
CA VAL A 43 8.79 -12.10 -27.29
C VAL A 43 8.86 -10.60 -27.09
N THR A 44 8.72 -10.18 -25.84
CA THR A 44 8.78 -8.78 -25.46
C THR A 44 10.10 -8.41 -24.76
N GLU A 45 10.74 -9.39 -24.12
CA GLU A 45 11.98 -9.15 -23.41
C GLU A 45 12.96 -10.28 -23.73
N LEU A 46 14.22 -9.94 -24.02
CA LEU A 46 15.21 -10.93 -24.43
C LEU A 46 16.57 -10.79 -23.69
N ASP A 47 16.94 -11.84 -22.96
CA ASP A 47 18.18 -11.86 -22.18
C ASP A 47 19.23 -12.72 -22.88
N LEU A 48 20.24 -12.05 -23.42
CA LEU A 48 21.33 -12.66 -24.15
C LEU A 48 22.65 -12.39 -23.43
N SER A 49 22.59 -12.03 -22.15
CA SER A 49 23.83 -11.69 -21.44
C SER A 49 24.77 -12.90 -21.43
N ASP A 50 26.05 -12.68 -21.18
CA ASP A 50 27.05 -13.76 -20.95
C ASP A 50 27.18 -14.73 -22.11
N ASN A 51 27.06 -14.20 -23.32
CA ASN A 51 27.19 -15.02 -24.52
C ASN A 51 28.44 -14.64 -25.29
N PHE A 52 28.60 -15.19 -26.49
CA PHE A 52 29.79 -14.99 -27.28
C PHE A 52 29.48 -14.16 -28.50
N ILE A 53 28.41 -13.39 -28.44
CA ILE A 53 27.98 -12.57 -29.56
C ILE A 53 28.96 -11.41 -29.79
N THR A 54 29.47 -11.22 -31.00
CA THR A 54 30.49 -10.17 -31.23
C THR A 54 30.08 -9.04 -32.16
N HIS A 55 28.97 -9.18 -32.85
CA HIS A 55 28.49 -8.18 -33.82
C HIS A 55 26.99 -7.99 -33.65
N ILE A 56 26.54 -6.74 -33.59
CA ILE A 56 25.12 -6.44 -33.69
C ILE A 56 24.90 -5.51 -34.90
N THR A 57 23.99 -5.91 -35.79
CA THR A 57 23.69 -5.16 -37.00
C THR A 57 22.21 -4.97 -37.05
N ASN A 58 21.73 -4.24 -38.04
CA ASN A 58 20.31 -4.10 -38.25
C ASN A 58 19.64 -5.41 -38.64
N GLU A 59 20.41 -6.44 -39.00
CA GLU A 59 19.81 -7.72 -39.34
C GLU A 59 19.49 -8.54 -38.11
N SER A 60 20.15 -8.24 -36.99
CA SER A 60 20.15 -9.11 -35.81
C SER A 60 18.81 -9.29 -35.06
N PHE A 61 17.93 -8.28 -35.07
CA PHE A 61 16.61 -8.44 -34.47
C PHE A 61 15.49 -8.27 -35.49
N GLN A 62 15.67 -8.86 -36.64
CA GLN A 62 14.85 -8.61 -37.79
C GLN A 62 13.36 -8.87 -37.55
N GLY A 63 13.00 -9.94 -36.90
CA GLY A 63 11.59 -10.31 -36.72
C GLY A 63 11.02 -9.94 -35.36
N LEU A 64 11.91 -9.51 -34.46
CA LEU A 64 11.54 -9.30 -33.09
C LEU A 64 11.17 -7.84 -32.85
N GLN A 65 10.22 -7.33 -33.63
CA GLN A 65 9.79 -5.94 -33.51
C GLN A 65 8.98 -5.73 -32.23
N ASN A 66 8.46 -6.82 -31.65
CA ASN A 66 7.66 -6.76 -30.43
C ASN A 66 8.50 -6.58 -29.13
N LEU A 67 9.83 -6.44 -29.26
CA LEU A 67 10.77 -6.33 -28.14
C LEU A 67 10.78 -4.98 -27.44
N THR A 68 10.64 -5.02 -26.11
CA THR A 68 10.74 -3.85 -25.29
C THR A 68 12.03 -3.86 -24.46
N LYS A 69 12.63 -5.03 -24.30
CA LYS A 69 13.79 -5.14 -23.45
C LYS A 69 14.80 -6.08 -24.07
N ILE A 70 16.03 -5.58 -24.21
CA ILE A 70 17.15 -6.40 -24.61
C ILE A 70 18.29 -6.26 -23.62
N ASN A 71 18.87 -7.40 -23.27
CA ASN A 71 20.06 -7.47 -22.37
C ASN A 71 21.25 -8.07 -23.13
N LEU A 72 22.35 -7.34 -23.20
CA LEU A 72 23.51 -7.85 -23.93
C LEU A 72 24.75 -7.76 -23.11
N ASN A 73 24.60 -7.62 -21.79
CA ASN A 73 25.79 -7.50 -20.93
C ASN A 73 26.68 -8.69 -21.12
N HIS A 74 27.97 -8.42 -21.00
CA HIS A 74 29.04 -9.40 -21.03
C HIS A 74 29.14 -10.19 -22.33
N ASN A 75 29.10 -9.48 -23.44
CA ASN A 75 29.33 -10.09 -24.75
C ASN A 75 30.53 -9.44 -25.40
N PRO A 76 31.44 -10.22 -25.97
CA PRO A 76 31.56 -11.66 -25.79
C PRO A 76 32.16 -12.04 -24.44
N ASN A 77 31.76 -13.18 -23.90
CA ASN A 77 32.21 -13.65 -22.57
C ASN A 77 33.57 -14.38 -22.67
N VAL A 78 34.65 -13.64 -22.38
CA VAL A 78 36.07 -14.09 -22.52
C VAL A 78 36.43 -14.28 -23.99
N GLY A 91 35.73 -7.32 -27.90
CA GLY A 91 34.63 -6.38 -27.70
C GLY A 91 33.49 -6.38 -28.72
N LEU A 92 32.31 -5.98 -28.26
CA LEU A 92 31.05 -5.99 -29.03
C LEU A 92 30.96 -4.89 -30.12
N ASN A 93 31.13 -5.26 -31.38
CA ASN A 93 31.02 -4.31 -32.52
C ASN A 93 29.55 -4.07 -32.82
N ILE A 94 29.05 -2.87 -32.57
CA ILE A 94 27.64 -2.55 -32.81
C ILE A 94 27.54 -1.44 -33.88
N THR A 95 26.75 -1.68 -34.94
CA THR A 95 26.70 -0.79 -36.10
C THR A 95 25.77 0.38 -35.88
N ASP A 96 26.12 1.53 -36.44
CA ASP A 96 25.23 2.68 -36.58
C ASP A 96 23.80 2.22 -36.83
N GLY A 97 22.88 2.59 -35.94
CA GLY A 97 21.46 2.38 -36.19
C GLY A 97 21.01 0.93 -36.13
N ALA A 98 21.84 0.06 -35.58
CA ALA A 98 21.50 -1.36 -35.51
C ALA A 98 20.16 -1.65 -34.88
N PHE A 99 19.77 -0.87 -33.87
CA PHE A 99 18.50 -1.10 -33.15
C PHE A 99 17.43 -0.10 -33.55
N LEU A 100 17.72 0.77 -34.52
CA LEU A 100 16.82 1.90 -34.83
C LEU A 100 15.39 1.47 -35.21
N ASN A 101 15.29 0.34 -35.90
CA ASN A 101 14.00 -0.21 -36.34
C ASN A 101 13.12 -0.74 -35.21
N LEU A 102 13.72 -1.04 -34.05
CA LEU A 102 12.96 -1.56 -32.90
C LEU A 102 12.12 -0.48 -32.27
N LYS A 103 10.99 -0.21 -32.90
CA LYS A 103 10.19 0.96 -32.54
C LYS A 103 9.67 0.88 -31.11
N ASN A 104 9.57 -0.32 -30.54
CA ASN A 104 9.02 -0.51 -29.19
C ASN A 104 10.09 -0.71 -28.10
N LEU A 105 11.37 -0.55 -28.47
CA LEU A 105 12.46 -0.82 -27.52
C LEU A 105 12.51 0.29 -26.45
N ARG A 106 12.46 -0.12 -25.18
CA ARG A 106 12.49 0.83 -24.07
C ARG A 106 13.74 0.67 -23.19
N GLU A 107 14.07 -0.57 -22.81
CA GLU A 107 15.22 -0.87 -21.95
C GLU A 107 16.30 -1.63 -22.71
N LEU A 108 17.54 -1.15 -22.63
CA LEU A 108 18.64 -1.76 -23.38
C LEU A 108 19.90 -1.83 -22.50
N LEU A 109 20.39 -3.04 -22.26
CA LEU A 109 21.48 -3.20 -21.32
C LEU A 109 22.75 -3.57 -22.05
N LEU A 110 23.75 -2.67 -22.00
CA LEU A 110 25.02 -2.90 -22.71
C LEU A 110 26.23 -2.85 -21.79
N GLU A 111 26.15 -3.58 -20.70
CA GLU A 111 27.21 -3.50 -19.71
C GLU A 111 28.34 -4.45 -20.09
N ASP A 112 29.56 -4.11 -19.71
CA ASP A 112 30.68 -5.07 -19.75
C ASP A 112 30.98 -5.52 -21.18
N ASN A 113 30.92 -4.60 -22.13
CA ASN A 113 31.00 -4.93 -23.55
C ASN A 113 32.18 -4.29 -24.31
N GLN A 114 33.10 -3.70 -23.56
CA GLN A 114 34.22 -2.91 -24.11
C GLN A 114 33.85 -1.92 -25.21
N LEU A 115 32.62 -1.43 -25.20
CA LEU A 115 32.24 -0.43 -26.18
C LEU A 115 33.20 0.73 -26.02
N PRO A 116 33.66 1.32 -27.16
CA PRO A 116 34.51 2.51 -27.20
C PRO A 116 33.76 3.81 -27.35
N GLN A 117 32.49 3.76 -27.70
CA GLN A 117 31.63 4.93 -27.73
C GLN A 117 30.21 4.48 -27.48
N ILE A 118 29.40 5.42 -27.05
CA ILE A 118 27.97 5.23 -27.09
C ILE A 118 27.62 4.88 -28.55
N PRO A 119 27.00 3.73 -28.80
CA PRO A 119 26.59 3.39 -30.16
C PRO A 119 25.74 4.49 -30.78
N SER A 120 25.99 4.79 -32.05
CA SER A 120 25.30 5.86 -32.75
C SER A 120 23.95 5.35 -33.19
N GLY A 121 22.99 6.25 -33.35
CA GLY A 121 21.68 5.92 -33.91
C GLY A 121 20.85 5.01 -33.04
N LEU A 122 20.77 5.31 -31.74
CA LEU A 122 19.89 4.56 -30.84
C LEU A 122 18.46 5.06 -30.99
N PRO A 123 17.49 4.16 -30.76
CA PRO A 123 16.10 4.49 -30.98
C PRO A 123 15.61 5.51 -29.99
N GLU A 124 14.69 6.35 -30.45
CA GLU A 124 14.15 7.47 -29.71
C GLU A 124 13.23 7.00 -28.56
N SER A 125 12.75 5.77 -28.66
CA SER A 125 11.79 5.23 -27.70
C SER A 125 12.37 4.71 -26.38
N LEU A 126 13.71 4.70 -26.26
CA LEU A 126 14.40 4.20 -25.06
C LEU A 126 14.08 5.06 -23.83
N THR A 127 13.75 4.37 -22.74
CA THR A 127 13.52 4.96 -21.42
C THR A 127 14.60 4.61 -20.37
N GLU A 128 15.26 3.45 -20.54
CA GLU A 128 16.36 3.00 -19.67
C GLU A 128 17.52 2.55 -20.55
N LEU A 129 18.73 3.09 -20.32
CA LEU A 129 19.95 2.64 -21.03
C LEU A 129 21.12 2.50 -20.09
N SER A 130 21.83 1.38 -20.14
CA SER A 130 22.98 1.17 -19.23
C SER A 130 24.23 0.77 -19.97
N LEU A 131 25.26 1.56 -19.81
CA LEU A 131 26.52 1.36 -20.49
C LEU A 131 27.61 1.23 -19.44
N ILE A 132 27.23 0.67 -18.30
CA ILE A 132 28.19 0.41 -17.23
C ILE A 132 29.34 -0.47 -17.73
N GLN A 133 30.54 -0.13 -17.33
CA GLN A 133 31.69 -1.00 -17.51
C GLN A 133 32.04 -1.17 -18.95
N ASN A 134 32.24 -0.03 -19.62
CA ASN A 134 32.80 -0.03 -20.95
C ASN A 134 34.00 0.88 -21.03
N ASN A 135 34.40 1.25 -22.25
CA ASN A 135 35.52 2.15 -22.49
C ASN A 135 35.13 3.54 -23.07
N ILE A 136 33.96 4.03 -22.70
CA ILE A 136 33.40 5.26 -23.25
C ILE A 136 33.93 6.45 -22.45
N TYR A 137 34.73 7.28 -23.09
CA TYR A 137 35.32 8.42 -22.42
C TYR A 137 34.84 9.71 -23.02
N ASN A 138 33.83 9.62 -23.89
CA ASN A 138 33.23 10.77 -24.54
C ASN A 138 31.72 10.61 -24.54
N ILE A 139 31.02 11.51 -23.88
CA ILE A 139 29.56 11.50 -23.88
C ILE A 139 29.06 12.69 -24.67
N THR A 140 28.35 12.44 -25.77
CA THR A 140 28.10 13.49 -26.76
C THR A 140 26.68 13.58 -27.24
N LYS A 141 26.35 14.77 -27.73
CA LYS A 141 25.03 15.07 -28.26
C LYS A 141 24.56 14.08 -29.30
N GLU A 142 25.49 13.59 -30.12
CA GLU A 142 25.15 12.69 -31.21
C GLU A 142 24.65 11.38 -30.66
N GLY A 143 25.25 10.91 -29.57
CA GLY A 143 24.81 9.65 -28.95
C GLY A 143 23.53 9.74 -28.14
N ILE A 144 23.34 10.83 -27.40
CA ILE A 144 22.33 10.88 -26.34
C ILE A 144 21.20 11.88 -26.52
N SER A 145 21.51 13.06 -27.05
CA SER A 145 20.59 14.19 -26.96
C SER A 145 19.24 13.93 -27.64
N ARG A 146 19.22 13.11 -28.68
CA ARG A 146 17.96 12.73 -29.33
C ARG A 146 17.08 11.80 -28.51
N LEU A 147 17.67 11.13 -27.52
CA LEU A 147 16.97 10.17 -26.70
C LEU A 147 16.20 10.87 -25.60
N ILE A 148 15.25 11.70 -26.02
CA ILE A 148 14.48 12.58 -25.14
C ILE A 148 13.53 11.84 -24.18
N ASN A 149 13.35 10.53 -24.35
CA ASN A 149 12.48 9.76 -23.45
C ASN A 149 13.23 9.00 -22.36
N LEU A 150 14.51 9.29 -22.17
CA LEU A 150 15.30 8.56 -21.20
C LEU A 150 14.88 8.91 -19.80
N LYS A 151 14.44 7.91 -19.04
CA LYS A 151 14.23 8.00 -17.59
C LYS A 151 15.56 7.75 -16.82
N ASN A 152 16.26 6.69 -17.19
CA ASN A 152 17.46 6.27 -16.47
C ASN A 152 18.65 6.06 -17.41
N LEU A 153 19.75 6.77 -17.12
CA LEU A 153 20.98 6.65 -17.89
C LEU A 153 22.13 6.27 -16.99
N TYR A 154 22.72 5.10 -17.25
CA TYR A 154 23.81 4.58 -16.43
C TYR A 154 25.09 4.56 -17.24
N LEU A 155 26.08 5.30 -16.77
CA LEU A 155 27.35 5.40 -17.47
C LEU A 155 28.54 5.11 -16.59
N ALA A 156 28.30 4.53 -15.41
CA ALA A 156 29.35 4.40 -14.39
C ALA A 156 30.45 3.39 -14.73
N TRP A 157 31.58 3.54 -14.06
CA TRP A 157 32.68 2.59 -14.14
C TRP A 157 33.29 2.48 -15.57
N ASN A 158 33.42 3.59 -16.29
CA ASN A 158 34.13 3.51 -17.57
C ASN A 158 35.58 3.87 -17.43
N CYS A 159 35.94 4.69 -16.43
CA CYS A 159 37.35 5.05 -16.21
C CYS A 159 37.61 5.25 -14.73
N TYR A 160 38.46 4.39 -14.20
CA TYR A 160 38.59 4.25 -12.76
C TYR A 160 39.84 3.48 -12.43
N PHE A 161 40.29 3.67 -11.21
CA PHE A 161 41.46 3.02 -10.62
C PHE A 161 42.75 3.16 -11.46
N ASN A 162 43.44 2.06 -11.75
CA ASN A 162 44.63 2.05 -12.61
C ASN A 162 44.23 1.59 -13.99
N LYS A 163 42.94 1.59 -14.31
CA LYS A 163 42.55 1.26 -15.67
C LYS A 163 43.22 2.26 -16.60
N VAL A 164 43.71 1.76 -17.73
CA VAL A 164 44.23 2.62 -18.79
C VAL A 164 43.06 3.20 -19.58
N CYS A 165 42.78 4.49 -19.36
CA CYS A 165 41.61 5.19 -19.89
C CYS A 165 41.79 6.69 -19.79
N GLU A 166 40.95 7.45 -20.49
CA GLU A 166 41.07 8.91 -20.52
C GLU A 166 40.02 9.61 -19.67
N LYS A 167 40.30 10.86 -19.35
CA LYS A 167 39.35 11.74 -18.64
C LYS A 167 38.07 11.82 -19.42
N THR A 168 36.96 11.91 -18.71
CA THR A 168 35.67 11.79 -19.36
C THR A 168 35.29 13.15 -19.88
N ASN A 169 35.00 13.25 -21.16
CA ASN A 169 34.62 14.51 -21.78
C ASN A 169 33.10 14.53 -21.92
N ILE A 170 32.50 15.54 -21.34
CA ILE A 170 31.06 15.66 -21.39
C ILE A 170 30.70 16.91 -22.16
N GLU A 171 30.13 16.69 -23.35
CA GLU A 171 29.80 17.77 -24.24
C GLU A 171 28.72 18.61 -23.61
N ASP A 172 29.05 19.88 -23.37
CA ASP A 172 28.13 20.89 -22.84
C ASP A 172 26.69 20.77 -23.33
N GLY A 173 25.78 20.55 -22.40
CA GLY A 173 24.35 20.50 -22.71
C GLY A 173 23.84 19.13 -23.15
N VAL A 174 24.73 18.14 -23.21
CA VAL A 174 24.32 16.85 -23.69
C VAL A 174 23.08 16.40 -22.96
N PHE A 175 23.00 16.67 -21.66
CA PHE A 175 21.85 16.20 -20.88
C PHE A 175 20.60 17.10 -20.91
N GLU A 176 20.71 18.38 -21.28
CA GLU A 176 19.52 19.25 -21.10
C GLU A 176 18.34 18.93 -21.98
N THR A 177 18.56 18.19 -23.05
CA THR A 177 17.45 17.81 -23.91
C THR A 177 16.68 16.67 -23.29
N LEU A 178 17.23 16.09 -22.22
CA LEU A 178 16.64 14.90 -21.57
C LEU A 178 15.73 15.31 -20.42
N THR A 179 14.62 15.94 -20.80
CA THR A 179 13.74 16.60 -19.84
C THR A 179 12.86 15.64 -19.08
N ASN A 180 12.99 14.34 -19.33
CA ASN A 180 12.30 13.32 -18.55
C ASN A 180 13.30 12.47 -17.77
N LEU A 181 14.56 12.86 -17.76
CA LEU A 181 15.58 12.06 -17.08
C LEU A 181 15.40 12.06 -15.55
N GLU A 182 15.18 10.87 -15.00
CA GLU A 182 14.99 10.71 -13.56
C GLU A 182 16.26 10.23 -12.85
N LEU A 183 17.03 9.35 -13.50
CA LEU A 183 18.28 8.86 -12.91
C LEU A 183 19.43 9.09 -13.86
N LEU A 184 20.57 9.48 -13.30
CA LEU A 184 21.78 9.61 -14.06
C LEU A 184 22.93 9.23 -13.17
N SER A 185 23.75 8.31 -13.64
CA SER A 185 24.83 7.75 -12.87
C SER A 185 26.11 7.80 -13.66
N LEU A 186 27.11 8.49 -13.12
CA LEU A 186 28.39 8.70 -13.77
C LEU A 186 29.56 8.24 -12.90
N SER A 187 29.26 7.51 -11.83
CA SER A 187 30.27 7.22 -10.83
C SER A 187 31.44 6.46 -11.46
N PHE A 188 32.62 6.53 -10.83
CA PHE A 188 33.79 5.83 -11.34
C PHE A 188 34.06 6.19 -12.81
N ASN A 189 34.17 7.50 -13.01
CA ASN A 189 34.72 8.10 -14.22
C ASN A 189 35.51 9.30 -13.68
N SER A 190 36.52 9.76 -14.41
CA SER A 190 37.21 10.96 -14.02
C SER A 190 36.46 12.12 -14.67
N LEU A 191 35.63 12.80 -13.88
CA LEU A 191 34.85 13.94 -14.35
C LEU A 191 35.46 15.31 -13.99
N SER A 192 36.04 15.45 -12.80
CA SER A 192 36.61 16.73 -12.33
C SER A 192 35.59 17.81 -11.94
N HIS A 193 34.41 17.81 -12.54
CA HIS A 193 33.41 18.81 -12.18
C HIS A 193 32.03 18.22 -12.38
N VAL A 194 31.07 18.60 -11.56
CA VAL A 194 29.69 18.32 -11.86
C VAL A 194 29.39 18.92 -13.26
N PRO A 195 28.74 18.15 -14.13
CA PRO A 195 28.49 18.74 -15.42
C PRO A 195 27.41 19.80 -15.29
N PRO A 196 27.54 20.91 -16.04
CA PRO A 196 26.46 21.88 -16.09
C PRO A 196 25.31 21.40 -16.94
N LYS A 197 24.20 22.12 -16.81
CA LYS A 197 23.03 21.93 -17.63
C LYS A 197 22.36 20.58 -17.49
N LEU A 198 22.06 20.25 -16.25
CA LEU A 198 21.38 19.03 -15.93
C LEU A 198 19.89 19.29 -15.89
N PRO A 199 19.09 18.37 -16.43
CA PRO A 199 17.68 18.67 -16.50
C PRO A 199 17.06 18.65 -15.13
N SER A 200 16.13 19.56 -14.86
CA SER A 200 15.52 19.65 -13.53
C SER A 200 14.57 18.49 -13.19
N SER A 201 14.37 17.57 -14.12
CA SER A 201 13.56 16.37 -13.85
C SER A 201 14.27 15.38 -12.91
N LEU A 202 15.58 15.55 -12.73
CA LEU A 202 16.38 14.59 -11.98
C LEU A 202 15.79 14.25 -10.58
N ARG A 203 15.73 12.96 -10.28
CA ARG A 203 15.41 12.46 -8.93
C ARG A 203 16.68 11.94 -8.25
N LYS A 204 17.56 11.28 -9.01
CA LYS A 204 18.76 10.64 -8.46
C LYS A 204 20.01 10.91 -9.27
N LEU A 205 21.04 11.38 -8.58
CA LEU A 205 22.29 11.74 -9.24
C LEU A 205 23.39 11.00 -8.53
N PHE A 206 24.08 10.14 -9.25
CA PHE A 206 25.23 9.46 -8.68
C PHE A 206 26.54 9.94 -9.32
N LEU A 207 27.41 10.50 -8.50
CA LEU A 207 28.69 11.03 -8.93
C LEU A 207 29.83 10.58 -8.02
N SER A 208 29.75 9.33 -7.57
CA SER A 208 30.74 8.79 -6.65
C SER A 208 32.03 8.54 -7.40
N ASN A 209 33.17 8.75 -6.73
CA ASN A 209 34.46 8.51 -7.30
C ASN A 209 34.62 9.07 -8.71
N THR A 210 34.24 10.35 -8.85
CA THR A 210 34.38 11.10 -10.09
C THR A 210 35.47 12.16 -10.02
N GLN A 211 36.29 12.11 -8.98
CA GLN A 211 37.39 13.06 -8.79
C GLN A 211 36.95 14.51 -8.87
N ILE A 212 35.85 14.84 -8.20
CA ILE A 212 35.32 16.19 -8.11
C ILE A 212 35.65 16.79 -6.75
N LYS A 213 36.68 17.63 -6.71
CA LYS A 213 37.15 18.28 -5.49
C LYS A 213 36.22 19.36 -4.94
N TYR A 214 35.51 20.09 -5.78
CA TYR A 214 34.75 21.27 -5.32
C TYR A 214 33.33 21.21 -5.81
N ILE A 215 32.37 21.62 -4.97
CA ILE A 215 30.98 21.73 -5.37
C ILE A 215 30.62 23.19 -5.24
N SER A 216 30.08 23.78 -6.29
CA SER A 216 29.70 25.18 -6.31
C SER A 216 28.20 25.31 -6.07
N GLU A 217 27.75 26.55 -5.97
CA GLU A 217 26.34 26.88 -5.72
C GLU A 217 25.47 26.66 -6.98
N GLU A 218 26.11 26.51 -8.14
CA GLU A 218 25.41 26.36 -9.40
C GLU A 218 25.23 24.89 -9.76
N ASP A 219 26.15 24.06 -9.30
CA ASP A 219 26.15 22.64 -9.61
C ASP A 219 24.79 21.95 -9.48
N PHE A 220 24.03 22.21 -8.43
CA PHE A 220 22.75 21.56 -8.28
C PHE A 220 21.64 22.54 -8.03
N LYS A 221 21.71 23.69 -8.71
CA LYS A 221 20.80 24.82 -8.46
C LYS A 221 19.30 24.55 -8.70
N GLY A 222 18.97 23.84 -9.77
CA GLY A 222 17.56 23.76 -10.17
C GLY A 222 16.96 22.39 -9.99
N LEU A 223 17.55 21.61 -9.12
CA LEU A 223 17.27 20.21 -9.03
C LEU A 223 16.33 20.03 -7.86
N ILE A 224 15.17 20.68 -7.98
CA ILE A 224 14.23 20.77 -6.89
C ILE A 224 13.44 19.50 -6.71
N ASN A 225 13.65 18.53 -7.61
CA ASN A 225 13.08 17.19 -7.45
C ASN A 225 14.04 16.10 -7.01
N LEU A 226 15.31 16.42 -6.79
CA LEU A 226 16.30 15.43 -6.40
C LEU A 226 15.87 14.77 -5.11
N THR A 227 15.86 13.43 -5.08
CA THR A 227 15.77 12.70 -3.82
C THR A 227 17.05 12.00 -3.41
N LEU A 228 17.95 11.76 -4.35
CA LEU A 228 19.24 11.17 -4.01
C LEU A 228 20.44 11.92 -4.59
N LEU A 229 21.45 12.16 -3.75
CA LEU A 229 22.72 12.68 -4.20
C LEU A 229 23.89 11.90 -3.62
N ASP A 230 24.77 11.41 -4.48
CA ASP A 230 25.89 10.60 -4.07
C ASP A 230 27.17 11.25 -4.49
N LEU A 231 27.82 11.93 -3.56
CA LEU A 231 29.12 12.54 -3.81
C LEU A 231 30.27 11.81 -3.16
N SER A 232 30.10 10.50 -2.94
CA SER A 232 31.06 9.72 -2.19
C SER A 232 32.31 9.55 -3.00
N GLY A 233 33.44 9.34 -2.32
CA GLY A 233 34.70 8.99 -2.99
C GLY A 233 35.40 10.14 -3.67
N ASN A 234 34.87 11.35 -3.49
CA ASN A 234 35.53 12.55 -3.98
C ASN A 234 36.31 13.20 -2.83
N CYS A 235 37.63 13.31 -3.01
CA CYS A 235 38.58 13.48 -1.94
C CYS A 235 38.50 12.31 -0.95
N PRO A 236 38.81 11.09 -1.43
CA PRO A 236 38.65 9.91 -0.60
C PRO A 236 39.60 9.95 0.56
N ARG A 237 39.25 9.21 1.64
CA ARG A 237 40.19 8.80 2.69
C ARG A 237 40.87 7.51 2.22
N CYS A 238 42.19 7.51 2.10
CA CYS A 238 42.90 6.44 1.39
C CYS A 238 43.68 5.47 2.25
N PHE A 239 43.72 5.67 3.55
CA PHE A 239 44.46 4.73 4.33
C PHE A 239 43.80 3.35 4.27
N ASN A 240 44.59 2.34 4.07
CA ASN A 240 44.09 0.97 4.05
C ASN A 240 43.01 0.77 3.01
N ALA A 241 43.16 1.46 1.89
CA ALA A 241 42.18 1.35 0.84
C ALA A 241 42.25 -0.01 0.18
N PRO A 242 41.10 -0.64 0.00
CA PRO A 242 41.02 -1.89 -0.80
C PRO A 242 41.02 -1.70 -2.33
N PHE A 243 41.52 -0.56 -2.78
CA PHE A 243 41.60 -0.25 -4.21
C PHE A 243 42.65 0.84 -4.44
N PRO A 244 43.07 1.04 -5.69
CA PRO A 244 43.98 2.19 -5.92
C PRO A 244 43.26 3.52 -5.67
N CYS A 245 43.75 4.29 -4.72
CA CYS A 245 43.05 5.42 -4.16
C CYS A 245 43.98 6.64 -4.14
N VAL A 246 43.51 7.74 -4.70
CA VAL A 246 44.26 8.96 -4.80
C VAL A 246 43.52 10.05 -4.09
N PRO A 247 44.20 10.62 -3.01
CA PRO A 247 43.45 11.72 -2.37
C PRO A 247 43.57 13.11 -2.96
N CYS A 248 42.66 14.01 -2.57
CA CYS A 248 42.73 15.40 -2.96
C CYS A 248 44.04 15.83 -2.28
N ASP A 249 44.69 16.90 -2.72
CA ASP A 249 46.04 17.20 -2.26
C ASP A 249 46.11 17.39 -0.77
N GLY A 250 47.10 16.76 -0.17
CA GLY A 250 47.31 16.81 1.25
C GLY A 250 46.31 16.01 2.03
N GLY A 251 45.57 15.16 1.34
CA GLY A 251 44.37 14.53 1.90
C GLY A 251 43.31 15.51 2.37
N ALA A 252 43.17 16.67 1.70
CA ALA A 252 42.15 17.69 2.08
C ALA A 252 40.76 17.10 1.89
N SER A 253 39.75 17.81 2.38
CA SER A 253 38.38 17.33 2.29
C SER A 253 37.77 17.80 0.96
N ILE A 254 36.70 17.17 0.54
CA ILE A 254 35.92 17.73 -0.54
C ILE A 254 35.57 19.10 -0.03
N ASN A 255 35.25 20.02 -0.92
CA ASN A 255 34.92 21.41 -0.55
C ASN A 255 33.57 21.82 -1.13
N ILE A 256 32.58 21.89 -0.27
CA ILE A 256 31.23 22.14 -0.65
C ILE A 256 30.87 23.56 -0.23
N ASP A 257 30.41 24.36 -1.18
CA ASP A 257 30.04 25.72 -0.96
C ASP A 257 28.85 25.74 -0.06
N ARG A 258 28.80 26.72 0.84
CA ARG A 258 27.69 26.85 1.78
C ARG A 258 26.32 26.71 1.11
N PHE A 259 26.18 27.16 -0.13
CA PHE A 259 24.87 27.15 -0.78
C PHE A 259 24.67 26.03 -1.81
N ALA A 260 25.55 25.02 -1.81
CA ALA A 260 25.50 23.93 -2.80
C ALA A 260 24.21 23.13 -2.80
N PHE A 261 23.51 23.11 -1.67
CA PHE A 261 22.25 22.35 -1.50
C PHE A 261 20.99 23.20 -1.22
N GLN A 262 21.04 24.44 -1.60
CA GLN A 262 20.05 25.42 -1.27
C GLN A 262 18.67 25.01 -1.68
N ASN A 263 18.55 24.41 -2.84
CA ASN A 263 17.24 24.10 -3.41
C ASN A 263 16.94 22.60 -3.48
N LEU A 264 17.75 21.76 -2.84
CA LEU A 264 17.47 20.34 -2.83
C LEU A 264 16.48 20.02 -1.69
N THR A 265 15.32 20.63 -1.71
CA THR A 265 14.45 20.42 -0.59
C THR A 265 13.81 19.01 -0.61
N GLN A 266 13.88 18.30 -1.73
CA GLN A 266 13.31 16.95 -1.77
C GLN A 266 14.29 15.85 -1.38
N LEU A 267 15.49 16.21 -0.98
CA LEU A 267 16.52 15.20 -0.75
C LEU A 267 16.17 14.21 0.36
N ARG A 268 16.13 12.92 0.01
CA ARG A 268 15.99 11.84 1.00
C ARG A 268 17.31 11.18 1.35
N TYR A 269 18.20 11.05 0.38
CA TYR A 269 19.39 10.25 0.53
C TYR A 269 20.60 11.08 0.18
N LEU A 270 21.55 11.19 1.08
CA LEU A 270 22.79 11.89 0.79
C LEU A 270 23.94 10.98 1.13
N ASN A 271 24.84 10.73 0.17
CA ASN A 271 26.03 9.96 0.45
C ASN A 271 27.29 10.79 0.38
N LEU A 272 27.94 10.99 1.52
CA LEU A 272 29.21 11.65 1.56
C LEU A 272 30.31 10.75 2.17
N SER A 273 30.22 9.45 1.96
CA SER A 273 31.26 8.55 2.41
C SER A 273 32.57 8.82 1.67
N SER A 274 33.69 8.76 2.40
CA SER A 274 35.03 8.93 1.82
C SER A 274 35.21 10.25 1.07
N THR A 275 34.94 11.36 1.75
CA THR A 275 35.22 12.64 1.18
C THR A 275 36.10 13.41 2.12
N SER A 276 36.76 12.70 3.02
CA SER A 276 37.75 13.29 3.90
C SER A 276 37.22 14.47 4.72
N LEU A 277 35.94 14.41 5.09
CA LEU A 277 35.34 15.46 5.91
C LEU A 277 35.82 15.36 7.33
N ARG A 278 36.40 16.45 7.84
CA ARG A 278 36.59 16.70 9.29
C ARG A 278 35.42 17.51 9.90
N LYS A 279 34.74 18.31 9.07
CA LYS A 279 33.80 19.32 9.50
C LYS A 279 32.57 19.17 8.64
N ILE A 280 31.42 19.24 9.25
CA ILE A 280 30.14 19.10 8.58
C ILE A 280 29.36 20.38 8.85
N ASN A 281 29.14 21.15 7.80
CA ASN A 281 28.35 22.36 7.90
C ASN A 281 26.86 22.11 8.11
N ALA A 282 26.36 22.51 9.28
CA ALA A 282 24.95 22.42 9.59
C ALA A 282 24.08 23.07 8.50
N ALA A 283 24.56 24.15 7.93
CA ALA A 283 23.74 24.92 6.99
C ALA A 283 23.53 24.19 5.66
N TRP A 284 24.32 23.16 5.38
CA TRP A 284 24.03 22.27 4.23
C TRP A 284 22.60 21.72 4.28
N PHE A 285 22.07 21.49 5.50
CA PHE A 285 20.75 20.84 5.73
C PHE A 285 19.60 21.81 6.02
N LYS A 286 19.88 23.09 5.86
CA LYS A 286 18.96 24.16 6.19
C LYS A 286 17.60 23.91 5.52
N ASN A 287 17.61 23.60 4.24
CA ASN A 287 16.37 23.48 3.48
C ASN A 287 16.14 22.05 3.08
N MET A 288 16.59 21.13 3.94
CA MET A 288 16.61 19.73 3.62
C MET A 288 15.79 18.94 4.65
N PRO A 289 14.49 19.23 4.74
CA PRO A 289 13.66 18.67 5.79
C PRO A 289 13.23 17.20 5.63
N HIS A 290 13.43 16.57 4.47
CA HIS A 290 12.99 15.18 4.30
C HIS A 290 14.16 14.20 4.31
N LEU A 291 15.34 14.64 4.74
CA LEU A 291 16.53 13.79 4.67
C LEU A 291 16.32 12.55 5.53
N LYS A 292 16.34 11.38 4.89
CA LYS A 292 16.09 10.04 5.54
C LYS A 292 17.37 9.29 5.90
N VAL A 293 18.37 9.37 5.03
CA VAL A 293 19.54 8.53 5.07
C VAL A 293 20.72 9.42 4.81
N LEU A 294 21.69 9.39 5.72
CA LEU A 294 22.87 10.20 5.60
C LEU A 294 24.06 9.31 5.85
N ASP A 295 24.89 9.21 4.83
CA ASP A 295 25.95 8.24 4.78
C ASP A 295 27.28 8.99 4.86
N LEU A 296 27.99 8.81 5.97
CA LEU A 296 29.22 9.55 6.26
C LEU A 296 30.38 8.65 6.64
N GLU A 297 30.45 7.47 6.03
CA GLU A 297 31.52 6.52 6.30
C GLU A 297 32.84 7.01 5.77
N PHE A 298 33.91 6.47 6.32
CA PHE A 298 35.26 6.70 5.84
C PHE A 298 35.58 8.18 5.71
N ASN A 299 35.16 8.96 6.70
CA ASN A 299 35.63 10.32 6.80
C ASN A 299 36.51 10.41 8.02
N TYR A 300 36.82 11.63 8.47
CA TYR A 300 37.55 11.83 9.72
C TYR A 300 36.68 12.55 10.73
N LEU A 301 35.55 11.98 11.10
CA LEU A 301 34.54 12.71 11.84
C LEU A 301 34.48 12.47 13.33
N VAL A 302 35.51 11.85 13.92
CA VAL A 302 35.48 11.61 15.37
C VAL A 302 35.19 12.91 16.18
N GLY A 303 35.87 14.00 15.83
CA GLY A 303 35.53 15.32 16.37
C GLY A 303 34.07 15.75 16.24
N GLU A 304 33.53 15.72 15.03
CA GLU A 304 32.10 16.07 14.84
C GLU A 304 31.15 15.13 15.57
N ILE A 305 31.55 13.89 15.76
CA ILE A 305 30.71 12.95 16.51
C ILE A 305 30.61 13.42 17.98
N ALA A 306 31.68 14.00 18.49
CA ALA A 306 31.66 14.58 19.85
C ALA A 306 31.00 15.99 19.97
N SER A 307 30.87 16.75 18.88
CA SER A 307 30.15 18.05 18.92
C SER A 307 28.84 18.05 18.12
N GLY A 308 28.94 17.89 16.81
CA GLY A 308 27.75 17.63 16.01
C GLY A 308 26.63 18.66 16.02
N ALA A 309 26.97 19.92 15.80
CA ALA A 309 25.99 20.95 15.47
C ALA A 309 24.97 20.42 14.45
N PHE A 310 25.47 19.87 13.35
CA PHE A 310 24.62 19.40 12.26
C PHE A 310 23.50 18.42 12.67
N LEU A 311 23.64 17.78 13.83
CA LEU A 311 22.67 16.79 14.25
C LEU A 311 21.34 17.46 14.57
N THR A 312 21.40 18.71 15.00
CA THR A 312 20.19 19.50 15.22
C THR A 312 19.30 19.67 13.97
N MET A 313 19.86 19.48 12.77
CA MET A 313 19.19 19.78 11.51
C MET A 313 18.45 18.57 10.89
N LEU A 314 18.41 17.44 11.59
CA LEU A 314 18.06 16.15 10.99
C LEU A 314 17.11 15.32 11.85
N PRO A 315 16.00 15.91 12.26
CA PRO A 315 15.09 15.18 13.12
C PRO A 315 14.15 14.26 12.39
N ARG A 316 14.20 14.22 11.06
CA ARG A 316 13.54 13.13 10.31
C ARG A 316 14.48 12.07 9.81
N LEU A 317 15.75 12.16 10.17
CA LEU A 317 16.70 11.21 9.68
C LEU A 317 16.42 9.84 10.33
N GLU A 318 16.36 8.80 9.49
CA GLU A 318 16.11 7.43 9.92
C GLU A 318 17.37 6.59 10.03
N ILE A 319 18.26 6.64 9.02
CA ILE A 319 19.52 5.89 9.03
C ILE A 319 20.72 6.84 9.00
N LEU A 320 21.65 6.65 9.93
CA LEU A 320 22.87 7.45 9.97
C LEU A 320 24.03 6.50 10.08
N ASP A 321 24.99 6.66 9.18
CA ASP A 321 26.08 5.76 9.09
C ASP A 321 27.43 6.48 9.21
N LEU A 322 28.01 6.37 10.39
CA LEU A 322 29.26 7.01 10.72
C LEU A 322 30.39 6.01 10.81
N SER A 323 30.23 4.86 10.13
CA SER A 323 31.23 3.79 10.15
C SER A 323 32.59 4.16 9.56
N PHE A 324 33.64 3.56 10.11
CA PHE A 324 35.01 3.74 9.66
C PHE A 324 35.52 5.18 9.64
N ASN A 325 35.35 5.88 10.75
CA ASN A 325 35.99 7.17 10.95
C ASN A 325 37.08 7.09 11.97
N TYR A 326 37.58 5.90 12.27
CA TYR A 326 38.60 5.80 13.31
C TYR A 326 39.76 6.73 13.04
N ILE A 327 40.32 7.28 14.11
CA ILE A 327 41.61 7.93 14.04
C ILE A 327 42.74 6.89 14.09
N LYS A 328 43.62 6.96 13.13
CA LYS A 328 44.65 5.99 12.97
C LYS A 328 45.62 5.94 14.16
N GLY A 329 45.87 4.75 14.66
CA GLY A 329 46.71 4.55 15.83
C GLY A 329 46.09 4.88 17.18
N SER A 330 44.86 5.36 17.23
CA SER A 330 44.31 5.74 18.53
C SER A 330 43.25 4.75 19.02
N TYR A 331 43.26 4.55 20.34
CA TYR A 331 42.42 3.56 21.01
C TYR A 331 41.80 4.22 22.23
N PRO A 332 40.93 5.21 22.01
CA PRO A 332 40.33 5.90 23.15
C PRO A 332 39.63 4.91 24.08
N GLN A 333 39.72 5.15 25.40
CA GLN A 333 39.00 4.34 26.37
C GLN A 333 37.51 4.21 26.08
N HIS A 334 36.90 5.29 25.58
CA HIS A 334 35.46 5.36 25.38
C HIS A 334 35.08 6.04 24.06
N ILE A 335 33.88 5.74 23.61
CA ILE A 335 33.30 6.44 22.49
C ILE A 335 32.73 7.76 23.01
N ASN A 336 32.96 8.86 22.31
CA ASN A 336 32.42 10.16 22.74
C ASN A 336 31.33 10.62 21.80
N ILE A 337 30.08 10.33 22.19
CA ILE A 337 28.86 10.75 21.47
C ILE A 337 28.30 12.08 22.00
N SER A 338 28.16 13.09 21.15
CA SER A 338 27.58 14.36 21.58
C SER A 338 26.14 14.25 22.03
N ARG A 339 25.77 15.11 22.99
CA ARG A 339 24.42 15.24 23.53
C ARG A 339 23.42 15.43 22.43
N ASN A 340 23.88 15.94 21.31
CA ASN A 340 22.98 16.33 20.25
C ASN A 340 22.43 15.21 19.41
N PHE A 341 22.94 14.00 19.61
CA PHE A 341 22.31 12.83 19.01
C PHE A 341 20.88 12.79 19.52
N SER A 342 20.64 13.27 20.74
CA SER A 342 19.28 13.28 21.34
C SER A 342 18.25 13.99 20.51
N LYS A 343 18.70 14.82 19.57
CA LYS A 343 17.84 15.48 18.57
C LYS A 343 17.48 14.64 17.34
N LEU A 344 18.13 13.50 17.13
CA LEU A 344 17.77 12.68 15.99
C LEU A 344 16.50 11.87 16.26
N LEU A 345 15.41 12.60 16.49
CA LEU A 345 14.18 12.03 17.00
C LEU A 345 13.45 10.99 16.12
N SER A 346 13.77 10.89 14.82
CA SER A 346 13.16 9.85 13.98
C SER A 346 14.17 8.73 13.73
N LEU A 347 15.35 8.83 14.32
CA LEU A 347 16.37 7.85 14.06
C LEU A 347 15.92 6.43 14.41
N ARG A 348 16.11 5.52 13.45
CA ARG A 348 15.84 4.10 13.63
C ARG A 348 17.09 3.24 13.63
N ALA A 349 18.11 3.67 12.91
CA ALA A 349 19.31 2.87 12.81
C ALA A 349 20.55 3.74 12.85
N LEU A 350 21.48 3.38 13.74
CA LEU A 350 22.73 4.11 13.91
C LEU A 350 23.84 3.11 13.74
N HIS A 351 24.75 3.41 12.80
CA HIS A 351 25.88 2.58 12.46
C HIS A 351 27.18 3.25 12.85
N LEU A 352 27.84 2.66 13.83
CA LEU A 352 29.13 3.14 14.30
C LEU A 352 30.25 2.07 14.23
N ARG A 353 30.34 1.33 13.11
CA ARG A 353 31.47 0.41 12.93
C ARG A 353 32.73 1.22 12.87
N GLY A 354 33.83 0.64 13.31
CA GLY A 354 35.16 1.16 13.01
C GLY A 354 35.38 2.54 13.51
N TYR A 355 34.88 2.82 14.70
CA TYR A 355 35.24 4.03 15.43
C TYR A 355 36.49 3.70 16.18
N VAL A 356 36.40 2.59 16.91
CA VAL A 356 37.51 1.95 17.64
C VAL A 356 37.73 2.53 19.03
N PHE A 357 37.34 1.75 20.03
CA PHE A 357 37.44 2.15 21.42
C PHE A 357 37.44 0.93 22.32
N GLN A 358 37.79 1.11 23.58
CA GLN A 358 38.09 -0.03 24.45
C GLN A 358 36.93 -0.49 25.20
N GLU A 359 36.08 0.45 25.59
CA GLU A 359 35.05 0.20 26.63
C GLU A 359 33.75 0.95 26.37
N LEU A 360 32.62 0.23 26.42
CA LEU A 360 31.33 0.90 26.31
C LEU A 360 30.68 0.97 27.68
N ARG A 361 30.53 2.20 28.20
CA ARG A 361 29.81 2.45 29.45
C ARG A 361 28.41 3.02 29.25
N GLU A 362 27.56 2.82 30.23
CA GLU A 362 26.19 3.28 30.17
C GLU A 362 26.10 4.78 29.92
N ASP A 363 26.97 5.56 30.53
CA ASP A 363 26.91 7.02 30.39
C ASP A 363 27.29 7.48 28.96
N ASP A 364 28.04 6.66 28.24
CA ASP A 364 28.54 7.04 26.92
C ASP A 364 27.42 7.06 25.88
N PHE A 365 26.35 6.31 26.12
CA PHE A 365 25.18 6.28 25.24
C PHE A 365 23.92 6.96 25.78
N GLN A 366 24.03 7.81 26.80
CA GLN A 366 22.88 8.60 27.29
C GLN A 366 22.10 9.29 26.14
N PRO A 367 22.82 10.03 25.24
CA PRO A 367 22.09 10.83 24.27
C PRO A 367 21.21 9.99 23.35
N LEU A 368 21.46 8.68 23.28
CA LEU A 368 20.65 7.75 22.48
C LEU A 368 19.46 7.15 23.20
N MET A 369 19.40 7.27 24.52
CA MET A 369 18.47 6.42 25.29
C MET A 369 16.99 6.73 25.17
N GLN A 370 16.67 7.90 24.65
CA GLN A 370 15.29 8.36 24.59
C GLN A 370 14.81 8.47 23.19
N LEU A 371 15.57 8.00 22.21
CA LEU A 371 15.14 8.13 20.82
C LEU A 371 14.00 7.18 20.54
N PRO A 372 12.80 7.70 20.37
CA PRO A 372 11.68 6.77 20.42
C PRO A 372 11.66 5.62 19.39
N ASN A 373 12.32 5.74 18.25
CA ASN A 373 12.20 4.69 17.24
C ASN A 373 13.56 4.08 16.85
N LEU A 374 14.60 4.33 17.66
CA LEU A 374 15.92 3.74 17.43
C LEU A 374 15.91 2.23 17.66
N SER A 375 15.89 1.43 16.60
CA SER A 375 15.76 0.02 16.76
C SER A 375 17.06 -0.75 16.53
N THR A 376 17.99 -0.16 15.79
CA THR A 376 19.24 -0.84 15.44
C THR A 376 20.45 -0.02 15.88
N ILE A 377 21.36 -0.64 16.64
CA ILE A 377 22.62 0.05 16.99
C ILE A 377 23.71 -0.94 16.67
N ASN A 378 24.72 -0.49 15.95
CA ASN A 378 25.67 -1.39 15.29
C ASN A 378 27.08 -0.94 15.64
N LEU A 379 27.79 -1.79 16.37
CA LEU A 379 29.09 -1.43 16.93
C LEU A 379 30.13 -2.43 16.49
N GLY A 380 29.87 -3.07 15.37
CA GLY A 380 30.79 -4.03 14.84
C GLY A 380 32.12 -3.38 14.54
N ILE A 381 33.16 -4.19 14.63
CA ILE A 381 34.55 -3.84 14.32
C ILE A 381 35.06 -2.58 15.01
N ASN A 382 34.88 -2.52 16.32
CA ASN A 382 35.45 -1.42 17.12
C ASN A 382 36.54 -1.88 18.07
N PHE A 383 36.88 -3.16 17.99
CA PHE A 383 37.85 -3.77 18.91
C PHE A 383 37.49 -3.50 20.37
N ILE A 384 36.19 -3.50 20.66
CA ILE A 384 35.73 -3.28 22.04
C ILE A 384 36.09 -4.47 22.97
N LYS A 385 36.68 -4.17 24.11
CA LYS A 385 37.13 -5.18 25.09
C LYS A 385 36.13 -5.45 26.19
N GLN A 386 35.29 -4.47 26.48
CA GLN A 386 34.38 -4.60 27.60
C GLN A 386 33.12 -3.80 27.38
N ILE A 387 31.96 -4.41 27.68
CA ILE A 387 30.69 -3.70 27.52
C ILE A 387 29.87 -3.78 28.77
N ASP A 388 29.17 -2.70 29.06
CA ASP A 388 28.31 -2.66 30.22
C ASP A 388 26.90 -3.02 29.79
N PHE A 389 26.64 -4.32 29.63
CA PHE A 389 25.40 -4.80 29.01
C PHE A 389 24.07 -4.25 29.53
N LYS A 390 24.00 -3.90 30.82
CA LYS A 390 22.77 -3.30 31.37
C LYS A 390 22.32 -1.98 30.68
N LEU A 391 23.24 -1.31 30.01
CA LEU A 391 22.90 -0.07 29.34
C LEU A 391 21.80 -0.27 28.29
N PHE A 392 21.74 -1.46 27.70
CA PHE A 392 20.79 -1.70 26.61
C PHE A 392 19.33 -1.75 27.05
N GLN A 393 19.08 -2.16 28.28
CA GLN A 393 17.76 -2.07 28.94
C GLN A 393 17.18 -0.64 28.96
N ASN A 394 18.04 0.35 29.18
CA ASN A 394 17.60 1.76 29.36
C ASN A 394 17.07 2.40 28.05
N PHE A 395 17.26 1.72 26.93
CA PHE A 395 16.80 2.26 25.66
C PHE A 395 15.32 2.02 25.51
N SER A 396 14.68 2.85 24.68
CA SER A 396 13.25 2.76 24.45
C SER A 396 12.88 1.41 23.84
N ASN A 397 13.36 1.11 22.63
CA ASN A 397 13.18 -0.23 22.10
C ASN A 397 14.18 -0.70 21.02
N LEU A 398 15.36 -1.05 21.46
CA LEU A 398 16.29 -1.74 20.60
C LEU A 398 15.69 -3.09 20.16
N GLU A 399 15.67 -3.35 18.85
CA GLU A 399 15.34 -4.68 18.31
C GLU A 399 16.60 -5.51 17.80
N ILE A 400 17.71 -4.80 17.51
CA ILE A 400 18.95 -5.37 16.95
C ILE A 400 20.15 -4.76 17.65
N ILE A 401 20.83 -5.57 18.45
CA ILE A 401 22.05 -5.15 19.14
C ILE A 401 23.26 -5.89 18.52
N TYR A 402 23.96 -5.18 17.64
CA TYR A 402 24.94 -5.81 16.78
C TYR A 402 26.33 -5.48 17.25
N LEU A 403 26.98 -6.46 17.87
CA LEU A 403 28.26 -6.29 18.51
C LEU A 403 29.27 -7.24 17.93
N SER A 404 28.94 -7.77 16.76
CA SER A 404 29.81 -8.71 16.10
C SER A 404 31.14 -8.11 15.81
N GLU A 405 32.13 -8.97 15.78
CA GLU A 405 33.50 -8.62 15.46
C GLU A 405 34.11 -7.59 16.43
N ASN A 406 34.36 -8.02 17.65
CA ASN A 406 34.96 -7.13 18.64
C ASN A 406 36.01 -7.92 19.41
N ARG A 407 36.45 -7.44 20.58
CA ARG A 407 37.38 -8.20 21.44
C ARG A 407 36.75 -8.43 22.84
N ILE A 408 35.48 -8.83 22.85
CA ILE A 408 34.76 -9.16 24.07
C ILE A 408 35.13 -10.57 24.51
N SER A 409 35.62 -10.62 25.75
CA SER A 409 36.01 -11.85 26.39
C SER A 409 35.04 -12.05 27.56
N PRO A 410 35.17 -13.15 28.29
CA PRO A 410 34.23 -13.48 29.36
C PRO A 410 34.17 -12.46 30.49
N LEU A 411 32.96 -12.21 30.99
CA LEU A 411 32.68 -11.25 32.08
C LEU A 411 33.72 -11.20 33.23
N ASP A 436 35.06 -11.09 -12.63
CA ASP A 436 35.59 -10.46 -13.85
C ASP A 436 36.37 -9.18 -13.46
N PHE A 437 35.66 -8.31 -12.71
CA PHE A 437 36.22 -7.15 -12.01
C PHE A 437 35.78 -7.30 -10.55
N GLU A 438 36.58 -6.76 -9.64
CA GLU A 438 36.38 -7.01 -8.18
C GLU A 438 35.00 -6.53 -7.69
N PHE A 439 34.64 -5.28 -7.94
CA PHE A 439 33.46 -4.70 -7.29
C PHE A 439 32.21 -4.76 -8.12
N ASP A 440 31.10 -5.00 -7.45
CA ASP A 440 29.85 -5.14 -8.13
C ASP A 440 29.35 -3.74 -8.37
N PRO A 441 29.33 -3.31 -9.64
CA PRO A 441 28.84 -1.94 -9.94
C PRO A 441 27.39 -1.69 -9.57
N HIS A 442 26.61 -2.73 -9.27
CA HIS A 442 25.23 -2.50 -8.84
C HIS A 442 25.05 -2.60 -7.33
N SER A 443 26.11 -2.48 -6.55
CA SER A 443 26.02 -2.59 -5.09
C SER A 443 26.57 -1.36 -4.41
N ASN A 444 26.33 -1.22 -3.11
CA ASN A 444 27.01 -0.22 -2.32
C ASN A 444 28.48 -0.56 -2.34
N PHE A 445 29.34 0.44 -2.47
CA PHE A 445 30.78 0.21 -2.59
C PHE A 445 31.50 0.24 -1.24
N TYR A 446 30.91 0.89 -0.24
CA TYR A 446 31.61 1.09 1.03
C TYR A 446 31.10 0.15 2.11
N HIS A 447 29.98 -0.53 1.87
CA HIS A 447 29.48 -1.50 2.84
C HIS A 447 28.59 -2.53 2.20
N PHE A 448 28.54 -3.68 2.86
CA PHE A 448 27.67 -4.79 2.44
C PHE A 448 26.25 -4.48 2.84
N THR A 449 25.32 -4.96 2.05
CA THR A 449 23.95 -4.53 2.13
C THR A 449 23.00 -5.58 2.72
N ARG A 450 23.49 -6.79 3.00
CA ARG A 450 22.64 -7.79 3.64
C ARG A 450 22.22 -7.37 5.06
N PRO A 451 21.14 -7.97 5.61
CA PRO A 451 20.74 -7.67 6.98
C PRO A 451 21.81 -8.01 7.98
N LEU A 452 21.87 -7.26 9.08
CA LEU A 452 22.90 -7.49 10.11
C LEU A 452 22.71 -8.85 10.75
N ILE A 453 21.46 -9.18 11.09
CA ILE A 453 21.10 -10.48 11.70
C ILE A 453 20.24 -11.25 10.70
N LYS A 454 20.48 -12.54 10.51
CA LYS A 454 19.58 -13.31 9.63
C LYS A 454 18.12 -13.03 10.05
N PRO A 455 17.26 -12.75 9.08
CA PRO A 455 15.84 -12.49 9.35
C PRO A 455 15.12 -13.63 10.08
N GLN A 456 15.48 -14.87 9.74
CA GLN A 456 14.82 -15.99 10.40
C GLN A 456 14.96 -15.85 11.92
N CYS A 457 16.12 -15.37 12.37
CA CYS A 457 16.40 -15.16 13.79
C CYS A 457 15.73 -13.91 14.32
N ALA A 458 15.70 -12.85 13.54
CA ALA A 458 15.28 -11.54 14.05
C ALA A 458 13.79 -11.42 14.19
N ALA A 459 13.08 -12.14 13.33
CA ALA A 459 11.64 -12.20 13.41
C ALA A 459 11.11 -12.60 14.81
N TYR A 460 11.84 -13.47 15.52
CA TYR A 460 11.39 -13.95 16.83
C TYR A 460 11.36 -12.85 17.87
N GLY A 461 12.07 -11.75 17.63
CA GLY A 461 12.13 -10.70 18.66
C GLY A 461 13.47 -10.02 18.74
N LYS A 462 13.74 -9.44 19.91
CA LYS A 462 14.95 -8.69 20.13
C LYS A 462 16.14 -9.59 19.87
N ALA A 463 17.15 -9.06 19.17
CA ALA A 463 18.34 -9.85 18.86
C ALA A 463 19.60 -9.21 19.40
N LEU A 464 20.54 -10.05 19.78
CA LEU A 464 21.85 -9.62 20.24
C LEU A 464 22.88 -10.49 19.57
N ASP A 465 23.82 -9.87 18.85
CA ASP A 465 24.82 -10.59 18.07
C ASP A 465 26.15 -10.28 18.68
N LEU A 466 26.81 -11.32 19.21
CA LEU A 466 28.16 -11.27 19.78
C LEU A 466 29.07 -12.25 19.07
N SER A 467 28.71 -12.58 17.83
CA SER A 467 29.55 -13.40 16.98
C SER A 467 30.92 -12.79 16.87
N LEU A 468 31.89 -13.63 16.51
CA LEU A 468 33.27 -13.22 16.26
C LEU A 468 34.01 -12.49 17.40
N ASN A 469 33.59 -12.71 18.64
CA ASN A 469 34.39 -12.26 19.78
C ASN A 469 35.20 -13.42 20.38
N SER A 470 35.86 -13.13 21.50
CA SER A 470 36.58 -14.13 22.30
C SER A 470 35.82 -14.61 23.57
N ILE A 471 34.52 -14.81 23.46
CA ILE A 471 33.73 -15.26 24.62
C ILE A 471 33.91 -16.77 24.75
N PHE A 472 35.10 -17.17 25.18
CA PHE A 472 35.47 -18.60 25.12
C PHE A 472 34.73 -19.46 26.17
N PHE A 473 33.91 -18.82 27.01
CA PHE A 473 33.33 -19.46 28.15
C PHE A 473 32.19 -18.60 28.72
N ILE A 474 31.01 -19.20 28.86
CA ILE A 474 29.87 -18.54 29.51
C ILE A 474 29.85 -18.73 31.03
N GLY A 475 30.25 -17.65 31.71
CA GLY A 475 30.19 -17.56 33.17
C GLY A 475 28.77 -17.44 33.67
N PRO A 476 28.61 -17.44 35.00
CA PRO A 476 27.29 -17.52 35.63
C PRO A 476 26.48 -16.23 35.50
N ASN A 477 27.20 -15.10 35.43
CA ASN A 477 26.58 -13.78 35.25
C ASN A 477 26.72 -13.15 33.83
N GLN A 478 27.13 -13.92 32.82
CA GLN A 478 27.48 -13.33 31.52
C GLN A 478 26.34 -12.57 30.84
N PHE A 479 25.10 -12.98 31.11
CA PHE A 479 23.95 -12.41 30.46
C PHE A 479 23.01 -11.75 31.46
N GLU A 480 23.54 -11.28 32.58
CA GLU A 480 22.76 -10.47 33.53
C GLU A 480 22.37 -9.10 32.93
N ASN A 481 21.16 -8.67 33.26
CA ASN A 481 20.65 -7.34 32.96
C ASN A 481 20.34 -7.07 31.50
N LEU A 482 20.34 -8.10 30.68
CA LEU A 482 19.96 -7.96 29.30
C LEU A 482 18.45 -7.78 29.13
N PRO A 483 18.03 -7.24 27.99
CA PRO A 483 16.63 -7.34 27.61
C PRO A 483 16.23 -8.79 27.35
N ASP A 484 14.92 -8.99 27.15
CA ASP A 484 14.33 -10.31 26.88
C ASP A 484 14.68 -10.80 25.45
N ILE A 485 15.92 -11.28 25.29
CA ILE A 485 16.46 -11.69 24.01
C ILE A 485 15.74 -12.92 23.43
N ALA A 486 15.23 -12.77 22.21
CA ALA A 486 14.57 -13.85 21.51
C ALA A 486 15.54 -14.49 20.54
N CYS A 487 16.56 -13.74 20.12
CA CYS A 487 17.50 -14.14 19.06
C CYS A 487 18.90 -13.79 19.53
N LEU A 488 19.78 -14.79 19.59
CA LEU A 488 21.15 -14.59 20.09
C LEU A 488 22.12 -15.31 19.16
N ASN A 489 23.20 -14.62 18.85
CA ASN A 489 24.25 -15.13 18.03
C ASN A 489 25.55 -15.14 18.81
N LEU A 490 26.12 -16.32 18.96
CA LEU A 490 27.39 -16.48 19.64
C LEU A 490 28.35 -17.24 18.75
N SER A 491 28.06 -17.25 17.46
CA SER A 491 28.90 -17.95 16.52
C SER A 491 30.32 -17.52 16.70
N ALA A 492 31.24 -18.44 16.53
CA ALA A 492 32.66 -18.08 16.38
C ALA A 492 33.21 -17.30 17.55
N ASN A 493 32.94 -17.78 18.75
CA ASN A 493 33.61 -17.28 19.95
C ASN A 493 34.67 -18.23 20.53
N SER A 494 34.98 -19.29 19.79
CA SER A 494 35.81 -20.38 20.31
C SER A 494 35.36 -20.89 21.68
N ASN A 495 34.05 -21.09 21.81
CA ASN A 495 33.48 -21.48 23.07
C ASN A 495 33.68 -22.97 23.25
N ALA A 496 34.39 -23.32 24.33
CA ALA A 496 34.74 -24.69 24.63
C ALA A 496 34.02 -25.23 25.84
N GLN A 497 32.91 -24.63 26.24
CA GLN A 497 32.41 -25.11 27.51
C GLN A 497 31.40 -26.26 27.47
N VAL A 498 31.18 -26.75 28.69
CA VAL A 498 30.17 -27.74 29.00
C VAL A 498 28.92 -26.97 29.40
N LEU A 499 27.88 -27.09 28.61
CA LEU A 499 26.68 -26.34 28.80
C LEU A 499 25.86 -27.27 29.62
N SER A 500 25.34 -26.77 30.73
CA SER A 500 24.88 -27.63 31.81
C SER A 500 23.39 -27.43 32.09
N GLY A 501 22.83 -26.33 31.61
CA GLY A 501 21.43 -26.05 31.79
C GLY A 501 21.19 -24.77 32.55
N THR A 502 22.24 -23.99 32.83
CA THR A 502 22.12 -22.74 33.59
C THR A 502 22.70 -21.48 32.92
N GLU A 503 23.45 -21.67 31.84
CA GLU A 503 24.24 -20.59 31.30
C GLU A 503 23.36 -19.56 30.60
N PHE A 504 22.14 -19.93 30.23
CA PHE A 504 21.18 -19.02 29.59
C PHE A 504 19.97 -18.63 30.42
N SER A 505 20.08 -18.85 31.73
CA SER A 505 18.97 -18.64 32.69
C SER A 505 18.52 -17.18 32.74
N ALA A 506 19.46 -16.25 32.62
CA ALA A 506 19.13 -14.84 32.62
C ALA A 506 18.40 -14.35 31.34
N ILE A 507 18.24 -15.21 30.34
CA ILE A 507 17.61 -14.85 29.08
C ILE A 507 16.99 -16.14 28.57
N PRO A 508 15.98 -16.62 29.30
CA PRO A 508 15.42 -17.95 29.13
C PRO A 508 14.51 -18.09 27.97
N HIS A 509 14.12 -16.98 27.37
CA HIS A 509 13.17 -17.00 26.25
C HIS A 509 13.83 -17.00 24.88
N VAL A 510 15.13 -17.30 24.77
CA VAL A 510 15.73 -17.37 23.44
C VAL A 510 15.03 -18.44 22.59
N LYS A 511 14.50 -18.04 21.43
CA LYS A 511 13.82 -18.95 20.49
C LYS A 511 14.71 -19.47 19.35
N TYR A 512 15.83 -18.80 19.08
CA TYR A 512 16.70 -19.10 17.94
C TYR A 512 18.08 -18.85 18.47
N LEU A 513 18.88 -19.90 18.58
CA LEU A 513 20.24 -19.80 19.13
C LEU A 513 21.33 -20.23 18.14
N ASP A 514 22.31 -19.37 17.93
CA ASP A 514 23.37 -19.64 16.99
C ASP A 514 24.67 -19.80 17.73
N LEU A 515 25.19 -21.03 17.73
CA LEU A 515 26.40 -21.39 18.43
C LEU A 515 27.40 -22.00 17.48
N THR A 516 27.28 -21.63 16.20
CA THR A 516 28.06 -22.23 15.14
C THR A 516 29.49 -21.85 15.31
N ASN A 517 30.40 -22.61 14.72
CA ASN A 517 31.82 -22.29 14.69
C ASN A 517 32.36 -22.06 16.08
N ASN A 518 31.95 -22.89 17.02
CA ASN A 518 32.60 -22.93 18.32
C ASN A 518 33.33 -24.23 18.56
N ARG A 519 33.72 -24.49 19.81
CA ARG A 519 34.32 -25.77 20.11
C ARG A 519 33.66 -26.42 21.30
N LEU A 520 32.36 -26.49 21.28
CA LEU A 520 31.64 -26.93 22.47
C LEU A 520 31.94 -28.37 22.89
N ASP A 521 31.96 -28.57 24.20
CA ASP A 521 32.26 -29.86 24.87
C ASP A 521 30.96 -30.45 25.41
N PHE A 522 30.32 -31.24 24.58
CA PHE A 522 29.02 -31.74 24.92
C PHE A 522 29.16 -32.86 25.94
N ASP A 523 29.29 -32.45 27.18
CA ASP A 523 29.53 -33.38 28.25
C ASP A 523 28.49 -33.40 29.34
N ASN A 524 27.34 -32.80 29.09
CA ASN A 524 26.26 -32.78 30.04
C ASN A 524 24.88 -32.77 29.40
N ALA A 525 24.04 -33.71 29.86
CA ALA A 525 22.72 -33.98 29.27
C ALA A 525 21.62 -32.94 29.52
N SER A 526 21.87 -32.01 30.41
CA SER A 526 20.97 -30.89 30.67
C SER A 526 21.24 -29.63 29.83
N ALA A 527 22.28 -29.67 28.99
CA ALA A 527 22.72 -28.53 28.17
C ALA A 527 21.59 -27.79 27.49
N LEU A 528 21.53 -26.47 27.64
CA LEU A 528 20.49 -25.70 26.95
C LEU A 528 19.03 -25.92 27.38
N THR A 529 18.77 -26.85 28.32
CA THR A 529 17.38 -27.15 28.68
C THR A 529 16.68 -26.01 29.41
N GLU A 530 17.43 -25.03 29.93
CA GLU A 530 16.83 -23.82 30.52
C GLU A 530 16.13 -22.94 29.50
N LEU A 531 16.34 -23.23 28.21
CA LEU A 531 15.60 -22.55 27.13
C LEU A 531 14.39 -23.34 26.66
N SER A 532 13.33 -23.36 27.45
CA SER A 532 12.15 -24.18 27.04
C SER A 532 11.45 -23.63 25.79
N ASP A 533 11.56 -22.36 25.50
CA ASP A 533 10.91 -21.86 24.30
C ASP A 533 11.68 -22.15 23.01
N LEU A 534 12.91 -22.60 23.12
CA LEU A 534 13.75 -22.77 21.94
C LEU A 534 13.08 -23.43 20.74
N GLU A 535 13.13 -22.77 19.58
CA GLU A 535 12.58 -23.35 18.33
C GLU A 535 13.65 -23.72 17.30
N VAL A 536 14.71 -22.92 17.20
CA VAL A 536 15.83 -23.16 16.29
C VAL A 536 17.17 -23.18 16.97
N LEU A 537 17.97 -24.19 16.68
CA LEU A 537 19.28 -24.35 17.29
C LEU A 537 20.31 -24.73 16.24
N ASP A 538 21.38 -23.94 16.15
CA ASP A 538 22.43 -24.18 15.17
C ASP A 538 23.75 -24.46 15.86
N LEU A 539 24.15 -25.72 15.77
CA LEU A 539 25.43 -26.20 16.27
C LEU A 539 26.45 -26.58 15.18
N SER A 540 26.25 -26.09 13.94
CA SER A 540 27.20 -26.33 12.84
C SER A 540 28.61 -25.95 13.26
N TYR A 541 29.60 -26.68 12.75
CA TYR A 541 31.03 -26.36 12.93
C TYR A 541 31.51 -26.34 14.37
N ASN A 542 31.20 -27.40 15.11
CA ASN A 542 31.71 -27.60 16.48
C ASN A 542 32.41 -28.91 16.54
N SER A 543 33.13 -29.24 15.48
CA SER A 543 33.67 -30.57 15.36
C SER A 543 34.78 -30.82 16.37
N HIS A 544 35.28 -29.80 17.02
CA HIS A 544 36.55 -29.85 17.66
C HIS A 544 36.65 -30.98 18.62
N TYR A 545 35.68 -31.19 19.47
CA TYR A 545 35.65 -32.34 20.41
C TYR A 545 34.95 -33.56 19.82
N PHE A 546 33.97 -33.32 18.97
CA PHE A 546 33.32 -34.44 18.27
C PHE A 546 34.31 -35.39 17.58
N ARG A 547 35.41 -34.85 17.08
CA ARG A 547 36.38 -35.66 16.32
C ARG A 547 37.27 -36.54 17.23
N ILE A 548 37.26 -36.27 18.53
CA ILE A 548 38.07 -37.01 19.50
C ILE A 548 37.23 -38.16 20.11
N ALA A 549 37.62 -39.40 19.80
CA ALA A 549 36.94 -40.61 20.30
C ALA A 549 36.89 -40.67 21.80
N GLY A 550 37.99 -40.27 22.44
CA GLY A 550 38.12 -40.37 23.90
C GLY A 550 37.33 -39.37 24.74
N VAL A 551 36.87 -38.24 24.16
CA VAL A 551 36.10 -37.34 24.96
C VAL A 551 34.65 -37.65 24.75
N THR A 552 33.82 -37.15 25.67
CA THR A 552 32.42 -37.51 25.70
C THR A 552 31.64 -36.63 24.74
N HIS A 553 30.53 -37.20 24.25
CA HIS A 553 29.62 -36.45 23.39
C HIS A 553 28.19 -36.82 23.76
N HIS A 554 27.58 -36.00 24.61
CA HIS A 554 26.19 -36.20 25.02
C HIS A 554 25.20 -35.28 24.26
N LEU A 555 24.36 -35.88 23.40
CA LEU A 555 23.27 -35.17 22.69
C LEU A 555 21.85 -35.43 23.21
N GLU A 556 21.75 -35.86 24.47
CA GLU A 556 20.49 -36.26 25.04
C GLU A 556 19.50 -35.09 25.21
N PHE A 557 19.98 -33.92 25.62
CA PHE A 557 19.17 -32.66 25.73
C PHE A 557 18.20 -32.35 24.57
N ILE A 558 18.45 -32.89 23.40
CA ILE A 558 17.56 -32.66 22.28
C ILE A 558 16.13 -33.01 22.67
N GLN A 559 15.94 -34.06 23.47
CA GLN A 559 14.57 -34.51 23.84
C GLN A 559 13.81 -33.56 24.76
N ASN A 560 14.52 -32.83 25.62
CA ASN A 560 13.90 -31.98 26.63
C ASN A 560 13.32 -30.68 26.09
N PHE A 561 12.97 -30.59 24.81
CA PHE A 561 12.41 -29.32 24.26
C PHE A 561 11.07 -29.57 23.60
N THR A 562 10.04 -28.81 23.96
CA THR A 562 8.68 -29.10 23.47
C THR A 562 8.39 -28.43 22.12
N ASN A 563 9.09 -27.33 21.83
CA ASN A 563 8.90 -26.53 20.60
C ASN A 563 10.06 -26.48 19.65
N LEU A 564 11.03 -27.38 19.79
CA LEU A 564 12.21 -27.31 18.91
C LEU A 564 11.80 -27.86 17.55
N LYS A 565 11.90 -27.00 16.54
CA LYS A 565 11.48 -27.32 15.17
C LYS A 565 12.66 -27.58 14.23
N VAL A 566 13.73 -26.84 14.41
CA VAL A 566 14.89 -26.93 13.51
C VAL A 566 16.19 -27.14 14.25
N LEU A 567 16.97 -28.11 13.76
CA LEU A 567 18.25 -28.43 14.35
C LEU A 567 19.34 -28.66 13.30
N ASN A 568 20.46 -27.97 13.48
CA ASN A 568 21.60 -28.09 12.60
C ASN A 568 22.82 -28.68 13.32
N LEU A 569 23.19 -29.91 12.96
CA LEU A 569 24.42 -30.53 13.44
C LEU A 569 25.48 -30.71 12.33
N SER A 570 25.42 -29.89 11.28
CA SER A 570 26.28 -30.08 10.13
C SER A 570 27.74 -29.86 10.45
N HIS A 571 28.60 -30.52 9.67
CA HIS A 571 30.02 -30.28 9.73
C HIS A 571 30.59 -30.36 11.13
N ASN A 572 30.12 -31.35 11.87
CA ASN A 572 30.63 -31.62 13.19
C ASN A 572 31.48 -32.86 13.26
N ASN A 573 31.56 -33.62 12.16
CA ASN A 573 32.35 -34.84 12.15
C ASN A 573 31.85 -35.90 13.14
N ILE A 574 30.54 -36.03 13.26
CA ILE A 574 30.00 -36.90 14.31
C ILE A 574 30.20 -38.33 13.88
N TYR A 575 30.92 -39.08 14.70
CA TYR A 575 31.09 -40.52 14.50
C TYR A 575 30.94 -41.38 15.77
N THR A 576 30.75 -40.74 16.93
CA THR A 576 30.68 -41.46 18.21
C THR A 576 29.98 -40.61 19.26
N LEU A 577 29.07 -41.26 20.00
CA LEU A 577 28.30 -40.64 21.07
C LEU A 577 28.37 -41.52 22.31
N THR A 578 28.12 -40.90 23.46
CA THR A 578 28.24 -41.54 24.78
C THR A 578 26.87 -41.94 25.30
N ASP A 579 26.77 -43.17 25.82
CA ASP A 579 25.58 -43.72 26.52
C ASP A 579 24.33 -43.86 25.67
N LYS A 580 23.83 -42.75 25.15
CA LYS A 580 22.62 -42.80 24.34
C LYS A 580 23.04 -42.58 22.92
N TYR A 581 22.73 -43.57 22.09
CA TYR A 581 23.18 -43.59 20.70
C TYR A 581 22.11 -43.05 19.78
N ASN A 582 20.99 -42.62 20.36
CA ASN A 582 19.81 -42.15 19.64
C ASN A 582 19.46 -40.67 19.82
N LEU A 583 19.10 -40.03 18.72
CA LEU A 583 18.51 -38.70 18.79
C LEU A 583 17.02 -38.81 18.91
N GLU A 584 16.43 -37.94 19.74
CA GLU A 584 15.03 -38.09 20.07
C GLU A 584 14.39 -36.76 20.33
N SER A 585 13.24 -36.56 19.71
CA SER A 585 12.45 -35.39 19.97
C SER A 585 11.06 -35.61 19.43
N LYS A 586 10.09 -35.03 20.10
CA LYS A 586 8.72 -35.18 19.69
C LYS A 586 8.34 -34.00 18.83
N SER A 587 8.93 -32.83 19.06
CA SER A 587 8.61 -31.63 18.25
C SER A 587 9.35 -31.56 16.90
N LEU A 588 10.61 -31.96 16.88
CA LEU A 588 11.51 -31.64 15.77
C LEU A 588 11.02 -31.99 14.35
N VAL A 589 11.02 -30.95 13.53
CA VAL A 589 10.61 -31.01 12.13
C VAL A 589 11.78 -31.19 11.16
N GLU A 590 12.95 -30.65 11.50
CA GLU A 590 14.08 -30.59 10.53
C GLU A 590 15.40 -30.86 11.22
N LEU A 591 16.13 -31.85 10.71
CA LEU A 591 17.49 -32.12 11.20
C LEU A 591 18.51 -32.07 10.05
N VAL A 592 19.50 -31.18 10.16
CA VAL A 592 20.54 -31.10 9.13
C VAL A 592 21.73 -31.86 9.70
N PHE A 593 22.15 -32.94 9.03
CA PHE A 593 23.17 -33.82 9.56
C PHE A 593 24.30 -33.98 8.57
N SER A 594 24.38 -33.06 7.61
CA SER A 594 25.42 -33.09 6.60
C SER A 594 26.80 -32.95 7.24
N GLY A 595 27.80 -33.51 6.56
CA GLY A 595 29.18 -33.37 7.00
C GLY A 595 29.47 -34.07 8.30
N ASN A 596 28.83 -35.20 8.56
CA ASN A 596 29.23 -36.03 9.68
C ASN A 596 29.75 -37.37 9.13
N ARG A 597 29.82 -38.40 9.98
CA ARG A 597 30.36 -39.69 9.60
C ARG A 597 29.36 -40.82 9.85
N LEU A 598 28.21 -40.73 9.21
CA LEU A 598 27.29 -41.83 9.20
C LEU A 598 27.91 -43.11 8.62
N ASP A 599 28.96 -42.98 7.82
CA ASP A 599 29.68 -44.18 7.32
C ASP A 599 30.19 -45.03 8.46
N ILE A 600 30.75 -44.39 9.45
CA ILE A 600 31.29 -45.01 10.63
C ILE A 600 30.18 -45.42 11.58
N LEU A 601 29.25 -44.50 11.87
CA LEU A 601 28.07 -44.77 12.70
C LEU A 601 27.20 -45.97 12.25
N TRP A 602 26.99 -46.14 10.95
CA TRP A 602 26.29 -47.30 10.42
C TRP A 602 27.21 -48.38 9.75
N ASN A 603 28.44 -48.51 10.24
CA ASN A 603 29.29 -49.54 9.65
C ASN A 603 28.70 -50.92 9.99
N ASP A 604 29.15 -51.96 9.27
CA ASP A 604 28.48 -53.25 9.30
C ASP A 604 28.72 -53.98 10.61
N ASP A 605 29.84 -53.70 11.28
CA ASP A 605 30.19 -54.33 12.54
C ASP A 605 29.64 -53.63 13.80
N ASP A 606 28.68 -52.72 13.64
CA ASP A 606 28.19 -51.91 14.77
C ASP A 606 26.70 -51.69 14.65
N ASN A 607 25.95 -52.25 15.57
CA ASN A 607 24.50 -52.09 15.59
C ASN A 607 24.02 -50.86 16.34
N ARG A 608 24.93 -50.21 17.06
CA ARG A 608 24.48 -49.29 18.05
C ARG A 608 23.64 -48.12 17.56
N TYR A 609 23.88 -47.65 16.33
CA TYR A 609 23.27 -46.42 15.83
C TYR A 609 22.23 -46.70 14.78
N ILE A 610 21.71 -47.89 14.81
CA ILE A 610 20.87 -48.35 13.74
C ILE A 610 19.55 -47.59 13.70
N SER A 611 19.13 -47.02 14.82
CA SER A 611 17.86 -46.30 14.94
C SER A 611 18.10 -44.85 15.29
N ILE A 612 19.34 -44.39 15.09
CA ILE A 612 19.81 -43.05 15.51
C ILE A 612 18.80 -41.92 15.27
N PHE A 613 18.03 -42.02 14.17
CA PHE A 613 17.03 -41.00 13.88
C PHE A 613 15.57 -41.39 14.13
N LYS A 614 15.28 -42.65 14.47
CA LYS A 614 13.89 -43.10 14.58
C LYS A 614 13.13 -42.33 15.64
N GLY A 615 13.80 -42.01 16.74
CA GLY A 615 13.17 -41.29 17.86
C GLY A 615 12.72 -39.87 17.59
N LEU A 616 12.90 -39.40 16.35
CA LEU A 616 12.50 -38.07 15.98
C LEU A 616 11.18 -38.20 15.23
N LYS A 617 10.11 -38.31 16.01
CA LYS A 617 8.78 -38.74 15.54
C LYS A 617 8.04 -37.77 14.58
N ASN A 618 8.33 -36.47 14.70
CA ASN A 618 7.66 -35.44 13.92
C ASN A 618 8.47 -34.96 12.71
N LEU A 619 9.44 -35.73 12.27
CA LEU A 619 10.44 -35.22 11.32
C LEU A 619 9.96 -35.28 9.89
N THR A 620 10.04 -34.14 9.19
CA THR A 620 9.71 -34.07 7.76
C THR A 620 10.92 -33.86 6.87
N ARG A 621 11.92 -33.14 7.38
CA ARG A 621 13.10 -32.80 6.59
C ARG A 621 14.44 -33.34 7.14
N LEU A 622 15.16 -34.15 6.35
CA LEU A 622 16.42 -34.73 6.80
C LEU A 622 17.53 -34.65 5.75
N ASP A 623 18.63 -34.05 6.15
CA ASP A 623 19.78 -33.89 5.28
C ASP A 623 20.92 -34.77 5.78
N LEU A 624 21.22 -35.81 5.00
CA LEU A 624 22.33 -36.71 5.28
C LEU A 624 23.42 -36.55 4.23
N SER A 625 23.44 -35.42 3.51
CA SER A 625 24.50 -35.20 2.56
C SER A 625 25.89 -35.21 3.23
N LEU A 626 26.95 -35.33 2.44
CA LEU A 626 28.35 -35.30 2.94
C LEU A 626 28.63 -36.18 4.20
N ASN A 627 28.08 -37.38 4.23
CA ASN A 627 28.52 -38.37 5.24
C ASN A 627 29.35 -39.54 4.69
N ARG A 628 29.91 -39.38 3.49
CA ARG A 628 30.83 -40.38 2.93
C ARG A 628 30.20 -41.77 2.92
N LEU A 629 28.90 -41.82 2.69
CA LEU A 629 28.18 -43.06 2.68
C LEU A 629 28.45 -43.84 1.40
N LYS A 630 29.03 -45.02 1.55
CA LYS A 630 29.14 -45.97 0.44
C LYS A 630 27.93 -46.90 0.35
N HIS A 631 27.30 -47.23 1.48
CA HIS A 631 26.15 -48.12 1.50
C HIS A 631 25.37 -47.90 2.77
N ILE A 632 24.05 -47.89 2.66
CA ILE A 632 23.20 -47.79 3.81
C ILE A 632 22.58 -49.12 4.16
N PRO A 633 22.79 -49.61 5.39
CA PRO A 633 22.14 -50.85 5.80
C PRO A 633 20.64 -50.72 5.74
N ASN A 634 19.98 -51.70 5.14
CA ASN A 634 18.52 -51.67 4.98
C ASN A 634 17.77 -51.44 6.31
N GLU A 635 18.23 -52.02 7.42
CA GLU A 635 17.56 -51.78 8.71
C GLU A 635 17.72 -50.31 9.14
N ALA A 636 18.88 -49.73 8.81
CA ALA A 636 19.17 -48.34 9.12
C ALA A 636 18.25 -47.43 8.35
N PHE A 637 18.05 -47.77 7.07
CA PHE A 637 17.18 -46.97 6.24
C PHE A 637 15.74 -47.08 6.71
N LEU A 638 15.26 -48.32 6.84
CA LEU A 638 13.92 -48.53 7.34
C LEU A 638 13.67 -47.88 8.71
N ASN A 639 14.74 -47.62 9.45
CA ASN A 639 14.59 -46.96 10.73
C ASN A 639 14.57 -45.41 10.67
N LEU A 640 14.48 -44.84 9.46
CA LEU A 640 14.36 -43.41 9.34
C LEU A 640 12.90 -43.07 9.60
N PRO A 641 12.63 -41.88 10.15
CA PRO A 641 11.24 -41.60 10.52
C PRO A 641 10.30 -41.69 9.33
N ALA A 642 9.18 -42.37 9.55
CA ALA A 642 8.17 -42.55 8.52
C ALA A 642 7.40 -41.26 8.24
N SER A 643 7.63 -40.22 9.05
CA SER A 643 6.98 -38.96 8.83
C SER A 643 7.63 -38.08 7.71
N LEU A 644 8.80 -38.49 7.23
CA LEU A 644 9.56 -37.68 6.29
C LEU A 644 8.81 -37.34 5.01
N THR A 645 8.95 -36.08 4.59
CA THR A 645 8.52 -35.63 3.27
C THR A 645 9.70 -35.28 2.38
N GLU A 646 10.87 -35.05 2.98
CA GLU A 646 12.03 -34.55 2.26
C GLU A 646 13.28 -35.17 2.82
N LEU A 647 13.97 -35.94 1.98
CA LEU A 647 15.19 -36.68 2.39
C LEU A 647 16.32 -36.44 1.42
N HIS A 648 17.45 -35.97 1.93
CA HIS A 648 18.62 -35.70 1.11
C HIS A 648 19.74 -36.62 1.50
N ILE A 649 20.25 -37.34 0.51
CA ILE A 649 21.44 -38.19 0.70
C ILE A 649 22.46 -37.89 -0.40
N ASN A 650 22.45 -36.66 -0.85
CA ASN A 650 23.30 -36.23 -1.91
C ASN A 650 24.72 -36.10 -1.50
N ASP A 651 25.59 -36.19 -2.48
CA ASP A 651 26.99 -36.00 -2.26
C ASP A 651 27.55 -36.91 -1.24
N ASN A 652 27.21 -38.17 -1.39
CA ASN A 652 27.84 -39.24 -0.67
C ASN A 652 28.58 -40.08 -1.68
N MET A 653 28.66 -41.35 -1.44
CA MET A 653 29.27 -42.24 -2.40
C MET A 653 28.45 -43.48 -2.69
N LEU A 654 27.14 -43.35 -2.73
CA LEU A 654 26.30 -44.50 -2.83
C LEU A 654 26.55 -45.18 -4.13
N LYS A 655 26.66 -46.49 -4.09
CA LYS A 655 26.76 -47.36 -5.29
C LYS A 655 25.39 -47.92 -5.66
N PHE A 656 24.55 -48.08 -4.65
CA PHE A 656 23.30 -48.77 -4.80
C PHE A 656 22.30 -48.13 -3.86
N PHE A 657 21.04 -48.10 -4.30
CA PHE A 657 19.96 -47.63 -3.45
C PHE A 657 18.80 -48.64 -3.52
N ASN A 658 18.48 -49.23 -2.37
CA ASN A 658 17.36 -50.13 -2.25
C ASN A 658 16.05 -49.33 -2.39
N TRP A 659 15.49 -49.36 -3.59
CA TRP A 659 14.24 -48.62 -3.90
C TRP A 659 13.01 -49.22 -3.19
N THR A 660 12.97 -50.55 -3.06
CA THR A 660 11.89 -51.22 -2.33
C THR A 660 11.57 -50.54 -1.05
N LEU A 661 12.62 -50.12 -0.36
CA LEU A 661 12.47 -49.59 0.97
C LEU A 661 11.63 -48.35 1.08
N LEU A 662 11.27 -47.73 -0.05
CA LEU A 662 10.35 -46.57 -0.03
C LEU A 662 8.94 -46.90 0.44
N GLN A 663 8.54 -48.17 0.38
CA GLN A 663 7.19 -48.55 0.87
C GLN A 663 6.95 -48.05 2.28
N GLN A 664 8.00 -47.89 3.07
CA GLN A 664 7.86 -47.48 4.45
C GLN A 664 7.70 -45.95 4.66
N PHE A 665 7.67 -45.19 3.55
CA PHE A 665 7.69 -43.72 3.61
C PHE A 665 6.55 -43.11 2.79
N PRO A 666 5.32 -43.24 3.30
CA PRO A 666 4.10 -42.89 2.58
C PRO A 666 3.90 -41.41 2.32
N ARG A 667 4.51 -40.54 3.13
CA ARG A 667 4.40 -39.09 2.88
C ARG A 667 5.57 -38.51 2.10
N LEU A 668 6.44 -39.36 1.56
CA LEU A 668 7.74 -38.89 1.04
C LEU A 668 7.59 -38.20 -0.31
N GLU A 669 7.85 -36.89 -0.35
CA GLU A 669 7.64 -36.07 -1.55
C GLU A 669 8.90 -35.81 -2.37
N LEU A 670 10.03 -35.62 -1.68
CA LEU A 670 11.30 -35.22 -2.31
C LEU A 670 12.43 -36.17 -1.88
N LEU A 671 13.23 -36.59 -2.87
CA LEU A 671 14.35 -37.49 -2.66
C LEU A 671 15.54 -37.04 -3.51
N ASP A 672 16.60 -36.65 -2.80
CA ASP A 672 17.79 -36.07 -3.39
C ASP A 672 18.95 -37.04 -3.19
N LEU A 673 19.33 -37.71 -4.27
CA LEU A 673 20.47 -38.60 -4.32
C LEU A 673 21.54 -38.03 -5.28
N ARG A 674 21.54 -36.73 -5.55
CA ARG A 674 22.54 -36.20 -6.50
C ARG A 674 23.90 -36.47 -5.98
N GLY A 675 24.84 -36.68 -6.89
CA GLY A 675 26.25 -36.76 -6.54
C GLY A 675 26.65 -38.02 -5.81
N ASN A 676 26.22 -39.14 -6.30
CA ASN A 676 26.61 -40.41 -5.76
C ASN A 676 27.23 -41.25 -6.85
N LYS A 677 27.17 -42.56 -6.75
CA LYS A 677 27.72 -43.44 -7.75
C LYS A 677 26.72 -44.41 -8.30
N LEU A 678 25.47 -44.02 -8.35
CA LEU A 678 24.39 -44.95 -8.63
C LEU A 678 24.48 -45.47 -10.06
N LEU A 679 24.24 -46.78 -10.18
CA LEU A 679 24.27 -47.52 -11.47
C LEU A 679 22.88 -47.82 -12.03
N PHE A 680 21.94 -48.19 -11.18
CA PHE A 680 20.70 -48.82 -11.63
C PHE A 680 19.45 -48.16 -11.04
N LEU A 681 18.42 -48.04 -11.87
CA LEU A 681 17.10 -47.69 -11.39
C LEU A 681 16.19 -48.92 -11.34
N THR A 682 15.40 -49.04 -10.27
CA THR A 682 14.35 -50.05 -10.19
C THR A 682 13.37 -49.90 -11.34
N ASP A 683 12.93 -51.03 -11.90
CA ASP A 683 12.00 -51.01 -13.05
C ASP A 683 10.53 -50.96 -12.62
N SER A 684 10.26 -50.92 -11.32
CA SER A 684 8.88 -50.96 -10.87
C SER A 684 8.59 -49.91 -9.80
N LEU A 685 9.13 -48.73 -10.03
CA LEU A 685 9.15 -47.70 -9.01
C LEU A 685 7.77 -47.37 -8.48
N SER A 686 6.77 -47.35 -9.35
CA SER A 686 5.39 -47.07 -8.90
C SER A 686 4.87 -48.09 -7.89
N ASP A 687 5.56 -49.23 -7.77
CA ASP A 687 5.23 -50.23 -6.74
C ASP A 687 5.63 -49.74 -5.35
N PHE A 688 6.61 -48.85 -5.29
CA PHE A 688 7.33 -48.58 -4.04
C PHE A 688 7.00 -47.19 -3.40
N THR A 689 6.44 -46.27 -4.18
CA THR A 689 5.93 -44.98 -3.63
C THR A 689 4.77 -44.51 -4.47
N SER A 690 3.86 -43.79 -3.87
CA SER A 690 2.85 -43.05 -4.63
C SER A 690 2.74 -41.60 -4.11
N SER A 691 3.77 -41.12 -3.43
CA SER A 691 3.80 -39.75 -2.88
C SER A 691 4.93 -38.90 -3.51
N LEU A 692 5.83 -39.54 -4.25
CA LEU A 692 7.09 -38.93 -4.58
C LEU A 692 6.91 -37.93 -5.69
N ARG A 693 7.14 -36.65 -5.40
CA ARG A 693 6.94 -35.54 -6.36
C ARG A 693 8.22 -35.11 -7.06
N THR A 694 9.32 -35.10 -6.32
CA THR A 694 10.62 -34.66 -6.83
C THR A 694 11.68 -35.75 -6.67
N LEU A 695 12.32 -36.12 -7.76
CA LEU A 695 13.43 -37.05 -7.67
C LEU A 695 14.69 -36.51 -8.34
N LEU A 696 15.73 -36.30 -7.53
CA LEU A 696 16.96 -35.66 -8.00
C LEU A 696 18.08 -36.68 -8.14
N LEU A 697 18.52 -36.93 -9.37
CA LEU A 697 19.53 -37.95 -9.62
C LEU A 697 20.79 -37.48 -10.36
N SER A 698 20.97 -36.18 -10.48
CA SER A 698 22.09 -35.72 -11.26
C SER A 698 23.41 -36.15 -10.68
N HIS A 699 24.40 -36.17 -11.54
CA HIS A 699 25.74 -36.54 -11.13
C HIS A 699 25.72 -37.92 -10.51
N ASN A 700 25.28 -38.88 -11.33
CA ASN A 700 25.30 -40.30 -11.00
C ASN A 700 25.78 -41.10 -12.22
N ARG A 701 25.69 -42.43 -12.19
CA ARG A 701 26.28 -43.30 -13.21
C ARG A 701 25.24 -44.17 -13.89
N ILE A 702 24.06 -43.62 -14.02
CA ILE A 702 22.97 -44.31 -14.64
C ILE A 702 23.21 -44.24 -16.15
N SER A 703 23.15 -45.39 -16.83
CA SER A 703 23.35 -45.45 -18.28
C SER A 703 22.14 -45.99 -19.07
N HIS A 704 21.05 -46.25 -18.37
CA HIS A 704 19.93 -46.96 -18.96
C HIS A 704 18.70 -46.68 -18.07
N LEU A 705 17.55 -46.49 -18.68
CA LEU A 705 16.33 -46.32 -17.94
C LEU A 705 15.55 -47.60 -18.11
N PRO A 706 14.78 -47.98 -17.09
CA PRO A 706 13.89 -49.11 -17.30
C PRO A 706 12.61 -48.65 -17.99
N SER A 707 11.89 -49.61 -18.58
CA SER A 707 10.63 -49.34 -19.25
C SER A 707 9.64 -48.71 -18.30
N GLY A 708 8.85 -47.78 -18.82
CA GLY A 708 7.84 -47.09 -18.03
C GLY A 708 8.30 -45.97 -17.11
N PHE A 709 9.60 -45.88 -16.81
CA PHE A 709 10.10 -44.98 -15.76
C PHE A 709 9.48 -43.55 -15.72
N LEU A 710 9.46 -42.90 -16.87
CA LEU A 710 8.91 -41.55 -17.01
C LEU A 710 7.39 -41.47 -16.74
N SER A 711 6.71 -42.60 -16.86
CA SER A 711 5.27 -42.71 -16.59
C SER A 711 4.91 -43.60 -15.37
N GLU A 712 5.93 -44.17 -14.74
CA GLU A 712 5.71 -44.93 -13.53
C GLU A 712 5.20 -43.96 -12.51
N VAL A 713 5.87 -42.83 -12.41
CA VAL A 713 5.41 -41.68 -11.66
C VAL A 713 4.96 -41.99 -10.23
N SER A 714 3.72 -41.70 -9.81
CA SER A 714 2.65 -41.07 -10.58
C SER A 714 2.34 -39.68 -10.03
N SER A 715 3.04 -39.29 -8.99
CA SER A 715 2.98 -37.95 -8.46
C SER A 715 4.21 -37.20 -8.84
N LEU A 716 5.10 -37.86 -9.54
CA LEU A 716 6.33 -37.22 -9.95
C LEU A 716 6.13 -36.06 -10.95
N LYS A 717 6.61 -34.87 -10.56
CA LYS A 717 6.52 -33.67 -11.40
C LYS A 717 7.91 -33.20 -11.87
N HIS A 718 8.91 -33.34 -11.00
CA HIS A 718 10.29 -33.02 -11.33
C HIS A 718 11.20 -34.27 -11.26
N LEU A 719 11.90 -34.59 -12.33
CA LEU A 719 12.85 -35.70 -12.33
C LEU A 719 14.14 -35.20 -12.91
N ASP A 720 15.24 -35.29 -12.16
CA ASP A 720 16.52 -34.74 -12.60
C ASP A 720 17.48 -35.87 -12.92
N LEU A 721 17.73 -36.05 -14.20
CA LEU A 721 18.66 -37.08 -14.68
C LEU A 721 19.88 -36.48 -15.35
N SER A 722 20.13 -35.18 -15.16
CA SER A 722 21.29 -34.49 -15.74
C SER A 722 22.64 -35.07 -15.30
N SER A 723 23.69 -34.67 -16.00
CA SER A 723 25.02 -35.18 -15.74
C SER A 723 24.95 -36.66 -15.28
N ASN A 724 24.52 -37.53 -16.17
CA ASN A 724 24.60 -38.99 -15.97
C ASN A 724 25.33 -39.62 -17.17
N LEU A 725 25.13 -40.93 -17.41
CA LEU A 725 25.79 -41.62 -18.54
C LEU A 725 24.85 -42.11 -19.64
N LEU A 726 23.64 -41.54 -19.72
CA LEU A 726 22.65 -41.99 -20.70
C LEU A 726 23.12 -41.72 -22.10
N LYS A 727 23.14 -42.76 -22.93
CA LYS A 727 23.44 -42.63 -24.33
C LYS A 727 22.17 -42.50 -25.15
N THR A 728 21.02 -42.85 -24.59
CA THR A 728 19.73 -42.68 -25.28
C THR A 728 18.56 -42.91 -24.33
N ILE A 729 17.35 -42.79 -24.87
CA ILE A 729 16.14 -43.15 -24.14
C ILE A 729 15.29 -43.97 -25.12
N ASN A 730 15.05 -45.23 -24.80
CA ASN A 730 14.37 -46.15 -25.71
C ASN A 730 12.89 -45.90 -25.58
N LYS A 731 12.12 -46.31 -26.60
CA LYS A 731 10.65 -46.22 -26.54
C LYS A 731 10.08 -47.12 -25.43
N SER A 732 10.85 -48.13 -25.04
CA SER A 732 10.51 -48.94 -23.87
C SER A 732 10.25 -48.07 -22.64
N ALA A 733 11.05 -47.02 -22.44
CA ALA A 733 10.85 -46.09 -21.32
C ALA A 733 9.70 -45.11 -21.56
N LEU A 734 9.29 -44.97 -22.81
CA LEU A 734 8.26 -44.01 -23.19
C LEU A 734 6.85 -44.60 -23.20
N GLU A 735 6.78 -45.93 -23.14
CA GLU A 735 5.50 -46.62 -23.14
C GLU A 735 4.73 -46.23 -21.89
N THR A 736 3.40 -46.21 -22.02
CA THR A 736 2.52 -45.96 -20.89
C THR A 736 1.07 -46.28 -21.24
N LYS A 737 0.27 -46.50 -20.20
CA LYS A 737 -1.18 -46.55 -20.34
C LYS A 737 -1.82 -45.36 -19.60
N THR A 738 -1.01 -44.57 -18.89
CA THR A 738 -1.48 -43.50 -17.98
C THR A 738 -1.01 -42.10 -18.48
N THR A 739 -1.79 -41.07 -18.18
CA THR A 739 -1.36 -39.70 -18.44
C THR A 739 -0.22 -39.33 -17.49
N THR A 740 0.96 -39.03 -18.03
CA THR A 740 2.09 -38.57 -17.19
C THR A 740 1.79 -37.14 -16.70
N LYS A 741 2.23 -36.84 -15.48
CA LYS A 741 2.01 -35.52 -14.88
C LYS A 741 3.33 -34.78 -14.63
N LEU A 742 4.37 -35.25 -15.29
CA LEU A 742 5.71 -34.73 -15.15
C LEU A 742 5.78 -33.33 -15.77
N SER A 743 6.22 -32.31 -15.02
CA SER A 743 6.35 -30.91 -15.54
C SER A 743 7.77 -30.50 -15.77
N MET A 744 8.72 -31.26 -15.24
CA MET A 744 10.13 -30.99 -15.47
C MET A 744 10.98 -32.24 -15.53
N LEU A 745 11.82 -32.30 -16.55
CA LEU A 745 12.66 -33.43 -16.74
C LEU A 745 13.99 -32.90 -17.12
N GLU A 746 15.03 -33.23 -16.36
CA GLU A 746 16.33 -32.63 -16.62
C GLU A 746 17.29 -33.62 -17.23
N LEU A 747 17.84 -33.24 -18.37
CA LEU A 747 18.66 -34.15 -19.13
C LEU A 747 20.04 -33.64 -19.56
N HIS A 748 20.40 -32.40 -19.25
CA HIS A 748 21.67 -31.88 -19.73
C HIS A 748 22.81 -32.69 -19.13
N GLY A 749 23.94 -32.77 -19.83
CA GLY A 749 25.11 -33.45 -19.28
C GLY A 749 25.15 -34.94 -19.56
N ASN A 750 24.22 -35.44 -20.36
CA ASN A 750 24.25 -36.85 -20.76
C ASN A 750 24.83 -37.06 -22.16
N PRO A 751 25.73 -38.05 -22.31
CA PRO A 751 26.45 -38.32 -23.55
C PRO A 751 25.57 -39.00 -24.62
N PHE A 752 24.68 -38.24 -25.24
CA PHE A 752 23.68 -38.83 -26.09
C PHE A 752 24.23 -39.36 -27.42
N GLU A 753 23.63 -40.46 -27.86
CA GLU A 753 23.86 -41.07 -29.16
C GLU A 753 22.92 -40.40 -30.15
N CYS A 754 23.48 -39.56 -31.00
CA CYS A 754 22.68 -38.72 -31.90
C CYS A 754 22.58 -39.32 -33.31
N THR A 755 21.67 -40.29 -33.42
CA THR A 755 21.41 -41.00 -34.66
C THR A 755 19.89 -41.03 -34.83
N CYS A 756 19.40 -41.79 -35.81
CA CYS A 756 17.94 -42.08 -35.91
C CYS A 756 17.48 -42.97 -34.73
N ASP A 757 18.43 -43.66 -34.10
CA ASP A 757 18.23 -44.41 -32.86
C ASP A 757 17.59 -43.61 -31.70
N ILE A 758 17.67 -42.27 -31.75
CA ILE A 758 17.08 -41.37 -30.75
C ILE A 758 15.81 -40.63 -31.20
N GLY A 759 15.39 -40.84 -32.46
CA GLY A 759 14.21 -40.14 -33.00
C GLY A 759 12.98 -40.25 -32.10
N ASP A 760 12.79 -41.42 -31.49
CA ASP A 760 11.59 -41.69 -30.71
C ASP A 760 11.45 -40.77 -29.51
N PHE A 761 12.52 -40.61 -28.76
CA PHE A 761 12.52 -39.63 -27.69
C PHE A 761 12.25 -38.22 -28.23
N ARG A 762 12.93 -37.86 -29.30
CA ARG A 762 12.69 -36.58 -29.97
C ARG A 762 11.20 -36.40 -30.25
N ARG A 763 10.60 -37.43 -30.86
CA ARG A 763 9.15 -37.48 -31.10
C ARG A 763 8.39 -37.26 -29.81
N TRP A 764 8.73 -38.05 -28.81
CA TRP A 764 8.09 -37.96 -27.53
C TRP A 764 8.12 -36.51 -26.98
N MET A 765 9.25 -35.83 -27.20
CA MET A 765 9.40 -34.44 -26.77
C MET A 765 8.42 -33.48 -27.45
N ASP A 766 8.20 -33.68 -28.75
CA ASP A 766 7.21 -32.88 -29.50
C ASP A 766 5.80 -33.15 -29.03
N GLU A 767 5.55 -34.41 -28.69
CA GLU A 767 4.24 -34.82 -28.23
C GLU A 767 4.05 -34.61 -26.72
N HIS A 768 4.98 -33.90 -26.07
CA HIS A 768 4.82 -33.58 -24.65
C HIS A 768 5.37 -32.21 -24.29
N LEU A 769 4.91 -31.18 -25.01
CA LEU A 769 5.40 -29.83 -24.75
C LEU A 769 5.25 -29.44 -23.28
N ASN A 770 4.18 -29.91 -22.65
CA ASN A 770 3.87 -29.66 -21.22
C ASN A 770 5.02 -30.02 -20.25
N VAL A 771 5.85 -30.98 -20.63
CA VAL A 771 7.02 -31.37 -19.85
C VAL A 771 8.18 -30.43 -20.14
N LYS A 772 8.49 -29.55 -19.19
CA LYS A 772 9.57 -28.62 -19.39
C LYS A 772 10.93 -29.35 -19.30
N ILE A 773 11.80 -29.12 -20.28
CA ILE A 773 13.20 -29.58 -20.28
C ILE A 773 14.20 -28.43 -20.43
N PRO A 774 14.97 -28.09 -19.36
CA PRO A 774 15.85 -26.93 -19.45
C PRO A 774 17.13 -27.14 -20.21
N ARG A 775 17.65 -26.03 -20.75
CA ARG A 775 18.98 -25.98 -21.31
C ARG A 775 19.18 -27.03 -22.38
N LEU A 776 18.32 -27.01 -23.40
CA LEU A 776 18.50 -27.87 -24.58
C LEU A 776 19.85 -27.68 -25.24
N VAL A 777 20.40 -26.46 -25.17
CA VAL A 777 21.74 -26.19 -25.74
C VAL A 777 22.81 -26.98 -24.99
N ASP A 778 22.47 -27.46 -23.79
CA ASP A 778 23.37 -28.30 -22.99
C ASP A 778 22.98 -29.78 -22.95
N VAL A 779 21.87 -30.13 -23.58
CA VAL A 779 21.51 -31.53 -23.81
C VAL A 779 22.11 -31.93 -25.17
N ILE A 780 23.29 -32.53 -25.14
CA ILE A 780 24.22 -32.51 -26.25
C ILE A 780 24.63 -33.91 -26.73
N CYS A 781 24.88 -34.02 -28.04
CA CYS A 781 25.40 -35.26 -28.60
C CYS A 781 26.87 -35.43 -28.23
N ALA A 782 27.24 -36.61 -27.75
CA ALA A 782 28.66 -36.94 -27.62
C ALA A 782 29.15 -37.52 -28.96
N SER A 783 28.21 -38.01 -29.77
CA SER A 783 28.54 -38.77 -30.96
C SER A 783 27.29 -38.91 -31.84
N PRO A 784 27.47 -39.24 -33.12
CA PRO A 784 28.77 -39.45 -33.72
C PRO A 784 29.43 -38.15 -34.19
N GLY A 785 30.61 -38.28 -34.81
CA GLY A 785 31.46 -37.15 -35.16
C GLY A 785 30.74 -35.93 -35.68
N ASP A 786 29.91 -36.10 -36.69
CA ASP A 786 29.22 -34.96 -37.28
C ASP A 786 28.41 -34.20 -36.23
N GLN A 787 27.72 -34.95 -35.38
CA GLN A 787 26.82 -34.41 -34.35
C GLN A 787 27.48 -33.95 -33.07
N ARG A 788 28.74 -34.33 -32.86
CA ARG A 788 29.46 -34.00 -31.64
C ARG A 788 29.34 -32.52 -31.31
N GLY A 789 28.70 -32.20 -30.20
CA GLY A 789 28.66 -30.81 -29.71
C GLY A 789 27.33 -30.13 -29.89
N LYS A 790 26.51 -30.62 -30.82
CA LYS A 790 25.22 -30.00 -31.09
C LYS A 790 24.16 -30.41 -30.07
N SER A 791 23.12 -29.59 -29.94
CA SER A 791 21.96 -29.98 -29.15
C SER A 791 21.33 -31.14 -29.84
N ILE A 792 20.64 -31.97 -29.06
CA ILE A 792 19.97 -33.15 -29.62
C ILE A 792 18.70 -32.77 -30.33
N VAL A 793 18.26 -31.54 -30.14
CA VAL A 793 17.06 -31.08 -30.77
C VAL A 793 17.36 -30.69 -32.22
N SER A 794 18.63 -30.42 -32.54
CA SER A 794 18.99 -29.94 -33.88
C SER A 794 19.80 -30.97 -34.68
N LEU A 795 19.21 -32.15 -34.86
CA LEU A 795 19.62 -33.13 -35.89
C LEU A 795 18.38 -33.55 -36.65
N GLU A 796 18.55 -33.63 -37.97
CA GLU A 796 17.47 -33.85 -38.92
C GLU A 796 17.46 -35.28 -39.43
N SER B 9 60.86 -55.17 -22.35
CA SER B 9 59.76 -54.43 -23.05
C SER B 9 58.80 -53.78 -22.03
N ARG B 10 57.58 -53.48 -22.44
CA ARG B 10 56.60 -52.89 -21.53
C ARG B 10 55.73 -53.97 -20.96
N SER B 11 55.80 -54.13 -19.64
CA SER B 11 54.99 -55.15 -18.99
C SER B 11 53.54 -54.72 -19.00
N TYR B 12 52.65 -55.70 -19.10
CA TYR B 12 51.22 -55.44 -19.04
C TYR B 12 50.56 -56.66 -18.39
N PRO B 13 49.65 -56.44 -17.44
CA PRO B 13 49.22 -55.12 -16.96
C PRO B 13 50.03 -54.53 -15.80
N CYS B 14 51.07 -55.23 -15.35
CA CYS B 14 51.78 -54.83 -14.14
C CYS B 14 52.90 -53.85 -14.47
N ASP B 15 53.52 -53.31 -13.43
CA ASP B 15 54.61 -52.37 -13.55
C ASP B 15 55.82 -53.00 -12.86
N GLU B 16 56.76 -53.51 -13.62
CA GLU B 16 57.86 -54.33 -13.09
C GLU B 16 59.17 -53.57 -12.86
N LYS B 17 59.99 -54.05 -11.92
CA LYS B 17 61.26 -53.41 -11.55
C LYS B 17 62.23 -54.43 -10.94
N LYS B 18 63.47 -54.00 -10.65
CA LYS B 18 64.38 -54.74 -9.74
C LYS B 18 64.66 -53.94 -8.44
N GLN B 19 64.10 -52.73 -8.36
CA GLN B 19 64.24 -51.85 -7.19
C GLN B 19 63.51 -52.38 -5.94
N VAL B 23 62.91 -58.41 -7.62
CA VAL B 23 62.24 -58.02 -8.88
C VAL B 23 60.72 -57.99 -8.75
N ILE B 24 60.18 -56.78 -8.67
CA ILE B 24 58.86 -56.52 -8.12
C ILE B 24 57.83 -56.12 -9.19
N ALA B 25 56.83 -56.96 -9.39
CA ALA B 25 55.71 -56.62 -10.25
C ALA B 25 54.63 -55.93 -9.43
N GLU B 26 54.47 -54.63 -9.59
CA GLU B 26 53.38 -53.90 -8.95
C GLU B 26 52.12 -54.01 -9.78
N CYS B 27 51.21 -54.89 -9.40
CA CYS B 27 49.97 -55.07 -10.16
C CYS B 27 48.73 -54.72 -9.34
N SER B 28 48.93 -53.79 -8.41
CA SER B 28 47.88 -53.42 -7.48
C SER B 28 46.77 -52.62 -8.15
N ASN B 29 45.56 -52.71 -7.60
CA ASN B 29 44.47 -51.79 -7.94
C ASN B 29 44.30 -51.46 -9.42
N ARG B 30 44.35 -52.48 -10.29
CA ARG B 30 44.13 -52.31 -11.76
C ARG B 30 42.85 -52.96 -12.32
N ARG B 31 41.83 -53.12 -11.48
CA ARG B 31 40.53 -53.67 -11.91
C ARG B 31 40.62 -55.05 -12.59
N LEU B 32 41.62 -55.85 -12.22
CA LEU B 32 41.85 -57.16 -12.84
C LEU B 32 40.76 -58.17 -12.49
N GLN B 33 40.27 -58.90 -13.48
CA GLN B 33 39.17 -59.88 -13.31
C GLN B 33 39.70 -61.21 -12.85
N GLU B 34 40.95 -61.47 -13.16
CA GLU B 34 41.58 -62.72 -12.80
C GLU B 34 43.10 -62.56 -12.84
N VAL B 35 43.81 -63.53 -12.30
CA VAL B 35 45.24 -63.41 -12.30
C VAL B 35 45.72 -63.37 -13.75
N PRO B 36 46.57 -62.39 -14.10
CA PRO B 36 46.90 -62.26 -15.51
C PRO B 36 47.99 -63.26 -15.96
N GLN B 37 47.86 -63.75 -17.18
CA GLN B 37 48.84 -64.69 -17.73
C GLN B 37 50.15 -64.00 -18.12
N THR B 38 50.14 -62.67 -18.26
CA THR B 38 51.22 -61.95 -18.93
C THR B 38 52.21 -61.28 -17.99
N VAL B 39 52.53 -61.94 -16.88
CA VAL B 39 53.47 -61.37 -15.92
C VAL B 39 54.89 -61.86 -16.23
N GLY B 40 55.87 -61.01 -15.96
CA GLY B 40 57.27 -61.32 -16.23
C GLY B 40 57.74 -62.53 -15.43
N LYS B 41 58.30 -63.52 -16.12
CA LYS B 41 58.71 -64.78 -15.49
C LYS B 41 59.80 -64.64 -14.41
N TYR B 42 60.54 -63.52 -14.41
CA TYR B 42 61.60 -63.32 -13.42
C TYR B 42 61.14 -62.43 -12.24
N VAL B 43 59.82 -62.36 -12.04
CA VAL B 43 59.23 -61.61 -10.94
C VAL B 43 59.34 -62.41 -9.64
N THR B 44 59.90 -61.77 -8.60
CA THR B 44 60.06 -62.37 -7.28
C THR B 44 58.89 -62.01 -6.31
N GLU B 45 58.33 -60.80 -6.43
CA GLU B 45 57.23 -60.34 -5.57
C GLU B 45 56.09 -59.78 -6.42
N LEU B 46 54.87 -60.24 -6.18
CA LEU B 46 53.74 -59.85 -7.00
C LEU B 46 52.62 -59.29 -6.15
N ASP B 47 52.16 -58.09 -6.50
CA ASP B 47 51.15 -57.41 -5.74
C ASP B 47 49.87 -57.33 -6.58
N LEU B 48 48.91 -58.18 -6.25
CA LEU B 48 47.60 -58.17 -6.90
C LEU B 48 46.52 -57.60 -6.01
N SER B 49 46.91 -56.86 -4.98
CA SER B 49 45.97 -56.34 -3.99
C SER B 49 45.06 -55.28 -4.58
N ASP B 50 43.76 -55.41 -4.33
CA ASP B 50 42.74 -54.42 -4.74
C ASP B 50 42.31 -54.57 -6.18
N ASN B 51 42.47 -55.75 -6.75
CA ASN B 51 41.84 -56.09 -8.04
C ASN B 51 40.48 -56.76 -7.83
N PHE B 52 39.80 -57.12 -8.92
CA PHE B 52 38.52 -57.81 -8.83
C PHE B 52 38.59 -59.34 -9.04
N ILE B 53 39.67 -59.96 -8.58
CA ILE B 53 39.85 -61.42 -8.77
C ILE B 53 38.91 -62.19 -7.85
N THR B 54 38.21 -63.18 -8.38
CA THR B 54 37.26 -63.98 -7.57
C THR B 54 37.59 -65.46 -7.37
N HIS B 55 38.41 -66.01 -8.26
CA HIS B 55 38.82 -67.43 -8.21
C HIS B 55 40.33 -67.49 -8.34
N ILE B 56 40.99 -68.32 -7.52
CA ILE B 56 42.38 -68.67 -7.73
C ILE B 56 42.48 -70.18 -7.81
N THR B 57 43.32 -70.71 -8.71
CA THR B 57 43.50 -72.18 -8.84
C THR B 57 44.95 -72.61 -9.11
N ASN B 58 45.15 -73.93 -9.20
CA ASN B 58 46.48 -74.50 -9.37
C ASN B 58 47.20 -74.00 -10.62
N GLU B 59 46.50 -73.27 -11.47
CA GLU B 59 47.11 -72.72 -12.68
C GLU B 59 46.92 -71.20 -12.87
N SER B 60 46.80 -70.45 -11.78
CA SER B 60 46.83 -68.99 -11.87
C SER B 60 48.30 -68.51 -11.91
N PHE B 61 49.20 -69.26 -11.29
CA PHE B 61 50.58 -68.83 -11.14
C PHE B 61 51.60 -69.74 -11.85
N GLN B 62 51.11 -70.55 -12.78
CA GLN B 62 51.87 -71.66 -13.39
C GLN B 62 53.31 -71.33 -13.77
N GLY B 63 53.50 -70.29 -14.57
CA GLY B 63 54.83 -69.97 -15.09
C GLY B 63 55.77 -69.32 -14.10
N LEU B 64 55.22 -68.84 -12.98
CA LEU B 64 55.93 -67.96 -12.07
C LEU B 64 56.54 -68.72 -10.90
N GLN B 65 57.27 -69.77 -11.21
CA GLN B 65 57.83 -70.64 -10.18
C GLN B 65 58.91 -69.96 -9.32
N ASN B 66 59.26 -68.71 -9.63
CA ASN B 66 60.31 -67.99 -8.91
C ASN B 66 59.80 -66.93 -7.89
N LEU B 67 58.50 -66.96 -7.61
CA LEU B 67 57.84 -65.98 -6.74
C LEU B 67 58.03 -66.27 -5.28
N THR B 68 58.57 -65.30 -4.56
CA THR B 68 58.70 -65.38 -3.10
C THR B 68 57.54 -64.72 -2.36
N LYS B 69 56.89 -63.69 -2.93
CA LYS B 69 55.81 -63.02 -2.23
C LYS B 69 54.60 -62.86 -3.09
N ILE B 70 53.42 -63.18 -2.54
CA ILE B 70 52.15 -62.86 -3.17
C ILE B 70 51.23 -62.06 -2.24
N ASN B 71 50.65 -61.00 -2.80
CA ASN B 71 49.73 -60.14 -2.10
C ASN B 71 48.40 -60.13 -2.85
N LEU B 72 47.44 -60.86 -2.34
CA LEU B 72 46.09 -60.84 -2.88
C LEU B 72 45.07 -60.19 -1.96
N ASN B 73 45.52 -59.30 -1.07
CA ASN B 73 44.64 -58.65 -0.09
C ASN B 73 43.51 -57.91 -0.76
N HIS B 74 42.32 -58.01 -0.17
CA HIS B 74 41.17 -57.28 -0.65
C HIS B 74 40.86 -57.59 -2.12
N ASN B 75 40.37 -58.80 -2.35
CA ASN B 75 39.89 -59.30 -3.65
C ASN B 75 38.65 -60.15 -3.34
N PRO B 76 37.55 -60.03 -4.06
CA PRO B 76 37.33 -59.08 -5.11
C PRO B 76 36.94 -57.76 -4.48
N ASN B 77 37.50 -56.69 -5.01
CA ASN B 77 37.46 -55.39 -4.37
C ASN B 77 36.10 -54.70 -4.58
N VAL B 78 35.23 -54.85 -3.58
CA VAL B 78 34.02 -54.02 -3.40
C VAL B 78 33.58 -53.96 -1.93
N GLY B 91 33.01 -63.38 -2.54
CA GLY B 91 34.24 -63.84 -1.90
C GLY B 91 35.28 -64.49 -2.81
N LEU B 92 36.53 -64.48 -2.36
CA LEU B 92 37.64 -65.10 -3.11
C LEU B 92 37.69 -66.61 -2.95
N ASN B 93 37.27 -67.34 -3.99
CA ASN B 93 37.34 -68.81 -4.00
C ASN B 93 38.75 -69.29 -4.38
N ILE B 94 39.40 -69.98 -3.44
CA ILE B 94 40.72 -70.57 -3.65
C ILE B 94 40.59 -72.11 -3.54
N THR B 95 40.94 -72.84 -4.60
CA THR B 95 40.90 -74.31 -4.55
C THR B 95 42.08 -74.84 -3.75
N ASP B 96 41.98 -76.10 -3.33
CA ASP B 96 43.04 -76.79 -2.60
C ASP B 96 44.27 -76.89 -3.46
N GLY B 97 45.40 -76.65 -2.83
CA GLY B 97 46.68 -76.74 -3.50
C GLY B 97 46.93 -75.67 -4.56
N ALA B 98 45.98 -74.77 -4.79
CA ALA B 98 46.17 -73.73 -5.79
C ALA B 98 47.60 -73.19 -5.83
N PHE B 99 48.23 -73.10 -4.67
CA PHE B 99 49.53 -72.49 -4.50
C PHE B 99 50.68 -73.47 -4.36
N LEU B 100 50.38 -74.75 -4.23
CA LEU B 100 51.39 -75.67 -3.67
C LEU B 100 52.49 -76.09 -4.66
N ASN B 101 52.45 -75.56 -5.89
CA ASN B 101 53.57 -75.65 -6.83
C ASN B 101 54.67 -74.61 -6.64
N LEU B 102 54.39 -73.55 -5.88
CA LEU B 102 55.32 -72.43 -5.83
C LEU B 102 56.32 -72.69 -4.73
N LYS B 103 57.49 -73.18 -5.14
CA LYS B 103 58.43 -73.81 -4.24
C LYS B 103 59.36 -72.82 -3.54
N ASN B 104 59.36 -71.58 -4.01
CA ASN B 104 60.08 -70.53 -3.30
C ASN B 104 59.15 -69.58 -2.55
N LEU B 105 57.89 -69.98 -2.37
CA LEU B 105 56.90 -69.04 -1.90
C LEU B 105 56.99 -68.92 -0.38
N ARG B 106 57.29 -67.70 0.07
CA ARG B 106 57.57 -67.46 1.48
C ARG B 106 56.53 -66.53 2.18
N GLU B 107 56.04 -65.51 1.47
CA GLU B 107 55.14 -64.49 2.03
C GLU B 107 53.85 -64.51 1.22
N LEU B 108 52.74 -64.78 1.90
CA LEU B 108 51.42 -64.81 1.30
C LEU B 108 50.45 -63.97 2.13
N LEU B 109 49.89 -62.95 1.51
CA LEU B 109 48.99 -62.02 2.17
C LEU B 109 47.63 -62.22 1.58
N LEU B 110 46.66 -62.58 2.41
CA LEU B 110 45.30 -62.84 1.97
C LEU B 110 44.32 -62.20 2.96
N GLU B 111 44.49 -60.90 3.16
CA GLU B 111 43.69 -60.19 4.11
C GLU B 111 42.45 -59.76 3.38
N ASP B 112 41.30 -59.80 4.08
CA ASP B 112 40.18 -58.97 3.67
C ASP B 112 39.59 -59.54 2.38
N ASN B 113 39.50 -60.87 2.34
CA ASN B 113 39.07 -61.60 1.14
C ASN B 113 37.78 -62.41 1.35
N GLN B 114 37.18 -62.35 2.55
CA GLN B 114 35.96 -63.11 2.90
C GLN B 114 36.15 -64.64 2.82
N LEU B 115 37.31 -65.08 3.28
CA LEU B 115 37.63 -66.49 3.29
C LEU B 115 36.89 -67.19 4.44
N PRO B 116 36.16 -68.30 4.16
CA PRO B 116 35.38 -68.94 5.24
C PRO B 116 36.16 -69.99 6.02
N GLN B 117 37.36 -70.31 5.53
CA GLN B 117 38.25 -71.32 6.11
C GLN B 117 39.69 -71.01 5.67
N ILE B 118 40.66 -71.37 6.51
CA ILE B 118 42.05 -71.39 6.06
C ILE B 118 42.17 -72.26 4.80
N PRO B 119 42.94 -71.85 3.78
CA PRO B 119 42.96 -72.73 2.59
C PRO B 119 43.86 -73.96 2.74
N SER B 120 43.43 -75.06 2.14
CA SER B 120 44.14 -76.33 2.23
C SER B 120 45.17 -76.41 1.10
N GLY B 121 46.27 -77.10 1.34
CA GLY B 121 47.32 -77.22 0.33
C GLY B 121 48.18 -75.98 0.16
N LEU B 122 48.64 -75.44 1.27
CA LEU B 122 49.58 -74.35 1.22
C LEU B 122 50.96 -74.96 1.25
N PRO B 123 51.94 -74.30 0.63
CA PRO B 123 53.29 -74.84 0.56
C PRO B 123 54.07 -74.86 1.87
N GLU B 124 54.82 -75.93 2.05
CA GLU B 124 55.72 -76.08 3.18
C GLU B 124 56.63 -74.85 3.31
N SER B 125 57.08 -74.32 2.17
CA SER B 125 57.97 -73.16 2.15
C SER B 125 57.51 -71.87 2.89
N LEU B 126 56.19 -71.72 3.15
CA LEU B 126 55.64 -70.47 3.74
C LEU B 126 56.22 -70.07 5.09
N THR B 127 56.71 -68.84 5.14
CA THR B 127 57.20 -68.20 6.37
C THR B 127 56.26 -67.07 6.87
N GLU B 128 55.52 -66.43 5.98
CA GLU B 128 54.65 -65.29 6.32
C GLU B 128 53.25 -65.52 5.76
N LEU B 129 52.27 -65.64 6.64
CA LEU B 129 50.91 -65.81 6.21
C LEU B 129 50.00 -64.84 6.94
N SER B 130 49.38 -63.91 6.20
CA SER B 130 48.33 -63.07 6.78
C SER B 130 46.98 -63.47 6.25
N LEU B 131 46.06 -63.76 7.16
CA LEU B 131 44.65 -64.00 6.83
C LEU B 131 43.78 -63.05 7.65
N ILE B 132 44.39 -61.94 8.05
CA ILE B 132 43.72 -60.87 8.77
C ILE B 132 42.42 -60.50 8.06
N GLN B 133 41.36 -60.27 8.83
CA GLN B 133 40.08 -59.82 8.26
C GLN B 133 39.45 -60.77 7.23
N ASN B 134 39.15 -61.98 7.65
CA ASN B 134 38.36 -62.89 6.85
C ASN B 134 37.21 -63.44 7.71
N ASN B 135 36.64 -64.57 7.30
CA ASN B 135 35.55 -65.21 8.03
C ASN B 135 35.95 -66.61 8.54
N ILE B 136 37.14 -66.69 9.14
CA ILE B 136 37.70 -67.98 9.53
C ILE B 136 37.53 -68.19 11.02
N TYR B 137 36.78 -69.24 11.38
CA TYR B 137 36.43 -69.51 12.78
C TYR B 137 36.95 -70.87 13.31
N ASN B 138 37.51 -71.71 12.44
CA ASN B 138 38.14 -72.96 12.86
C ASN B 138 39.62 -72.78 12.50
N ILE B 139 40.52 -72.87 13.48
CA ILE B 139 41.95 -73.00 13.18
C ILE B 139 42.40 -74.46 13.38
N THR B 140 42.61 -75.16 12.27
CA THR B 140 42.73 -76.60 12.26
C THR B 140 44.16 -77.01 11.96
N LYS B 141 44.51 -78.24 12.34
CA LYS B 141 45.79 -78.85 11.93
C LYS B 141 45.88 -79.04 10.40
N GLU B 142 44.74 -79.28 9.77
CA GLU B 142 44.66 -79.48 8.33
C GLU B 142 45.23 -78.31 7.52
N GLY B 143 44.85 -77.09 7.92
CA GLY B 143 45.36 -75.87 7.30
C GLY B 143 46.73 -75.45 7.81
N ILE B 144 46.99 -75.63 9.10
CA ILE B 144 48.16 -75.02 9.73
C ILE B 144 49.36 -75.97 9.88
N SER B 145 49.14 -77.17 10.43
CA SER B 145 50.23 -78.01 10.94
C SER B 145 51.35 -78.35 9.95
N ARG B 146 51.02 -78.45 8.67
CA ARG B 146 52.06 -78.76 7.68
C ARG B 146 53.02 -77.58 7.37
N LEU B 147 52.74 -76.39 7.91
CA LEU B 147 53.51 -75.19 7.59
C LEU B 147 54.57 -74.97 8.64
N ILE B 148 55.53 -75.89 8.69
CA ILE B 148 56.47 -75.99 9.81
C ILE B 148 57.59 -74.93 9.78
N ASN B 149 57.67 -74.18 8.67
CA ASN B 149 58.62 -73.07 8.52
C ASN B 149 58.02 -71.66 8.82
N LEU B 150 56.78 -71.61 9.29
CA LEU B 150 56.11 -70.33 9.51
C LEU B 150 56.84 -69.59 10.58
N LYS B 151 57.26 -68.38 10.25
CA LYS B 151 57.84 -67.44 11.19
C LYS B 151 56.75 -66.56 11.79
N ASN B 152 55.83 -66.06 10.96
CA ASN B 152 54.76 -65.19 11.42
C ASN B 152 53.41 -65.58 10.88
N LEU B 153 52.39 -65.52 11.73
CA LEU B 153 51.02 -65.87 11.32
C LEU B 153 49.99 -64.89 11.84
N TYR B 154 49.32 -64.21 10.93
CA TYR B 154 48.37 -63.20 11.32
C TYR B 154 46.99 -63.76 11.09
N LEU B 155 46.18 -63.81 12.15
CA LEU B 155 44.80 -64.31 12.05
C LEU B 155 43.78 -63.34 12.66
N ALA B 156 44.22 -62.10 12.88
CA ALA B 156 43.45 -61.12 13.64
C ALA B 156 42.22 -60.62 12.90
N TRP B 157 41.29 -60.03 13.65
CA TRP B 157 40.06 -59.43 13.10
C TRP B 157 39.23 -60.38 12.18
N ASN B 158 38.98 -61.63 12.61
CA ASN B 158 38.02 -62.49 11.90
C ASN B 158 36.67 -62.53 12.58
N CYS B 159 36.63 -62.37 13.91
CA CYS B 159 35.35 -62.29 14.65
C CYS B 159 35.32 -61.32 15.85
N TYR B 160 34.61 -60.20 15.64
CA TYR B 160 34.73 -59.00 16.47
C TYR B 160 33.50 -58.08 16.42
N PHE B 161 33.36 -57.26 17.46
CA PHE B 161 32.28 -56.27 17.55
C PHE B 161 30.94 -56.98 17.32
N ASN B 162 30.01 -56.37 16.55
CA ASN B 162 28.70 -56.98 16.27
C ASN B 162 28.77 -57.74 14.95
N LYS B 163 29.96 -58.13 14.52
CA LYS B 163 30.01 -58.98 13.34
C LYS B 163 29.15 -60.23 13.56
N VAL B 164 28.48 -60.65 12.50
CA VAL B 164 27.89 -61.98 12.49
C VAL B 164 29.05 -62.98 12.31
N CYS B 165 29.41 -63.68 13.39
CA CYS B 165 30.50 -64.66 13.33
C CYS B 165 30.45 -65.57 14.52
N GLU B 166 31.19 -66.67 14.45
CA GLU B 166 31.17 -67.66 15.51
C GLU B 166 32.45 -67.67 16.32
N LYS B 167 32.29 -68.09 17.58
CA LYS B 167 33.40 -68.26 18.52
C LYS B 167 34.50 -68.98 17.80
N THR B 168 35.73 -68.71 18.18
CA THR B 168 36.84 -69.25 17.43
C THR B 168 37.25 -70.58 18.03
N ASN B 169 37.08 -71.65 17.24
CA ASN B 169 37.59 -72.96 17.63
C ASN B 169 39.04 -73.16 17.18
N ILE B 170 39.91 -73.36 18.16
CA ILE B 170 41.33 -73.56 17.91
C ILE B 170 41.66 -75.02 18.21
N GLU B 171 41.88 -75.81 17.17
CA GLU B 171 42.15 -77.24 17.36
C GLU B 171 43.35 -77.50 18.28
N ASP B 172 43.16 -78.37 19.26
CA ASP B 172 44.20 -78.66 20.26
C ASP B 172 45.55 -78.94 19.58
N GLY B 173 46.58 -78.22 20.05
CA GLY B 173 47.94 -78.44 19.59
C GLY B 173 48.22 -78.02 18.17
N VAL B 174 47.23 -77.41 17.50
CA VAL B 174 47.41 -76.93 16.13
C VAL B 174 48.76 -76.23 15.88
N PHE B 175 49.26 -75.51 16.91
CA PHE B 175 50.49 -74.71 16.80
C PHE B 175 51.80 -75.36 17.24
N GLU B 176 51.76 -76.55 17.84
CA GLU B 176 53.00 -77.09 18.37
C GLU B 176 53.87 -77.74 17.29
N THR B 177 53.33 -77.91 16.08
CA THR B 177 54.15 -78.27 14.92
C THR B 177 55.08 -77.13 14.48
N LEU B 178 54.64 -75.90 14.74
CA LEU B 178 55.27 -74.68 14.25
C LEU B 178 56.37 -74.24 15.19
N THR B 179 57.43 -75.02 15.24
CA THR B 179 58.50 -74.79 16.21
C THR B 179 59.54 -73.76 15.76
N ASN B 180 59.29 -73.10 14.64
CA ASN B 180 60.01 -71.89 14.23
C ASN B 180 59.19 -70.61 14.38
N LEU B 181 57.97 -70.72 14.89
CA LEU B 181 57.01 -69.61 14.92
C LEU B 181 57.39 -68.48 15.90
N GLU B 182 57.56 -67.29 15.35
CA GLU B 182 58.07 -66.13 16.09
C GLU B 182 56.98 -65.17 16.52
N LEU B 183 56.07 -64.83 15.60
CA LEU B 183 54.93 -63.96 15.88
C LEU B 183 53.64 -64.70 15.58
N LEU B 184 52.72 -64.69 16.54
CA LEU B 184 51.36 -65.19 16.32
C LEU B 184 50.37 -64.13 16.77
N SER B 185 49.38 -63.86 15.93
CA SER B 185 48.41 -62.82 16.19
C SER B 185 47.01 -63.29 16.03
N LEU B 186 46.25 -63.21 17.12
CA LEU B 186 44.88 -63.71 17.17
C LEU B 186 43.86 -62.67 17.66
N SER B 187 44.31 -61.43 17.83
CA SER B 187 43.44 -60.34 18.30
C SER B 187 42.16 -60.26 17.54
N PHE B 188 41.15 -59.70 18.20
CA PHE B 188 39.82 -59.43 17.60
C PHE B 188 39.29 -60.73 16.98
N ASN B 189 39.21 -61.73 17.86
CA ASN B 189 38.59 -63.04 17.62
C ASN B 189 38.10 -63.50 18.96
N SER B 190 36.93 -64.12 19.03
CA SER B 190 36.45 -64.62 20.33
C SER B 190 37.17 -65.93 20.69
N LEU B 191 38.16 -65.85 21.57
CA LEU B 191 38.94 -67.01 21.99
C LEU B 191 38.52 -67.65 23.34
N SER B 192 38.28 -66.81 24.37
CA SER B 192 37.95 -67.23 25.77
C SER B 192 39.15 -67.66 26.62
N HIS B 193 40.08 -68.43 26.04
CA HIS B 193 41.29 -68.85 26.76
C HIS B 193 42.48 -68.79 25.83
N VAL B 194 43.67 -68.60 26.42
CA VAL B 194 44.91 -68.62 25.67
C VAL B 194 45.00 -70.02 25.13
N PRO B 195 45.37 -70.19 23.86
CA PRO B 195 45.50 -71.57 23.41
C PRO B 195 46.62 -72.27 24.14
N PRO B 196 46.38 -73.53 24.53
CA PRO B 196 47.46 -74.31 25.11
C PRO B 196 48.29 -74.88 23.97
N LYS B 197 49.51 -75.30 24.28
CA LYS B 197 50.42 -75.90 23.29
C LYS B 197 50.85 -74.91 22.20
N LEU B 198 51.68 -73.95 22.59
CA LEU B 198 52.20 -72.95 21.72
C LEU B 198 53.71 -73.18 21.62
N PRO B 199 54.28 -72.94 20.43
CA PRO B 199 55.72 -73.14 20.26
C PRO B 199 56.50 -72.15 21.08
N SER B 200 57.56 -72.63 21.71
CA SER B 200 58.39 -71.80 22.57
C SER B 200 59.40 -71.09 21.73
N SER B 201 59.24 -71.15 20.41
CA SER B 201 59.96 -70.26 19.53
C SER B 201 59.43 -68.81 19.59
N LEU B 202 58.15 -68.64 19.96
CA LEU B 202 57.47 -67.32 20.03
C LEU B 202 58.23 -66.21 20.71
N ARG B 203 58.36 -65.10 20.00
CA ARG B 203 58.82 -63.84 20.55
C ARG B 203 57.63 -62.86 20.80
N LYS B 204 56.54 -63.00 20.06
CA LYS B 204 55.49 -62.00 20.05
C LYS B 204 54.14 -62.66 19.96
N LEU B 205 53.29 -62.42 20.96
CA LEU B 205 51.98 -63.01 20.97
C LEU B 205 50.95 -61.92 21.17
N PHE B 206 50.05 -61.77 20.20
CA PHE B 206 49.05 -60.70 20.22
C PHE B 206 47.69 -61.32 20.48
N LEU B 207 47.16 -61.13 21.69
CA LEU B 207 45.84 -61.65 22.05
C LEU B 207 44.86 -60.55 22.46
N SER B 208 44.83 -59.45 21.71
CA SER B 208 44.01 -58.32 22.12
C SER B 208 42.57 -58.59 21.79
N ASN B 209 41.67 -58.20 22.68
CA ASN B 209 40.25 -58.24 22.34
C ASN B 209 39.79 -59.64 21.91
N THR B 210 40.17 -60.63 22.71
CA THR B 210 39.87 -62.03 22.44
C THR B 210 38.98 -62.61 23.52
N GLN B 211 38.39 -61.74 24.34
CA GLN B 211 37.48 -62.13 25.44
C GLN B 211 38.09 -63.11 26.42
N ILE B 212 39.37 -63.02 26.69
CA ILE B 212 40.04 -63.92 27.63
C ILE B 212 39.99 -63.29 29.02
N LYS B 213 39.03 -63.68 29.83
CA LYS B 213 38.77 -62.99 31.09
C LYS B 213 39.71 -63.43 32.21
N TYR B 214 40.46 -64.53 32.00
CA TYR B 214 41.30 -65.15 33.04
C TYR B 214 42.66 -65.59 32.49
N ILE B 215 43.73 -65.21 33.17
CA ILE B 215 45.05 -65.66 32.75
C ILE B 215 45.69 -66.55 33.82
N SER B 216 45.74 -67.84 33.49
CA SER B 216 46.29 -68.89 34.35
C SER B 216 47.82 -68.94 34.33
N GLU B 217 48.37 -69.54 35.39
CA GLU B 217 49.83 -69.75 35.54
C GLU B 217 50.39 -70.62 34.43
N GLU B 218 49.56 -71.50 33.88
CA GLU B 218 49.97 -72.37 32.80
C GLU B 218 49.98 -71.69 31.42
N ASP B 219 49.11 -70.71 31.21
CA ASP B 219 48.92 -70.13 29.88
C ASP B 219 50.20 -69.78 29.11
N PHE B 220 51.22 -69.22 29.78
CA PHE B 220 52.50 -68.84 29.12
C PHE B 220 53.79 -69.51 29.63
N LYS B 221 53.67 -70.45 30.58
CA LYS B 221 54.84 -71.05 31.23
C LYS B 221 55.93 -71.53 30.26
N GLY B 222 55.51 -72.11 29.11
CA GLY B 222 56.45 -72.62 28.09
C GLY B 222 57.27 -71.58 27.34
N LEU B 223 56.71 -70.39 27.17
CA LEU B 223 57.23 -69.41 26.19
C LEU B 223 58.35 -68.53 26.76
N ILE B 224 59.50 -69.14 27.04
CA ILE B 224 60.60 -68.42 27.72
C ILE B 224 61.34 -67.43 26.82
N ASN B 225 61.00 -67.37 25.54
CA ASN B 225 61.61 -66.38 24.64
C ASN B 225 60.68 -65.19 24.30
N LEU B 226 59.52 -65.06 24.98
CA LEU B 226 58.63 -63.92 24.70
C LEU B 226 59.29 -62.54 24.90
N THR B 227 59.16 -61.70 23.88
CA THR B 227 59.59 -60.30 24.00
C THR B 227 58.36 -59.40 24.03
N LEU B 228 57.27 -59.82 23.38
CA LEU B 228 56.00 -59.06 23.35
C LEU B 228 54.77 -59.88 23.72
N LEU B 229 53.95 -59.32 24.61
CA LEU B 229 52.68 -59.93 24.95
C LEU B 229 51.59 -58.85 25.01
N ASP B 230 50.53 -59.07 24.24
CA ASP B 230 49.43 -58.17 24.15
C ASP B 230 48.12 -58.84 24.64
N LEU B 231 47.68 -58.44 25.81
CA LEU B 231 46.43 -58.92 26.40
C LEU B 231 45.38 -57.83 26.54
N SER B 232 45.54 -56.77 25.73
CA SER B 232 44.68 -55.58 25.80
C SER B 232 43.23 -55.88 25.42
N GLY B 233 42.31 -55.05 25.88
CA GLY B 233 40.88 -55.20 25.55
C GLY B 233 40.17 -56.46 26.03
N ASN B 234 40.74 -57.13 27.01
CA ASN B 234 40.11 -58.28 27.63
C ASN B 234 39.65 -57.86 29.03
N CYS B 235 38.33 -57.89 29.26
CA CYS B 235 37.69 -57.16 30.36
C CYS B 235 37.90 -55.64 30.16
N PRO B 236 37.38 -55.13 29.02
CA PRO B 236 37.67 -53.75 28.63
C PRO B 236 36.93 -52.77 29.49
N ARG B 237 37.43 -51.54 29.50
CA ARG B 237 36.72 -50.40 30.10
C ARG B 237 35.85 -49.80 29.00
N CYS B 238 34.54 -49.95 29.12
CA CYS B 238 33.61 -49.69 28.03
C CYS B 238 32.97 -48.30 28.01
N PHE B 239 33.22 -47.47 29.02
CA PHE B 239 32.52 -46.19 29.04
C PHE B 239 33.02 -45.35 27.87
N ASN B 240 32.09 -44.83 27.07
CA ASN B 240 32.46 -44.00 25.93
C ASN B 240 33.29 -44.75 24.91
N ALA B 241 32.95 -46.00 24.66
CA ALA B 241 33.72 -46.78 23.72
C ALA B 241 33.37 -46.35 22.32
N PRO B 242 34.37 -46.23 21.45
CA PRO B 242 34.18 -45.98 20.00
C PRO B 242 33.89 -47.24 19.20
N PHE B 243 33.46 -48.30 19.89
CA PHE B 243 33.09 -49.59 19.27
C PHE B 243 32.12 -50.36 20.21
N PRO B 244 31.40 -51.36 19.69
CA PRO B 244 30.48 -52.11 20.55
C PRO B 244 31.27 -52.88 21.58
N CYS B 245 31.05 -52.60 22.87
CA CYS B 245 31.96 -53.02 23.91
C CYS B 245 31.18 -53.83 24.94
N VAL B 246 31.69 -55.03 25.26
CA VAL B 246 31.06 -55.94 26.24
C VAL B 246 31.93 -56.10 27.48
N PRO B 247 31.59 -55.43 28.60
CA PRO B 247 32.46 -55.56 29.79
C PRO B 247 32.43 -56.97 30.36
N CYS B 248 33.50 -57.38 31.03
CA CYS B 248 33.38 -58.54 31.89
C CYS B 248 32.29 -58.25 32.96
N ASP B 249 31.84 -59.26 33.66
CA ASP B 249 30.66 -59.14 34.51
C ASP B 249 30.80 -58.16 35.67
N GLY B 250 29.77 -57.34 35.85
CA GLY B 250 29.85 -56.20 36.75
C GLY B 250 30.97 -55.22 36.37
N GLY B 251 31.39 -55.24 35.10
CA GLY B 251 32.54 -54.47 34.65
C GLY B 251 33.90 -54.88 35.20
N ALA B 252 33.99 -56.09 35.74
CA ALA B 252 35.19 -56.54 36.45
C ALA B 252 36.49 -56.60 35.63
N SER B 253 37.58 -56.49 36.39
CA SER B 253 38.96 -56.60 35.93
C SER B 253 39.31 -57.96 35.31
N ILE B 254 40.19 -57.96 34.31
CA ILE B 254 40.84 -59.19 33.88
C ILE B 254 41.51 -59.83 35.10
N ASN B 255 41.44 -61.15 35.20
CA ASN B 255 42.05 -61.89 36.30
C ASN B 255 43.39 -62.49 35.92
N ILE B 256 44.47 -61.90 36.44
CA ILE B 256 45.82 -62.37 36.21
C ILE B 256 46.40 -63.05 37.46
N ASP B 257 46.80 -64.31 37.28
CA ASP B 257 47.31 -65.14 38.35
C ASP B 257 48.69 -64.67 38.75
N ARG B 258 48.95 -64.73 40.05
CA ARG B 258 50.19 -64.25 40.63
C ARG B 258 51.44 -64.62 39.85
N PHE B 259 51.49 -65.85 39.34
CA PHE B 259 52.68 -66.37 38.67
C PHE B 259 52.51 -66.46 37.18
N ALA B 260 51.53 -65.76 36.62
CA ALA B 260 51.32 -65.87 35.19
C ALA B 260 52.53 -65.48 34.33
N PHE B 261 53.39 -64.58 34.82
CA PHE B 261 54.51 -64.03 34.04
C PHE B 261 55.87 -64.43 34.62
N GLN B 262 55.90 -65.58 35.28
CA GLN B 262 57.04 -65.98 36.03
C GLN B 262 58.22 -66.29 35.14
N ASN B 263 57.96 -66.96 34.02
CA ASN B 263 59.02 -67.44 33.14
C ASN B 263 59.19 -66.56 31.87
N LEU B 264 58.68 -65.33 31.91
CA LEU B 264 58.72 -64.43 30.75
C LEU B 264 59.82 -63.43 30.94
N THR B 265 61.04 -63.93 31.07
CA THR B 265 62.15 -63.09 31.52
C THR B 265 62.69 -62.19 30.44
N GLN B 266 62.41 -62.54 29.19
CA GLN B 266 62.85 -61.75 28.04
C GLN B 266 61.86 -60.63 27.65
N LEU B 267 60.80 -60.39 28.43
CA LEU B 267 59.71 -59.52 27.94
C LEU B 267 60.15 -58.08 27.77
N ARG B 268 59.84 -57.53 26.60
CA ARG B 268 60.20 -56.13 26.29
C ARG B 268 58.98 -55.22 26.19
N TYR B 269 57.87 -55.78 25.75
CA TYR B 269 56.66 -55.05 25.43
C TYR B 269 55.53 -55.76 26.13
N LEU B 270 54.74 -55.04 26.93
CA LEU B 270 53.53 -55.60 27.61
C LEU B 270 52.33 -54.67 27.48
N ASN B 271 51.24 -55.17 26.89
CA ASN B 271 50.08 -54.35 26.63
C ASN B 271 48.85 -54.84 27.38
N LEU B 272 48.48 -54.07 28.43
CA LEU B 272 47.36 -54.38 29.29
C LEU B 272 46.38 -53.22 29.24
N SER B 273 46.36 -52.57 28.08
CA SER B 273 45.42 -51.50 27.85
C SER B 273 44.01 -52.01 27.91
N SER B 274 43.11 -51.22 28.51
CA SER B 274 41.68 -51.60 28.61
C SER B 274 41.44 -53.05 29.06
N THR B 275 41.94 -53.34 30.25
CA THR B 275 41.68 -54.61 30.90
C THR B 275 41.07 -54.31 32.27
N SER B 276 40.46 -53.12 32.39
CA SER B 276 39.77 -52.70 33.57
C SER B 276 40.56 -52.89 34.92
N LEU B 277 41.89 -52.84 34.87
CA LEU B 277 42.67 -52.99 36.08
C LEU B 277 42.44 -51.84 37.02
N ARG B 278 42.14 -52.18 38.26
CA ARG B 278 42.10 -51.26 39.41
C ARG B 278 43.39 -51.38 40.19
N LYS B 279 43.91 -52.61 40.29
CA LYS B 279 45.15 -52.86 41.03
C LYS B 279 46.21 -53.52 40.17
N ILE B 280 47.46 -53.14 40.43
CA ILE B 280 48.60 -53.79 39.76
C ILE B 280 49.46 -54.55 40.80
N ASN B 281 49.74 -55.81 40.51
CA ASN B 281 50.59 -56.59 41.36
C ASN B 281 52.02 -56.43 40.94
N ALA B 282 52.74 -55.70 41.77
CA ALA B 282 54.15 -55.42 41.61
C ALA B 282 54.95 -56.68 41.23
N ALA B 283 54.63 -57.79 41.86
CA ALA B 283 55.39 -59.02 41.61
C ALA B 283 55.10 -59.63 40.24
N TRP B 284 54.13 -59.11 39.49
CA TRP B 284 54.02 -59.46 38.07
C TRP B 284 55.28 -59.11 37.27
N PHE B 285 56.07 -58.17 37.76
CA PHE B 285 57.22 -57.66 37.03
C PHE B 285 58.55 -58.17 37.57
N LYS B 286 58.49 -59.07 38.53
CA LYS B 286 59.67 -59.42 39.31
C LYS B 286 60.73 -60.03 38.41
N ASN B 287 60.32 -60.78 37.40
CA ASN B 287 61.27 -61.57 36.63
C ASN B 287 61.36 -61.13 35.17
N MET B 288 61.31 -59.83 35.00
CA MET B 288 61.06 -59.22 33.71
C MET B 288 61.75 -57.86 33.80
N PRO B 289 63.01 -57.85 34.25
CA PRO B 289 63.67 -56.58 34.53
C PRO B 289 64.18 -55.88 33.25
N HIS B 290 63.81 -56.40 32.08
CA HIS B 290 64.18 -55.78 30.82
C HIS B 290 62.97 -55.19 30.11
N LEU B 291 61.86 -55.06 30.83
CA LEU B 291 60.65 -54.47 30.24
C LEU B 291 60.92 -53.05 29.79
N LYS B 292 60.60 -52.78 28.53
CA LYS B 292 60.94 -51.51 27.87
C LYS B 292 59.71 -50.61 27.79
N VAL B 293 58.61 -51.22 27.39
CA VAL B 293 57.40 -50.55 27.00
C VAL B 293 56.22 -51.23 27.72
N LEU B 294 55.49 -50.40 28.47
CA LEU B 294 54.34 -50.84 29.22
C LEU B 294 53.12 -49.93 28.96
N ASP B 295 52.08 -50.57 28.45
CA ASP B 295 50.89 -49.94 28.06
C ASP B 295 49.74 -50.29 29.06
N LEU B 296 49.16 -49.26 29.67
CA LEU B 296 48.21 -49.42 30.72
C LEU B 296 47.05 -48.44 30.59
N GLU B 297 46.64 -48.22 29.35
CA GLU B 297 45.63 -47.25 29.01
C GLU B 297 44.25 -47.80 29.27
N PHE B 298 43.30 -46.89 29.40
CA PHE B 298 41.90 -47.27 29.48
C PHE B 298 41.70 -48.29 30.62
N ASN B 299 42.31 -48.01 31.77
CA ASN B 299 42.03 -48.75 33.00
C ASN B 299 41.45 -47.82 34.05
N TYR B 300 41.50 -48.21 35.34
CA TYR B 300 40.98 -47.39 36.42
C TYR B 300 42.10 -47.19 37.40
N LEU B 301 43.22 -46.67 36.93
CA LEU B 301 44.45 -46.70 37.68
C LEU B 301 44.87 -45.44 38.39
N VAL B 302 43.94 -44.52 38.64
CA VAL B 302 44.26 -43.28 39.37
C VAL B 302 44.80 -43.56 40.76
N GLY B 303 44.20 -44.54 41.42
CA GLY B 303 44.61 -44.97 42.74
C GLY B 303 45.98 -45.55 42.60
N GLU B 304 46.16 -46.48 41.66
CA GLU B 304 47.50 -47.04 41.42
C GLU B 304 48.54 -46.00 41.03
N ILE B 305 48.15 -44.92 40.34
CA ILE B 305 49.12 -43.89 39.97
C ILE B 305 49.63 -43.12 41.17
N ALA B 306 48.76 -42.91 42.16
CA ALA B 306 49.11 -42.17 43.36
C ALA B 306 49.94 -42.96 44.36
N SER B 307 49.94 -44.31 44.28
CA SER B 307 50.64 -45.12 45.31
C SER B 307 51.65 -46.13 44.73
N GLY B 308 51.15 -47.16 44.05
CA GLY B 308 51.93 -47.89 43.05
C GLY B 308 53.28 -48.51 43.36
N ALA B 309 53.23 -49.63 44.08
CA ALA B 309 54.41 -50.48 44.24
C ALA B 309 55.04 -50.87 42.88
N PHE B 310 54.23 -51.32 41.92
CA PHE B 310 54.79 -51.79 40.66
C PHE B 310 55.80 -50.82 40.01
N LEU B 311 55.71 -49.54 40.36
CA LEU B 311 56.65 -48.53 39.85
C LEU B 311 58.09 -48.68 40.32
N THR B 312 58.29 -49.53 41.33
CA THR B 312 59.62 -49.82 41.86
C THR B 312 60.24 -51.04 41.18
N MET B 313 59.49 -51.66 40.26
CA MET B 313 59.85 -52.94 39.62
C MET B 313 60.13 -52.79 38.12
N LEU B 314 60.47 -51.60 37.66
CA LEU B 314 60.54 -51.33 36.23
C LEU B 314 61.80 -50.54 35.96
N PRO B 315 62.95 -51.08 36.37
CA PRO B 315 64.19 -50.34 36.32
C PRO B 315 64.69 -50.02 34.90
N ARG B 316 64.28 -50.79 33.91
CA ARG B 316 64.72 -50.56 32.52
C ARG B 316 63.58 -50.09 31.62
N LEU B 317 62.53 -49.53 32.20
CA LEU B 317 61.39 -49.18 31.39
C LEU B 317 61.61 -47.82 30.67
N GLU B 318 61.36 -47.77 29.37
CA GLU B 318 61.53 -46.55 28.59
C GLU B 318 60.22 -45.77 28.32
N ILE B 319 59.18 -46.50 27.92
CA ILE B 319 57.90 -45.92 27.57
C ILE B 319 56.85 -46.51 28.49
N LEU B 320 56.14 -45.62 29.18
CA LEU B 320 54.97 -45.91 30.02
C LEU B 320 53.78 -45.08 29.60
N ASP B 321 52.73 -45.78 29.20
CA ASP B 321 51.48 -45.15 28.89
C ASP B 321 50.36 -45.47 29.87
N LEU B 322 49.88 -44.43 30.54
CA LEU B 322 48.81 -44.55 31.52
C LEU B 322 47.66 -43.64 31.16
N SER B 323 47.42 -43.51 29.85
CA SER B 323 46.43 -42.61 29.33
C SER B 323 45.01 -43.10 29.52
N PHE B 324 44.11 -42.14 29.62
CA PHE B 324 42.72 -42.37 29.82
C PHE B 324 42.41 -43.32 30.98
N ASN B 325 42.93 -42.99 32.14
CA ASN B 325 42.50 -43.62 33.38
C ASN B 325 41.57 -42.72 34.19
N TYR B 326 41.05 -41.65 33.59
CA TYR B 326 40.17 -40.74 34.36
C TYR B 326 39.10 -41.47 35.13
N ILE B 327 38.84 -40.97 36.32
CA ILE B 327 37.60 -41.31 37.01
C ILE B 327 36.48 -40.41 36.47
N LYS B 328 35.53 -41.07 35.85
CA LYS B 328 34.29 -40.52 35.43
C LYS B 328 33.70 -39.58 36.47
N GLY B 329 33.24 -38.43 35.98
CA GLY B 329 32.71 -37.37 36.79
C GLY B 329 33.73 -36.68 37.65
N SER B 330 34.99 -37.10 37.60
CA SER B 330 35.92 -36.58 38.56
C SER B 330 36.70 -35.45 37.91
N TYR B 331 37.02 -34.44 38.71
CA TYR B 331 37.78 -33.28 38.25
C TYR B 331 38.65 -32.81 39.39
N PRO B 332 39.64 -33.62 39.77
CA PRO B 332 40.55 -33.26 40.86
C PRO B 332 41.37 -32.05 40.54
N GLN B 333 41.76 -31.33 41.57
CA GLN B 333 42.53 -30.11 41.44
C GLN B 333 43.90 -30.37 40.89
N HIS B 334 44.49 -31.48 41.33
CA HIS B 334 45.87 -31.79 41.00
C HIS B 334 46.05 -33.25 40.60
N ILE B 335 47.00 -33.49 39.72
CA ILE B 335 47.44 -34.85 39.47
C ILE B 335 48.21 -35.35 40.70
N ASN B 336 47.94 -36.61 41.08
CA ASN B 336 48.63 -37.26 42.21
C ASN B 336 49.62 -38.35 41.72
N ILE B 337 50.88 -37.97 41.66
CA ILE B 337 51.95 -38.83 41.14
C ILE B 337 52.82 -39.40 42.28
N SER B 338 52.72 -40.71 42.51
CA SER B 338 53.54 -41.36 43.51
C SER B 338 55.00 -40.95 43.40
N ARG B 339 55.64 -40.74 44.55
CA ARG B 339 57.11 -40.66 44.67
C ARG B 339 57.83 -41.83 43.99
N ASN B 340 57.19 -43.01 43.94
CA ASN B 340 57.85 -44.17 43.35
C ASN B 340 58.20 -44.04 41.88
N PHE B 341 57.64 -43.04 41.19
CA PHE B 341 58.05 -42.73 39.81
C PHE B 341 59.54 -42.44 39.74
N SER B 342 60.10 -41.96 40.84
CA SER B 342 61.52 -41.69 40.91
C SER B 342 62.40 -42.94 40.74
N LYS B 343 61.81 -44.14 40.77
CA LYS B 343 62.55 -45.37 40.47
C LYS B 343 62.58 -45.69 38.97
N LEU B 344 61.81 -44.95 38.16
CA LEU B 344 61.75 -45.21 36.70
C LEU B 344 62.94 -44.52 36.09
N LEU B 345 64.10 -45.13 36.27
CA LEU B 345 65.34 -44.43 36.00
C LEU B 345 65.68 -44.42 34.51
N SER B 346 65.16 -45.39 33.73
CA SER B 346 65.43 -45.43 32.29
C SER B 346 64.31 -44.81 31.48
N LEU B 347 63.38 -44.13 32.14
CA LEU B 347 62.16 -43.70 31.48
C LEU B 347 62.51 -42.60 30.49
N ARG B 348 62.00 -42.72 29.27
CA ARG B 348 62.21 -41.69 28.24
C ARG B 348 60.95 -40.92 27.88
N ALA B 349 59.82 -41.61 27.91
CA ALA B 349 58.54 -41.05 27.55
C ALA B 349 57.46 -41.47 28.54
N LEU B 350 56.67 -40.51 29.01
CA LEU B 350 55.59 -40.78 29.97
C LEU B 350 54.31 -40.21 29.41
N HIS B 351 53.37 -41.09 29.08
CA HIS B 351 52.11 -40.65 28.54
C HIS B 351 51.07 -40.68 29.65
N LEU B 352 50.46 -39.52 29.88
CA LEU B 352 49.39 -39.31 30.85
C LEU B 352 48.25 -38.49 30.26
N ARG B 353 47.77 -38.88 29.09
CA ARG B 353 46.60 -38.23 28.53
C ARG B 353 45.41 -38.60 29.37
N GLY B 354 44.39 -37.74 29.35
CA GLY B 354 43.10 -38.09 29.89
C GLY B 354 43.07 -38.69 31.27
N TYR B 355 43.83 -38.10 32.19
CA TYR B 355 43.69 -38.38 33.61
C TYR B 355 42.63 -37.45 34.13
N VAL B 356 42.71 -36.20 33.64
CA VAL B 356 41.74 -35.09 33.84
C VAL B 356 41.82 -34.45 35.21
N PHE B 357 42.42 -33.26 35.25
CA PHE B 357 42.60 -32.53 36.46
C PHE B 357 42.77 -31.04 36.17
N GLN B 358 42.49 -30.19 37.14
CA GLN B 358 42.32 -28.74 36.91
C GLN B 358 43.62 -27.95 36.75
N GLU B 359 44.61 -28.26 37.55
CA GLU B 359 45.80 -27.44 37.71
C GLU B 359 47.04 -28.31 37.80
N LEU B 360 48.14 -27.89 37.21
CA LEU B 360 49.38 -28.65 37.34
C LEU B 360 50.36 -27.79 38.07
N ARG B 361 50.80 -28.25 39.24
CA ARG B 361 51.71 -27.49 40.08
C ARG B 361 53.08 -28.11 40.10
N GLU B 362 54.03 -27.30 40.53
CA GLU B 362 55.41 -27.67 40.56
C GLU B 362 55.60 -28.91 41.43
N ASP B 363 55.01 -28.89 42.62
CA ASP B 363 55.21 -30.01 43.54
C ASP B 363 54.56 -31.31 43.04
N ASP B 364 53.60 -31.21 42.11
CA ASP B 364 52.92 -32.39 41.59
C ASP B 364 53.89 -33.26 40.79
N PHE B 365 54.92 -32.64 40.22
CA PHE B 365 55.84 -33.37 39.35
C PHE B 365 57.27 -33.54 39.90
N GLN B 366 57.45 -33.42 41.23
CA GLN B 366 58.79 -33.61 41.86
C GLN B 366 59.31 -35.04 41.64
N PRO B 367 58.42 -36.04 41.71
CA PRO B 367 58.97 -37.38 41.60
C PRO B 367 59.67 -37.63 40.28
N LEU B 368 59.23 -36.91 39.22
CA LEU B 368 59.73 -37.09 37.84
C LEU B 368 60.96 -36.29 37.56
N MET B 369 61.19 -35.25 38.34
CA MET B 369 62.28 -34.31 38.04
C MET B 369 63.69 -34.86 38.02
N GLN B 370 64.01 -35.90 38.80
CA GLN B 370 65.39 -36.41 38.80
C GLN B 370 65.66 -37.47 37.73
N LEU B 371 64.66 -37.85 36.96
CA LEU B 371 64.86 -38.85 35.91
C LEU B 371 65.77 -38.29 34.79
N PRO B 372 66.93 -38.91 34.57
CA PRO B 372 67.92 -38.36 33.64
C PRO B 372 67.54 -38.42 32.14
N ASN B 373 66.82 -39.47 31.71
CA ASN B 373 66.55 -39.66 30.29
C ASN B 373 65.08 -39.42 29.91
N LEU B 374 64.34 -38.77 30.79
CA LEU B 374 62.97 -38.46 30.50
C LEU B 374 62.89 -37.23 29.57
N SER B 375 62.56 -37.47 28.30
CA SER B 375 62.55 -36.39 27.34
C SER B 375 61.12 -36.05 26.83
N THR B 376 60.20 -37.01 26.82
CA THR B 376 58.78 -36.71 26.50
C THR B 376 57.79 -36.83 27.69
N ILE B 377 57.14 -35.70 28.03
CA ILE B 377 55.99 -35.69 28.91
C ILE B 377 54.76 -35.26 28.10
N ASN B 378 53.77 -36.15 28.02
CA ASN B 378 52.51 -35.99 27.29
C ASN B 378 51.27 -35.78 28.22
N LEU B 379 50.70 -34.57 28.24
CA LEU B 379 49.53 -34.27 29.06
C LEU B 379 48.31 -33.85 28.23
N GLY B 380 48.24 -34.36 27.02
CA GLY B 380 47.12 -34.16 26.17
C GLY B 380 45.80 -34.57 26.79
N ILE B 381 44.75 -33.82 26.43
CA ILE B 381 43.38 -34.14 26.76
C ILE B 381 43.19 -34.32 28.27
N ASN B 382 43.70 -33.39 29.08
CA ASN B 382 43.46 -33.44 30.55
C ASN B 382 42.57 -32.35 31.12
N PHE B 383 42.14 -31.41 30.29
CA PHE B 383 41.28 -30.31 30.70
C PHE B 383 41.90 -29.43 31.74
N ILE B 384 43.22 -29.32 31.67
CA ILE B 384 43.97 -28.47 32.56
C ILE B 384 43.66 -27.03 32.27
N LYS B 385 43.32 -26.28 33.32
CA LYS B 385 43.02 -24.85 33.20
C LYS B 385 44.21 -23.99 33.55
N GLN B 386 45.20 -24.55 34.22
CA GLN B 386 46.28 -23.73 34.65
C GLN B 386 47.53 -24.53 34.88
N ILE B 387 48.65 -23.88 34.58
CA ILE B 387 49.92 -24.52 34.64
C ILE B 387 51.01 -23.59 35.13
N ASP B 388 51.66 -24.03 36.19
CA ASP B 388 52.90 -23.45 36.65
C ASP B 388 54.06 -23.83 35.70
N PHE B 389 54.36 -22.97 34.72
CA PHE B 389 55.34 -23.32 33.69
C PHE B 389 56.77 -23.45 34.19
N LYS B 390 57.08 -22.79 35.31
CA LYS B 390 58.43 -22.84 35.85
C LYS B 390 58.88 -24.28 36.16
N LEU B 391 57.95 -25.20 36.38
CA LEU B 391 58.35 -26.54 36.75
C LEU B 391 59.11 -27.30 35.67
N PHE B 392 58.87 -26.98 34.41
CA PHE B 392 59.52 -27.73 33.34
C PHE B 392 61.04 -27.57 33.30
N GLN B 393 61.48 -26.43 33.80
CA GLN B 393 62.88 -26.05 33.95
C GLN B 393 63.69 -27.01 34.85
N ASN B 394 63.10 -27.41 35.98
CA ASN B 394 63.80 -28.19 37.00
C ASN B 394 63.93 -29.68 36.59
N PHE B 395 63.53 -30.02 35.37
CA PHE B 395 63.76 -31.37 34.80
C PHE B 395 65.15 -31.51 34.25
N SER B 396 65.66 -32.74 34.28
CA SER B 396 66.98 -33.05 33.71
C SER B 396 67.09 -32.59 32.26
N ASN B 397 66.28 -33.15 31.36
CA ASN B 397 66.33 -32.77 29.95
C ASN B 397 65.09 -33.18 29.14
N LEU B 398 64.03 -32.43 29.37
CA LEU B 398 62.90 -32.42 28.49
C LEU B 398 63.31 -31.93 27.12
N GLU B 399 62.78 -32.58 26.10
CA GLU B 399 62.90 -32.18 24.70
C GLU B 399 61.49 -31.90 24.11
N ILE B 400 60.46 -32.45 24.75
CA ILE B 400 59.09 -32.42 24.23
C ILE B 400 58.13 -32.26 25.39
N ILE B 401 57.56 -31.06 25.49
CA ILE B 401 56.53 -30.76 26.48
C ILE B 401 55.19 -30.61 25.75
N TYR B 402 54.33 -31.60 25.88
CA TYR B 402 53.15 -31.70 25.07
C TYR B 402 51.87 -31.52 25.92
N LEU B 403 51.18 -30.42 25.61
CA LEU B 403 50.06 -29.88 26.36
C LEU B 403 48.89 -29.53 25.45
N SER B 404 48.87 -30.10 24.25
CA SER B 404 47.80 -29.86 23.28
C SER B 404 46.48 -30.36 23.79
N GLU B 405 45.39 -29.68 23.40
CA GLU B 405 44.05 -30.13 23.74
C GLU B 405 43.81 -30.08 25.27
N ASN B 406 43.94 -28.89 25.82
CA ASN B 406 43.65 -28.62 27.22
C ASN B 406 42.76 -27.40 27.35
N ARG B 407 42.72 -26.76 28.51
CA ARG B 407 41.78 -25.61 28.69
C ARG B 407 42.54 -24.46 29.26
N ILE B 408 43.76 -24.32 28.77
CA ILE B 408 44.65 -23.28 29.24
C ILE B 408 44.25 -21.94 28.63
N SER B 409 44.28 -20.90 29.45
CA SER B 409 43.93 -19.54 29.00
C SER B 409 45.02 -18.55 29.47
N PRO B 410 44.93 -17.27 29.10
CA PRO B 410 46.05 -16.35 29.38
C PRO B 410 46.32 -16.17 30.87
N ASP B 436 35.37 -50.09 3.74
CA ASP B 436 35.24 -51.44 4.30
C ASP B 436 35.04 -51.44 5.85
N PHE B 437 36.10 -51.16 6.62
CA PHE B 437 36.10 -51.28 8.12
C PHE B 437 36.86 -50.14 8.84
N GLU B 438 36.37 -49.77 10.02
CA GLU B 438 36.73 -48.48 10.65
C GLU B 438 38.20 -48.41 11.03
N PHE B 439 38.68 -49.46 11.67
CA PHE B 439 39.96 -49.45 12.35
C PHE B 439 40.97 -50.20 11.51
N ASP B 440 42.19 -49.68 11.47
CA ASP B 440 43.21 -50.29 10.67
C ASP B 440 43.82 -51.48 11.42
N PRO B 441 43.70 -52.67 10.85
CA PRO B 441 44.22 -53.84 11.58
C PRO B 441 45.74 -53.88 11.72
N HIS B 442 46.43 -52.92 11.12
CA HIS B 442 47.87 -52.81 11.24
C HIS B 442 48.37 -51.67 12.14
N SER B 443 47.46 -50.91 12.74
CA SER B 443 47.84 -49.87 13.68
C SER B 443 47.46 -50.24 15.10
N ASN B 444 48.13 -49.61 16.04
CA ASN B 444 47.73 -49.63 17.44
C ASN B 444 46.25 -49.25 17.53
N PHE B 445 45.53 -49.90 18.44
CA PHE B 445 44.07 -49.68 18.57
C PHE B 445 43.71 -48.61 19.60
N TYR B 446 44.59 -48.34 20.55
CA TYR B 446 44.23 -47.48 21.68
C TYR B 446 44.77 -46.06 21.54
N HIS B 447 45.85 -45.90 20.76
CA HIS B 447 46.38 -44.57 20.48
C HIS B 447 46.95 -44.45 19.06
N PHE B 448 47.33 -43.21 18.72
CA PHE B 448 47.90 -42.84 17.43
C PHE B 448 49.39 -43.06 17.53
N THR B 449 50.00 -43.58 16.47
CA THR B 449 51.44 -43.80 16.52
C THR B 449 52.29 -42.69 15.85
N ARG B 450 51.63 -41.64 15.37
CA ARG B 450 52.33 -40.50 14.76
C ARG B 450 53.12 -39.76 15.84
N PRO B 451 54.21 -39.06 15.47
CA PRO B 451 54.94 -38.28 16.50
C PRO B 451 54.04 -37.21 17.13
N LEU B 452 54.40 -36.73 18.31
CA LEU B 452 53.60 -35.73 18.99
C LEU B 452 53.77 -34.37 18.32
N ILE B 453 55.02 -33.99 18.07
CA ILE B 453 55.39 -32.74 17.39
C ILE B 453 55.95 -33.08 16.02
N LYS B 454 55.68 -32.29 15.00
CA LYS B 454 56.24 -32.57 13.67
C LYS B 454 57.74 -32.62 13.83
N PRO B 455 58.39 -33.64 13.22
CA PRO B 455 59.82 -33.77 13.43
C PRO B 455 60.61 -32.60 12.89
N GLN B 456 60.06 -31.88 11.91
CA GLN B 456 60.74 -30.69 11.37
C GLN B 456 60.83 -29.55 12.37
N CYS B 457 59.92 -29.52 13.34
CA CYS B 457 59.94 -28.61 14.47
C CYS B 457 60.83 -29.17 15.64
N ALA B 458 60.63 -30.43 16.00
CA ALA B 458 61.37 -31.03 17.13
C ALA B 458 62.87 -31.06 16.92
N ALA B 459 63.28 -31.27 15.67
CA ALA B 459 64.72 -31.29 15.31
C ALA B 459 65.48 -30.04 15.78
N TYR B 460 64.87 -28.88 15.66
CA TYR B 460 65.51 -27.65 16.09
C TYR B 460 65.86 -27.61 17.56
N GLY B 461 65.23 -28.43 18.40
CA GLY B 461 65.52 -28.35 19.83
C GLY B 461 64.32 -28.67 20.71
N LYS B 462 64.38 -28.22 21.96
CA LYS B 462 63.33 -28.38 22.95
C LYS B 462 62.04 -27.77 22.42
N ALA B 463 60.96 -28.52 22.48
CA ALA B 463 59.69 -28.18 21.86
C ALA B 463 58.60 -28.07 22.90
N LEU B 464 57.65 -27.17 22.65
CA LEU B 464 56.53 -26.92 23.56
C LEU B 464 55.32 -26.76 22.72
N ASP B 465 54.30 -27.58 23.00
CA ASP B 465 53.13 -27.62 22.17
C ASP B 465 51.98 -27.27 23.04
N LEU B 466 51.44 -26.08 22.80
CA LEU B 466 50.26 -25.57 23.52
C LEU B 466 49.04 -25.47 22.59
N SER B 467 49.00 -26.30 21.55
CA SER B 467 47.92 -26.20 20.59
C SER B 467 46.57 -26.54 21.19
N LEU B 468 45.52 -26.04 20.56
CA LEU B 468 44.15 -26.45 20.88
C LEU B 468 43.79 -26.17 22.35
N ASN B 469 44.34 -25.07 22.85
CA ASN B 469 43.93 -24.50 24.10
C ASN B 469 43.18 -23.21 23.82
N SER B 470 43.04 -22.32 24.81
CA SER B 470 42.28 -21.08 24.64
C SER B 470 43.09 -19.87 25.00
N ILE B 471 44.34 -19.85 24.56
CA ILE B 471 45.29 -18.78 24.86
C ILE B 471 45.05 -17.67 23.83
N PHE B 472 43.95 -16.95 24.01
CA PHE B 472 43.46 -16.08 22.94
C PHE B 472 44.29 -14.82 22.81
N PHE B 473 45.19 -14.60 23.76
CA PHE B 473 46.16 -13.53 23.60
C PHE B 473 47.38 -13.88 24.42
N ILE B 474 48.51 -13.26 24.12
CA ILE B 474 49.76 -13.51 24.81
C ILE B 474 50.14 -12.29 25.63
N GLY B 475 49.87 -12.38 26.93
CA GLY B 475 50.17 -11.30 27.84
C GLY B 475 51.67 -11.19 28.08
N PRO B 476 52.07 -10.16 28.83
CA PRO B 476 53.51 -9.91 28.97
C PRO B 476 54.32 -11.03 29.65
N ASN B 477 53.69 -11.86 30.46
CA ASN B 477 54.45 -12.87 31.23
C ASN B 477 54.09 -14.31 30.89
N GLN B 478 53.31 -14.51 29.86
CA GLN B 478 52.89 -15.84 29.47
C GLN B 478 54.07 -16.83 29.37
N PHE B 479 55.26 -16.35 29.01
CA PHE B 479 56.40 -17.25 28.81
C PHE B 479 57.58 -17.11 29.76
N GLU B 480 57.40 -16.41 30.88
CA GLU B 480 58.42 -16.40 31.93
C GLU B 480 58.74 -17.83 32.40
N ASN B 481 60.00 -18.04 32.79
CA ASN B 481 60.46 -19.29 33.40
C ASN B 481 60.43 -20.54 32.53
N LEU B 482 60.47 -20.36 31.22
CA LEU B 482 60.50 -21.50 30.34
C LEU B 482 61.92 -21.96 30.08
N PRO B 483 62.05 -23.22 29.68
CA PRO B 483 63.28 -23.62 29.04
C PRO B 483 63.50 -22.82 27.74
N ASP B 484 64.65 -23.00 27.12
CA ASP B 484 64.99 -22.34 25.89
C ASP B 484 64.29 -23.03 24.74
N ILE B 485 62.99 -22.80 24.59
CA ILE B 485 62.20 -23.51 23.63
C ILE B 485 62.69 -23.17 22.26
N ALA B 486 62.84 -24.19 21.41
CA ALA B 486 63.28 -23.99 20.02
C ALA B 486 62.10 -24.17 19.10
N CYS B 487 61.13 -24.97 19.53
CA CYS B 487 60.00 -25.35 18.68
C CYS B 487 58.73 -25.13 19.47
N LEU B 488 57.84 -24.31 18.92
CA LEU B 488 56.69 -23.79 19.64
C LEU B 488 55.45 -23.85 18.81
N ASN B 489 54.46 -24.56 19.32
CA ASN B 489 53.17 -24.66 18.68
C ASN B 489 52.07 -23.92 19.45
N LEU B 490 51.38 -23.04 18.75
CA LEU B 490 50.27 -22.34 19.33
C LEU B 490 49.11 -22.43 18.35
N SER B 491 49.11 -23.47 17.54
CA SER B 491 48.04 -23.64 16.58
C SER B 491 46.71 -23.70 17.31
N ALA B 492 45.68 -23.13 16.72
CA ALA B 492 44.32 -23.34 17.18
C ALA B 492 44.05 -22.88 18.62
N ASN B 493 44.48 -21.67 18.98
CA ASN B 493 44.11 -21.05 20.24
C ASN B 493 43.18 -19.85 20.09
N SER B 494 42.61 -19.64 18.90
CA SER B 494 41.76 -18.46 18.65
C SER B 494 42.45 -17.16 19.02
N ASN B 495 43.73 -17.07 18.70
CA ASN B 495 44.53 -15.97 19.13
C ASN B 495 44.22 -14.80 18.23
N ALA B 496 43.88 -13.67 18.86
CA ALA B 496 43.31 -12.53 18.17
C ALA B 496 44.20 -11.33 18.30
N GLN B 497 45.44 -11.53 18.75
CA GLN B 497 46.21 -10.36 19.09
C GLN B 497 47.09 -9.73 18.01
N VAL B 498 47.54 -8.53 18.36
CA VAL B 498 48.42 -7.72 17.56
C VAL B 498 49.84 -7.93 18.06
N LEU B 499 50.48 -8.96 17.50
CA LEU B 499 51.86 -9.28 17.78
C LEU B 499 52.72 -8.06 17.47
N SER B 500 53.71 -7.79 18.30
CA SER B 500 54.29 -6.44 18.29
C SER B 500 55.76 -6.36 18.62
N GLY B 501 56.48 -7.48 18.54
CA GLY B 501 57.90 -7.54 18.85
C GLY B 501 58.29 -7.88 20.28
N THR B 502 57.34 -8.02 21.20
CA THR B 502 57.71 -8.31 22.60
C THR B 502 57.10 -9.57 23.20
N GLU B 503 56.24 -10.26 22.47
CA GLU B 503 55.46 -11.31 23.13
C GLU B 503 56.23 -12.56 23.35
N PHE B 504 57.30 -12.76 22.57
CA PHE B 504 58.20 -13.93 22.69
C PHE B 504 59.58 -13.59 23.26
N SER B 505 59.71 -12.45 23.93
CA SER B 505 61.01 -12.04 24.50
C SER B 505 61.59 -13.10 25.43
N ALA B 506 60.73 -13.72 26.24
CA ALA B 506 61.22 -14.68 27.24
C ALA B 506 61.73 -16.02 26.66
N ILE B 507 61.46 -16.28 25.38
CA ILE B 507 61.91 -17.49 24.68
C ILE B 507 62.35 -17.08 23.28
N PRO B 508 63.36 -16.21 23.24
CA PRO B 508 63.79 -15.55 22.04
C PRO B 508 64.54 -16.46 21.08
N HIS B 509 64.77 -17.72 21.41
CA HIS B 509 65.52 -18.58 20.49
C HIS B 509 64.67 -19.54 19.65
N VAL B 510 63.36 -19.27 19.57
CA VAL B 510 62.46 -20.11 18.75
C VAL B 510 62.86 -20.08 17.26
N LYS B 511 62.89 -21.26 16.65
CA LYS B 511 63.26 -21.41 15.24
C LYS B 511 62.17 -21.94 14.35
N TYR B 512 61.20 -22.63 14.94
CA TYR B 512 60.00 -23.08 14.22
C TYR B 512 58.78 -22.70 15.03
N LEU B 513 57.92 -21.86 14.46
CA LEU B 513 56.78 -21.27 15.17
C LEU B 513 55.53 -21.57 14.40
N ASP B 514 54.64 -22.35 15.00
CA ASP B 514 53.38 -22.68 14.39
C ASP B 514 52.27 -21.84 15.03
N LEU B 515 51.72 -20.88 14.28
CA LEU B 515 50.53 -20.12 14.71
C LEU B 515 49.37 -20.33 13.74
N THR B 516 49.27 -21.53 13.19
CA THR B 516 48.20 -21.86 12.27
C THR B 516 46.87 -21.77 13.00
N ASN B 517 45.77 -21.58 12.28
CA ASN B 517 44.45 -21.77 12.85
C ASN B 517 44.19 -20.82 14.04
N ASN B 518 44.65 -19.59 13.91
CA ASN B 518 44.28 -18.56 14.88
C ASN B 518 43.52 -17.48 14.18
N ARG B 519 43.40 -16.33 14.80
CA ARG B 519 42.73 -15.24 14.16
C ARG B 519 43.52 -13.93 14.36
N LEU B 520 44.79 -14.00 13.99
CA LEU B 520 45.73 -12.93 14.24
C LEU B 520 45.41 -11.58 13.59
N ASP B 521 45.66 -10.54 14.35
CA ASP B 521 45.43 -9.18 13.93
C ASP B 521 46.79 -8.58 13.63
N PHE B 522 47.09 -8.49 12.35
CA PHE B 522 48.37 -8.10 11.87
C PHE B 522 48.36 -6.60 11.69
N ASP B 523 48.52 -5.88 12.81
CA ASP B 523 48.47 -4.43 12.82
C ASP B 523 49.77 -3.77 13.29
N ASN B 524 50.86 -4.50 13.33
CA ASN B 524 52.12 -3.95 13.78
C ASN B 524 53.30 -4.54 13.05
N ALA B 525 54.10 -3.65 12.48
CA ALA B 525 55.13 -4.03 11.53
C ALA B 525 56.36 -4.62 12.20
N SER B 526 56.40 -4.54 13.52
CA SER B 526 57.44 -5.22 14.31
C SER B 526 57.05 -6.65 14.76
N ALA B 527 55.85 -7.08 14.44
CA ALA B 527 55.42 -8.41 14.79
C ALA B 527 56.56 -9.41 14.64
N LEU B 528 56.80 -10.16 15.71
CA LEU B 528 57.70 -11.34 15.71
C LEU B 528 59.18 -11.07 15.57
N THR B 529 59.58 -9.80 15.50
CA THR B 529 60.95 -9.44 15.19
C THR B 529 61.91 -9.79 16.32
N GLU B 530 61.37 -10.02 17.51
CA GLU B 530 62.21 -10.49 18.62
C GLU B 530 62.83 -11.89 18.36
N LEU B 531 62.22 -12.68 17.48
CA LEU B 531 62.70 -14.02 17.15
C LEU B 531 63.72 -14.02 16.01
N SER B 532 64.89 -13.43 16.26
CA SER B 532 65.80 -13.15 15.15
C SER B 532 66.42 -14.40 14.55
N ASP B 533 66.35 -15.54 15.27
CA ASP B 533 66.81 -16.86 14.76
C ASP B 533 65.75 -17.67 14.06
N LEU B 534 64.56 -17.11 13.90
CA LEU B 534 63.43 -17.85 13.34
C LEU B 534 63.73 -18.33 11.94
N GLU B 535 63.57 -19.62 11.72
CA GLU B 535 63.72 -20.19 10.38
C GLU B 535 62.44 -20.70 9.75
N VAL B 536 61.43 -21.00 10.56
CA VAL B 536 60.15 -21.44 10.03
C VAL B 536 58.98 -20.76 10.71
N LEU B 537 58.06 -20.23 9.91
CA LEU B 537 56.87 -19.56 10.41
C LEU B 537 55.66 -20.03 9.64
N ASP B 538 54.67 -20.54 10.38
CA ASP B 538 53.47 -21.05 9.77
C ASP B 538 52.30 -20.22 10.24
N LEU B 539 51.73 -19.47 9.30
CA LEU B 539 50.60 -18.58 9.62
C LEU B 539 49.38 -19.03 8.86
N SER B 540 49.35 -20.29 8.45
CA SER B 540 48.20 -20.80 7.70
C SER B 540 46.92 -20.58 8.49
N TYR B 541 45.78 -20.50 7.80
CA TYR B 541 44.48 -20.50 8.47
C TYR B 541 44.28 -19.43 9.57
N ASN B 542 44.67 -18.19 9.26
CA ASN B 542 44.41 -17.01 10.08
C ASN B 542 43.67 -16.01 9.26
N SER B 543 42.56 -16.42 8.67
CA SER B 543 41.95 -15.57 7.67
C SER B 543 40.97 -14.61 8.31
N HIS B 544 40.65 -14.87 9.58
CA HIS B 544 39.65 -14.11 10.31
C HIS B 544 39.67 -12.64 9.96
N TYR B 545 40.76 -11.93 10.26
CA TYR B 545 40.87 -10.50 9.91
C TYR B 545 41.28 -10.17 8.49
N PHE B 546 42.02 -11.04 7.81
CA PHE B 546 42.46 -10.74 6.43
C PHE B 546 41.27 -10.58 5.55
N ARG B 547 40.19 -11.28 5.87
CA ARG B 547 39.06 -11.24 4.97
C ARG B 547 38.27 -9.94 5.08
N ILE B 548 38.65 -9.06 5.99
CA ILE B 548 37.88 -7.85 6.21
C ILE B 548 38.69 -6.69 5.62
N ALA B 549 38.19 -6.10 4.52
CA ALA B 549 38.83 -4.95 3.88
C ALA B 549 39.14 -3.76 4.81
N GLY B 550 38.23 -3.48 5.73
CA GLY B 550 38.32 -2.29 6.55
C GLY B 550 39.32 -2.38 7.64
N VAL B 551 39.83 -3.57 7.98
CA VAL B 551 40.87 -3.61 9.00
C VAL B 551 42.22 -3.70 8.30
N THR B 552 43.26 -3.29 9.00
CA THR B 552 44.62 -3.25 8.48
C THR B 552 45.23 -4.65 8.43
N HIS B 553 46.17 -4.83 7.53
CA HIS B 553 46.90 -6.08 7.40
C HIS B 553 48.37 -5.79 7.07
N HIS B 554 49.23 -5.80 8.07
CA HIS B 554 50.60 -5.40 7.94
C HIS B 554 51.50 -6.62 7.87
N LEU B 555 52.24 -6.80 6.77
CA LEU B 555 53.13 -7.95 6.58
C LEU B 555 54.60 -7.60 6.40
N GLU B 556 55.00 -6.40 6.86
CA GLU B 556 56.36 -5.87 6.67
C GLU B 556 57.44 -6.64 7.44
N PHE B 557 57.14 -7.05 8.65
CA PHE B 557 58.09 -7.79 9.50
C PHE B 557 58.82 -8.90 8.79
N ILE B 558 58.25 -9.45 7.72
CA ILE B 558 58.91 -10.56 7.03
C ILE B 558 60.33 -10.21 6.68
N GLN B 559 60.56 -9.05 6.06
CA GLN B 559 61.94 -8.61 5.73
C GLN B 559 62.90 -8.59 6.93
N ASN B 560 62.40 -8.49 8.16
CA ASN B 560 63.30 -8.27 9.32
C ASN B 560 63.99 -9.52 9.89
N PHE B 561 63.90 -10.67 9.22
CA PHE B 561 64.61 -11.89 9.67
C PHE B 561 65.75 -12.28 8.75
N THR B 562 66.94 -12.40 9.31
CA THR B 562 68.13 -12.76 8.53
C THR B 562 68.20 -14.25 8.18
N ASN B 563 67.49 -15.12 8.91
CA ASN B 563 67.54 -16.57 8.62
C ASN B 563 66.17 -17.22 8.39
N LEU B 564 65.17 -16.47 7.96
CA LEU B 564 63.85 -17.05 7.73
C LEU B 564 64.00 -17.79 6.45
N LYS B 565 63.61 -19.08 6.47
CA LYS B 565 63.74 -19.94 5.32
C LYS B 565 62.38 -20.33 4.78
N VAL B 566 61.40 -20.60 5.64
CA VAL B 566 60.12 -21.09 5.15
C VAL B 566 58.98 -20.33 5.74
N LEU B 567 58.11 -19.83 4.86
CA LEU B 567 56.97 -19.08 5.31
C LEU B 567 55.73 -19.61 4.65
N ASN B 568 54.67 -19.81 5.44
CA ASN B 568 53.42 -20.36 4.94
C ASN B 568 52.28 -19.40 5.27
N LEU B 569 51.75 -18.76 4.24
CA LEU B 569 50.59 -17.89 4.40
C LEU B 569 49.33 -18.50 3.81
N SER B 570 49.27 -19.81 3.69
CA SER B 570 48.14 -20.44 3.02
C SER B 570 46.80 -20.27 3.70
N HIS B 571 45.74 -20.36 2.91
CA HIS B 571 44.35 -20.28 3.42
C HIS B 571 44.14 -19.13 4.39
N ASN B 572 44.70 -17.98 4.02
CA ASN B 572 44.51 -16.76 4.76
C ASN B 572 43.59 -15.86 4.04
N ASN B 573 43.24 -16.21 2.81
CA ASN B 573 42.27 -15.40 2.07
C ASN B 573 42.78 -13.97 1.83
N ILE B 574 44.10 -13.84 1.70
CA ILE B 574 44.71 -12.54 1.59
C ILE B 574 44.34 -11.90 0.26
N TYR B 575 43.66 -10.75 0.30
CA TYR B 575 43.41 -9.97 -0.91
C TYR B 575 43.71 -8.46 -0.81
N THR B 576 44.17 -7.99 0.35
CA THR B 576 44.48 -6.59 0.54
C THR B 576 45.46 -6.40 1.68
N LEU B 577 46.39 -5.48 1.48
CA LEU B 577 47.43 -5.14 2.45
C LEU B 577 47.51 -3.63 2.68
N THR B 578 48.24 -3.24 3.71
CA THR B 578 48.25 -1.86 4.16
C THR B 578 49.64 -1.23 3.91
N ASP B 579 49.66 -0.06 3.30
CA ASP B 579 50.91 0.71 3.10
C ASP B 579 51.91 -0.02 2.24
N LYS B 580 52.42 -1.18 2.67
CA LYS B 580 53.43 -1.90 1.91
C LYS B 580 52.79 -3.07 1.27
N TYR B 581 52.77 -3.05 -0.05
CA TYR B 581 52.07 -4.01 -0.86
C TYR B 581 52.99 -5.15 -1.29
N ASN B 582 54.25 -5.13 -0.87
CA ASN B 582 55.26 -6.14 -1.31
C ASN B 582 55.82 -7.01 -0.18
N LEU B 583 56.09 -8.27 -0.48
CA LEU B 583 56.77 -9.16 0.48
C LEU B 583 58.23 -9.14 0.15
N GLU B 584 59.07 -8.97 1.16
CA GLU B 584 60.52 -8.91 0.94
C GLU B 584 61.30 -9.70 1.98
N SER B 585 62.33 -10.40 1.50
CA SER B 585 63.24 -11.12 2.38
C SER B 585 64.47 -11.44 1.59
N LYS B 586 65.63 -11.29 2.20
CA LYS B 586 66.86 -11.65 1.53
C LYS B 586 67.17 -13.13 1.75
N SER B 587 66.53 -13.74 2.75
CA SER B 587 66.81 -15.15 3.07
C SER B 587 65.76 -16.12 2.59
N LEU B 588 64.51 -15.68 2.56
CA LEU B 588 63.43 -16.62 2.40
C LEU B 588 63.65 -17.50 1.20
N VAL B 589 63.61 -18.81 1.47
CA VAL B 589 63.79 -19.84 0.48
C VAL B 589 62.45 -20.34 -0.07
N GLU B 590 61.42 -20.38 0.76
CA GLU B 590 60.12 -20.96 0.33
C GLU B 590 58.92 -20.17 0.86
N LEU B 591 57.99 -19.86 -0.05
CA LEU B 591 56.74 -19.23 0.34
C LEU B 591 55.54 -20.05 -0.16
N VAL B 592 54.65 -20.43 0.78
CA VAL B 592 53.38 -21.07 0.44
C VAL B 592 52.27 -20.04 0.50
N PHE B 593 51.62 -19.77 -0.61
CA PHE B 593 50.61 -18.70 -0.66
C PHE B 593 49.29 -19.24 -1.14
N SER B 594 49.12 -20.55 -1.12
CA SER B 594 47.88 -21.14 -1.60
C SER B 594 46.75 -20.64 -0.76
N GLY B 595 45.55 -20.60 -1.31
CA GLY B 595 44.33 -20.29 -0.54
C GLY B 595 44.22 -18.82 -0.19
N ASN B 596 44.76 -17.99 -1.07
CA ASN B 596 44.61 -16.55 -0.98
C ASN B 596 43.90 -16.06 -2.26
N ARG B 597 43.89 -14.75 -2.48
CA ARG B 597 43.13 -14.18 -3.57
C ARG B 597 43.97 -13.31 -4.51
N LEU B 598 45.02 -13.91 -5.06
CA LEU B 598 45.79 -13.28 -6.14
C LEU B 598 44.92 -12.88 -7.34
N ASP B 599 43.72 -13.45 -7.47
CA ASP B 599 42.85 -13.05 -8.54
C ASP B 599 42.45 -11.60 -8.30
N ILE B 600 42.28 -11.24 -7.04
CA ILE B 600 41.99 -9.87 -6.72
C ILE B 600 43.26 -9.04 -6.71
N LEU B 601 44.33 -9.52 -6.09
CA LEU B 601 45.56 -8.74 -5.92
C LEU B 601 46.18 -8.31 -7.28
N TRP B 602 46.06 -9.19 -8.26
CA TRP B 602 46.57 -8.92 -9.58
C TRP B 602 45.47 -8.64 -10.59
N ASN B 603 44.35 -8.07 -10.18
CA ASN B 603 43.34 -7.84 -11.16
C ASN B 603 43.74 -6.66 -12.04
N ASP B 604 43.09 -6.53 -13.19
CA ASP B 604 43.58 -5.64 -14.24
C ASP B 604 43.52 -4.15 -13.87
N ASP B 605 42.59 -3.76 -13.00
CA ASP B 605 42.44 -2.36 -12.68
C ASP B 605 43.31 -1.89 -11.52
N ASP B 606 44.21 -2.74 -11.01
CA ASP B 606 45.04 -2.40 -9.83
C ASP B 606 46.50 -2.80 -10.09
N ASN B 607 47.42 -1.85 -9.97
CA ASN B 607 48.84 -2.09 -10.24
C ASN B 607 49.62 -2.38 -8.99
N ARG B 608 49.01 -2.15 -7.84
CA ARG B 608 49.76 -2.09 -6.61
C ARG B 608 50.49 -3.37 -6.25
N TYR B 609 50.01 -4.53 -6.64
CA TYR B 609 50.67 -5.77 -6.19
C TYR B 609 51.47 -6.43 -7.29
N ILE B 610 51.78 -5.66 -8.33
CA ILE B 610 52.36 -6.24 -9.53
C ILE B 610 53.74 -6.86 -9.24
N SER B 611 54.41 -6.38 -8.20
CA SER B 611 55.70 -6.90 -7.72
C SER B 611 55.61 -7.57 -6.33
N ILE B 612 54.47 -8.16 -5.99
CA ILE B 612 54.28 -8.64 -4.63
C ILE B 612 55.35 -9.62 -4.12
N PHE B 613 55.99 -10.39 -4.98
CA PHE B 613 57.00 -11.38 -4.53
C PHE B 613 58.44 -11.09 -4.95
N LYS B 614 58.67 -10.06 -5.77
CA LYS B 614 59.98 -9.87 -6.41
C LYS B 614 61.09 -9.65 -5.40
N GLY B 615 60.74 -8.98 -4.30
CA GLY B 615 61.67 -8.75 -3.21
C GLY B 615 62.02 -9.96 -2.35
N LEU B 616 61.46 -11.12 -2.71
CA LEU B 616 61.93 -12.38 -2.16
C LEU B 616 63.09 -12.84 -3.02
N LYS B 617 64.26 -12.27 -2.72
CA LYS B 617 65.43 -12.34 -3.60
C LYS B 617 66.04 -13.71 -3.65
N ASN B 618 65.84 -14.52 -2.59
CA ASN B 618 66.48 -15.83 -2.45
C ASN B 618 65.53 -17.00 -2.76
N LEU B 619 64.34 -16.71 -3.26
CA LEU B 619 63.29 -17.68 -3.22
C LEU B 619 63.48 -18.70 -4.32
N THR B 620 63.38 -19.99 -3.95
CA THR B 620 63.43 -21.07 -4.91
C THR B 620 62.14 -21.80 -5.04
N ARG B 621 61.28 -21.73 -4.03
CA ARG B 621 60.04 -22.49 -4.07
C ARG B 621 58.81 -21.61 -3.78
N LEU B 622 57.86 -21.60 -4.72
CA LEU B 622 56.67 -20.77 -4.61
C LEU B 622 55.43 -21.55 -5.01
N ASP B 623 54.36 -21.31 -4.26
CA ASP B 623 53.12 -22.06 -4.37
C ASP B 623 51.94 -21.11 -4.39
N LEU B 624 51.34 -20.95 -5.56
CA LEU B 624 50.21 -20.06 -5.80
C LEU B 624 48.94 -20.83 -6.14
N SER B 625 48.87 -22.08 -5.66
CA SER B 625 47.72 -22.92 -5.91
C SER B 625 46.55 -22.25 -5.24
N LEU B 626 45.35 -22.57 -5.68
CA LEU B 626 44.15 -22.15 -5.02
C LEU B 626 44.07 -20.65 -4.76
N ASN B 627 44.31 -19.86 -5.80
CA ASN B 627 44.08 -18.40 -5.79
C ASN B 627 43.06 -17.90 -6.84
N ARG B 628 42.27 -18.83 -7.38
CA ARG B 628 41.19 -18.51 -8.33
C ARG B 628 41.62 -17.68 -9.54
N LEU B 629 42.89 -17.83 -9.92
CA LEU B 629 43.40 -17.12 -11.05
C LEU B 629 42.76 -17.63 -12.33
N LYS B 630 42.02 -16.74 -12.98
CA LYS B 630 41.61 -16.92 -14.37
C LYS B 630 42.74 -16.56 -15.33
N HIS B 631 43.52 -15.53 -15.01
CA HIS B 631 44.67 -15.12 -15.82
C HIS B 631 45.68 -14.44 -14.94
N ILE B 632 46.94 -14.49 -15.37
CA ILE B 632 48.03 -13.84 -14.67
C ILE B 632 48.61 -12.74 -15.52
N PRO B 633 48.70 -11.51 -14.96
CA PRO B 633 49.09 -10.42 -15.85
C PRO B 633 50.52 -10.60 -16.19
N ASN B 634 50.89 -10.40 -17.45
CA ASN B 634 52.27 -10.58 -17.89
C ASN B 634 53.31 -9.93 -16.98
N GLU B 635 53.11 -8.67 -16.63
CA GLU B 635 54.13 -7.97 -15.86
C GLU B 635 54.28 -8.64 -14.48
N ALA B 636 53.16 -9.19 -13.99
CA ALA B 636 53.12 -9.83 -12.70
C ALA B 636 53.94 -11.08 -12.73
N PHE B 637 53.79 -11.86 -13.78
CA PHE B 637 54.53 -13.10 -13.90
C PHE B 637 56.01 -12.83 -14.02
N LEU B 638 56.37 -11.85 -14.84
CA LEU B 638 57.78 -11.41 -14.98
C LEU B 638 58.42 -10.88 -13.67
N ASN B 639 57.60 -10.39 -12.77
CA ASN B 639 58.08 -9.93 -11.48
C ASN B 639 58.24 -11.00 -10.39
N LEU B 640 57.95 -12.26 -10.71
CA LEU B 640 58.25 -13.34 -9.81
C LEU B 640 59.76 -13.54 -9.78
N PRO B 641 60.33 -13.98 -8.65
CA PRO B 641 61.81 -13.95 -8.53
C PRO B 641 62.54 -14.82 -9.54
N ALA B 642 63.74 -14.42 -9.93
CA ALA B 642 64.50 -15.11 -10.97
C ALA B 642 65.20 -16.34 -10.44
N SER B 643 65.40 -16.34 -9.13
CA SER B 643 66.05 -17.43 -8.45
C SER B 643 65.14 -18.65 -8.27
N LEU B 644 63.95 -18.65 -8.87
CA LEU B 644 63.01 -19.79 -8.67
C LEU B 644 63.42 -21.04 -9.37
N THR B 645 63.41 -22.17 -8.66
CA THR B 645 63.57 -23.49 -9.26
C THR B 645 62.25 -24.26 -9.32
N GLU B 646 61.28 -23.87 -8.50
CA GLU B 646 60.05 -24.67 -8.35
C GLU B 646 58.81 -23.79 -8.15
N LEU B 647 57.85 -23.95 -9.07
CA LEU B 647 56.68 -23.09 -9.15
C LEU B 647 55.44 -23.90 -9.45
N HIS B 648 54.44 -23.75 -8.58
CA HIS B 648 53.16 -24.40 -8.68
C HIS B 648 52.09 -23.34 -8.82
N ILE B 649 51.24 -23.47 -9.83
CA ILE B 649 50.09 -22.60 -9.96
C ILE B 649 48.92 -23.48 -10.21
N ASN B 650 48.94 -24.65 -9.56
CA ASN B 650 47.92 -25.67 -9.76
C ASN B 650 46.61 -25.33 -9.11
N ASP B 651 45.53 -25.95 -9.57
CA ASP B 651 44.20 -25.81 -8.98
C ASP B 651 43.84 -24.36 -8.89
N ASN B 652 43.89 -23.74 -10.04
CA ASN B 652 43.44 -22.40 -10.25
C ASN B 652 42.47 -22.54 -11.39
N MET B 653 42.29 -21.53 -12.23
CA MET B 653 41.33 -21.61 -13.34
C MET B 653 41.94 -20.99 -14.61
N LEU B 654 43.24 -21.18 -14.77
CA LEU B 654 43.95 -20.54 -15.88
C LEU B 654 43.45 -21.07 -17.22
N LYS B 655 42.93 -20.17 -18.05
CA LYS B 655 42.55 -20.52 -19.42
C LYS B 655 43.73 -20.40 -20.39
N PHE B 656 44.76 -19.63 -20.05
CA PHE B 656 45.93 -19.46 -20.91
C PHE B 656 47.20 -19.22 -20.10
N PHE B 657 48.35 -19.48 -20.69
CA PHE B 657 49.64 -19.33 -20.03
C PHE B 657 50.71 -18.82 -21.01
N ASN B 658 51.34 -17.68 -20.68
CA ASN B 658 52.35 -17.08 -21.58
C ASN B 658 53.69 -17.78 -21.41
N TRP B 659 53.90 -18.83 -22.22
CA TRP B 659 55.07 -19.69 -22.09
C TRP B 659 56.34 -18.94 -22.43
N THR B 660 56.22 -17.84 -23.16
CA THR B 660 57.36 -17.01 -23.52
C THR B 660 58.04 -16.43 -22.30
N LEU B 661 57.28 -16.28 -21.22
CA LEU B 661 57.83 -15.65 -20.04
C LEU B 661 58.84 -16.56 -19.33
N LEU B 662 58.86 -17.84 -19.66
CA LEU B 662 59.83 -18.73 -19.03
C LEU B 662 61.27 -18.37 -19.37
N GLN B 663 61.46 -17.58 -20.43
CA GLN B 663 62.79 -17.12 -20.83
C GLN B 663 63.50 -16.37 -19.73
N GLN B 664 62.74 -15.84 -18.76
CA GLN B 664 63.33 -15.05 -17.66
C GLN B 664 63.54 -15.85 -16.35
N PHE B 665 63.30 -17.16 -16.38
CA PHE B 665 63.50 -18.02 -15.18
C PHE B 665 64.49 -19.12 -15.54
N PRO B 666 65.79 -18.76 -15.54
CA PRO B 666 66.88 -19.63 -15.98
C PRO B 666 67.15 -20.81 -15.07
N ARG B 667 66.64 -20.79 -13.83
CA ARG B 667 66.82 -21.96 -12.94
C ARG B 667 65.57 -22.80 -12.72
N LEU B 668 64.46 -22.45 -13.33
CA LEU B 668 63.21 -23.15 -13.07
C LEU B 668 63.35 -24.61 -13.51
N GLU B 669 63.07 -25.53 -12.60
CA GLU B 669 63.15 -26.98 -12.87
C GLU B 669 61.82 -27.64 -12.93
N LEU B 670 60.93 -27.25 -12.03
CA LEU B 670 59.61 -27.83 -11.96
C LEU B 670 58.55 -26.77 -12.17
N LEU B 671 57.69 -26.98 -13.16
CA LEU B 671 56.54 -26.10 -13.37
C LEU B 671 55.30 -26.97 -13.34
N ASP B 672 54.29 -26.54 -12.58
CA ASP B 672 53.19 -27.40 -12.16
C ASP B 672 51.95 -26.63 -12.42
N LEU B 673 51.28 -26.93 -13.51
CA LEU B 673 50.07 -26.23 -13.88
C LEU B 673 48.76 -27.07 -13.76
N ARG B 674 48.81 -28.11 -12.95
CA ARG B 674 47.67 -29.06 -12.79
C ARG B 674 46.37 -28.41 -12.35
N GLY B 675 45.25 -29.01 -12.77
CA GLY B 675 43.94 -28.56 -12.40
C GLY B 675 43.69 -27.14 -12.82
N ASN B 676 43.92 -26.81 -14.08
CA ASN B 676 43.48 -25.51 -14.62
C ASN B 676 42.57 -25.78 -15.77
N LYS B 677 42.33 -24.80 -16.62
CA LYS B 677 41.47 -25.00 -17.77
C LYS B 677 42.22 -24.75 -19.09
N LEU B 678 43.48 -25.20 -19.18
CA LEU B 678 44.33 -24.77 -20.32
C LEU B 678 43.96 -25.55 -21.56
N LEU B 679 43.94 -24.83 -22.67
CA LEU B 679 43.30 -25.29 -23.90
C LEU B 679 44.29 -25.59 -25.00
N PHE B 680 45.54 -25.22 -24.84
CA PHE B 680 46.48 -25.23 -25.97
C PHE B 680 47.86 -25.29 -25.33
N LEU B 681 48.87 -25.77 -26.06
CA LEU B 681 50.26 -25.73 -25.61
C LEU B 681 51.10 -24.99 -26.63
N THR B 682 52.18 -24.38 -26.16
CA THR B 682 53.09 -23.73 -27.07
C THR B 682 53.82 -24.75 -27.95
N ASP B 683 53.99 -24.41 -29.22
CA ASP B 683 54.79 -25.23 -30.11
C ASP B 683 56.26 -24.89 -29.97
N SER B 684 56.58 -23.91 -29.13
CA SER B 684 57.88 -23.33 -29.16
C SER B 684 58.51 -23.40 -27.76
N LEU B 685 58.54 -24.60 -27.18
CA LEU B 685 58.90 -24.74 -25.75
C LEU B 685 60.39 -24.67 -25.54
N SER B 686 61.14 -25.24 -26.48
CA SER B 686 62.61 -25.23 -26.41
C SER B 686 63.21 -23.83 -26.48
N ASP B 687 62.48 -22.88 -27.06
CA ASP B 687 63.00 -21.52 -27.16
C ASP B 687 62.82 -20.72 -25.88
N PHE B 688 61.92 -21.17 -25.01
CA PHE B 688 61.62 -20.42 -23.81
C PHE B 688 62.36 -20.96 -22.56
N THR B 689 62.88 -22.19 -22.59
CA THR B 689 63.63 -22.71 -21.45
C THR B 689 64.58 -23.83 -21.82
N SER B 690 65.68 -23.87 -21.08
CA SER B 690 66.66 -24.96 -21.13
C SER B 690 66.95 -25.49 -19.70
N SER B 691 65.97 -25.36 -18.79
CA SER B 691 66.14 -25.71 -17.37
C SER B 691 65.14 -26.72 -16.80
N LEU B 692 63.95 -26.71 -17.37
CA LEU B 692 62.76 -27.36 -16.85
C LEU B 692 62.83 -28.87 -17.02
N ARG B 693 62.82 -29.60 -15.91
CA ARG B 693 62.91 -31.07 -15.93
C ARG B 693 61.53 -31.66 -15.78
N THR B 694 60.68 -31.01 -14.99
CA THR B 694 59.34 -31.52 -14.72
C THR B 694 58.27 -30.49 -15.06
N LEU B 695 57.31 -30.95 -15.83
CA LEU B 695 56.19 -30.14 -16.22
C LEU B 695 54.96 -31.00 -15.95
N LEU B 696 54.01 -30.45 -15.17
CA LEU B 696 52.82 -31.15 -14.73
C LEU B 696 51.57 -30.45 -15.26
N LEU B 697 50.79 -31.19 -16.05
CA LEU B 697 49.68 -30.59 -16.79
C LEU B 697 48.38 -31.39 -16.75
N SER B 698 48.24 -32.30 -15.79
CA SER B 698 47.02 -33.08 -15.70
C SER B 698 45.86 -32.25 -15.22
N HIS B 699 44.69 -32.75 -15.55
CA HIS B 699 43.44 -32.08 -15.35
C HIS B 699 43.52 -30.70 -15.98
N ASN B 700 43.61 -30.72 -17.30
CA ASN B 700 43.42 -29.52 -18.10
C ASN B 700 42.58 -29.88 -19.30
N ARG B 701 42.65 -29.10 -20.39
CA ARG B 701 41.75 -29.32 -21.53
C ARG B 701 42.52 -29.37 -22.83
N ILE B 702 43.77 -29.81 -22.76
CA ILE B 702 44.62 -29.82 -23.95
C ILE B 702 44.26 -31.00 -24.83
N SER B 703 44.03 -30.73 -26.13
CA SER B 703 43.59 -31.76 -27.11
C SER B 703 44.59 -32.06 -28.24
N HIS B 704 45.56 -31.20 -28.44
CA HIS B 704 46.62 -31.44 -29.39
C HIS B 704 47.97 -31.27 -28.72
N LEU B 705 48.85 -32.22 -28.93
CA LEU B 705 50.24 -32.12 -28.47
C LEU B 705 51.02 -31.58 -29.69
N PRO B 706 51.83 -30.49 -29.53
CA PRO B 706 52.45 -29.89 -30.72
C PRO B 706 53.55 -30.71 -31.35
N SER B 707 53.77 -30.53 -32.64
CA SER B 707 54.88 -31.19 -33.33
C SER B 707 56.18 -30.68 -32.71
N GLY B 708 57.15 -31.59 -32.58
CA GLY B 708 58.43 -31.28 -31.99
C GLY B 708 58.35 -30.99 -30.51
N PHE B 709 57.42 -31.65 -29.83
CA PHE B 709 57.28 -31.50 -28.38
C PHE B 709 57.96 -32.63 -27.60
N LEU B 710 58.11 -33.77 -28.26
CA LEU B 710 58.87 -34.86 -27.71
C LEU B 710 60.30 -34.91 -28.28
N SER B 711 60.42 -34.82 -29.60
CA SER B 711 61.71 -34.89 -30.26
C SER B 711 62.62 -33.75 -29.87
N GLU B 712 62.06 -32.57 -29.66
CA GLU B 712 62.77 -31.55 -28.96
C GLU B 712 62.05 -31.30 -27.69
N VAL B 713 62.72 -31.54 -26.57
CA VAL B 713 62.25 -31.14 -25.27
C VAL B 713 63.47 -31.25 -24.35
N SER B 714 64.40 -30.33 -24.47
CA SER B 714 65.79 -30.58 -24.19
C SER B 714 66.21 -30.98 -22.78
N SER B 715 65.62 -30.38 -21.77
CA SER B 715 65.97 -30.70 -20.40
C SER B 715 64.96 -31.58 -19.74
N LEU B 716 63.85 -31.79 -20.41
CA LEU B 716 62.59 -32.29 -19.82
C LEU B 716 62.54 -33.81 -19.54
N LYS B 717 62.67 -34.18 -18.26
CA LYS B 717 62.54 -35.58 -17.79
C LYS B 717 61.10 -36.14 -17.69
N HIS B 718 60.23 -35.34 -17.09
CA HIS B 718 58.94 -35.80 -16.62
C HIS B 718 57.88 -34.88 -17.18
N LEU B 719 56.90 -35.47 -17.87
CA LEU B 719 55.78 -34.74 -18.47
C LEU B 719 54.47 -35.41 -18.08
N ASP B 720 53.67 -34.74 -17.26
CA ASP B 720 52.41 -35.29 -16.80
C ASP B 720 51.29 -34.66 -17.59
N LEU B 721 50.77 -35.41 -18.57
CA LEU B 721 49.70 -34.94 -19.46
C LEU B 721 48.44 -35.75 -19.25
N SER B 722 48.23 -36.25 -18.02
CA SER B 722 47.12 -37.15 -17.77
C SER B 722 45.86 -36.38 -17.54
N SER B 723 44.71 -37.03 -17.71
CA SER B 723 43.41 -36.40 -17.59
C SER B 723 43.36 -35.10 -18.37
N ASN B 724 43.71 -35.18 -19.65
CA ASN B 724 43.45 -34.10 -20.57
C ASN B 724 42.44 -34.58 -21.63
N LEU B 725 42.43 -33.94 -22.80
CA LEU B 725 41.48 -34.32 -23.87
C LEU B 725 42.24 -34.82 -25.11
N LEU B 726 43.41 -35.41 -24.92
CA LEU B 726 44.11 -35.93 -26.08
C LEU B 726 43.28 -37.06 -26.69
N LYS B 727 43.05 -36.98 -28.00
CA LYS B 727 42.40 -38.08 -28.72
C LYS B 727 43.40 -38.93 -29.48
N THR B 728 44.53 -38.36 -29.86
CA THR B 728 45.60 -39.14 -30.46
C THR B 728 46.86 -38.35 -30.30
N ILE B 729 47.98 -38.91 -30.74
CA ILE B 729 49.26 -38.22 -30.68
C ILE B 729 49.98 -38.34 -32.02
N ASN B 730 50.11 -37.21 -32.71
CA ASN B 730 50.67 -37.14 -34.06
C ASN B 730 52.14 -37.57 -34.07
N LYS B 731 52.58 -38.26 -35.12
CA LYS B 731 53.99 -38.66 -35.24
C LYS B 731 54.92 -37.46 -35.38
N SER B 732 54.34 -36.32 -35.74
CA SER B 732 55.03 -35.03 -35.71
C SER B 732 55.55 -34.70 -34.30
N ALA B 733 54.69 -34.88 -33.30
CA ALA B 733 55.06 -34.66 -31.88
C ALA B 733 56.16 -35.61 -31.39
N LEU B 734 56.32 -36.71 -32.11
CA LEU B 734 57.37 -37.70 -31.87
C LEU B 734 58.50 -37.46 -32.88
N THR B 740 65.27 -36.86 -26.75
CA THR B 740 64.45 -36.73 -25.56
C THR B 740 65.20 -37.21 -24.31
N LYS B 741 65.43 -36.30 -23.37
CA LYS B 741 65.85 -36.70 -22.04
C LYS B 741 64.68 -37.31 -21.23
N LEU B 742 63.54 -37.44 -21.89
CA LEU B 742 62.31 -38.00 -21.32
C LEU B 742 62.50 -39.36 -20.67
N SER B 743 62.12 -39.49 -19.40
CA SER B 743 62.10 -40.81 -18.72
C SER B 743 60.73 -41.17 -18.16
N MET B 744 59.94 -40.18 -17.78
CA MET B 744 58.53 -40.43 -17.49
C MET B 744 57.60 -39.65 -18.42
N LEU B 745 56.51 -40.30 -18.79
CA LEU B 745 55.48 -39.67 -19.57
C LEU B 745 54.15 -40.22 -19.13
N GLU B 746 53.30 -39.36 -18.55
CA GLU B 746 51.99 -39.77 -18.07
C GLU B 746 50.84 -39.40 -19.02
N LEU B 747 49.98 -40.37 -19.31
CA LEU B 747 48.92 -40.23 -20.32
C LEU B 747 47.57 -40.81 -19.94
N HIS B 748 47.45 -41.40 -18.75
CA HIS B 748 46.19 -41.99 -18.34
C HIS B 748 45.06 -40.98 -18.32
N GLY B 749 43.84 -41.41 -18.57
CA GLY B 749 42.68 -40.53 -18.42
C GLY B 749 42.26 -39.82 -19.69
N ASN B 750 43.17 -39.72 -20.66
CA ASN B 750 42.83 -39.10 -21.95
C ASN B 750 41.92 -39.97 -22.78
N PRO B 751 40.98 -39.36 -23.50
CA PRO B 751 40.05 -40.06 -24.35
C PRO B 751 40.60 -40.37 -25.77
N PHE B 752 41.52 -41.35 -25.85
CA PHE B 752 42.16 -41.73 -27.12
C PHE B 752 41.20 -42.41 -28.12
N GLU B 753 41.29 -42.02 -29.39
CA GLU B 753 40.70 -42.76 -30.53
C GLU B 753 41.61 -43.97 -30.87
N CYS B 754 41.14 -45.17 -30.55
CA CYS B 754 41.89 -46.39 -30.83
C CYS B 754 41.54 -46.95 -32.19
N THR B 755 42.09 -46.29 -33.20
CA THR B 755 41.96 -46.64 -34.59
C THR B 755 43.37 -46.55 -35.10
N CYS B 756 43.63 -47.02 -36.29
CA CYS B 756 45.00 -47.10 -36.78
C CYS B 756 45.58 -45.70 -36.71
N ASP B 757 46.86 -45.60 -36.39
CA ASP B 757 47.48 -44.29 -36.19
C ASP B 757 46.65 -43.53 -35.20
N ILE B 758 46.44 -44.17 -34.07
CA ILE B 758 47.33 -44.33 -32.97
C ILE B 758 48.60 -45.11 -33.24
N GLY B 759 48.62 -45.90 -34.29
CA GLY B 759 49.63 -46.90 -34.45
C GLY B 759 51.01 -46.33 -34.42
N ASP B 760 51.21 -45.17 -35.00
CA ASP B 760 52.52 -44.60 -35.05
C ASP B 760 53.02 -44.39 -33.66
N PHE B 761 52.15 -43.89 -32.80
CA PHE B 761 52.47 -43.72 -31.39
C PHE B 761 52.69 -45.04 -30.65
N ARG B 762 51.79 -45.99 -30.85
CA ARG B 762 52.02 -47.35 -30.34
C ARG B 762 53.42 -47.85 -30.72
N ARG B 763 53.80 -47.63 -31.98
CA ARG B 763 55.17 -47.89 -32.41
C ARG B 763 56.13 -47.16 -31.48
N TRP B 764 55.96 -45.84 -31.39
CA TRP B 764 56.85 -44.96 -30.62
C TRP B 764 57.17 -45.53 -29.27
N MET B 765 56.12 -45.95 -28.58
CA MET B 765 56.29 -46.51 -27.26
C MET B 765 57.23 -47.69 -27.35
N ASP B 766 56.86 -48.63 -28.21
CA ASP B 766 57.62 -49.88 -28.38
C ASP B 766 59.10 -49.60 -28.69
N GLU B 767 59.40 -48.50 -29.36
CA GLU B 767 60.79 -48.15 -29.70
C GLU B 767 61.61 -47.43 -28.60
N HIS B 768 60.98 -46.63 -27.73
CA HIS B 768 61.67 -46.02 -26.57
C HIS B 768 61.05 -46.56 -25.30
N LEU B 769 61.71 -47.49 -24.63
CA LEU B 769 61.18 -48.08 -23.39
C LEU B 769 61.81 -47.44 -22.17
N ASN B 770 62.92 -46.73 -22.40
CA ASN B 770 63.49 -45.78 -21.44
C ASN B 770 62.51 -44.70 -20.99
N VAL B 771 61.49 -44.41 -21.80
CA VAL B 771 60.36 -43.59 -21.36
C VAL B 771 59.39 -44.49 -20.63
N LYS B 772 59.34 -44.33 -19.31
CA LYS B 772 58.37 -45.02 -18.50
C LYS B 772 57.00 -44.38 -18.78
N ILE B 773 55.94 -45.16 -18.83
CA ILE B 773 54.60 -44.65 -19.03
C ILE B 773 53.73 -45.31 -18.03
N PRO B 774 53.56 -44.70 -16.88
CA PRO B 774 52.78 -45.28 -15.79
C PRO B 774 51.34 -45.63 -16.15
N ARG B 775 50.83 -46.72 -15.58
CA ARG B 775 49.40 -47.00 -15.53
C ARG B 775 48.84 -47.36 -16.87
N LEU B 776 49.56 -48.18 -17.62
CA LEU B 776 49.12 -48.55 -18.96
C LEU B 776 47.65 -48.98 -18.98
N VAL B 777 47.20 -49.63 -17.92
CA VAL B 777 45.81 -50.07 -17.81
C VAL B 777 44.81 -48.92 -17.84
N ASP B 778 45.25 -47.73 -17.44
CA ASP B 778 44.37 -46.57 -17.41
C ASP B 778 44.50 -45.67 -18.61
N VAL B 779 45.50 -45.92 -19.43
CA VAL B 779 45.60 -45.26 -20.74
C VAL B 779 44.60 -45.97 -21.64
N ILE B 780 43.41 -45.39 -21.73
CA ILE B 780 42.24 -46.10 -22.22
C ILE B 780 41.56 -45.43 -23.40
N CYS B 781 41.09 -46.28 -24.32
CA CYS B 781 40.42 -45.86 -25.55
C CYS B 781 39.03 -45.27 -25.31
N ALA B 782 38.78 -44.12 -25.93
CA ALA B 782 37.47 -43.49 -25.88
C ALA B 782 36.61 -43.97 -27.02
N SER B 783 37.24 -44.21 -28.17
CA SER B 783 36.56 -44.68 -29.36
C SER B 783 37.44 -45.74 -30.03
N PRO B 784 36.86 -46.60 -30.86
CA PRO B 784 35.41 -46.69 -31.10
C PRO B 784 34.72 -47.62 -30.08
N GLY B 785 33.45 -47.94 -30.33
CA GLY B 785 32.66 -48.77 -29.42
C GLY B 785 33.27 -50.09 -28.98
N ASP B 786 33.96 -50.79 -29.89
CA ASP B 786 34.56 -52.11 -29.60
C ASP B 786 35.78 -52.02 -28.65
N GLN B 787 36.43 -50.86 -28.64
CA GLN B 787 37.63 -50.63 -27.81
C GLN B 787 37.34 -49.93 -26.48
N ARG B 788 36.13 -49.39 -26.31
CA ARG B 788 35.76 -48.47 -25.20
C ARG B 788 36.50 -48.70 -23.86
N GLY B 789 36.57 -49.93 -23.38
CA GLY B 789 37.18 -50.19 -22.08
C GLY B 789 38.69 -50.41 -22.10
N LYS B 790 39.25 -50.62 -23.29
CA LYS B 790 40.58 -51.23 -23.43
C LYS B 790 41.72 -50.25 -23.32
N SER B 791 42.83 -50.74 -22.77
CA SER B 791 44.06 -50.00 -22.82
C SER B 791 44.42 -49.85 -24.27
N ILE B 792 45.05 -48.74 -24.62
CA ILE B 792 45.51 -48.54 -25.98
C ILE B 792 46.53 -49.61 -26.38
N VAL B 793 47.20 -50.18 -25.37
CA VAL B 793 48.27 -51.13 -25.60
C VAL B 793 47.72 -52.48 -26.11
N SER B 794 46.44 -52.78 -25.87
CA SER B 794 45.86 -54.06 -26.29
C SER B 794 45.19 -53.98 -27.67
N LEU B 795 45.99 -54.00 -28.73
CA LEU B 795 45.48 -53.93 -30.13
C LEU B 795 46.39 -54.51 -31.22
N SER C 9 -37.20 -17.61 4.79
CA SER C 9 -38.07 -16.54 5.37
C SER C 9 -37.35 -15.18 5.28
N ARG C 10 -38.14 -14.12 5.08
CA ARG C 10 -37.61 -12.75 5.03
C ARG C 10 -37.40 -12.27 6.46
N SER C 11 -36.34 -11.49 6.68
CA SER C 11 -36.06 -10.98 8.03
C SER C 11 -37.12 -9.94 8.44
N TYR C 12 -37.46 -9.92 9.73
CA TYR C 12 -38.39 -8.93 10.25
C TYR C 12 -38.07 -8.70 11.72
N PRO C 13 -38.01 -7.46 12.19
CA PRO C 13 -38.28 -6.25 11.42
C PRO C 13 -37.04 -5.62 10.75
N CYS C 14 -35.86 -6.19 11.03
CA CYS C 14 -34.61 -5.69 10.48
C CYS C 14 -34.54 -5.97 8.98
N ASP C 15 -33.44 -5.55 8.36
CA ASP C 15 -33.09 -5.94 7.00
C ASP C 15 -31.71 -6.59 7.08
N GLU C 16 -31.67 -7.90 6.97
CA GLU C 16 -30.52 -8.70 7.37
C GLU C 16 -29.74 -9.20 6.17
N LYS C 17 -28.40 -9.09 6.24
CA LYS C 17 -27.48 -9.56 5.19
C LYS C 17 -26.01 -9.36 5.60
N VAL C 23 -22.61 -10.46 9.01
CA VAL C 23 -24.08 -10.43 8.97
C VAL C 23 -24.64 -9.25 9.79
N ILE C 24 -25.31 -8.31 9.10
CA ILE C 24 -25.70 -7.01 9.64
C ILE C 24 -27.21 -6.81 9.71
N ALA C 25 -27.71 -6.36 10.85
CA ALA C 25 -29.14 -6.10 11.01
C ALA C 25 -29.44 -4.59 11.07
N GLU C 26 -29.98 -4.05 9.98
CA GLU C 26 -30.42 -2.67 9.96
C GLU C 26 -31.86 -2.58 10.50
N CYS C 27 -31.99 -2.27 11.79
CA CYS C 27 -33.31 -2.07 12.39
C CYS C 27 -33.47 -0.58 12.77
N SER C 28 -32.96 0.26 11.88
CA SER C 28 -32.91 1.69 12.10
C SER C 28 -34.25 2.38 11.81
N ASN C 29 -34.72 3.16 12.77
CA ASN C 29 -35.79 4.10 12.49
C ASN C 29 -37.03 3.39 11.97
N ARG C 30 -37.49 2.42 12.76
CA ARG C 30 -38.61 1.57 12.40
C ARG C 30 -39.66 1.57 13.49
N ARG C 31 -39.64 2.59 14.34
CA ARG C 31 -40.70 2.82 15.33
C ARG C 31 -40.83 1.73 16.41
N LEU C 32 -39.72 1.09 16.78
CA LEU C 32 -39.72 -0.07 17.67
C LEU C 32 -39.63 0.34 19.13
N GLN C 33 -40.61 -0.05 19.95
CA GLN C 33 -40.63 0.33 21.38
C GLN C 33 -39.93 -0.67 22.31
N GLU C 34 -39.57 -1.83 21.76
CA GLU C 34 -38.66 -2.76 22.42
C GLU C 34 -37.73 -3.39 21.38
N VAL C 35 -36.66 -4.02 21.84
CA VAL C 35 -35.77 -4.73 20.96
C VAL C 35 -36.56 -5.91 20.38
N PRO C 36 -36.50 -6.10 19.05
CA PRO C 36 -37.08 -7.32 18.49
C PRO C 36 -36.30 -8.54 18.94
N GLN C 37 -36.93 -9.43 19.70
CA GLN C 37 -36.32 -10.73 19.98
C GLN C 37 -36.74 -11.67 18.81
N THR C 38 -36.84 -11.08 17.63
CA THR C 38 -37.25 -11.75 16.41
C THR C 38 -36.15 -11.55 15.35
N VAL C 39 -34.96 -11.22 15.79
CA VAL C 39 -33.83 -10.98 14.90
C VAL C 39 -33.18 -12.37 14.71
N GLY C 40 -32.57 -12.60 13.54
CA GLY C 40 -31.83 -13.86 13.27
C GLY C 40 -30.55 -14.02 14.10
N LYS C 41 -30.30 -15.24 14.58
CA LYS C 41 -29.17 -15.50 15.49
C LYS C 41 -27.84 -15.25 14.80
N TYR C 42 -27.81 -15.46 13.48
CA TYR C 42 -26.59 -15.24 12.67
C TYR C 42 -26.09 -13.79 12.71
N VAL C 43 -26.94 -12.87 13.16
CA VAL C 43 -26.63 -11.43 13.22
C VAL C 43 -25.39 -11.11 14.06
N THR C 44 -24.44 -10.40 13.44
CA THR C 44 -23.18 -9.97 14.09
C THR C 44 -23.17 -8.45 14.39
N GLU C 45 -23.91 -7.67 13.61
CA GLU C 45 -24.08 -6.21 13.86
C GLU C 45 -25.56 -5.82 13.89
N LEU C 46 -25.95 -5.06 14.91
CA LEU C 46 -27.34 -4.71 15.09
C LEU C 46 -27.49 -3.20 15.30
N ASP C 47 -28.14 -2.53 14.36
CA ASP C 47 -28.43 -1.10 14.44
C ASP C 47 -29.90 -0.88 14.82
N LEU C 48 -30.14 -0.44 16.05
CA LEU C 48 -31.48 -0.16 16.54
C LEU C 48 -31.66 1.33 16.75
N SER C 49 -30.76 2.14 16.18
CA SER C 49 -30.76 3.58 16.42
C SER C 49 -32.08 4.17 15.93
N ASP C 50 -32.54 5.21 16.62
CA ASP C 50 -33.68 6.01 16.16
C ASP C 50 -35.02 5.29 16.18
N ASN C 51 -35.21 4.45 17.18
CA ASN C 51 -36.48 3.78 17.42
C ASN C 51 -37.05 4.35 18.71
N PHE C 52 -38.06 3.73 19.28
CA PHE C 52 -38.68 4.24 20.49
C PHE C 52 -38.42 3.33 21.69
N ILE C 53 -37.29 2.65 21.68
CA ILE C 53 -36.93 1.74 22.76
C ILE C 53 -36.75 2.54 24.04
N THR C 54 -37.39 2.06 25.11
CA THR C 54 -37.35 2.69 26.42
C THR C 54 -36.47 1.92 27.39
N HIS C 55 -36.34 0.62 27.17
CA HIS C 55 -35.80 -0.32 28.16
C HIS C 55 -34.80 -1.31 27.52
N ILE C 56 -33.73 -1.61 28.26
CA ILE C 56 -32.80 -2.67 27.89
C ILE C 56 -32.46 -3.53 29.10
N THR C 57 -32.69 -4.83 28.93
CA THR C 57 -32.36 -5.84 29.94
C THR C 57 -31.59 -6.93 29.26
N ASN C 58 -30.92 -7.73 30.10
CA ASN C 58 -30.31 -9.02 29.72
C ASN C 58 -31.23 -9.95 28.92
N GLU C 59 -32.55 -9.76 29.01
CA GLU C 59 -33.46 -10.47 28.12
C GLU C 59 -33.58 -9.89 26.69
N SER C 60 -33.03 -8.70 26.46
CA SER C 60 -33.17 -8.01 25.19
C SER C 60 -32.36 -8.66 24.08
N PHE C 61 -31.25 -9.32 24.43
CA PHE C 61 -30.35 -9.93 23.45
C PHE C 61 -30.08 -11.41 23.76
N GLN C 62 -30.99 -12.04 24.50
CA GLN C 62 -30.83 -13.42 24.98
C GLN C 62 -30.46 -14.37 23.83
N GLY C 63 -31.33 -14.47 22.81
CA GLY C 63 -31.12 -15.39 21.71
C GLY C 63 -30.24 -14.77 20.65
N LEU C 64 -29.29 -13.93 21.09
CA LEU C 64 -28.35 -13.24 20.21
C LEU C 64 -27.04 -13.10 20.95
N GLN C 65 -26.46 -14.23 21.31
CA GLN C 65 -25.23 -14.26 22.10
C GLN C 65 -23.99 -13.82 21.30
N ASN C 66 -24.00 -14.02 19.97
CA ASN C 66 -22.82 -13.80 19.11
C ASN C 66 -22.75 -12.39 18.50
N LEU C 67 -22.93 -11.37 19.32
CA LEU C 67 -23.03 -9.97 18.84
C LEU C 67 -21.76 -9.16 19.06
N THR C 68 -21.34 -8.44 18.02
CA THR C 68 -20.08 -7.67 17.99
C THR C 68 -20.28 -6.13 17.93
N LYS C 69 -21.38 -5.69 17.35
CA LYS C 69 -21.73 -4.26 17.32
C LYS C 69 -23.20 -4.05 17.61
N ILE C 70 -23.46 -3.27 18.66
CA ILE C 70 -24.80 -2.74 18.92
C ILE C 70 -24.84 -1.18 18.79
N ASN C 71 -25.76 -0.70 17.96
CA ASN C 71 -26.11 0.73 17.93
C ASN C 71 -27.49 1.02 18.53
N LEU C 72 -27.49 1.71 19.67
CA LEU C 72 -28.73 2.13 20.34
C LEU C 72 -28.86 3.64 20.45
N ASN C 73 -28.23 4.36 19.51
CA ASN C 73 -28.18 5.82 19.55
C ASN C 73 -29.55 6.46 19.35
N HIS C 74 -29.80 7.56 20.06
CA HIS C 74 -31.09 8.24 20.05
C HIS C 74 -32.29 7.29 20.24
N ASN C 75 -32.46 6.82 21.48
CA ASN C 75 -33.61 6.01 21.90
C ASN C 75 -34.07 6.48 23.28
N PRO C 76 -35.31 6.98 23.42
CA PRO C 76 -36.28 7.09 22.33
C PRO C 76 -36.36 8.50 21.76
N ASN C 77 -37.02 8.65 20.62
CA ASN C 77 -37.21 9.98 20.05
C ASN C 77 -38.16 10.88 20.92
N GLY C 91 -35.95 9.03 28.80
CA GLY C 91 -34.63 8.40 29.02
C GLY C 91 -34.63 6.92 28.70
N LEU C 92 -33.44 6.32 28.62
CA LEU C 92 -33.32 4.89 28.26
C LEU C 92 -32.94 4.09 29.51
N ASN C 93 -33.78 3.11 29.85
CA ASN C 93 -33.57 2.28 31.02
C ASN C 93 -32.66 1.07 30.73
N ILE C 94 -31.40 1.20 31.12
CA ILE C 94 -30.43 0.13 30.95
C ILE C 94 -30.16 -0.49 32.31
N THR C 95 -30.58 -1.76 32.44
CA THR C 95 -30.44 -2.49 33.70
C THR C 95 -28.98 -2.91 33.95
N ASP C 96 -28.51 -2.78 35.18
CA ASP C 96 -27.14 -3.18 35.53
C ASP C 96 -26.83 -4.54 34.92
N GLY C 97 -25.91 -4.55 33.96
CA GLY C 97 -25.41 -5.81 33.40
C GLY C 97 -26.21 -6.36 32.24
N ALA C 98 -27.06 -5.54 31.65
CA ALA C 98 -27.94 -6.00 30.58
C ALA C 98 -27.18 -6.52 29.35
N PHE C 99 -25.86 -6.28 29.32
CA PHE C 99 -24.97 -6.65 28.21
C PHE C 99 -23.92 -7.71 28.56
N LEU C 100 -23.66 -7.90 29.85
CA LEU C 100 -22.67 -8.89 30.31
C LEU C 100 -22.72 -10.21 29.50
N ASN C 101 -23.91 -10.77 29.34
CA ASN C 101 -24.14 -12.01 28.57
C ASN C 101 -23.66 -12.00 27.10
N LEU C 102 -23.42 -10.83 26.52
CA LEU C 102 -22.86 -10.73 25.17
C LEU C 102 -21.33 -10.68 25.25
N LYS C 103 -20.71 -11.86 25.21
CA LYS C 103 -19.30 -11.99 25.56
C LYS C 103 -18.39 -11.65 24.37
N ASN C 104 -18.98 -11.48 23.18
CA ASN C 104 -18.26 -11.08 21.96
C ASN C 104 -18.44 -9.60 21.56
N LEU C 105 -19.09 -8.82 22.42
CA LEU C 105 -19.51 -7.48 22.06
C LEU C 105 -18.31 -6.55 22.06
N ARG C 106 -18.09 -5.90 20.93
CA ARG C 106 -16.97 -4.99 20.80
C ARG C 106 -17.36 -3.50 20.71
N GLU C 107 -18.40 -3.18 19.94
CA GLU C 107 -18.78 -1.80 19.67
C GLU C 107 -20.15 -1.60 20.31
N LEU C 108 -20.23 -0.67 21.24
CA LEU C 108 -21.49 -0.28 21.86
C LEU C 108 -21.74 1.23 21.81
N LEU C 109 -22.68 1.62 20.98
CA LEU C 109 -22.97 3.01 20.76
C LEU C 109 -24.20 3.35 21.54
N LEU C 110 -24.03 4.19 22.57
CA LEU C 110 -25.16 4.70 23.34
C LEU C 110 -25.21 6.23 23.36
N GLU C 111 -25.36 6.84 22.18
CA GLU C 111 -25.36 8.30 22.07
C GLU C 111 -26.74 8.86 22.11
N ASP C 112 -26.90 10.04 22.73
CA ASP C 112 -28.16 10.77 22.70
C ASP C 112 -29.27 9.93 23.34
N ASN C 113 -28.97 9.39 24.51
CA ASN C 113 -29.89 8.50 25.16
C ASN C 113 -30.32 9.01 26.53
N GLN C 114 -29.88 10.23 26.87
CA GLN C 114 -30.12 10.83 28.19
C GLN C 114 -29.73 9.93 29.36
N LEU C 115 -28.57 9.28 29.23
CA LEU C 115 -28.06 8.45 30.30
C LEU C 115 -27.60 9.34 31.43
N PRO C 116 -28.07 9.04 32.68
CA PRO C 116 -27.62 9.77 33.88
C PRO C 116 -26.27 9.36 34.43
N GLN C 117 -25.72 8.27 33.89
CA GLN C 117 -24.49 7.69 34.40
C GLN C 117 -23.94 6.63 33.43
N ILE C 118 -22.72 6.15 33.70
CA ILE C 118 -22.14 5.15 32.86
C ILE C 118 -22.86 3.89 33.28
N PRO C 119 -23.46 3.16 32.32
CA PRO C 119 -24.19 1.96 32.71
C PRO C 119 -23.27 0.92 33.38
N SER C 120 -23.67 0.44 34.56
CA SER C 120 -22.86 -0.47 35.35
C SER C 120 -22.73 -1.84 34.71
N GLY C 121 -21.68 -2.55 35.12
CA GLY C 121 -21.41 -3.91 34.67
C GLY C 121 -21.49 -4.06 33.18
N LEU C 122 -20.64 -3.31 32.48
CA LEU C 122 -20.51 -3.46 31.02
C LEU C 122 -19.46 -4.49 30.74
N PRO C 123 -19.60 -5.18 29.62
CA PRO C 123 -18.75 -6.35 29.38
C PRO C 123 -17.30 -6.00 29.04
N GLU C 124 -16.38 -6.84 29.53
CA GLU C 124 -14.94 -6.64 29.34
C GLU C 124 -14.49 -6.70 27.87
N SER C 125 -15.22 -7.45 27.06
CA SER C 125 -14.94 -7.56 25.61
C SER C 125 -15.06 -6.25 24.80
N LEU C 126 -15.47 -5.15 25.43
CA LEU C 126 -15.73 -3.92 24.70
C LEU C 126 -14.44 -3.22 24.29
N THR C 127 -14.39 -2.84 23.01
CA THR C 127 -13.29 -2.03 22.48
C THR C 127 -13.71 -0.58 22.19
N GLU C 128 -14.85 -0.40 21.53
CA GLU C 128 -15.38 0.92 21.25
C GLU C 128 -16.65 1.14 22.07
N LEU C 129 -16.66 2.22 22.86
CA LEU C 129 -17.86 2.65 23.55
C LEU C 129 -18.09 4.16 23.46
N SER C 130 -19.22 4.56 22.85
CA SER C 130 -19.56 5.98 22.71
C SER C 130 -20.74 6.35 23.61
N LEU C 131 -20.47 7.28 24.54
CA LEU C 131 -21.48 7.85 25.43
C LEU C 131 -21.68 9.36 25.16
N ILE C 132 -21.42 9.76 23.90
CA ILE C 132 -21.64 11.11 23.44
C ILE C 132 -23.07 11.51 23.65
N GLN C 133 -23.30 12.79 23.93
CA GLN C 133 -24.65 13.37 24.09
C GLN C 133 -25.51 12.62 25.10
N ASN C 134 -25.12 12.70 26.35
CA ASN C 134 -25.88 12.13 27.44
C ASN C 134 -25.79 13.08 28.63
N ASN C 135 -26.10 12.59 29.84
CA ASN C 135 -26.09 13.39 31.05
C ASN C 135 -25.15 12.79 32.10
N ILE C 136 -23.99 12.32 31.62
CA ILE C 136 -22.99 11.66 32.47
C ILE C 136 -21.98 12.67 32.97
N TYR C 137 -22.05 13.06 34.23
CA TYR C 137 -21.13 14.04 34.78
C TYR C 137 -20.15 13.47 35.78
N ASN C 138 -20.16 12.16 35.95
CA ASN C 138 -19.27 11.46 36.84
C ASN C 138 -18.65 10.33 36.03
N ILE C 139 -17.33 10.22 36.03
CA ILE C 139 -16.64 9.13 35.31
C ILE C 139 -15.86 8.31 36.31
N THR C 140 -16.30 7.07 36.53
CA THR C 140 -15.94 6.32 37.72
C THR C 140 -15.23 5.02 37.39
N LYS C 141 -14.16 4.73 38.13
CA LYS C 141 -13.52 3.41 38.13
C LYS C 141 -14.62 2.36 38.16
N GLU C 142 -15.55 2.55 39.09
CA GLU C 142 -16.64 1.62 39.26
C GLU C 142 -17.31 1.29 37.89
N GLY C 143 -17.47 2.27 37.01
CA GLY C 143 -18.07 2.04 35.70
C GLY C 143 -17.11 1.68 34.56
N ILE C 144 -15.86 2.13 34.63
CA ILE C 144 -14.96 2.12 33.45
C ILE C 144 -13.72 1.23 33.58
N SER C 145 -13.09 1.23 34.76
CA SER C 145 -11.76 0.65 34.94
C SER C 145 -11.63 -0.86 34.71
N ARG C 146 -12.74 -1.59 34.72
CA ARG C 146 -12.72 -3.01 34.37
C ARG C 146 -12.75 -3.27 32.86
N LEU C 147 -13.06 -2.25 32.04
CA LEU C 147 -13.13 -2.40 30.57
C LEU C 147 -11.75 -2.33 29.89
N ILE C 148 -10.85 -3.24 30.26
CA ILE C 148 -9.42 -3.14 29.97
C ILE C 148 -9.00 -3.24 28.50
N ASN C 149 -9.89 -3.73 27.64
CA ASN C 149 -9.64 -3.82 26.21
C ASN C 149 -10.11 -2.60 25.44
N LEU C 150 -10.49 -1.54 26.15
CA LEU C 150 -11.02 -0.34 25.51
C LEU C 150 -9.96 0.29 24.62
N LYS C 151 -10.33 0.45 23.35
CA LYS C 151 -9.50 1.14 22.34
C LYS C 151 -9.95 2.62 22.25
N ASN C 152 -11.25 2.85 22.04
CA ASN C 152 -11.82 4.22 21.93
C ASN C 152 -12.93 4.52 22.89
N LEU C 153 -12.76 5.54 23.72
CA LEU C 153 -13.84 5.96 24.61
C LEU C 153 -14.33 7.37 24.23
N TYR C 154 -15.59 7.49 23.83
CA TYR C 154 -16.16 8.80 23.52
C TYR C 154 -17.13 9.21 24.61
N LEU C 155 -16.80 10.27 25.34
CA LEU C 155 -17.66 10.80 26.40
C LEU C 155 -18.02 12.28 26.18
N ALA C 156 -17.92 12.73 24.93
CA ALA C 156 -17.99 14.15 24.66
C ALA C 156 -19.41 14.65 24.69
N TRP C 157 -19.56 15.97 24.83
CA TRP C 157 -20.85 16.64 24.74
C TRP C 157 -21.86 16.15 25.79
N ASN C 158 -21.41 16.01 27.02
CA ASN C 158 -22.33 15.65 28.10
C ASN C 158 -22.69 16.86 28.98
N CYS C 159 -21.82 17.87 29.04
CA CYS C 159 -22.09 19.12 29.78
C CYS C 159 -21.43 20.36 29.18
N TYR C 160 -22.27 21.14 28.48
CA TYR C 160 -21.79 22.18 27.61
C TYR C 160 -22.82 23.31 27.47
N PHE C 161 -22.36 24.49 27.03
CA PHE C 161 -23.20 25.64 26.71
C PHE C 161 -24.07 26.07 27.90
N ASN C 162 -25.34 26.44 27.67
CA ASN C 162 -26.29 26.73 28.76
C ASN C 162 -27.11 25.51 29.19
N LYS C 163 -26.68 24.31 28.82
CA LYS C 163 -27.31 23.11 29.35
C LYS C 163 -27.22 23.11 30.88
N VAL C 164 -28.28 22.59 31.50
CA VAL C 164 -28.35 22.44 32.96
C VAL C 164 -27.60 21.18 33.32
N CYS C 165 -26.37 21.32 33.78
CA CYS C 165 -25.49 20.18 33.99
C CYS C 165 -24.41 20.52 34.98
N GLU C 166 -23.92 19.49 35.65
CA GLU C 166 -22.89 19.64 36.64
C GLU C 166 -21.51 19.62 35.99
N LYS C 167 -20.54 20.10 36.75
CA LYS C 167 -19.14 20.08 36.33
C LYS C 167 -18.65 18.65 36.31
N THR C 168 -17.97 18.28 35.24
CA THR C 168 -17.63 16.88 35.02
C THR C 168 -16.57 16.46 36.05
N ASN C 169 -16.77 15.31 36.68
CA ASN C 169 -15.90 14.85 37.78
C ASN C 169 -15.14 13.58 37.40
N ILE C 170 -13.83 13.61 37.49
CA ILE C 170 -13.06 12.44 37.01
C ILE C 170 -12.30 11.74 38.10
N GLU C 171 -12.89 10.62 38.56
CA GLU C 171 -12.37 9.81 39.65
C GLU C 171 -10.92 9.56 39.32
N ASP C 172 -10.03 10.01 40.20
CA ASP C 172 -8.60 9.87 39.99
C ASP C 172 -8.16 8.47 39.49
N GLY C 173 -7.25 8.46 38.54
CA GLY C 173 -6.67 7.23 38.02
C GLY C 173 -7.63 6.33 37.25
N VAL C 174 -8.85 6.80 37.00
CA VAL C 174 -9.86 5.99 36.30
C VAL C 174 -9.39 5.43 34.92
N PHE C 175 -8.50 6.15 34.24
CA PHE C 175 -8.08 5.74 32.90
C PHE C 175 -6.81 4.90 32.93
N GLU C 176 -6.12 4.85 34.07
CA GLU C 176 -4.78 4.26 34.09
C GLU C 176 -4.76 2.72 33.95
N THR C 177 -5.92 2.08 34.11
CA THR C 177 -6.07 0.65 33.90
C THR C 177 -6.37 0.30 32.44
N LEU C 178 -6.62 1.32 31.63
CA LEU C 178 -6.96 1.10 30.24
C LEU C 178 -5.69 1.18 29.41
N THR C 179 -4.94 0.09 29.40
CA THR C 179 -3.59 0.13 28.87
C THR C 179 -3.49 -0.07 27.37
N ASN C 180 -4.62 -0.38 26.71
CA ASN C 180 -4.70 -0.35 25.24
C ASN C 180 -5.49 0.84 24.66
N LEU C 181 -5.86 1.81 25.49
CA LEU C 181 -6.72 2.92 25.04
C LEU C 181 -5.95 3.84 24.10
N GLU C 182 -6.43 3.92 22.85
CA GLU C 182 -5.83 4.78 21.81
C GLU C 182 -6.45 6.20 21.66
N LEU C 183 -7.77 6.29 21.70
CA LEU C 183 -8.53 7.53 21.51
C LEU C 183 -9.34 7.85 22.75
N LEU C 184 -9.13 9.04 23.29
CA LEU C 184 -9.92 9.52 24.44
C LEU C 184 -10.57 10.87 24.14
N SER C 185 -11.89 10.89 24.13
CA SER C 185 -12.66 12.09 23.82
C SER C 185 -13.59 12.57 24.96
N LEU C 186 -13.12 13.61 25.65
CA LEU C 186 -13.83 14.30 26.69
C LEU C 186 -14.27 15.70 26.30
N SER C 187 -14.34 16.00 25.01
CA SER C 187 -14.73 17.36 24.58
C SER C 187 -16.14 17.76 25.03
N PHE C 188 -16.38 19.05 24.99
CA PHE C 188 -17.65 19.69 25.37
C PHE C 188 -18.23 19.13 26.66
N ASN C 189 -17.41 19.24 27.70
CA ASN C 189 -17.77 18.98 29.10
C ASN C 189 -16.94 19.94 29.94
N SER C 190 -17.41 20.27 31.12
CA SER C 190 -16.64 21.14 31.99
C SER C 190 -15.70 20.36 32.84
N LEU C 191 -14.42 20.42 32.49
CA LEU C 191 -13.32 19.91 33.32
C LEU C 191 -12.64 21.20 33.68
N SER C 192 -11.47 21.19 34.28
CA SER C 192 -10.72 22.45 34.36
C SER C 192 -9.21 22.26 34.26
N HIS C 193 -8.82 21.01 34.10
CA HIS C 193 -7.43 20.61 34.04
C HIS C 193 -7.49 19.34 33.21
N VAL C 194 -6.36 19.02 32.60
CA VAL C 194 -6.15 17.75 31.91
C VAL C 194 -6.15 16.60 32.92
N PRO C 195 -6.88 15.51 32.63
CA PRO C 195 -6.90 14.39 33.59
C PRO C 195 -5.54 13.75 33.75
N PRO C 196 -5.12 13.51 35.01
CA PRO C 196 -3.84 12.84 35.21
C PRO C 196 -3.96 11.33 35.07
N LYS C 197 -2.84 10.65 35.10
CA LYS C 197 -2.83 9.21 35.06
C LYS C 197 -3.53 8.73 33.80
N LEU C 198 -3.05 9.20 32.66
CA LEU C 198 -3.49 8.70 31.36
C LEU C 198 -2.58 7.60 30.83
N PRO C 199 -3.16 6.63 30.14
CA PRO C 199 -2.35 5.51 29.66
C PRO C 199 -1.45 5.91 28.49
N SER C 200 -0.21 5.45 28.55
CA SER C 200 0.81 5.79 27.56
C SER C 200 0.49 5.24 26.15
N SER C 201 -0.53 4.40 26.05
CA SER C 201 -1.02 3.92 24.74
C SER C 201 -1.77 4.97 23.89
N LEU C 202 -2.15 6.09 24.47
CA LEU C 202 -3.02 7.08 23.82
C LEU C 202 -2.44 7.65 22.55
N ARG C 203 -3.20 7.66 21.47
CA ARG C 203 -2.81 8.33 20.24
C ARG C 203 -3.54 9.69 20.07
N LYS C 204 -4.84 9.72 20.35
CA LYS C 204 -5.64 10.90 20.11
C LYS C 204 -6.29 11.35 21.40
N LEU C 205 -6.06 12.61 21.75
CA LEU C 205 -6.61 13.17 22.97
C LEU C 205 -7.42 14.44 22.67
N PHE C 206 -8.73 14.33 22.79
CA PHE C 206 -9.69 15.40 22.46
C PHE C 206 -10.23 16.10 23.71
N LEU C 207 -9.76 17.33 23.94
CA LEU C 207 -10.19 18.18 25.07
C LEU C 207 -10.73 19.54 24.62
N SER C 208 -11.52 19.54 23.55
CA SER C 208 -12.08 20.79 23.09
C SER C 208 -13.08 21.32 24.10
N ASN C 209 -13.09 22.65 24.26
CA ASN C 209 -14.15 23.30 25.02
C ASN C 209 -14.34 22.59 26.35
N THR C 210 -13.28 22.57 27.15
CA THR C 210 -13.29 21.91 28.45
C THR C 210 -12.92 22.82 29.60
N GLN C 211 -12.98 24.12 29.37
CA GLN C 211 -12.63 25.12 30.39
C GLN C 211 -11.25 24.98 31.04
N ILE C 212 -10.32 24.42 30.28
CA ILE C 212 -8.90 24.30 30.69
C ILE C 212 -8.13 25.56 30.31
N LYS C 213 -7.64 26.30 31.30
CA LYS C 213 -6.92 27.55 31.08
C LYS C 213 -5.39 27.43 31.08
N TYR C 214 -4.87 26.39 31.74
CA TYR C 214 -3.43 26.25 31.94
C TYR C 214 -3.06 24.87 31.47
N ILE C 215 -1.96 24.76 30.72
CA ILE C 215 -1.42 23.50 30.21
C ILE C 215 0.09 23.53 30.49
N SER C 216 0.62 22.42 31.00
CA SER C 216 1.99 22.39 31.52
C SER C 216 2.72 21.09 31.25
N GLU C 217 4.02 21.12 31.57
CA GLU C 217 4.93 19.98 31.46
C GLU C 217 4.22 18.63 31.73
N GLU C 218 3.57 18.48 32.88
CA GLU C 218 3.13 17.16 33.36
C GLU C 218 1.71 16.77 33.02
N ASP C 219 0.96 17.68 32.41
CA ASP C 219 -0.38 17.33 31.94
C ASP C 219 -0.37 16.20 30.90
N PHE C 220 0.76 16.00 30.22
CA PHE C 220 0.89 15.01 29.14
C PHE C 220 1.95 13.92 29.39
N LYS C 221 2.25 13.63 30.66
CA LYS C 221 3.59 13.18 31.01
C LYS C 221 4.13 11.98 30.21
N GLY C 222 3.45 10.84 30.26
CA GLY C 222 3.96 9.64 29.61
C GLY C 222 3.36 9.37 28.24
N LEU C 223 3.03 10.43 27.49
CA LEU C 223 2.20 10.26 26.26
C LEU C 223 3.02 10.24 24.94
N ILE C 224 4.04 9.38 24.96
CA ILE C 224 5.02 9.21 23.90
C ILE C 224 4.39 8.76 22.59
N ASN C 225 3.21 8.14 22.63
CA ASN C 225 2.55 7.70 21.40
C ASN C 225 1.53 8.72 20.83
N LEU C 226 1.44 9.90 21.41
CA LEU C 226 0.33 10.79 21.12
C LEU C 226 0.51 11.40 19.74
N THR C 227 -0.44 11.18 18.85
CA THR C 227 -0.37 11.78 17.54
C THR C 227 -1.32 12.97 17.34
N LEU C 228 -2.39 13.10 18.15
CA LEU C 228 -3.30 14.26 18.05
C LEU C 228 -3.67 14.85 19.40
N LEU C 229 -3.52 16.16 19.53
CA LEU C 229 -3.93 16.84 20.73
C LEU C 229 -4.79 18.02 20.33
N ASP C 230 -6.04 17.98 20.79
CA ASP C 230 -7.04 19.00 20.55
C ASP C 230 -7.32 19.75 21.83
N LEU C 231 -6.74 20.94 21.97
CA LEU C 231 -7.09 21.85 23.04
C LEU C 231 -7.93 23.08 22.58
N SER C 232 -8.57 22.94 21.43
CA SER C 232 -9.37 24.02 20.88
C SER C 232 -10.52 24.43 21.80
N GLY C 233 -10.79 25.74 21.80
CA GLY C 233 -11.95 26.26 22.52
C GLY C 233 -11.84 26.44 24.02
N ASN C 234 -10.62 26.52 24.54
CA ASN C 234 -10.36 26.87 25.92
C ASN C 234 -9.72 28.22 25.97
N CYS C 235 -10.35 29.15 26.69
CA CYS C 235 -10.14 30.59 26.50
C CYS C 235 -10.51 30.96 25.06
N PRO C 236 -11.76 30.65 24.67
CA PRO C 236 -12.33 30.94 23.38
C PRO C 236 -12.31 32.42 23.05
N ARG C 237 -12.38 32.72 21.75
CA ARG C 237 -12.54 34.08 21.27
C ARG C 237 -14.03 34.11 21.02
N CYS C 238 -14.76 34.96 21.74
CA CYS C 238 -16.22 34.84 21.85
C CYS C 238 -16.96 35.83 21.01
N PHE C 239 -16.25 36.78 20.41
CA PHE C 239 -16.92 37.74 19.58
C PHE C 239 -17.66 37.09 18.44
N ASN C 240 -18.92 37.44 18.27
CA ASN C 240 -19.78 36.87 17.22
C ASN C 240 -19.89 35.37 17.29
N ALA C 241 -19.71 34.81 18.49
CA ALA C 241 -19.84 33.35 18.70
C ALA C 241 -21.27 32.84 18.43
N PRO C 242 -21.41 31.79 17.60
CA PRO C 242 -22.72 31.13 17.33
C PRO C 242 -23.13 30.09 18.35
N PHE C 243 -22.61 30.25 19.56
CA PHE C 243 -23.02 29.45 20.68
C PHE C 243 -22.82 30.30 21.92
N PRO C 244 -23.42 29.92 23.04
CA PRO C 244 -23.08 30.49 24.36
C PRO C 244 -21.59 30.33 24.68
N CYS C 245 -20.92 31.43 24.98
CA CYS C 245 -19.48 31.49 24.97
C CYS C 245 -19.02 32.28 26.15
N VAL C 246 -18.06 31.69 26.86
CA VAL C 246 -17.54 32.20 28.13
C VAL C 246 -16.04 32.31 28.00
N PRO C 247 -15.53 33.54 27.83
CA PRO C 247 -14.13 33.73 27.65
C PRO C 247 -13.41 33.75 28.97
N CYS C 248 -12.14 33.40 28.95
CA CYS C 248 -11.32 33.49 30.12
C CYS C 248 -11.32 34.94 30.60
N ASP C 249 -10.99 35.17 31.87
CA ASP C 249 -10.97 36.51 32.46
C ASP C 249 -10.10 37.47 31.64
N GLY C 250 -10.69 38.57 31.17
CA GLY C 250 -9.98 39.56 30.37
C GLY C 250 -9.90 39.19 28.88
N GLY C 251 -10.68 38.19 28.47
CA GLY C 251 -10.53 37.59 27.13
C GLY C 251 -9.09 37.15 26.86
N ALA C 252 -8.43 36.72 27.92
CA ALA C 252 -7.02 36.38 27.87
C ALA C 252 -6.82 35.09 27.11
N SER C 253 -5.55 34.83 26.82
CA SER C 253 -5.08 33.66 26.12
C SER C 253 -5.13 32.40 26.98
N ILE C 254 -5.28 31.23 26.37
CA ILE C 254 -4.99 29.97 27.06
C ILE C 254 -3.55 30.09 27.47
N ASN C 255 -3.13 29.40 28.52
CA ASN C 255 -1.72 29.47 28.94
C ASN C 255 -0.95 28.16 28.82
N ILE C 256 -0.14 28.11 27.75
CA ILE C 256 0.69 26.97 27.44
C ILE C 256 2.15 27.29 27.74
N ASP C 257 2.67 26.55 28.71
CA ASP C 257 4.04 26.64 29.16
C ASP C 257 5.02 26.34 28.01
N ARG C 258 6.12 27.10 28.00
CA ARG C 258 7.24 26.87 27.13
C ARG C 258 7.46 25.36 26.88
N PHE C 259 7.49 24.56 27.95
CA PHE C 259 7.90 23.14 27.89
C PHE C 259 6.74 22.14 27.89
N ALA C 260 5.51 22.63 27.71
CA ALA C 260 4.31 21.79 27.76
C ALA C 260 4.23 20.64 26.77
N PHE C 261 4.82 20.78 25.61
CA PHE C 261 4.75 19.76 24.56
C PHE C 261 6.08 19.03 24.38
N GLN C 262 7.02 19.24 25.29
CA GLN C 262 8.38 18.75 25.07
C GLN C 262 8.58 17.23 24.84
N ASN C 263 7.76 16.38 25.41
CA ASN C 263 7.92 14.94 25.26
C ASN C 263 6.90 14.40 24.25
N LEU C 264 6.24 15.29 23.49
CA LEU C 264 5.17 14.94 22.51
C LEU C 264 5.69 14.74 21.07
N THR C 265 6.70 13.90 20.94
CA THR C 265 7.47 13.86 19.72
C THR C 265 6.70 13.27 18.51
N GLN C 266 5.62 12.54 18.75
CA GLN C 266 4.84 11.95 17.65
C GLN C 266 3.65 12.79 17.15
N LEU C 267 3.50 14.01 17.65
CA LEU C 267 2.30 14.77 17.34
C LEU C 267 2.25 15.07 15.85
N ARG C 268 1.13 14.70 15.23
CA ARG C 268 0.80 15.00 13.84
C ARG C 268 -0.30 16.08 13.73
N TYR C 269 -1.19 16.14 14.72
CA TYR C 269 -2.34 17.04 14.66
C TYR C 269 -2.47 17.88 15.93
N LEU C 270 -2.31 19.19 15.83
CA LEU C 270 -2.51 20.11 16.94
C LEU C 270 -3.61 21.10 16.61
N ASN C 271 -4.56 21.24 17.53
CA ASN C 271 -5.70 22.08 17.30
C ASN C 271 -5.82 23.04 18.45
N LEU C 272 -5.50 24.31 18.17
CA LEU C 272 -5.56 25.34 19.19
C LEU C 272 -6.51 26.43 18.72
N SER C 273 -7.49 26.02 17.93
CA SER C 273 -8.51 26.95 17.49
C SER C 273 -9.24 27.55 18.68
N SER C 274 -9.48 28.85 18.61
CA SER C 274 -10.29 29.57 19.58
C SER C 274 -9.71 29.32 20.95
N THR C 275 -8.47 29.73 21.12
CA THR C 275 -7.80 29.68 22.41
C THR C 275 -7.22 31.04 22.73
N SER C 276 -7.71 32.05 22.01
CA SER C 276 -7.32 33.46 22.24
C SER C 276 -5.82 33.75 22.19
N LEU C 277 -5.11 33.08 21.29
CA LEU C 277 -3.68 33.27 21.16
C LEU C 277 -3.32 34.57 20.44
N ARG C 278 -2.49 35.37 21.10
CA ARG C 278 -1.83 36.51 20.48
C ARG C 278 -0.44 36.14 20.02
N LYS C 279 0.10 35.07 20.61
CA LYS C 279 1.52 34.76 20.49
C LYS C 279 1.62 33.25 20.40
N ILE C 280 2.43 32.77 19.47
CA ILE C 280 2.66 31.33 19.32
C ILE C 280 4.12 31.07 19.67
N ASN C 281 4.33 30.37 20.77
CA ASN C 281 5.65 30.15 21.32
C ASN C 281 6.39 29.15 20.43
N ALA C 282 7.55 29.53 19.93
CA ALA C 282 8.25 28.68 19.02
C ALA C 282 8.76 27.45 19.75
N ALA C 283 9.12 27.62 21.02
CA ALA C 283 9.57 26.49 21.84
C ALA C 283 8.59 25.33 21.81
N TRP C 284 7.30 25.60 21.74
CA TRP C 284 6.32 24.52 21.72
C TRP C 284 6.65 23.42 20.72
N PHE C 285 7.31 23.77 19.61
CA PHE C 285 7.49 22.85 18.51
C PHE C 285 8.90 22.28 18.45
N LYS C 286 9.72 22.63 19.44
CA LYS C 286 11.12 22.24 19.40
C LYS C 286 11.32 20.72 19.18
N ASN C 287 10.47 19.88 19.72
CA ASN C 287 10.64 18.43 19.64
C ASN C 287 9.51 17.79 18.91
N MET C 288 8.93 18.51 17.95
CA MET C 288 7.70 18.05 17.33
C MET C 288 7.92 17.99 15.81
N PRO C 289 8.89 17.15 15.38
CA PRO C 289 9.31 17.07 13.98
C PRO C 289 8.30 16.48 13.02
N HIS C 290 7.23 15.88 13.52
CA HIS C 290 6.24 15.29 12.63
C HIS C 290 4.98 16.16 12.43
N LEU C 291 4.89 17.34 13.03
CA LEU C 291 3.62 18.05 12.96
C LEU C 291 3.23 18.30 11.50
N LYS C 292 1.98 17.99 11.19
CA LYS C 292 1.48 17.89 9.85
C LYS C 292 0.31 18.89 9.66
N VAL C 293 -0.59 18.96 10.63
CA VAL C 293 -1.77 19.80 10.57
C VAL C 293 -1.83 20.66 11.81
N LEU C 294 -1.77 21.97 11.64
CA LEU C 294 -1.87 22.92 12.77
C LEU C 294 -3.01 23.86 12.49
N ASP C 295 -3.96 23.83 13.38
CA ASP C 295 -5.24 24.45 13.15
C ASP C 295 -5.30 25.55 14.22
N LEU C 296 -5.32 26.82 13.77
CA LEU C 296 -5.18 27.99 14.65
C LEU C 296 -6.25 29.03 14.38
N GLU C 297 -7.45 28.53 14.14
CA GLU C 297 -8.57 29.38 13.77
C GLU C 297 -9.16 30.05 15.02
N PHE C 298 -9.85 31.16 14.77
CA PHE C 298 -10.48 31.98 15.81
C PHE C 298 -9.55 32.42 16.93
N ASN C 299 -8.39 32.92 16.56
CA ASN C 299 -7.45 33.47 17.50
C ASN C 299 -7.20 34.95 17.18
N TYR C 300 -6.19 35.55 17.79
CA TYR C 300 -5.83 36.93 17.50
C TYR C 300 -4.45 37.02 16.88
N LEU C 301 -4.23 36.29 15.79
CA LEU C 301 -2.88 36.10 15.25
C LEU C 301 -2.52 36.95 14.05
N VAL C 302 -3.15 38.12 13.88
CA VAL C 302 -2.70 38.99 12.75
C VAL C 302 -1.21 39.44 12.90
N GLY C 303 -0.81 39.78 14.11
CA GLY C 303 0.56 40.14 14.42
C GLY C 303 1.54 39.02 14.19
N GLU C 304 1.21 37.81 14.66
CA GLU C 304 2.02 36.60 14.41
C GLU C 304 2.11 36.23 12.94
N ILE C 305 1.01 36.37 12.23
CA ILE C 305 1.05 36.12 10.80
C ILE C 305 2.10 37.03 10.13
N ALA C 306 2.40 38.17 10.76
CA ALA C 306 3.39 39.11 10.23
C ALA C 306 4.81 38.75 10.59
N SER C 307 5.05 38.28 11.81
CA SER C 307 6.40 37.86 12.24
C SER C 307 6.60 36.35 12.23
N GLY C 308 5.71 35.62 12.89
CA GLY C 308 5.68 34.15 12.79
C GLY C 308 7.03 33.48 12.92
N ALA C 309 7.71 33.70 14.03
CA ALA C 309 8.98 33.02 14.32
C ALA C 309 8.82 31.51 14.52
N PHE C 310 7.63 31.07 14.91
CA PHE C 310 7.30 29.64 15.02
C PHE C 310 7.22 28.90 13.70
N LEU C 311 7.13 29.62 12.59
CA LEU C 311 7.02 29.02 11.25
C LEU C 311 8.28 28.28 10.87
N THR C 312 9.40 28.74 11.41
CA THR C 312 10.70 28.10 11.14
C THR C 312 10.77 26.72 11.79
N MET C 313 9.84 26.41 12.71
CA MET C 313 9.82 25.15 13.43
C MET C 313 9.09 24.04 12.71
N LEU C 314 8.53 24.33 11.53
CA LEU C 314 7.50 23.48 10.91
C LEU C 314 7.69 23.17 9.42
N PRO C 315 8.86 22.66 9.03
CA PRO C 315 9.08 22.34 7.62
C PRO C 315 8.43 21.06 7.14
N ARG C 316 7.70 20.36 7.99
CA ARG C 316 6.91 19.21 7.56
C ARG C 316 5.41 19.46 7.67
N LEU C 317 5.06 20.65 8.08
CA LEU C 317 3.66 20.98 8.14
C LEU C 317 3.08 20.93 6.75
N GLU C 318 1.89 20.34 6.64
CA GLU C 318 1.13 20.22 5.40
C GLU C 318 -0.15 21.07 5.36
N ILE C 319 -0.91 21.13 6.44
CA ILE C 319 -2.10 21.96 6.45
C ILE C 319 -1.92 22.95 7.58
N LEU C 320 -2.16 24.21 7.29
CA LEU C 320 -2.05 25.27 8.28
C LEU C 320 -3.24 26.17 8.11
N ASP C 321 -4.03 26.30 9.16
CA ASP C 321 -5.32 26.96 9.09
C ASP C 321 -5.34 28.16 10.00
N LEU C 322 -5.33 29.35 9.43
CA LEU C 322 -5.31 30.57 10.22
C LEU C 322 -6.58 31.39 9.98
N SER C 323 -7.67 30.70 9.64
CA SER C 323 -8.93 31.31 9.35
C SER C 323 -9.57 32.04 10.55
N PHE C 324 -10.34 33.09 10.21
CA PHE C 324 -11.04 33.90 11.18
C PHE C 324 -10.16 34.40 12.34
N ASN C 325 -9.04 35.03 11.98
CA ASN C 325 -8.19 35.78 12.95
C ASN C 325 -8.30 37.31 12.84
N TYR C 326 -9.33 37.81 12.14
CA TYR C 326 -9.48 39.24 11.88
C TYR C 326 -9.46 40.09 13.13
N ILE C 327 -8.78 41.21 13.03
CA ILE C 327 -8.92 42.24 14.04
C ILE C 327 -10.24 42.97 13.81
N LYS C 328 -11.08 42.96 14.84
CA LYS C 328 -12.43 43.51 14.82
C LYS C 328 -12.33 44.97 14.55
N GLY C 329 -12.99 45.42 13.49
CA GLY C 329 -13.09 46.82 13.17
C GLY C 329 -12.07 47.26 12.15
N SER C 330 -11.09 46.42 11.84
CA SER C 330 -9.98 46.80 10.96
C SER C 330 -10.14 46.26 9.57
N TYR C 331 -9.72 47.05 8.60
CA TYR C 331 -9.83 46.70 7.19
C TYR C 331 -8.51 47.14 6.56
N PRO C 332 -7.44 46.44 6.89
CA PRO C 332 -6.15 46.82 6.33
C PRO C 332 -6.19 46.78 4.82
N GLN C 333 -5.32 47.55 4.21
CA GLN C 333 -5.23 47.64 2.79
C GLN C 333 -4.75 46.32 2.16
N HIS C 334 -3.80 45.68 2.85
CA HIS C 334 -3.11 44.49 2.39
C HIS C 334 -2.91 43.44 3.52
N ILE C 335 -2.76 42.20 3.11
CA ILE C 335 -2.46 41.13 4.02
C ILE C 335 -0.97 41.23 4.28
N ASN C 336 -0.57 40.94 5.51
CA ASN C 336 0.82 40.94 5.87
C ASN C 336 1.34 39.52 6.27
N ILE C 337 2.12 38.95 5.36
CA ILE C 337 2.58 37.57 5.41
C ILE C 337 4.08 37.59 5.65
N SER C 338 4.52 37.03 6.78
CA SER C 338 5.94 36.97 7.15
C SER C 338 6.76 36.28 6.06
N ARG C 339 7.97 36.78 5.81
CA ARG C 339 8.98 36.08 5.01
C ARG C 339 9.09 34.61 5.44
N ASN C 340 8.85 34.37 6.73
CA ASN C 340 9.01 33.06 7.32
C ASN C 340 8.05 32.00 6.85
N PHE C 341 6.98 32.37 6.17
CA PHE C 341 6.13 31.35 5.58
C PHE C 341 6.95 30.50 4.61
N SER C 342 8.03 31.06 4.11
CA SER C 342 8.84 30.39 3.09
C SER C 342 9.57 29.18 3.64
N LYS C 343 9.62 29.06 4.96
CA LYS C 343 10.25 27.92 5.62
C LYS C 343 9.33 26.71 5.67
N LEU C 344 8.06 26.90 5.32
CA LEU C 344 7.08 25.83 5.28
C LEU C 344 7.24 25.01 4.02
N LEU C 345 8.36 24.33 3.91
CA LEU C 345 8.69 23.62 2.71
C LEU C 345 7.75 22.47 2.37
N SER C 346 7.06 21.88 3.36
CA SER C 346 6.15 20.78 3.02
C SER C 346 4.72 21.20 2.87
N LEU C 347 4.41 22.47 3.07
CA LEU C 347 3.03 22.89 3.07
C LEU C 347 2.27 22.54 1.80
N ARG C 348 1.01 22.07 1.96
CA ARG C 348 0.11 21.72 0.85
C ARG C 348 -1.12 22.59 0.75
N ALA C 349 -1.60 23.06 1.89
CA ALA C 349 -2.83 23.81 1.94
C ALA C 349 -2.72 24.88 3.02
N LEU C 350 -3.09 26.10 2.64
CA LEU C 350 -3.00 27.26 3.53
C LEU C 350 -4.36 27.93 3.58
N HIS C 351 -5.02 27.90 4.74
CA HIS C 351 -6.35 28.45 4.87
C HIS C 351 -6.31 29.77 5.59
N LEU C 352 -6.56 30.85 4.85
CA LEU C 352 -6.54 32.18 5.37
C LEU C 352 -7.90 32.82 5.24
N ARG C 353 -8.96 32.13 5.67
CA ARG C 353 -10.27 32.76 5.66
C ARG C 353 -10.31 33.84 6.71
N GLY C 354 -11.24 34.78 6.58
CA GLY C 354 -11.55 35.73 7.67
C GLY C 354 -10.37 36.45 8.27
N TYR C 355 -9.40 36.84 7.44
CA TYR C 355 -8.35 37.73 7.89
C TYR C 355 -8.87 39.14 7.77
N VAL C 356 -9.46 39.42 6.60
CA VAL C 356 -10.16 40.67 6.24
C VAL C 356 -9.19 41.77 5.77
N PHE C 357 -9.19 42.01 4.46
CA PHE C 357 -8.37 43.05 3.88
C PHE C 357 -8.87 43.42 2.50
N GLN C 358 -8.37 44.54 1.96
CA GLN C 358 -8.96 45.19 0.79
C GLN C 358 -8.40 44.69 -0.48
N GLU C 359 -7.10 44.52 -0.52
CA GLU C 359 -6.43 44.24 -1.79
C GLU C 359 -5.40 43.11 -1.71
N LEU C 360 -5.46 42.15 -2.62
CA LEU C 360 -4.33 41.22 -2.78
C LEU C 360 -3.34 41.63 -3.89
N ARG C 361 -2.13 42.01 -3.48
CA ARG C 361 -1.03 42.38 -4.40
C ARG C 361 -0.03 41.25 -4.61
N GLU C 362 0.59 41.23 -5.79
CA GLU C 362 1.61 40.23 -6.14
C GLU C 362 2.63 40.09 -5.02
N ASP C 363 3.21 41.20 -4.64
CA ASP C 363 4.16 41.27 -3.54
C ASP C 363 3.71 40.71 -2.19
N ASP C 364 2.41 40.56 -1.98
CA ASP C 364 1.90 40.11 -0.70
C ASP C 364 2.05 38.60 -0.47
N PHE C 365 2.18 37.82 -1.52
CA PHE C 365 2.36 36.39 -1.43
C PHE C 365 3.73 35.96 -1.92
N GLN C 366 4.73 36.82 -1.84
CA GLN C 366 6.06 36.43 -2.30
C GLN C 366 6.48 35.22 -1.50
N PRO C 367 6.31 35.25 -0.19
CA PRO C 367 6.96 34.18 0.58
C PRO C 367 6.38 32.78 0.39
N LEU C 368 5.30 32.66 -0.36
CA LEU C 368 4.69 31.37 -0.66
C LEU C 368 5.04 30.84 -2.04
N MET C 369 5.65 31.67 -2.85
CA MET C 369 5.70 31.40 -4.28
C MET C 369 6.71 30.35 -4.64
N GLN C 370 7.62 30.05 -3.72
CA GLN C 370 8.64 29.01 -3.93
C GLN C 370 8.45 27.73 -3.09
N LEU C 371 7.40 27.64 -2.28
CA LEU C 371 7.03 26.39 -1.59
C LEU C 371 6.65 25.27 -2.59
N PRO C 372 7.42 24.19 -2.61
CA PRO C 372 7.26 23.21 -3.72
C PRO C 372 5.91 22.47 -3.85
N ASN C 373 5.25 22.15 -2.74
CA ASN C 373 4.05 21.31 -2.81
C ASN C 373 2.75 22.04 -2.39
N LEU C 374 2.80 23.38 -2.38
CA LEU C 374 1.64 24.19 -1.97
C LEU C 374 0.60 24.19 -3.08
N SER C 375 -0.52 23.51 -2.88
CA SER C 375 -1.48 23.38 -3.96
C SER C 375 -2.85 24.05 -3.70
N THR C 376 -3.13 24.38 -2.44
CA THR C 376 -4.38 25.04 -2.06
C THR C 376 -4.14 26.34 -1.33
N ILE C 377 -4.63 27.45 -1.89
CA ILE C 377 -4.67 28.72 -1.20
C ILE C 377 -6.14 29.15 -1.07
N ASN C 378 -6.57 29.35 0.16
CA ASN C 378 -7.97 29.61 0.50
C ASN C 378 -8.09 31.01 1.14
N LEU C 379 -8.84 31.88 0.47
CA LEU C 379 -9.02 33.25 0.96
C LEU C 379 -10.47 33.60 1.01
N GLY C 380 -11.29 32.60 1.21
CA GLY C 380 -12.70 32.86 1.38
C GLY C 380 -12.92 33.90 2.48
N ILE C 381 -13.88 34.77 2.22
CA ILE C 381 -14.48 35.59 3.28
C ILE C 381 -13.47 36.56 3.88
N ASN C 382 -12.82 37.31 3.00
CA ASN C 382 -11.85 38.33 3.39
C ASN C 382 -12.29 39.76 2.99
N PHE C 383 -13.51 39.87 2.47
CA PHE C 383 -14.04 41.09 1.91
C PHE C 383 -13.07 41.80 0.99
N ILE C 384 -12.29 41.01 0.25
CA ILE C 384 -11.32 41.52 -0.70
C ILE C 384 -12.01 42.19 -1.87
N LYS C 385 -11.60 43.41 -2.20
CA LYS C 385 -12.21 44.18 -3.32
C LYS C 385 -11.45 44.05 -4.62
N GLN C 386 -10.15 43.84 -4.54
CA GLN C 386 -9.33 43.79 -5.73
C GLN C 386 -8.27 42.68 -5.61
N ILE C 387 -7.99 42.00 -6.72
CA ILE C 387 -6.89 41.05 -6.82
C ILE C 387 -6.02 41.31 -8.02
N ASP C 388 -4.71 41.28 -7.84
CA ASP C 388 -3.82 41.28 -8.98
C ASP C 388 -3.54 39.82 -9.41
N PHE C 389 -4.46 39.30 -10.23
CA PHE C 389 -4.47 37.90 -10.62
C PHE C 389 -3.17 37.29 -11.19
N LYS C 390 -2.28 38.14 -11.72
CA LYS C 390 -1.04 37.67 -12.29
C LYS C 390 -0.15 36.98 -11.27
N LEU C 391 -0.32 37.34 -10.00
CA LEU C 391 0.50 36.76 -8.94
C LEU C 391 0.41 35.24 -8.85
N PHE C 392 -0.73 34.68 -9.23
CA PHE C 392 -0.92 33.24 -9.16
C PHE C 392 -0.07 32.46 -10.14
N GLN C 393 0.37 33.10 -11.21
CA GLN C 393 1.32 32.49 -12.14
C GLN C 393 2.62 32.17 -11.47
N ASN C 394 3.11 33.06 -10.65
CA ASN C 394 4.44 32.90 -10.12
C ASN C 394 4.48 31.72 -9.14
N PHE C 395 3.42 30.94 -9.06
CA PHE C 395 3.39 29.80 -8.14
C PHE C 395 3.79 28.52 -8.81
N SER C 396 4.48 27.70 -8.01
CA SER C 396 5.00 26.39 -8.41
C SER C 396 3.92 25.40 -8.93
N ASN C 397 2.94 25.03 -8.09
CA ASN C 397 1.81 24.21 -8.57
C ASN C 397 0.51 24.37 -7.76
N LEU C 398 -0.12 25.54 -7.91
CA LEU C 398 -1.45 25.74 -7.39
C LEU C 398 -2.43 24.92 -8.15
N GLU C 399 -3.12 24.01 -7.47
CA GLU C 399 -4.25 23.27 -8.05
C GLU C 399 -5.59 23.97 -7.74
N ILE C 400 -5.64 24.65 -6.59
CA ILE C 400 -6.88 25.22 -6.08
C ILE C 400 -6.69 26.64 -5.57
N ILE C 401 -7.37 27.58 -6.21
CA ILE C 401 -7.34 28.99 -5.86
C ILE C 401 -8.75 29.37 -5.47
N TYR C 402 -9.03 29.35 -4.18
CA TYR C 402 -10.39 29.51 -3.67
C TYR C 402 -10.55 30.95 -3.23
N LEU C 403 -11.27 31.74 -4.02
CA LEU C 403 -11.49 33.16 -3.74
C LEU C 403 -12.95 33.45 -3.47
N SER C 404 -13.70 32.43 -3.06
CA SER C 404 -15.14 32.53 -2.97
C SER C 404 -15.55 33.46 -1.87
N GLU C 405 -16.62 34.23 -2.09
CA GLU C 405 -17.26 35.02 -1.04
C GLU C 405 -16.32 36.13 -0.57
N ASN C 406 -16.13 37.08 -1.44
CA ASN C 406 -15.36 38.28 -1.20
C ASN C 406 -16.12 39.39 -1.86
N ARG C 407 -15.49 40.52 -2.13
CA ARG C 407 -16.22 41.69 -2.66
C ARG C 407 -15.58 42.13 -3.96
N ILE C 408 -15.24 41.19 -4.80
CA ILE C 408 -14.52 41.51 -6.02
C ILE C 408 -15.55 41.98 -7.04
N SER C 409 -15.20 43.08 -7.71
CA SER C 409 -16.02 43.67 -8.74
C SER C 409 -15.22 43.64 -10.05
N PRO C 410 -15.83 44.04 -11.18
CA PRO C 410 -15.09 44.02 -12.47
C PRO C 410 -13.93 45.02 -12.57
N ASP C 436 -32.16 17.65 17.96
CA ASP C 436 -32.39 18.73 18.94
C ASP C 436 -31.14 19.57 19.25
N PHE C 437 -29.97 18.97 19.04
CA PHE C 437 -28.71 19.67 19.11
C PHE C 437 -28.21 20.02 17.69
N GLU C 438 -27.71 21.25 17.57
CA GLU C 438 -27.49 21.87 16.27
C GLU C 438 -26.12 21.55 15.72
N PHE C 439 -25.17 21.27 16.62
CA PHE C 439 -23.82 20.90 16.19
C PHE C 439 -23.64 19.40 16.16
N ASP C 440 -23.35 18.88 14.97
CA ASP C 440 -23.12 17.48 14.80
C ASP C 440 -21.83 17.21 15.53
N PRO C 441 -21.88 16.31 16.54
CA PRO C 441 -20.71 16.03 17.40
C PRO C 441 -19.70 15.03 16.82
N HIS C 442 -19.94 14.52 15.61
CA HIS C 442 -18.93 13.77 14.92
C HIS C 442 -18.28 14.62 13.83
N SER C 443 -18.39 15.93 13.93
CA SER C 443 -17.81 16.82 12.92
C SER C 443 -16.84 17.82 13.49
N ASN C 444 -16.22 18.59 12.62
CA ASN C 444 -15.35 19.66 13.06
C ASN C 444 -16.23 20.85 13.44
N PHE C 445 -15.94 21.46 14.57
CA PHE C 445 -16.80 22.48 15.15
C PHE C 445 -16.55 23.85 14.50
N TYR C 446 -15.35 24.06 13.97
CA TYR C 446 -14.88 25.40 13.55
C TYR C 446 -14.89 25.58 12.02
N HIS C 447 -14.86 24.50 11.27
CA HIS C 447 -15.11 24.63 9.84
C HIS C 447 -15.78 23.39 9.27
N PHE C 448 -16.53 23.62 8.21
CA PHE C 448 -16.96 22.59 7.31
C PHE C 448 -15.72 21.84 6.83
N THR C 449 -15.91 20.54 6.64
CA THR C 449 -14.84 19.64 6.26
C THR C 449 -14.90 19.25 4.78
N ARG C 450 -16.01 19.52 4.11
CA ARG C 450 -16.15 19.15 2.72
C ARG C 450 -15.13 19.87 1.80
N PRO C 451 -15.02 19.43 0.54
CA PRO C 451 -13.98 20.02 -0.30
C PRO C 451 -14.35 21.41 -0.78
N LEU C 452 -13.34 22.22 -1.04
CA LEU C 452 -13.53 23.58 -1.48
C LEU C 452 -14.21 23.62 -2.83
N ILE C 453 -13.70 22.87 -3.79
CA ILE C 453 -14.27 22.87 -5.15
C ILE C 453 -14.90 21.52 -5.41
N LYS C 454 -16.01 21.46 -6.13
CA LYS C 454 -16.60 20.16 -6.39
C LYS C 454 -15.52 19.30 -7.03
N PRO C 455 -15.33 18.06 -6.51
CA PRO C 455 -14.24 17.24 -7.04
C PRO C 455 -14.37 16.95 -8.55
N GLN C 456 -15.60 16.87 -9.06
CA GLN C 456 -15.82 16.67 -10.50
C GLN C 456 -15.34 17.87 -11.36
N CYS C 457 -15.27 19.05 -10.76
CA CYS C 457 -14.74 20.20 -11.45
C CYS C 457 -13.22 20.17 -11.30
N ALA C 458 -12.76 19.96 -10.05
CA ALA C 458 -11.32 19.94 -9.72
C ALA C 458 -10.55 18.93 -10.53
N ALA C 459 -11.19 17.78 -10.71
CA ALA C 459 -10.67 16.71 -11.55
C ALA C 459 -9.98 17.26 -12.78
N TYR C 460 -10.58 18.25 -13.43
CA TYR C 460 -10.07 18.69 -14.74
C TYR C 460 -8.71 19.38 -14.72
N GLY C 461 -8.25 19.76 -13.53
CA GLY C 461 -6.99 20.50 -13.42
C GLY C 461 -7.21 21.72 -12.58
N LYS C 462 -6.44 22.77 -12.88
CA LYS C 462 -6.38 23.94 -12.04
C LYS C 462 -7.75 24.64 -11.89
N ALA C 463 -8.04 25.07 -10.67
CA ALA C 463 -9.39 25.44 -10.28
C ALA C 463 -9.42 26.84 -9.72
N LEU C 464 -10.34 27.67 -10.20
CA LEU C 464 -10.45 29.04 -9.68
C LEU C 464 -11.87 29.31 -9.27
N ASP C 465 -12.09 29.56 -7.99
CA ASP C 465 -13.45 29.77 -7.50
C ASP C 465 -13.68 31.23 -7.18
N LEU C 466 -14.49 31.88 -8.01
CA LEU C 466 -14.84 33.28 -7.82
C LEU C 466 -16.30 33.45 -7.45
N SER C 467 -16.90 32.40 -6.88
CA SER C 467 -18.32 32.40 -6.54
C SER C 467 -18.60 33.41 -5.44
N LEU C 468 -19.85 33.87 -5.40
CA LEU C 468 -20.32 34.75 -4.33
C LEU C 468 -19.52 36.09 -4.24
N ASN C 469 -19.15 36.61 -5.41
CA ASN C 469 -18.63 37.97 -5.54
C ASN C 469 -19.58 38.84 -6.33
N SER C 470 -19.10 40.03 -6.73
CA SER C 470 -19.90 40.97 -7.47
C SER C 470 -19.32 41.25 -8.87
N ILE C 471 -18.90 40.16 -9.52
CA ILE C 471 -18.38 40.24 -10.89
C ILE C 471 -19.57 40.28 -11.85
N PHE C 472 -20.30 41.39 -11.85
CA PHE C 472 -21.61 41.45 -12.52
C PHE C 472 -21.54 41.55 -14.04
N PHE C 473 -20.40 41.98 -14.57
CA PHE C 473 -20.10 41.72 -15.98
C PHE C 473 -18.61 41.35 -16.15
N ILE C 474 -18.26 40.62 -17.20
CA ILE C 474 -16.85 40.30 -17.50
C ILE C 474 -16.38 41.19 -18.61
N GLY C 475 -15.50 42.12 -18.27
CA GLY C 475 -14.87 42.98 -19.24
C GLY C 475 -13.88 42.19 -20.02
N PRO C 476 -13.20 42.83 -21.00
CA PRO C 476 -12.31 42.19 -21.96
C PRO C 476 -11.05 41.63 -21.32
N ASN C 477 -10.66 42.21 -20.17
CA ASN C 477 -9.42 41.82 -19.47
C ASN C 477 -9.53 41.19 -18.06
N GLN C 478 -10.71 40.68 -17.71
CA GLN C 478 -10.94 40.15 -16.37
C GLN C 478 -9.92 39.06 -16.06
N PHE C 479 -9.72 38.16 -17.01
CA PHE C 479 -8.91 36.97 -16.80
C PHE C 479 -7.54 36.99 -17.45
N GLU C 480 -6.99 38.18 -17.69
CA GLU C 480 -5.62 38.26 -18.18
C GLU C 480 -4.70 37.81 -17.06
N ASN C 481 -3.63 37.14 -17.48
CA ASN C 481 -2.51 36.76 -16.62
C ASN C 481 -2.83 35.68 -15.57
N LEU C 482 -3.79 34.80 -15.90
CA LEU C 482 -4.08 33.66 -15.07
C LEU C 482 -3.32 32.47 -15.61
N PRO C 483 -3.22 31.41 -14.80
CA PRO C 483 -2.71 30.19 -15.38
C PRO C 483 -3.81 29.56 -16.20
N ASP C 484 -3.44 28.52 -16.94
CA ASP C 484 -4.35 27.74 -17.73
C ASP C 484 -5.38 27.00 -16.86
N ILE C 485 -6.46 27.71 -16.55
CA ILE C 485 -7.56 27.21 -15.72
C ILE C 485 -8.47 26.17 -16.41
N ALA C 486 -8.67 25.04 -15.75
CA ALA C 486 -9.58 24.02 -16.28
C ALA C 486 -10.96 24.06 -15.65
N CYS C 487 -11.04 24.56 -14.42
CA CYS C 487 -12.28 24.52 -13.63
C CYS C 487 -12.51 25.92 -13.11
N LEU C 488 -13.69 26.47 -13.38
CA LEU C 488 -13.95 27.90 -13.08
C LEU C 488 -15.34 28.00 -12.52
N ASN C 489 -15.44 28.60 -11.32
CA ASN C 489 -16.72 28.83 -10.65
C ASN C 489 -17.00 30.33 -10.61
N LEU C 490 -18.08 30.72 -11.26
CA LEU C 490 -18.53 32.09 -11.22
C LEU C 490 -19.96 32.12 -10.78
N SER C 491 -20.37 31.17 -9.98
CA SER C 491 -21.75 31.15 -9.47
C SER C 491 -22.02 32.34 -8.56
N ALA C 492 -23.26 32.77 -8.51
CA ALA C 492 -23.71 33.75 -7.50
C ALA C 492 -22.91 35.05 -7.59
N ASN C 493 -22.74 35.53 -8.81
CA ASN C 493 -22.10 36.82 -9.05
C ASN C 493 -23.06 37.85 -9.63
N SER C 494 -24.34 37.51 -9.77
CA SER C 494 -25.30 38.44 -10.40
C SER C 494 -24.81 38.97 -11.74
N ASN C 495 -24.45 38.07 -12.62
CA ASN C 495 -23.94 38.47 -13.90
C ASN C 495 -25.10 38.65 -14.83
N ALA C 496 -25.22 39.85 -15.38
CA ALA C 496 -26.33 40.18 -16.30
C ALA C 496 -25.89 40.29 -17.74
N GLN C 497 -24.70 39.81 -18.06
CA GLN C 497 -24.14 40.17 -19.34
C GLN C 497 -24.53 39.25 -20.48
N VAL C 498 -24.39 39.81 -21.67
CA VAL C 498 -24.54 39.06 -22.89
C VAL C 498 -23.17 38.46 -23.21
N LEU C 499 -23.02 37.18 -22.87
CA LEU C 499 -21.87 36.44 -23.28
C LEU C 499 -21.86 36.39 -24.81
N SER C 500 -20.73 36.80 -25.38
CA SER C 500 -20.63 37.08 -26.80
C SER C 500 -19.57 36.23 -27.47
N GLY C 501 -18.92 35.35 -26.71
CA GLY C 501 -17.92 34.44 -27.27
C GLY C 501 -16.49 34.91 -27.17
N THR C 502 -16.24 36.00 -26.44
CA THR C 502 -14.89 36.57 -26.29
C THR C 502 -14.39 36.62 -24.86
N GLU C 503 -15.28 36.33 -23.91
CA GLU C 503 -15.04 36.74 -22.54
C GLU C 503 -14.06 35.82 -21.81
N PHE C 504 -13.87 34.63 -22.36
CA PHE C 504 -12.99 33.64 -21.75
C PHE C 504 -11.78 33.35 -22.61
N SER C 505 -11.49 34.25 -23.55
CA SER C 505 -10.36 34.07 -24.48
C SER C 505 -9.01 33.88 -23.76
N ALA C 506 -8.85 34.51 -22.62
CA ALA C 506 -7.62 34.36 -21.82
C ALA C 506 -7.51 33.01 -21.07
N ILE C 507 -8.62 32.29 -20.92
CA ILE C 507 -8.61 30.97 -20.32
C ILE C 507 -9.45 30.04 -21.17
N PRO C 508 -8.95 29.71 -22.35
CA PRO C 508 -9.79 29.02 -23.32
C PRO C 508 -9.85 27.51 -23.13
N HIS C 509 -9.05 27.01 -22.18
CA HIS C 509 -8.99 25.57 -21.90
C HIS C 509 -9.80 25.16 -20.67
N VAL C 510 -10.90 25.87 -20.43
CA VAL C 510 -11.82 25.50 -19.37
C VAL C 510 -12.72 24.39 -19.85
N LYS C 511 -12.84 23.40 -18.99
CA LYS C 511 -13.57 22.21 -19.27
C LYS C 511 -14.81 22.06 -18.42
N TYR C 512 -14.81 22.67 -17.24
CA TYR C 512 -15.96 22.66 -16.31
C TYR C 512 -16.18 24.08 -15.84
N LEU C 513 -17.31 24.67 -16.25
CA LEU C 513 -17.66 26.04 -15.97
C LEU C 513 -18.95 26.06 -15.14
N ASP C 514 -18.90 26.69 -13.96
CA ASP C 514 -20.10 26.84 -13.13
C ASP C 514 -20.54 28.31 -13.18
N LEU C 515 -21.66 28.56 -13.87
CA LEU C 515 -22.27 29.90 -13.92
C LEU C 515 -23.68 29.90 -13.28
N THR C 516 -23.89 29.05 -12.25
CA THR C 516 -25.19 28.96 -11.60
C THR C 516 -25.51 30.23 -10.80
N ASN C 517 -26.79 30.53 -10.61
CA ASN C 517 -27.21 31.62 -9.74
C ASN C 517 -26.69 32.97 -10.24
N ASN C 518 -27.00 33.26 -11.48
CA ASN C 518 -26.67 34.54 -12.04
C ASN C 518 -27.93 35.04 -12.72
N ARG C 519 -27.79 36.07 -13.55
CA ARG C 519 -28.91 36.54 -14.31
C ARG C 519 -28.48 36.75 -15.74
N LEU C 520 -27.85 35.73 -16.32
CA LEU C 520 -27.30 35.87 -17.68
C LEU C 520 -28.33 36.29 -18.73
N ASP C 521 -27.88 37.13 -19.64
CA ASP C 521 -28.72 37.69 -20.71
C ASP C 521 -28.33 37.00 -21.99
N PHE C 522 -29.09 35.98 -22.37
CA PHE C 522 -28.72 35.13 -23.50
C PHE C 522 -29.16 35.72 -24.82
N ASP C 523 -28.41 36.75 -25.23
CA ASP C 523 -28.66 37.50 -26.45
C ASP C 523 -27.55 37.35 -27.51
N ASN C 524 -26.83 36.22 -27.55
CA ASN C 524 -25.81 36.01 -28.60
C ASN C 524 -25.45 34.54 -28.81
N ALA C 525 -25.67 34.10 -30.05
CA ALA C 525 -25.44 32.73 -30.51
C ALA C 525 -24.05 32.18 -30.26
N SER C 526 -23.07 33.06 -30.12
CA SER C 526 -21.66 32.70 -29.88
C SER C 526 -21.22 32.67 -28.42
N ALA C 527 -22.14 32.95 -27.51
CA ALA C 527 -21.88 32.85 -26.09
C ALA C 527 -21.08 31.59 -25.80
N LEU C 528 -19.89 31.77 -25.22
CA LEU C 528 -19.08 30.66 -24.71
C LEU C 528 -18.39 29.79 -25.73
N THR C 529 -18.58 30.03 -27.03
CA THR C 529 -18.03 29.12 -28.02
C THR C 529 -16.50 29.12 -28.09
N GLU C 530 -15.84 30.10 -27.46
CA GLU C 530 -14.37 30.15 -27.35
C GLU C 530 -13.78 29.02 -26.51
N LEU C 531 -14.57 28.49 -25.57
CA LEU C 531 -14.14 27.36 -24.75
C LEU C 531 -14.36 26.09 -25.55
N SER C 532 -13.49 25.82 -26.52
CA SER C 532 -13.65 24.64 -27.39
C SER C 532 -13.63 23.33 -26.59
N ASP C 533 -12.74 23.27 -25.60
CA ASP C 533 -12.56 22.07 -24.79
C ASP C 533 -13.66 21.83 -23.76
N LEU C 534 -14.63 22.76 -23.66
CA LEU C 534 -15.70 22.67 -22.66
C LEU C 534 -16.42 21.31 -22.67
N GLU C 535 -16.58 20.75 -21.48
CA GLU C 535 -17.17 19.44 -21.30
C GLU C 535 -18.37 19.43 -20.38
N VAL C 536 -18.40 20.34 -19.42
CA VAL C 536 -19.48 20.45 -18.46
C VAL C 536 -19.85 21.90 -18.25
N LEU C 537 -21.10 22.23 -18.55
CA LEU C 537 -21.61 23.58 -18.29
C LEU C 537 -22.85 23.56 -17.39
N ASP C 538 -22.85 24.46 -16.39
CA ASP C 538 -23.96 24.54 -15.45
C ASP C 538 -24.51 25.95 -15.49
N LEU C 539 -25.75 26.05 -15.94
CA LEU C 539 -26.45 27.30 -15.93
C LEU C 539 -27.69 27.22 -15.05
N SER C 540 -27.63 26.43 -13.99
CA SER C 540 -28.77 26.33 -13.11
C SER C 540 -29.12 27.71 -12.49
N TYR C 541 -30.39 28.01 -12.31
CA TYR C 541 -30.80 29.20 -11.57
C TYR C 541 -30.37 30.48 -12.24
N ASN C 542 -30.84 30.69 -13.48
CA ASN C 542 -30.64 31.93 -14.22
C ASN C 542 -31.93 32.32 -14.90
N SER C 543 -33.05 32.18 -14.18
CA SER C 543 -34.35 32.49 -14.72
C SER C 543 -34.57 33.97 -14.99
N HIS C 544 -33.80 34.82 -14.34
CA HIS C 544 -34.07 36.26 -14.34
C HIS C 544 -34.57 36.73 -15.70
N TYR C 545 -33.77 36.60 -16.74
CA TYR C 545 -34.25 37.03 -18.06
C TYR C 545 -35.16 35.98 -18.69
N PHE C 546 -34.92 34.71 -18.39
CA PHE C 546 -35.73 33.65 -18.97
C PHE C 546 -37.19 33.82 -18.71
N ARG C 547 -37.53 34.42 -17.57
CA ARG C 547 -38.92 34.53 -17.20
C ARG C 547 -39.61 35.65 -17.97
N ILE C 548 -38.87 36.55 -18.59
CA ILE C 548 -39.49 37.67 -19.33
C ILE C 548 -39.70 37.30 -20.80
N ALA C 549 -40.96 37.27 -21.24
CA ALA C 549 -41.32 36.84 -22.61
C ALA C 549 -40.78 37.77 -23.67
N GLY C 550 -40.87 39.06 -23.37
CA GLY C 550 -40.40 40.10 -24.28
C GLY C 550 -38.90 40.29 -24.47
N VAL C 551 -38.06 39.57 -23.68
CA VAL C 551 -36.60 39.57 -23.94
C VAL C 551 -36.22 38.28 -24.66
N THR C 552 -35.15 38.37 -25.46
CA THR C 552 -34.64 37.25 -26.23
C THR C 552 -33.96 36.23 -25.35
N HIS C 553 -34.05 34.99 -25.82
CA HIS C 553 -33.42 33.87 -25.20
C HIS C 553 -32.79 33.06 -26.30
N HIS C 554 -31.48 33.30 -26.53
CA HIS C 554 -30.67 32.60 -27.55
C HIS C 554 -29.78 31.46 -26.97
N LEU C 555 -30.11 30.23 -27.31
CA LEU C 555 -29.36 29.05 -26.89
C LEU C 555 -28.70 28.24 -28.05
N GLU C 556 -28.41 28.91 -29.15
CA GLU C 556 -27.87 28.23 -30.35
C GLU C 556 -26.51 27.63 -30.02
N PHE C 557 -25.75 28.35 -29.17
CA PHE C 557 -24.34 28.03 -28.88
C PHE C 557 -24.10 26.60 -28.50
N ILE C 558 -25.12 25.92 -27.98
CA ILE C 558 -24.95 24.57 -27.46
C ILE C 558 -24.29 23.66 -28.49
N GLN C 559 -24.50 23.99 -29.77
CA GLN C 559 -24.07 23.12 -30.87
C GLN C 559 -22.61 23.27 -31.23
N ASN C 560 -21.99 24.40 -30.94
CA ASN C 560 -20.62 24.61 -31.40
C ASN C 560 -19.59 24.08 -30.42
N PHE C 561 -19.97 23.06 -29.67
CA PHE C 561 -19.06 22.37 -28.77
C PHE C 561 -18.86 20.93 -29.21
N THR C 562 -17.62 20.59 -29.51
CA THR C 562 -17.28 19.27 -30.01
C THR C 562 -17.28 18.26 -28.88
N ASN C 563 -16.92 18.72 -27.67
CA ASN C 563 -16.69 17.83 -26.54
C ASN C 563 -17.62 18.00 -25.33
N LEU C 564 -18.75 18.65 -25.52
CA LEU C 564 -19.69 18.96 -24.43
C LEU C 564 -20.53 17.75 -24.01
N LYS C 565 -20.27 17.25 -22.80
CA LYS C 565 -20.94 16.05 -22.27
C LYS C 565 -22.16 16.34 -21.41
N VAL C 566 -22.06 17.34 -20.53
CA VAL C 566 -23.08 17.54 -19.49
C VAL C 566 -23.53 18.98 -19.37
N LEU C 567 -24.81 19.21 -19.59
CA LEU C 567 -25.40 20.55 -19.59
C LEU C 567 -26.57 20.68 -18.62
N ASN C 568 -26.50 21.66 -17.73
CA ASN C 568 -27.55 21.89 -16.74
C ASN C 568 -28.26 23.24 -16.92
N LEU C 569 -29.55 23.14 -17.10
CA LEU C 569 -30.43 24.27 -17.32
C LEU C 569 -31.57 24.23 -16.29
N SER C 570 -31.35 23.57 -15.16
CA SER C 570 -32.37 23.43 -14.16
C SER C 570 -32.77 24.77 -13.60
N HIS C 571 -34.07 24.90 -13.32
CA HIS C 571 -34.63 25.97 -12.51
C HIS C 571 -34.32 27.28 -13.16
N ASN C 572 -34.63 27.30 -14.45
CA ASN C 572 -34.45 28.46 -15.30
C ASN C 572 -35.76 29.02 -15.85
N ASN C 573 -36.87 28.34 -15.61
CA ASN C 573 -38.16 28.87 -16.03
C ASN C 573 -38.24 29.05 -17.54
N ILE C 574 -37.64 28.11 -18.24
CA ILE C 574 -37.61 28.19 -19.68
C ILE C 574 -39.00 27.93 -20.20
N TYR C 575 -39.55 28.90 -20.91
CA TYR C 575 -40.82 28.69 -21.61
C TYR C 575 -40.86 29.26 -23.02
N THR C 576 -39.81 29.94 -23.49
CA THR C 576 -39.89 30.65 -24.78
C THR C 576 -38.50 31.05 -25.25
N LEU C 577 -38.15 30.60 -26.45
CA LEU C 577 -36.86 30.90 -27.06
C LEU C 577 -37.05 31.73 -28.30
N THR C 578 -35.98 32.42 -28.69
CA THR C 578 -35.95 33.21 -29.91
C THR C 578 -35.37 32.42 -31.12
N ASP C 579 -36.07 32.53 -32.27
CA ASP C 579 -35.67 31.96 -33.61
C ASP C 579 -35.51 30.45 -33.68
N LYS C 580 -34.45 29.94 -33.05
CA LYS C 580 -34.18 28.54 -33.02
C LYS C 580 -34.85 27.96 -31.78
N TYR C 581 -35.81 27.07 -32.01
CA TYR C 581 -36.60 26.48 -30.94
C TYR C 581 -36.13 25.06 -30.65
N ASN C 582 -34.83 24.80 -30.84
CA ASN C 582 -34.29 23.44 -30.66
C ASN C 582 -32.92 23.40 -30.05
N LEU C 583 -32.69 22.37 -29.26
CA LEU C 583 -31.41 22.16 -28.66
C LEU C 583 -30.75 21.09 -29.51
N GLU C 584 -29.50 21.36 -29.89
CA GLU C 584 -28.77 20.47 -30.79
C GLU C 584 -27.31 20.35 -30.37
N SER C 585 -26.81 19.13 -30.42
CA SER C 585 -25.41 18.87 -30.11
C SER C 585 -25.14 17.42 -30.48
N LYS C 586 -24.03 17.17 -31.18
CA LYS C 586 -23.67 15.80 -31.57
C LYS C 586 -22.94 15.07 -30.45
N SER C 587 -22.48 15.82 -29.45
CA SER C 587 -21.69 15.26 -28.37
C SER C 587 -22.47 15.10 -27.08
N LEU C 588 -23.43 15.99 -26.83
CA LEU C 588 -24.05 16.06 -25.50
C LEU C 588 -24.64 14.75 -25.06
N VAL C 589 -24.27 14.35 -23.84
CA VAL C 589 -24.70 13.09 -23.25
C VAL C 589 -25.80 13.25 -22.19
N GLU C 590 -25.60 14.16 -21.24
CA GLU C 590 -26.57 14.45 -20.16
C GLU C 590 -27.12 15.88 -20.30
N LEU C 591 -28.44 16.03 -20.19
CA LEU C 591 -29.08 17.35 -20.12
C LEU C 591 -30.12 17.36 -19.00
N VAL C 592 -29.90 18.22 -18.02
CA VAL C 592 -30.85 18.38 -16.93
C VAL C 592 -31.75 19.60 -17.20
N PHE C 593 -33.05 19.35 -17.37
CA PHE C 593 -33.99 20.40 -17.78
C PHE C 593 -35.08 20.60 -16.73
N SER C 594 -34.80 20.14 -15.49
CA SER C 594 -35.74 20.27 -14.40
C SER C 594 -36.08 21.73 -14.13
N GLY C 595 -37.25 22.01 -13.57
CA GLY C 595 -37.55 23.37 -13.10
C GLY C 595 -37.74 24.35 -14.24
N ASN C 596 -38.18 23.83 -15.37
CA ASN C 596 -38.54 24.66 -16.51
C ASN C 596 -40.02 24.49 -16.84
N ARG C 597 -40.48 25.12 -17.92
CA ARG C 597 -41.90 25.09 -18.19
C ARG C 597 -42.28 24.32 -19.45
N LEU C 598 -41.79 23.08 -19.56
CA LEU C 598 -42.19 22.19 -20.65
C LEU C 598 -43.70 22.11 -20.83
N ASP C 599 -44.45 22.39 -19.77
CA ASP C 599 -45.91 22.55 -19.86
C ASP C 599 -46.33 23.64 -20.83
N ILE C 600 -45.58 24.73 -20.91
CA ILE C 600 -45.89 25.79 -21.86
C ILE C 600 -45.25 25.57 -23.23
N LEU C 601 -44.04 25.01 -23.24
CA LEU C 601 -43.31 24.79 -24.47
C LEU C 601 -44.11 23.81 -25.31
N TRP C 602 -44.68 22.79 -24.67
CA TRP C 602 -45.49 21.77 -25.35
C TRP C 602 -47.01 21.91 -25.16
N ASN C 603 -47.55 23.13 -25.10
CA ASN C 603 -49.02 23.21 -24.95
C ASN C 603 -49.65 22.85 -26.29
N ASP C 604 -50.81 22.22 -26.21
CA ASP C 604 -51.49 21.60 -27.37
C ASP C 604 -51.75 22.56 -28.53
N ASP C 605 -51.67 23.87 -28.29
CA ASP C 605 -51.88 24.88 -29.33
C ASP C 605 -50.60 25.32 -30.02
N ASP C 606 -49.44 24.79 -29.62
CA ASP C 606 -48.16 25.25 -30.20
C ASP C 606 -47.31 24.08 -30.65
N ASN C 607 -46.70 24.24 -31.83
CA ASN C 607 -45.86 23.19 -32.40
C ASN C 607 -44.39 23.55 -32.56
N ARG C 608 -44.00 24.77 -32.21
CA ARG C 608 -42.62 25.19 -32.43
C ARG C 608 -41.58 24.31 -31.69
N TYR C 609 -41.95 23.81 -30.51
CA TYR C 609 -41.01 23.06 -29.63
C TYR C 609 -41.29 21.57 -29.58
N ILE C 610 -41.98 21.05 -30.58
CA ILE C 610 -42.25 19.61 -30.63
C ILE C 610 -40.94 18.76 -30.76
N SER C 611 -39.93 19.30 -31.45
CA SER C 611 -38.66 18.61 -31.72
C SER C 611 -37.51 19.02 -30.78
N ILE C 612 -37.82 19.83 -29.77
CA ILE C 612 -36.82 20.51 -28.92
C ILE C 612 -35.62 19.67 -28.46
N PHE C 613 -35.83 18.38 -28.20
CA PHE C 613 -34.74 17.52 -27.75
C PHE C 613 -34.10 16.61 -28.81
N LYS C 614 -34.55 16.68 -30.07
CA LYS C 614 -34.17 15.65 -31.06
C LYS C 614 -32.78 15.84 -31.64
N GLY C 615 -32.38 17.09 -31.87
CA GLY C 615 -31.04 17.39 -32.35
C GLY C 615 -29.93 16.99 -31.40
N LEU C 616 -30.30 16.45 -30.22
CA LEU C 616 -29.36 15.90 -29.25
C LEU C 616 -29.12 14.44 -29.54
N LYS C 617 -28.17 14.19 -30.44
CA LYS C 617 -28.04 12.89 -31.10
C LYS C 617 -27.51 11.80 -30.16
N ASN C 618 -26.68 12.21 -29.20
CA ASN C 618 -25.84 11.32 -28.39
C ASN C 618 -26.37 11.19 -26.96
N LEU C 619 -27.54 11.77 -26.70
CA LEU C 619 -28.02 11.92 -25.33
C LEU C 619 -28.48 10.59 -24.76
N THR C 620 -27.89 10.18 -23.64
CA THR C 620 -28.39 9.00 -22.89
C THR C 620 -29.15 9.36 -21.62
N ARG C 621 -29.11 10.65 -21.23
CA ARG C 621 -29.68 11.04 -19.92
C ARG C 621 -30.49 12.34 -20.00
N LEU C 622 -31.76 12.29 -19.62
CA LEU C 622 -32.66 13.43 -19.78
C LEU C 622 -33.57 13.61 -18.59
N ASP C 623 -33.41 14.75 -17.92
CA ASP C 623 -34.10 15.04 -16.69
C ASP C 623 -35.10 16.14 -16.99
N LEU C 624 -36.36 15.74 -17.05
CA LEU C 624 -37.46 16.66 -17.28
C LEU C 624 -38.33 16.77 -16.02
N SER C 625 -37.73 16.56 -14.84
CA SER C 625 -38.50 16.69 -13.60
C SER C 625 -39.04 18.10 -13.51
N LEU C 626 -40.02 18.32 -12.63
CA LEU C 626 -40.41 19.68 -12.25
C LEU C 626 -40.66 20.59 -13.44
N ASN C 627 -41.51 20.13 -14.35
CA ASN C 627 -41.95 20.97 -15.47
C ASN C 627 -43.47 21.18 -15.49
N ARG C 628 -44.13 20.82 -14.39
CA ARG C 628 -45.55 21.03 -14.22
C ARG C 628 -46.34 20.41 -15.38
N LEU C 629 -45.98 19.19 -15.74
CA LEU C 629 -46.61 18.49 -16.89
C LEU C 629 -47.80 17.60 -16.51
N LYS C 630 -48.95 17.89 -17.09
CA LYS C 630 -50.16 17.07 -16.92
C LYS C 630 -50.28 16.02 -18.02
N HIS C 631 -49.97 16.42 -19.24
CA HIS C 631 -49.94 15.52 -20.40
C HIS C 631 -48.68 15.82 -21.22
N ILE C 632 -48.29 14.88 -22.08
CA ILE C 632 -47.23 15.14 -23.06
C ILE C 632 -47.70 14.80 -24.49
N PRO C 633 -47.65 15.78 -25.40
CA PRO C 633 -48.03 15.45 -26.78
C PRO C 633 -47.27 14.23 -27.30
N ASN C 634 -48.02 13.22 -27.71
CA ASN C 634 -47.46 11.98 -28.25
C ASN C 634 -46.30 12.17 -29.24
N GLU C 635 -46.43 13.17 -30.12
CA GLU C 635 -45.38 13.49 -31.09
C GLU C 635 -44.11 14.04 -30.41
N ALA C 636 -44.29 14.94 -29.44
CA ALA C 636 -43.18 15.52 -28.70
C ALA C 636 -42.34 14.42 -28.08
N PHE C 637 -43.00 13.47 -27.43
CA PHE C 637 -42.32 12.33 -26.83
C PHE C 637 -41.58 11.51 -27.87
N LEU C 638 -42.20 11.30 -29.03
CA LEU C 638 -41.56 10.54 -30.10
C LEU C 638 -40.33 11.24 -30.64
N ASN C 639 -40.22 12.54 -30.38
CA ASN C 639 -39.02 13.29 -30.79
C ASN C 639 -37.92 13.38 -29.72
N LEU C 640 -38.02 12.61 -28.64
CA LEU C 640 -36.91 12.45 -27.69
C LEU C 640 -35.87 11.48 -28.27
N PRO C 641 -34.57 11.70 -27.98
CA PRO C 641 -33.57 10.93 -28.70
C PRO C 641 -33.64 9.44 -28.39
N ALA C 642 -33.49 8.61 -29.42
CA ALA C 642 -33.57 7.15 -29.29
C ALA C 642 -32.43 6.58 -28.44
N SER C 643 -31.36 7.36 -28.31
CA SER C 643 -30.17 6.99 -27.54
C SER C 643 -30.39 6.92 -26.02
N LEU C 644 -31.47 7.51 -25.52
CA LEU C 644 -31.73 7.55 -24.07
C LEU C 644 -31.62 6.17 -23.41
N THR C 645 -30.78 6.06 -22.40
CA THR C 645 -30.77 4.90 -21.49
C THR C 645 -31.49 5.21 -20.18
N GLU C 646 -31.72 6.48 -19.91
CA GLU C 646 -32.26 6.89 -18.62
C GLU C 646 -33.04 8.16 -18.79
N LEU C 647 -34.31 8.13 -18.36
CA LEU C 647 -35.21 9.27 -18.52
C LEU C 647 -35.98 9.51 -17.24
N HIS C 648 -35.94 10.75 -16.77
CA HIS C 648 -36.62 11.15 -15.56
C HIS C 648 -37.72 12.17 -15.87
N ILE C 649 -38.96 11.81 -15.60
CA ILE C 649 -40.05 12.75 -15.81
C ILE C 649 -40.83 12.96 -14.53
N ASN C 650 -40.14 12.85 -13.40
CA ASN C 650 -40.79 12.89 -12.09
C ASN C 650 -41.30 14.27 -11.62
N ASP C 651 -42.01 14.28 -10.51
CA ASP C 651 -42.55 15.50 -9.93
C ASP C 651 -43.07 16.42 -11.00
N ASN C 652 -44.00 15.89 -11.77
CA ASN C 652 -44.82 16.70 -12.65
C ASN C 652 -46.26 16.51 -12.19
N MET C 653 -47.23 16.59 -13.11
CA MET C 653 -48.61 16.41 -12.74
C MET C 653 -49.32 15.44 -13.72
N LEU C 654 -48.59 14.42 -14.17
CA LEU C 654 -49.07 13.49 -15.21
C LEU C 654 -50.25 12.58 -14.83
N LYS C 655 -51.35 12.68 -15.59
CA LYS C 655 -52.50 11.76 -15.47
C LYS C 655 -52.33 10.49 -16.32
N PHE C 656 -51.71 10.63 -17.49
CA PHE C 656 -51.62 9.52 -18.43
C PHE C 656 -50.18 9.32 -18.92
N PHE C 657 -49.89 8.13 -19.42
CA PHE C 657 -48.61 7.83 -20.06
C PHE C 657 -48.81 6.76 -21.15
N ASN C 658 -48.58 7.15 -22.41
CA ASN C 658 -48.73 6.26 -23.56
C ASN C 658 -47.53 5.32 -23.57
N TRP C 659 -47.66 4.23 -22.83
CA TRP C 659 -46.58 3.23 -22.68
C TRP C 659 -46.15 2.62 -24.03
N THR C 660 -47.04 2.64 -25.01
CA THR C 660 -46.77 2.21 -26.38
C THR C 660 -45.48 2.78 -27.00
N LEU C 661 -45.19 4.05 -26.71
CA LEU C 661 -44.10 4.75 -27.40
C LEU C 661 -42.69 4.29 -27.00
N LEU C 662 -42.59 3.51 -25.91
CA LEU C 662 -41.30 2.94 -25.50
C LEU C 662 -40.63 2.05 -26.55
N GLN C 663 -41.42 1.57 -27.53
CA GLN C 663 -40.89 0.80 -28.66
C GLN C 663 -39.80 1.53 -29.45
N GLN C 664 -39.77 2.87 -29.34
CA GLN C 664 -38.79 3.72 -30.04
C GLN C 664 -37.49 3.97 -29.25
N PHE C 665 -37.38 3.37 -28.06
CA PHE C 665 -36.24 3.54 -27.18
C PHE C 665 -35.75 2.17 -26.75
N PRO C 666 -34.99 1.51 -27.64
CA PRO C 666 -34.57 0.12 -27.41
C PRO C 666 -33.38 -0.02 -26.45
N ARG C 667 -32.78 1.11 -26.07
CA ARG C 667 -31.62 1.16 -25.17
C ARG C 667 -31.96 1.70 -23.77
N LEU C 668 -33.23 2.04 -23.55
CA LEU C 668 -33.70 2.61 -22.28
C LEU C 668 -33.65 1.63 -21.09
N GLU C 669 -32.83 1.94 -20.09
CA GLU C 669 -32.71 1.14 -18.87
C GLU C 669 -33.54 1.66 -17.73
N LEU C 670 -33.58 2.98 -17.54
CA LEU C 670 -34.25 3.57 -16.38
C LEU C 670 -35.35 4.52 -16.78
N LEU C 671 -36.46 4.47 -16.05
CA LEU C 671 -37.65 5.31 -16.32
C LEU C 671 -38.28 5.79 -15.02
N ASP C 672 -38.10 7.08 -14.73
CA ASP C 672 -38.58 7.72 -13.51
C ASP C 672 -39.88 8.48 -13.75
N LEU C 673 -40.97 7.98 -13.17
CA LEU C 673 -42.25 8.69 -13.21
C LEU C 673 -42.77 8.98 -11.82
N ARG C 674 -41.89 8.91 -10.82
CA ARG C 674 -42.27 9.24 -9.43
C ARG C 674 -43.02 10.57 -9.33
N GLY C 675 -43.90 10.69 -8.34
CA GLY C 675 -44.54 11.97 -8.06
C GLY C 675 -45.32 12.52 -9.23
N ASN C 676 -46.31 11.75 -9.68
CA ASN C 676 -47.28 12.21 -10.66
C ASN C 676 -48.66 11.75 -10.23
N LYS C 677 -49.60 11.68 -11.16
CA LYS C 677 -50.97 11.29 -10.88
C LYS C 677 -51.42 10.16 -11.80
N LEU C 678 -50.57 9.14 -11.94
CA LEU C 678 -50.89 8.02 -12.85
C LEU C 678 -51.94 7.09 -12.24
N LEU C 679 -52.98 6.80 -13.03
CA LEU C 679 -54.17 6.08 -12.55
C LEU C 679 -54.20 4.64 -13.02
N PHE C 680 -53.87 4.45 -14.29
CA PHE C 680 -54.13 3.23 -15.04
C PHE C 680 -52.79 2.81 -15.69
N LEU C 681 -52.30 1.62 -15.34
CA LEU C 681 -51.13 1.03 -16.00
C LEU C 681 -51.54 0.24 -17.25
N THR C 682 -50.56 -0.25 -18.02
CA THR C 682 -50.81 -1.07 -19.22
C THR C 682 -50.86 -2.57 -18.92
N ASP C 683 -51.65 -3.33 -19.70
CA ASP C 683 -51.92 -4.74 -19.38
C ASP C 683 -50.75 -5.70 -19.64
N SER C 684 -50.07 -5.55 -20.79
CA SER C 684 -48.88 -6.34 -21.09
C SER C 684 -47.78 -5.41 -21.62
N LEU C 685 -46.85 -5.06 -20.75
CA LEU C 685 -45.77 -4.13 -21.09
C LEU C 685 -44.71 -4.74 -22.01
N SER C 686 -44.39 -6.01 -21.78
CA SER C 686 -43.28 -6.66 -22.47
C SER C 686 -43.29 -6.38 -23.97
N ASP C 687 -44.48 -6.20 -24.52
CA ASP C 687 -44.65 -5.92 -25.94
C ASP C 687 -44.10 -4.55 -26.37
N PHE C 688 -43.68 -3.73 -25.40
CA PHE C 688 -43.22 -2.37 -25.68
C PHE C 688 -41.75 -2.07 -25.39
N THR C 689 -41.05 -2.96 -24.67
CA THR C 689 -39.67 -2.72 -24.30
C THR C 689 -39.00 -4.00 -23.78
N SER C 690 -37.77 -4.28 -24.24
CA SER C 690 -36.96 -5.33 -23.64
C SER C 690 -35.81 -4.77 -22.78
N SER C 691 -35.33 -3.57 -23.14
CA SER C 691 -34.20 -2.92 -22.45
C SER C 691 -34.44 -2.49 -20.99
N LEU C 692 -35.69 -2.23 -20.62
CA LEU C 692 -36.00 -1.48 -19.40
C LEU C 692 -35.72 -2.20 -18.09
N ARG C 693 -34.63 -1.81 -17.41
CA ARG C 693 -34.14 -2.48 -16.20
C ARG C 693 -34.62 -1.88 -14.89
N THR C 694 -35.13 -0.64 -14.88
CA THR C 694 -35.64 -0.02 -13.62
C THR C 694 -36.80 0.90 -13.91
N LEU C 695 -37.93 0.70 -13.23
CA LEU C 695 -39.11 1.54 -13.47
C LEU C 695 -39.67 2.09 -12.16
N LEU C 696 -39.66 3.41 -12.02
CA LEU C 696 -40.07 4.06 -10.75
C LEU C 696 -41.43 4.72 -10.91
N LEU C 697 -42.39 4.29 -10.10
CA LEU C 697 -43.77 4.81 -10.19
C LEU C 697 -44.37 5.26 -8.85
N SER C 698 -43.53 5.37 -7.79
CA SER C 698 -44.03 5.73 -6.46
C SER C 698 -44.64 7.15 -6.40
N HIS C 699 -45.56 7.33 -5.45
CA HIS C 699 -46.27 8.61 -5.27
C HIS C 699 -47.10 8.90 -6.51
N ASN C 700 -48.00 7.96 -6.81
CA ASN C 700 -48.97 8.10 -7.88
C ASN C 700 -50.35 7.69 -7.36
N ARG C 701 -51.34 7.68 -8.26
CA ARG C 701 -52.73 7.35 -7.89
C ARG C 701 -53.18 5.99 -8.50
N ILE C 702 -52.32 4.97 -8.41
CA ILE C 702 -52.62 3.64 -9.03
C ILE C 702 -53.20 2.65 -8.03
N SER C 703 -54.32 2.04 -8.38
CA SER C 703 -55.08 1.22 -7.43
C SER C 703 -55.05 -0.29 -7.68
N HIS C 704 -54.69 -0.71 -8.89
CA HIS C 704 -54.76 -2.14 -9.28
C HIS C 704 -53.68 -2.48 -10.32
N LEU C 705 -52.92 -3.55 -10.10
CA LEU C 705 -51.91 -4.02 -11.07
C LEU C 705 -52.50 -4.92 -12.14
N PRO C 706 -52.20 -4.64 -13.41
CA PRO C 706 -52.27 -5.65 -14.45
C PRO C 706 -51.31 -6.82 -14.26
N LEU C 716 -36.07 -6.13 -16.76
CA LEU C 716 -36.61 -5.36 -15.65
C LEU C 716 -36.22 -5.92 -14.30
N LYS C 717 -35.46 -5.14 -13.55
CA LYS C 717 -34.85 -5.54 -12.29
C LYS C 717 -35.42 -4.79 -11.05
N HIS C 718 -35.78 -3.52 -11.20
CA HIS C 718 -36.28 -2.69 -10.08
C HIS C 718 -37.70 -2.24 -10.41
N LEU C 719 -38.63 -2.45 -9.48
CA LEU C 719 -40.00 -1.95 -9.61
C LEU C 719 -40.42 -1.28 -8.30
N ASP C 720 -40.90 -0.05 -8.43
CA ASP C 720 -41.19 0.82 -7.30
C ASP C 720 -42.62 1.34 -7.38
N LEU C 721 -43.49 0.70 -6.62
CA LEU C 721 -44.90 1.07 -6.60
C LEU C 721 -45.32 1.51 -5.19
N SER C 722 -44.33 1.89 -4.38
CA SER C 722 -44.59 2.43 -3.06
C SER C 722 -45.42 3.70 -3.08
N SER C 723 -45.91 4.09 -1.93
CA SER C 723 -46.72 5.32 -1.82
C SER C 723 -47.71 5.41 -2.97
N ASN C 724 -48.47 4.34 -3.17
CA ASN C 724 -49.50 4.33 -4.18
C ASN C 724 -50.89 4.14 -3.57
N LEU C 725 -51.88 3.90 -4.42
CA LEU C 725 -53.24 3.62 -3.99
C LEU C 725 -53.59 2.13 -4.04
N LEU C 726 -52.58 1.27 -4.16
CA LEU C 726 -52.84 -0.18 -4.31
C LEU C 726 -53.58 -0.77 -3.12
N LYS C 727 -54.86 -1.08 -3.34
CA LYS C 727 -55.71 -1.70 -2.32
C LYS C 727 -55.38 -3.19 -2.14
N THR C 728 -55.13 -3.90 -3.24
CA THR C 728 -54.84 -5.35 -3.20
C THR C 728 -53.88 -5.81 -4.30
N ILE C 729 -53.38 -7.04 -4.19
CA ILE C 729 -52.59 -7.69 -5.26
C ILE C 729 -52.97 -9.19 -5.42
N ASN C 730 -53.66 -9.51 -6.52
CA ASN C 730 -54.00 -10.90 -6.84
C ASN C 730 -52.75 -11.69 -7.33
N LYS C 731 -52.94 -12.85 -7.96
CA LYS C 731 -51.83 -13.79 -8.16
C LYS C 731 -50.94 -13.50 -9.38
N SER C 732 -51.54 -12.93 -10.43
CA SER C 732 -50.79 -12.37 -11.56
C SER C 732 -50.61 -10.87 -11.34
N LYS C 741 -37.39 -12.75 -12.81
CA LYS C 741 -35.97 -12.59 -12.48
C LYS C 741 -35.72 -11.16 -12.02
N LEU C 742 -36.51 -10.74 -11.02
CA LEU C 742 -36.52 -9.37 -10.54
C LEU C 742 -36.13 -9.38 -9.07
N SER C 743 -35.37 -8.37 -8.66
CA SER C 743 -34.65 -8.38 -7.37
C SER C 743 -34.91 -7.14 -6.49
N MET C 744 -35.94 -6.37 -6.83
CA MET C 744 -36.26 -5.13 -6.13
C MET C 744 -37.70 -4.76 -6.38
N LEU C 745 -38.59 -5.09 -5.45
CA LEU C 745 -39.99 -4.67 -5.54
C LEU C 745 -40.35 -3.83 -4.32
N GLU C 746 -40.80 -2.59 -4.57
CA GLU C 746 -41.07 -1.60 -3.51
C GLU C 746 -42.57 -1.39 -3.31
N LEU C 747 -43.04 -1.54 -2.06
CA LEU C 747 -44.49 -1.48 -1.76
C LEU C 747 -44.96 -0.65 -0.53
N HIS C 748 -44.08 -0.30 0.39
CA HIS C 748 -44.46 0.55 1.52
C HIS C 748 -45.38 1.73 1.10
N GLY C 749 -46.30 2.10 1.97
CA GLY C 749 -47.18 3.26 1.75
C GLY C 749 -48.37 2.97 0.86
N ASN C 750 -48.69 1.70 0.68
CA ASN C 750 -49.89 1.33 -0.05
C ASN C 750 -51.00 0.98 0.93
N PRO C 751 -52.23 1.30 0.54
CA PRO C 751 -53.39 1.15 1.42
C PRO C 751 -53.92 -0.28 1.40
N PHE C 752 -53.33 -1.15 2.22
CA PHE C 752 -53.61 -2.59 2.09
C PHE C 752 -54.81 -3.10 2.87
N GLU C 753 -55.76 -3.72 2.15
CA GLU C 753 -56.83 -4.48 2.78
C GLU C 753 -56.25 -5.80 3.29
N CYS C 754 -56.22 -5.97 4.61
CA CYS C 754 -55.65 -7.18 5.20
C CYS C 754 -56.76 -8.16 5.63
N THR C 755 -57.05 -9.10 4.74
CA THR C 755 -58.04 -10.13 4.94
C THR C 755 -57.41 -11.45 4.50
N CYS C 756 -58.20 -12.52 4.38
CA CYS C 756 -57.69 -13.81 3.91
C CYS C 756 -57.43 -13.79 2.38
N ASP C 757 -58.04 -12.82 1.67
CA ASP C 757 -57.81 -12.59 0.22
C ASP C 757 -56.32 -12.34 -0.11
N ILE C 758 -55.62 -11.67 0.79
CA ILE C 758 -54.22 -11.22 0.59
C ILE C 758 -53.21 -12.36 0.57
N GLY C 759 -53.45 -13.38 1.40
CA GLY C 759 -52.53 -14.51 1.56
C GLY C 759 -51.96 -15.04 0.25
N ASP C 760 -52.78 -15.01 -0.79
CA ASP C 760 -52.35 -15.42 -2.13
C ASP C 760 -51.07 -14.66 -2.47
N PHE C 761 -51.08 -13.36 -2.20
CA PHE C 761 -49.87 -12.55 -2.27
C PHE C 761 -48.84 -13.03 -1.25
N ARG C 762 -49.19 -12.99 0.02
CA ARG C 762 -48.28 -13.44 1.09
C ARG C 762 -47.43 -14.68 0.76
N ARG C 763 -48.01 -15.63 0.02
CA ARG C 763 -47.30 -16.86 -0.38
C ARG C 763 -46.41 -16.61 -1.62
N TRP C 764 -46.86 -15.72 -2.52
CA TRP C 764 -46.02 -15.23 -3.64
C TRP C 764 -44.63 -14.75 -3.15
N MET C 765 -44.60 -14.09 -2.00
CA MET C 765 -43.34 -13.70 -1.36
C MET C 765 -42.47 -14.91 -1.01
N ASP C 766 -43.07 -15.91 -0.36
CA ASP C 766 -42.34 -17.07 0.16
C ASP C 766 -41.65 -17.90 -0.91
N GLU C 767 -42.30 -18.01 -2.07
CA GLU C 767 -41.75 -18.76 -3.23
C GLU C 767 -40.60 -18.01 -3.92
N HIS C 768 -40.58 -16.67 -3.82
CA HIS C 768 -39.49 -15.86 -4.37
C HIS C 768 -38.83 -15.07 -3.24
N LEU C 769 -37.80 -15.63 -2.60
CA LEU C 769 -37.11 -14.93 -1.50
C LEU C 769 -35.90 -14.11 -1.96
N ASN C 770 -35.43 -14.36 -3.17
CA ASN C 770 -34.38 -13.53 -3.76
C ASN C 770 -34.96 -12.16 -4.17
N VAL C 771 -36.22 -12.14 -4.60
CA VAL C 771 -36.93 -10.88 -4.92
C VAL C 771 -37.03 -10.00 -3.67
N LYS C 772 -36.13 -9.03 -3.57
CA LYS C 772 -36.04 -8.20 -2.37
C LYS C 772 -37.18 -7.19 -2.26
N ILE C 773 -37.80 -7.17 -1.08
CA ILE C 773 -38.87 -6.24 -0.69
C ILE C 773 -38.39 -5.46 0.53
N PRO C 774 -38.20 -4.12 0.40
CA PRO C 774 -37.54 -3.37 1.46
C PRO C 774 -38.51 -2.68 2.45
N ARG C 775 -38.07 -2.54 3.69
CA ARG C 775 -38.78 -1.75 4.72
C ARG C 775 -40.18 -2.28 4.99
N LEU C 776 -40.25 -3.55 5.36
CA LEU C 776 -41.53 -4.24 5.51
C LEU C 776 -42.43 -3.53 6.52
N VAL C 777 -41.82 -3.02 7.59
CA VAL C 777 -42.59 -2.36 8.65
C VAL C 777 -43.50 -1.27 8.11
N ASP C 778 -43.07 -0.59 7.05
CA ASP C 778 -43.87 0.49 6.45
C ASP C 778 -44.78 -0.04 5.36
N VAL C 779 -44.76 -1.36 5.14
CA VAL C 779 -45.76 -2.02 4.28
C VAL C 779 -46.91 -2.44 5.20
N ILE C 780 -47.88 -1.55 5.37
CA ILE C 780 -48.86 -1.60 6.46
C ILE C 780 -50.28 -1.86 5.96
N CYS C 781 -51.12 -2.46 6.81
CA CYS C 781 -52.54 -2.68 6.52
C CYS C 781 -53.37 -1.44 6.80
N ALA C 782 -54.29 -1.16 5.89
CA ALA C 782 -55.23 -0.04 6.00
C ALA C 782 -56.55 -0.44 6.68
N SER C 783 -57.18 -1.48 6.13
CA SER C 783 -58.41 -2.06 6.68
C SER C 783 -58.11 -3.50 7.13
N PRO C 784 -58.93 -4.06 8.00
CA PRO C 784 -60.06 -3.36 8.64
C PRO C 784 -59.61 -2.42 9.75
N GLY C 785 -60.56 -1.78 10.42
CA GLY C 785 -60.29 -0.83 11.51
C GLY C 785 -59.49 -1.35 12.69
N ASP C 786 -59.51 -2.66 12.93
CA ASP C 786 -58.70 -3.27 13.99
C ASP C 786 -57.30 -3.68 13.49
N GLN C 787 -57.20 -4.06 12.21
CA GLN C 787 -55.93 -4.46 11.57
C GLN C 787 -55.07 -3.27 11.14
N ARG C 788 -55.72 -2.11 10.97
CA ARG C 788 -55.06 -0.81 10.83
C ARG C 788 -53.78 -0.74 11.66
N GLY C 789 -52.73 -0.20 11.07
CA GLY C 789 -51.48 0.02 11.78
C GLY C 789 -50.46 -1.08 11.62
N LYS C 790 -50.93 -2.33 11.48
CA LYS C 790 -50.04 -3.50 11.50
C LYS C 790 -49.43 -3.84 10.13
N SER C 791 -48.27 -4.51 10.19
CA SER C 791 -47.52 -4.92 9.01
C SER C 791 -48.22 -6.06 8.28
N ILE C 792 -48.25 -6.02 6.95
CA ILE C 792 -48.97 -7.06 6.18
C ILE C 792 -48.40 -8.45 6.43
N VAL C 793 -47.12 -8.52 6.75
CA VAL C 793 -46.45 -9.79 6.92
C VAL C 793 -46.83 -10.43 8.27
N SER C 794 -47.07 -9.62 9.30
CA SER C 794 -47.37 -10.15 10.65
C SER C 794 -48.86 -10.49 10.86
N LEU C 795 -49.32 -11.53 10.16
CA LEU C 795 -50.72 -11.97 10.24
C LEU C 795 -50.89 -13.41 9.78
N SER D 11 -78.23 23.21 3.39
CA SER D 11 -78.24 23.48 1.92
C SER D 11 -77.07 22.80 1.24
N TYR D 12 -77.30 22.35 0.02
CA TYR D 12 -76.32 21.54 -0.70
C TYR D 12 -76.70 21.39 -2.18
N PRO D 13 -75.73 21.27 -3.10
CA PRO D 13 -74.30 21.49 -2.86
C PRO D 13 -73.95 22.97 -2.96
N CYS D 14 -74.91 23.74 -3.44
CA CYS D 14 -74.79 25.18 -3.51
C CYS D 14 -74.77 25.83 -2.14
N ASP D 15 -73.69 26.57 -1.89
CA ASP D 15 -73.67 27.51 -0.78
C ASP D 15 -74.53 28.67 -1.29
N GLU D 16 -75.53 29.06 -0.50
CA GLU D 16 -76.57 29.99 -0.94
C GLU D 16 -76.71 31.15 0.04
N ALA D 25 -75.94 32.45 -6.23
CA ALA D 25 -75.41 31.40 -5.34
C ALA D 25 -74.53 30.34 -6.08
N GLU D 26 -73.44 29.89 -5.41
CA GLU D 26 -72.40 29.02 -6.03
C GLU D 26 -72.71 27.55 -6.00
N CYS D 27 -72.43 26.86 -7.11
CA CYS D 27 -72.21 25.41 -7.11
C CYS D 27 -70.97 25.07 -7.95
N SER D 28 -70.08 26.04 -8.10
CA SER D 28 -68.90 25.87 -8.94
C SER D 28 -67.93 24.83 -8.34
N ASN D 29 -67.27 24.08 -9.22
CA ASN D 29 -66.17 23.18 -8.87
C ASN D 29 -66.46 22.17 -7.76
N ARG D 30 -67.47 21.35 -7.95
CA ARG D 30 -67.81 20.34 -6.93
C ARG D 30 -68.12 18.99 -7.55
N ARG D 31 -67.35 18.66 -8.60
CA ARG D 31 -67.34 17.32 -9.21
C ARG D 31 -68.72 16.83 -9.63
N LEU D 32 -69.55 17.75 -10.08
CA LEU D 32 -70.92 17.46 -10.39
C LEU D 32 -71.01 16.77 -11.75
N GLN D 33 -71.34 15.48 -11.72
CA GLN D 33 -71.42 14.68 -12.95
C GLN D 33 -72.54 15.17 -13.87
N GLU D 34 -73.55 15.81 -13.30
CA GLU D 34 -74.56 16.54 -14.07
C GLU D 34 -75.17 17.62 -13.18
N VAL D 35 -75.83 18.60 -13.79
CA VAL D 35 -76.45 19.70 -13.04
C VAL D 35 -77.15 19.10 -11.85
N PRO D 36 -76.85 19.61 -10.64
CA PRO D 36 -77.40 18.95 -9.46
C PRO D 36 -78.83 19.38 -9.25
N GLN D 37 -79.49 18.68 -8.34
CA GLN D 37 -80.94 18.70 -8.25
C GLN D 37 -81.40 19.29 -6.92
N THR D 38 -80.69 18.96 -5.85
CA THR D 38 -81.02 19.42 -4.49
C THR D 38 -80.69 20.92 -4.36
N VAL D 39 -81.64 21.77 -4.73
CA VAL D 39 -81.38 23.21 -4.88
C VAL D 39 -82.58 24.06 -4.41
N GLY D 40 -82.30 25.29 -3.98
CA GLY D 40 -83.35 26.24 -3.60
C GLY D 40 -83.99 26.99 -4.76
N LYS D 41 -85.23 27.42 -4.54
CA LYS D 41 -86.00 28.19 -5.53
C LYS D 41 -85.78 29.69 -5.31
N TYR D 42 -85.03 30.02 -4.26
CA TYR D 42 -84.65 31.40 -3.91
C TYR D 42 -83.23 31.70 -4.50
N VAL D 43 -83.02 31.25 -5.76
CA VAL D 43 -81.71 31.23 -6.43
C VAL D 43 -81.80 31.77 -7.86
N THR D 44 -81.52 33.07 -8.06
CA THR D 44 -81.51 33.65 -9.41
C THR D 44 -80.11 33.74 -10.06
N GLU D 45 -79.11 33.08 -9.46
CA GLU D 45 -77.75 33.00 -10.02
C GLU D 45 -77.09 31.69 -9.63
N LEU D 46 -76.55 30.99 -10.63
CA LEU D 46 -75.98 29.66 -10.43
C LEU D 46 -74.63 29.53 -11.13
N ASP D 47 -73.61 29.22 -10.33
CA ASP D 47 -72.25 29.02 -10.83
C ASP D 47 -71.98 27.52 -10.85
N LEU D 48 -71.88 26.98 -12.05
CA LEU D 48 -71.49 25.60 -12.24
C LEU D 48 -70.27 25.57 -13.16
N SER D 49 -69.17 26.11 -12.65
CA SER D 49 -67.90 26.02 -13.33
C SER D 49 -67.14 24.81 -12.81
N ASP D 50 -66.25 24.26 -13.64
CA ASP D 50 -65.29 23.23 -13.25
C ASP D 50 -65.96 21.97 -12.70
N ASN D 51 -67.11 21.66 -13.29
CA ASN D 51 -67.88 20.47 -12.94
C ASN D 51 -67.81 19.45 -14.06
N PHE D 52 -67.77 18.17 -13.69
CA PHE D 52 -67.61 17.06 -14.65
C PHE D 52 -68.90 16.80 -15.42
N ILE D 53 -69.51 17.86 -15.92
CA ILE D 53 -70.81 17.78 -16.50
C ILE D 53 -70.66 17.25 -17.93
N THR D 54 -71.03 15.98 -18.11
CA THR D 54 -70.81 15.26 -19.36
C THR D 54 -71.74 15.76 -20.47
N HIS D 55 -73.00 15.96 -20.11
CA HIS D 55 -74.06 16.36 -21.06
C HIS D 55 -75.16 17.08 -20.31
N ILE D 56 -75.92 17.93 -20.99
CA ILE D 56 -76.96 18.73 -20.33
C ILE D 56 -78.24 18.92 -21.13
N THR D 57 -79.36 18.60 -20.48
CA THR D 57 -80.68 19.13 -20.82
C THR D 57 -81.22 19.85 -19.57
N ASN D 58 -82.38 20.44 -19.62
CA ASN D 58 -82.76 21.44 -18.63
C ASN D 58 -82.58 20.93 -17.19
N GLU D 59 -82.90 19.66 -16.98
CA GLU D 59 -82.73 18.97 -15.69
C GLU D 59 -81.26 18.93 -15.29
N GLN D 65 -86.34 28.56 -12.06
CA GLN D 65 -87.48 28.99 -12.88
C GLN D 65 -87.66 30.52 -12.86
N ASN D 66 -87.42 31.13 -11.70
CA ASN D 66 -87.45 32.58 -11.55
C ASN D 66 -86.04 33.19 -11.71
N LEU D 67 -85.17 32.54 -12.51
CA LEU D 67 -83.72 32.84 -12.51
C LEU D 67 -83.12 33.38 -13.82
N THR D 68 -82.32 34.43 -13.67
CA THR D 68 -81.38 34.86 -14.70
C THR D 68 -80.03 34.19 -14.41
N LYS D 69 -79.11 34.30 -15.37
CA LYS D 69 -77.68 34.02 -15.12
C LYS D 69 -77.31 32.55 -14.76
N ILE D 70 -76.83 31.82 -15.77
CA ILE D 70 -76.32 30.47 -15.58
C ILE D 70 -74.89 30.40 -16.14
N ASN D 71 -73.99 29.85 -15.32
CA ASN D 71 -72.60 29.71 -15.69
C ASN D 71 -72.20 28.26 -15.73
N LEU D 72 -71.74 27.84 -16.91
CA LEU D 72 -71.17 26.51 -17.12
C LEU D 72 -69.84 26.65 -17.85
N ASN D 73 -68.78 26.93 -17.10
CA ASN D 73 -67.43 27.03 -17.67
C ASN D 73 -66.56 25.83 -17.27
N HIS D 74 -65.52 25.58 -18.06
CA HIS D 74 -64.68 24.37 -17.92
C HIS D 74 -65.52 23.13 -17.62
N ASN D 75 -66.59 22.93 -18.38
CA ASN D 75 -67.46 21.76 -18.23
C ASN D 75 -67.28 20.77 -19.40
N PRO D 76 -66.74 19.57 -19.15
CA PRO D 76 -66.23 19.13 -17.84
C PRO D 76 -64.76 19.52 -17.60
N ASN D 77 -64.22 19.11 -16.45
CA ASN D 77 -62.85 19.45 -16.09
C ASN D 77 -61.93 18.28 -16.40
N VAL D 78 -61.03 18.50 -17.38
CA VAL D 78 -59.99 17.53 -17.79
C VAL D 78 -60.62 16.23 -18.31
N GLY D 91 -66.44 15.49 -24.86
CA GLY D 91 -66.93 16.87 -24.82
C GLY D 91 -68.13 17.07 -23.90
N LEU D 92 -68.93 18.11 -24.21
CA LEU D 92 -70.18 18.42 -23.47
C LEU D 92 -71.44 18.29 -24.35
N ASN D 93 -72.12 17.14 -24.25
CA ASN D 93 -73.30 16.86 -25.07
C ASN D 93 -74.52 17.65 -24.58
N ILE D 94 -74.52 18.94 -24.88
CA ILE D 94 -75.72 19.76 -24.73
C ILE D 94 -76.55 19.56 -25.99
N THR D 95 -77.86 19.40 -25.82
CA THR D 95 -78.79 19.31 -26.94
C THR D 95 -79.20 20.71 -27.39
N ASP D 96 -79.92 20.76 -28.50
CA ASP D 96 -80.63 21.96 -28.87
C ASP D 96 -81.81 22.09 -27.92
N GLY D 97 -82.08 23.31 -27.48
CA GLY D 97 -83.31 23.62 -26.78
C GLY D 97 -83.46 22.94 -25.43
N ALA D 98 -82.38 22.91 -24.65
CA ALA D 98 -82.45 22.45 -23.27
C ALA D 98 -82.60 23.65 -22.35
N PHE D 99 -82.29 24.85 -22.87
CA PHE D 99 -82.47 26.08 -22.13
C PHE D 99 -83.61 26.89 -22.73
N LEU D 100 -84.36 26.30 -23.66
CA LEU D 100 -85.34 27.07 -24.46
C LEU D 100 -86.46 27.68 -23.62
N ASN D 101 -86.77 27.06 -22.47
CA ASN D 101 -87.94 27.45 -21.67
C ASN D 101 -87.77 28.69 -20.77
N LEU D 102 -86.55 28.98 -20.31
CA LEU D 102 -86.31 30.05 -19.30
C LEU D 102 -86.36 31.48 -19.88
N LYS D 103 -87.43 32.21 -19.59
CA LYS D 103 -87.79 33.47 -20.29
C LYS D 103 -87.29 34.74 -19.61
N ASN D 104 -86.54 34.58 -18.52
CA ASN D 104 -85.93 35.71 -17.81
C ASN D 104 -84.44 35.92 -18.18
N LEU D 105 -83.85 34.89 -18.81
CA LEU D 105 -82.39 34.74 -18.86
C LEU D 105 -81.67 35.79 -19.72
N ARG D 106 -80.74 36.49 -19.06
CA ARG D 106 -79.96 37.56 -19.69
C ARG D 106 -78.47 37.20 -19.81
N GLU D 107 -77.92 36.55 -18.77
CA GLU D 107 -76.50 36.16 -18.73
C GLU D 107 -76.34 34.66 -19.00
N LEU D 108 -75.58 34.35 -20.05
CA LEU D 108 -75.29 32.97 -20.39
C LEU D 108 -73.79 32.77 -20.60
N LEU D 109 -73.18 31.97 -19.71
CA LEU D 109 -71.72 31.72 -19.72
C LEU D 109 -71.40 30.25 -19.95
N LEU D 110 -70.93 29.96 -21.16
CA LEU D 110 -70.50 28.63 -21.59
C LEU D 110 -69.12 28.78 -22.24
N GLU D 111 -68.07 28.43 -21.50
CA GLU D 111 -66.70 28.51 -22.04
C GLU D 111 -65.94 27.22 -21.73
N ASP D 112 -64.93 26.93 -22.55
CA ASP D 112 -64.10 25.75 -22.38
C ASP D 112 -64.97 24.49 -22.30
N ASN D 113 -65.80 24.29 -23.31
CA ASN D 113 -66.68 23.13 -23.33
C ASN D 113 -66.59 22.29 -24.61
N GLN D 114 -65.57 22.57 -25.42
CA GLN D 114 -65.33 21.91 -26.73
C GLN D 114 -66.59 21.90 -27.57
N LEU D 115 -67.49 22.83 -27.32
CA LEU D 115 -68.76 22.81 -28.02
C LEU D 115 -68.50 22.83 -29.51
N PRO D 116 -68.92 21.77 -30.24
CA PRO D 116 -68.80 21.75 -31.70
C PRO D 116 -69.58 22.88 -32.38
N GLN D 117 -70.74 23.21 -31.84
CA GLN D 117 -71.67 24.17 -32.47
C GLN D 117 -72.27 25.15 -31.45
N ILE D 118 -72.72 26.31 -31.93
CA ILE D 118 -73.59 27.20 -31.15
C ILE D 118 -74.87 26.40 -30.86
N PRO D 119 -75.12 26.06 -29.58
CA PRO D 119 -76.33 25.25 -29.33
C PRO D 119 -77.58 26.01 -29.75
N SER D 120 -78.61 25.28 -30.16
CA SER D 120 -79.86 25.91 -30.61
C SER D 120 -80.94 25.82 -29.54
N GLY D 121 -82.03 26.56 -29.74
CA GLY D 121 -83.11 26.65 -28.75
C GLY D 121 -82.66 27.44 -27.54
N LEU D 122 -82.24 28.68 -27.78
CA LEU D 122 -81.77 29.56 -26.70
C LEU D 122 -82.64 30.83 -26.57
N PRO D 123 -83.06 31.16 -25.34
CA PRO D 123 -84.15 32.10 -25.02
C PRO D 123 -84.04 33.51 -25.63
N GLU D 124 -85.16 34.01 -26.15
CA GLU D 124 -85.28 35.34 -26.76
C GLU D 124 -84.74 36.45 -25.85
N SER D 125 -84.94 36.29 -24.55
CA SER D 125 -84.58 37.26 -23.53
C SER D 125 -83.13 37.80 -23.50
N LEU D 126 -82.18 37.07 -24.10
CA LEU D 126 -80.74 37.24 -23.79
C LEU D 126 -80.02 38.55 -24.19
N THR D 127 -79.14 38.99 -23.29
CA THR D 127 -78.40 40.24 -23.41
C THR D 127 -76.87 40.03 -23.29
N GLU D 128 -76.49 39.18 -22.31
CA GLU D 128 -75.09 38.81 -21.98
C GLU D 128 -74.79 37.35 -22.35
N LEU D 129 -74.04 37.15 -23.43
CA LEU D 129 -73.65 35.81 -23.89
C LEU D 129 -72.15 35.68 -24.16
N SER D 130 -71.55 34.60 -23.64
CA SER D 130 -70.14 34.30 -23.90
C SER D 130 -69.94 32.83 -24.24
N LEU D 131 -69.34 32.60 -25.40
CA LEU D 131 -68.90 31.27 -25.84
C LEU D 131 -67.43 31.39 -26.26
N ILE D 132 -66.54 31.17 -25.30
CA ILE D 132 -65.12 31.41 -25.47
C ILE D 132 -64.42 30.09 -25.23
N GLN D 133 -63.26 29.92 -25.85
CA GLN D 133 -62.49 28.69 -25.75
C GLN D 133 -63.32 27.48 -26.14
N ASN D 134 -64.06 27.66 -27.22
CA ASN D 134 -64.80 26.56 -27.81
C ASN D 134 -64.35 26.29 -29.23
N ASN D 135 -64.74 25.14 -29.70
CA ASN D 135 -64.54 24.78 -31.06
C ASN D 135 -65.88 25.05 -31.65
N ILE D 136 -65.99 26.18 -32.30
CA ILE D 136 -67.17 26.53 -32.99
C ILE D 136 -66.71 27.40 -34.10
N TYR D 137 -67.21 27.13 -35.30
CA TYR D 137 -66.88 27.90 -36.47
C TYR D 137 -68.21 28.29 -37.12
N ASN D 138 -69.16 28.57 -36.25
CA ASN D 138 -70.58 28.78 -36.51
C ASN D 138 -70.98 30.20 -36.88
N ILE D 139 -72.24 30.45 -36.59
CA ILE D 139 -73.04 31.61 -37.06
C ILE D 139 -74.22 31.07 -37.85
N THR D 140 -75.33 31.22 -37.19
CA THR D 140 -76.30 30.19 -37.14
C THR D 140 -77.18 29.96 -38.40
N LYS D 141 -77.64 30.96 -39.14
CA LYS D 141 -77.82 32.38 -38.76
C LYS D 141 -78.98 32.52 -37.78
N GLU D 142 -79.74 31.42 -37.66
CA GLU D 142 -80.72 31.19 -36.56
C GLU D 142 -80.28 31.65 -35.13
N GLY D 143 -79.14 31.12 -34.67
CA GLY D 143 -78.65 31.24 -33.29
C GLY D 143 -78.48 32.64 -32.70
N ILE D 144 -78.31 33.69 -33.51
CA ILE D 144 -78.13 35.02 -32.96
C ILE D 144 -79.36 35.90 -33.26
N SER D 145 -79.85 35.86 -34.50
CA SER D 145 -81.02 36.67 -34.91
C SER D 145 -82.22 36.54 -33.96
N ARG D 146 -82.38 35.38 -33.32
CA ARG D 146 -83.47 35.12 -32.38
C ARG D 146 -83.34 35.86 -31.03
N LEU D 147 -82.11 36.17 -30.63
CA LEU D 147 -81.84 36.84 -29.36
C LEU D 147 -81.58 38.32 -29.61
N ILE D 148 -82.56 39.01 -30.20
CA ILE D 148 -82.37 40.42 -30.62
C ILE D 148 -81.90 41.37 -29.51
N ASN D 149 -82.01 40.94 -28.26
CA ASN D 149 -81.70 41.78 -27.09
C ASN D 149 -80.21 41.87 -26.70
N LEU D 150 -79.29 41.37 -27.53
CA LEU D 150 -77.89 41.23 -27.11
C LEU D 150 -77.13 42.54 -26.98
N LYS D 151 -76.49 42.72 -25.83
CA LYS D 151 -75.56 43.82 -25.58
C LYS D 151 -74.12 43.32 -25.64
N ASN D 152 -73.90 42.13 -25.07
CA ASN D 152 -72.57 41.54 -24.89
C ASN D 152 -72.46 40.16 -25.53
N LEU D 153 -71.64 40.05 -26.58
CA LEU D 153 -71.35 38.75 -27.20
C LEU D 153 -69.84 38.43 -27.22
N TYR D 154 -69.44 37.41 -26.45
CA TYR D 154 -68.05 37.00 -26.39
C TYR D 154 -67.80 35.68 -27.15
N LEU D 155 -67.42 35.80 -28.42
CA LEU D 155 -66.97 34.66 -29.19
C LEU D 155 -65.50 34.87 -29.55
N ALA D 156 -64.62 34.34 -28.72
CA ALA D 156 -63.18 34.57 -28.89
C ALA D 156 -62.41 33.33 -28.57
N TRP D 157 -61.24 33.19 -29.19
CA TRP D 157 -60.35 32.07 -28.91
C TRP D 157 -61.00 30.73 -29.22
N ASN D 158 -61.64 30.62 -30.40
CA ASN D 158 -62.16 29.32 -30.86
C ASN D 158 -61.18 28.64 -31.83
N CYS D 159 -60.64 29.40 -32.77
CA CYS D 159 -59.52 28.93 -33.57
C CYS D 159 -58.43 29.96 -33.59
N TYR D 160 -57.24 29.57 -33.17
CA TYR D 160 -56.08 30.45 -33.17
C TYR D 160 -54.83 29.59 -33.10
N PHE D 161 -53.69 30.13 -33.46
CA PHE D 161 -52.41 29.45 -33.24
C PHE D 161 -52.34 28.14 -33.99
N ASN D 162 -51.50 27.22 -33.54
CA ASN D 162 -51.39 25.96 -34.22
C ASN D 162 -52.47 25.07 -33.71
N LYS D 163 -53.69 25.57 -33.84
CA LYS D 163 -54.84 24.87 -33.32
C LYS D 163 -55.54 24.23 -34.49
N VAL D 164 -55.69 22.91 -34.44
CA VAL D 164 -56.36 22.17 -35.52
C VAL D 164 -57.84 22.60 -35.56
N CYS D 165 -58.13 23.56 -36.43
CA CYS D 165 -59.44 24.20 -36.50
C CYS D 165 -59.70 24.79 -37.87
N GLU D 166 -60.98 24.91 -38.21
CA GLU D 166 -61.38 25.51 -39.49
C GLU D 166 -61.45 27.03 -39.37
N LYS D 167 -61.36 27.69 -40.52
CA LYS D 167 -61.13 29.14 -40.56
C LYS D 167 -62.43 29.97 -40.40
N THR D 168 -63.14 29.68 -39.30
CA THR D 168 -64.39 30.36 -38.84
C THR D 168 -65.27 31.03 -39.91
N ASN D 169 -66.56 30.65 -39.92
CA ASN D 169 -67.49 31.07 -40.98
C ASN D 169 -68.71 31.85 -40.48
N ILE D 170 -68.87 33.10 -40.89
CA ILE D 170 -70.02 33.88 -40.45
C ILE D 170 -71.08 34.00 -41.51
N GLU D 171 -72.34 33.84 -41.17
CA GLU D 171 -73.39 34.13 -42.12
C GLU D 171 -73.33 35.60 -42.30
N ASP D 172 -73.35 36.07 -43.53
CA ASP D 172 -73.11 37.47 -43.78
C ASP D 172 -74.20 38.22 -43.05
N GLY D 173 -73.78 39.24 -42.31
CA GLY D 173 -74.70 40.08 -41.58
C GLY D 173 -75.62 39.47 -40.53
N VAL D 174 -75.16 38.46 -39.80
CA VAL D 174 -76.02 37.84 -38.79
C VAL D 174 -76.42 38.83 -37.70
N PHE D 175 -75.48 39.67 -37.29
CA PHE D 175 -75.66 40.57 -36.15
C PHE D 175 -76.64 41.71 -36.42
N GLU D 176 -76.61 42.28 -37.62
CA GLU D 176 -77.35 43.55 -37.91
C GLU D 176 -78.83 43.53 -37.47
N THR D 177 -79.35 42.34 -37.22
CA THR D 177 -80.70 42.29 -36.76
C THR D 177 -80.82 42.95 -35.44
N LEU D 178 -79.93 42.57 -34.53
CA LEU D 178 -80.11 42.92 -33.12
C LEU D 178 -80.00 44.39 -32.88
N THR D 179 -79.04 45.01 -33.57
CA THR D 179 -78.52 46.35 -33.27
C THR D 179 -78.18 46.28 -31.80
N ASN D 180 -78.58 47.30 -31.05
CA ASN D 180 -79.01 47.17 -29.67
C ASN D 180 -77.94 46.41 -28.97
N LEU D 181 -76.74 46.68 -29.40
CA LEU D 181 -75.59 45.88 -28.98
C LEU D 181 -74.38 46.79 -28.78
N GLU D 182 -73.72 46.60 -27.65
CA GLU D 182 -72.62 47.46 -27.25
C GLU D 182 -71.28 46.71 -27.24
N LEU D 183 -71.27 45.46 -26.74
CA LEU D 183 -70.05 44.65 -26.72
C LEU D 183 -70.09 43.45 -27.68
N LEU D 184 -69.02 43.28 -28.46
CA LEU D 184 -68.82 42.10 -29.29
C LEU D 184 -67.35 41.72 -29.40
N SER D 185 -66.97 40.54 -28.93
CA SER D 185 -65.60 40.05 -29.12
C SER D 185 -65.47 38.71 -29.87
N LEU D 186 -64.70 38.73 -30.94
CA LEU D 186 -64.48 37.54 -31.70
C LEU D 186 -63.03 37.10 -31.71
N SER D 187 -62.20 37.78 -30.94
CA SER D 187 -60.77 37.85 -31.17
C SER D 187 -60.12 36.50 -31.05
N PHE D 188 -59.02 36.35 -31.75
CA PHE D 188 -58.41 35.03 -31.81
C PHE D 188 -59.34 34.02 -32.48
N ASN D 189 -59.75 34.40 -33.69
CA ASN D 189 -60.42 33.52 -34.65
C ASN D 189 -59.94 33.96 -36.02
N SER D 190 -59.88 33.02 -36.98
CA SER D 190 -59.53 33.39 -38.34
C SER D 190 -60.76 33.91 -39.07
N LEU D 191 -60.71 35.19 -39.44
CA LEU D 191 -61.82 35.89 -40.06
C LEU D 191 -61.44 36.59 -41.33
N SER D 192 -60.37 37.36 -41.25
CA SER D 192 -59.62 37.86 -42.37
C SER D 192 -60.13 39.17 -42.91
N HIS D 193 -61.36 39.50 -42.55
CA HIS D 193 -61.80 40.85 -42.71
C HIS D 193 -62.98 41.18 -41.90
N VAL D 194 -63.22 42.47 -41.79
CA VAL D 194 -64.22 42.98 -40.90
C VAL D 194 -65.60 42.44 -41.20
N PRO D 195 -66.36 42.07 -40.07
CA PRO D 195 -67.71 41.64 -40.39
C PRO D 195 -68.54 42.76 -40.97
N PRO D 196 -69.51 42.33 -41.88
CA PRO D 196 -70.27 43.41 -42.47
C PRO D 196 -71.65 43.38 -41.87
N LYS D 197 -72.43 44.43 -42.11
CA LYS D 197 -73.76 44.57 -41.51
C LYS D 197 -73.59 44.65 -39.99
N LEU D 198 -72.98 45.76 -39.56
CA LEU D 198 -72.62 45.93 -38.15
C LEU D 198 -73.59 46.86 -37.40
N PRO D 199 -74.27 46.32 -36.35
CA PRO D 199 -75.21 47.01 -35.47
C PRO D 199 -74.90 48.47 -35.19
N SER D 200 -75.86 49.36 -35.41
CA SER D 200 -75.57 50.78 -35.39
C SER D 200 -75.31 51.31 -33.97
N SER D 201 -75.59 50.49 -32.97
CA SER D 201 -75.54 50.91 -31.58
C SER D 201 -74.35 50.33 -30.81
N LEU D 202 -73.19 50.22 -31.46
CA LEU D 202 -72.03 49.55 -30.84
C LEU D 202 -71.19 50.48 -29.98
N ARG D 203 -70.57 49.90 -28.95
CA ARG D 203 -69.71 50.62 -28.01
C ARG D 203 -68.30 49.98 -27.88
N LYS D 204 -68.22 48.64 -27.75
CA LYS D 204 -66.93 47.93 -27.58
C LYS D 204 -66.82 46.63 -28.42
N LEU D 205 -65.87 46.61 -29.37
CA LEU D 205 -65.70 45.47 -30.32
C LEU D 205 -64.26 44.93 -30.41
N PHE D 206 -64.05 43.69 -29.98
CA PHE D 206 -62.71 43.10 -29.94
C PHE D 206 -62.43 42.10 -31.09
N LEU D 207 -61.43 42.44 -31.92
CA LEU D 207 -61.03 41.61 -33.06
C LEU D 207 -59.50 41.33 -33.12
N SER D 208 -58.84 41.23 -31.98
CA SER D 208 -57.42 41.01 -31.99
C SER D 208 -57.07 39.63 -32.50
N ASN D 209 -56.05 39.57 -33.35
CA ASN D 209 -55.57 38.31 -33.87
C ASN D 209 -56.68 37.63 -34.66
N THR D 210 -57.14 38.35 -35.68
CA THR D 210 -58.14 37.85 -36.61
C THR D 210 -57.58 37.87 -38.05
N GLN D 211 -56.27 37.72 -38.16
CA GLN D 211 -55.58 37.72 -39.45
C GLN D 211 -56.10 38.76 -40.44
N ILE D 212 -56.41 39.96 -39.97
CA ILE D 212 -56.93 41.01 -40.85
C ILE D 212 -55.78 41.83 -41.38
N LYS D 213 -55.77 42.02 -42.70
CA LYS D 213 -54.65 42.71 -43.37
C LYS D 213 -55.05 44.15 -43.70
N TYR D 214 -56.29 44.31 -44.16
CA TYR D 214 -56.87 45.60 -44.59
C TYR D 214 -58.12 45.97 -43.77
N ILE D 215 -58.27 47.27 -43.54
CA ILE D 215 -59.42 47.83 -42.85
C ILE D 215 -59.95 48.97 -43.72
N SER D 216 -61.21 48.85 -44.16
CA SER D 216 -61.82 49.85 -45.06
C SER D 216 -62.86 50.73 -44.35
N GLU D 217 -63.08 51.93 -44.90
CA GLU D 217 -64.02 52.87 -44.28
C GLU D 217 -65.41 52.26 -43.98
N GLU D 218 -65.90 51.40 -44.87
CA GLU D 218 -67.27 50.86 -44.75
C GLU D 218 -67.40 49.88 -43.58
N ASP D 219 -66.26 49.46 -43.01
CA ASP D 219 -66.25 48.52 -41.88
C ASP D 219 -66.70 49.14 -40.55
N PHE D 220 -66.27 50.38 -40.29
CA PHE D 220 -66.62 51.07 -39.06
C PHE D 220 -67.24 52.44 -39.37
N LYS D 221 -68.29 52.46 -40.22
CA LYS D 221 -68.85 53.72 -40.71
C LYS D 221 -70.03 54.22 -39.88
N GLY D 222 -71.03 53.36 -39.70
CA GLY D 222 -72.29 53.75 -39.06
C GLY D 222 -72.36 53.39 -37.59
N LEU D 223 -71.22 53.44 -36.91
CA LEU D 223 -71.11 53.05 -35.50
C LEU D 223 -70.69 54.24 -34.61
N ILE D 224 -71.14 55.45 -34.97
CA ILE D 224 -70.78 56.70 -34.26
C ILE D 224 -70.77 56.64 -32.72
N ASN D 225 -71.38 55.60 -32.16
CA ASN D 225 -71.40 55.40 -30.71
C ASN D 225 -70.21 54.62 -30.11
N LEU D 226 -69.30 54.08 -30.93
CA LEU D 226 -68.22 53.21 -30.42
C LEU D 226 -67.26 53.92 -29.46
N THR D 227 -66.95 53.27 -28.33
CA THR D 227 -65.98 53.76 -27.32
C THR D 227 -64.61 53.08 -27.42
N LEU D 228 -64.63 51.75 -27.52
CA LEU D 228 -63.40 50.93 -27.63
C LEU D 228 -63.22 50.34 -29.05
N LEU D 229 -61.99 49.95 -29.38
CA LEU D 229 -61.71 49.18 -30.62
C LEU D 229 -60.36 48.44 -30.60
N ASP D 230 -60.39 47.15 -30.33
CA ASP D 230 -59.20 46.31 -30.28
C ASP D 230 -58.89 45.75 -31.69
N LEU D 231 -57.88 46.30 -32.35
CA LEU D 231 -57.42 45.78 -33.65
C LEU D 231 -56.00 45.22 -33.53
N SER D 232 -55.73 44.53 -32.43
CA SER D 232 -54.37 44.15 -32.11
C SER D 232 -54.02 42.82 -32.75
N GLY D 233 -52.72 42.61 -33.00
CA GLY D 233 -52.21 41.33 -33.48
C GLY D 233 -52.62 41.00 -34.90
N ASN D 234 -52.64 42.02 -35.75
CA ASN D 234 -53.05 41.85 -37.13
C ASN D 234 -51.96 42.50 -37.95
N CYS D 235 -51.23 41.66 -38.69
CA CYS D 235 -49.89 41.96 -39.19
C CYS D 235 -48.89 42.10 -38.02
N PRO D 236 -48.72 41.01 -37.27
CA PRO D 236 -47.97 41.08 -36.03
C PRO D 236 -46.47 41.26 -36.21
N ARG D 237 -45.89 42.07 -35.33
CA ARG D 237 -44.49 41.94 -35.00
C ARG D 237 -44.34 40.53 -34.46
N CYS D 238 -43.46 39.74 -35.06
CA CYS D 238 -43.36 38.32 -34.75
C CYS D 238 -42.05 37.88 -34.15
N PHE D 239 -41.06 38.77 -34.15
CA PHE D 239 -39.75 38.43 -33.61
C PHE D 239 -39.83 38.11 -32.12
N ASN D 240 -39.29 36.96 -31.72
CA ASN D 240 -39.24 36.55 -30.31
C ASN D 240 -40.64 36.47 -29.71
N ALA D 241 -41.59 36.06 -30.55
CA ALA D 241 -42.96 35.89 -30.12
C ALA D 241 -43.06 34.66 -29.24
N PRO D 242 -43.81 34.77 -28.12
CA PRO D 242 -44.11 33.60 -27.28
C PRO D 242 -45.33 32.84 -27.72
N PHE D 243 -45.74 33.06 -28.96
CA PHE D 243 -46.87 32.36 -29.56
C PHE D 243 -46.59 32.16 -31.06
N PRO D 244 -47.20 31.11 -31.68
CA PRO D 244 -46.96 30.93 -33.10
C PRO D 244 -47.43 32.16 -33.85
N CYS D 245 -46.44 32.89 -34.37
CA CYS D 245 -46.70 34.12 -35.03
C CYS D 245 -46.71 33.90 -36.54
N VAL D 246 -47.51 34.70 -37.22
CA VAL D 246 -47.67 34.64 -38.66
C VAL D 246 -47.69 36.08 -39.20
N PRO D 247 -46.58 36.53 -39.82
CA PRO D 247 -46.64 37.90 -40.36
C PRO D 247 -47.48 38.05 -41.65
N CYS D 248 -48.00 39.25 -41.86
CA CYS D 248 -48.56 39.63 -43.13
C CYS D 248 -47.40 39.60 -44.15
N ASP D 249 -47.68 39.17 -45.39
CA ASP D 249 -46.62 38.93 -46.40
C ASP D 249 -45.60 40.07 -46.44
N GLY D 250 -44.33 39.71 -46.52
CA GLY D 250 -43.25 40.69 -46.53
C GLY D 250 -43.09 41.48 -45.23
N GLY D 251 -43.55 40.90 -44.11
CA GLY D 251 -43.53 41.58 -42.81
C GLY D 251 -44.26 42.91 -42.80
N ALA D 252 -45.26 43.04 -43.67
CA ALA D 252 -45.94 44.31 -43.89
C ALA D 252 -46.71 44.76 -42.65
N SER D 253 -47.16 46.02 -42.66
CA SER D 253 -47.96 46.54 -41.58
C SER D 253 -49.40 46.07 -41.77
N ILE D 254 -50.31 46.63 -40.99
CA ILE D 254 -51.73 46.59 -41.28
C ILE D 254 -52.02 47.88 -42.06
N ASN D 255 -52.81 47.78 -43.12
CA ASN D 255 -53.14 48.98 -43.89
C ASN D 255 -54.59 49.38 -43.64
N ILE D 256 -54.75 50.58 -43.09
CA ILE D 256 -56.06 51.07 -42.74
C ILE D 256 -56.32 52.35 -43.52
N ASP D 257 -57.38 52.29 -44.33
CA ASP D 257 -57.77 53.39 -45.20
C ASP D 257 -58.06 54.62 -44.35
N ARG D 258 -57.52 55.76 -44.78
CA ARG D 258 -57.58 57.01 -44.00
C ARG D 258 -58.90 57.33 -43.24
N PHE D 259 -60.03 56.96 -43.84
CA PHE D 259 -61.33 57.36 -43.29
C PHE D 259 -61.98 56.20 -42.55
N ALA D 260 -61.18 55.34 -41.94
CA ALA D 260 -61.69 54.12 -41.29
C ALA D 260 -62.32 54.30 -39.90
N PHE D 261 -62.13 55.49 -39.31
CA PHE D 261 -62.80 55.87 -38.07
C PHE D 261 -63.71 57.07 -38.34
N GLN D 262 -63.10 58.21 -38.68
CA GLN D 262 -63.80 59.49 -38.98
C GLN D 262 -65.20 59.69 -38.33
N ASN D 263 -66.18 58.89 -38.73
CA ASN D 263 -67.49 58.90 -38.08
C ASN D 263 -67.49 57.94 -36.86
N LEU D 264 -66.42 58.00 -36.05
CA LEU D 264 -66.27 57.13 -34.86
C LEU D 264 -65.95 57.96 -33.61
N THR D 265 -66.79 58.96 -33.37
CA THR D 265 -66.45 60.16 -32.60
C THR D 265 -66.30 59.92 -31.11
N GLN D 266 -67.16 59.07 -30.56
CA GLN D 266 -67.16 58.79 -29.13
C GLN D 266 -66.21 57.65 -28.74
N LEU D 267 -65.12 57.47 -29.49
CA LEU D 267 -64.14 56.40 -29.18
C LEU D 267 -63.16 56.84 -28.09
N ARG D 268 -62.79 55.89 -27.25
CA ARG D 268 -62.02 56.18 -26.04
C ARG D 268 -60.83 55.22 -25.88
N TYR D 269 -61.06 53.92 -26.00
CA TYR D 269 -59.97 52.92 -25.99
C TYR D 269 -59.66 52.35 -27.42
N LEU D 270 -58.39 52.44 -27.83
CA LEU D 270 -57.96 51.95 -29.15
C LEU D 270 -56.68 51.10 -29.11
N ASN D 271 -56.83 49.79 -29.27
CA ASN D 271 -55.71 48.88 -29.10
C ASN D 271 -55.15 48.38 -30.44
N LEU D 272 -54.03 48.97 -30.85
CA LEU D 272 -53.33 48.65 -32.09
C LEU D 272 -51.94 48.01 -31.87
N SER D 273 -51.83 47.20 -30.83
CA SER D 273 -50.55 46.58 -30.55
C SER D 273 -50.30 45.53 -31.61
N SER D 274 -49.04 45.30 -31.94
CA SER D 274 -48.64 44.21 -32.84
C SER D 274 -49.42 44.32 -34.18
N THR D 275 -49.21 45.44 -34.85
CA THR D 275 -49.71 45.68 -36.22
C THR D 275 -48.59 46.25 -37.09
N SER D 276 -47.35 45.93 -36.72
CA SER D 276 -46.20 46.13 -37.56
C SER D 276 -46.21 47.51 -38.24
N LEU D 277 -46.57 48.54 -37.47
CA LEU D 277 -46.70 49.89 -37.98
C LEU D 277 -45.38 50.55 -37.93
N ARG D 278 -45.03 51.27 -39.00
CA ARG D 278 -43.80 52.07 -39.02
C ARG D 278 -44.10 53.56 -38.95
N LYS D 279 -45.20 54.00 -39.56
CA LYS D 279 -45.62 55.40 -39.47
C LYS D 279 -47.09 55.51 -39.15
N ILE D 280 -47.49 56.73 -38.76
CA ILE D 280 -48.79 57.01 -38.15
C ILE D 280 -49.35 58.32 -38.72
N ASN D 281 -50.53 58.23 -39.35
CA ASN D 281 -51.25 59.42 -39.84
C ASN D 281 -52.25 59.95 -38.82
N ALA D 282 -52.00 61.21 -38.42
CA ALA D 282 -52.87 61.96 -37.52
C ALA D 282 -54.35 61.85 -37.90
N ALA D 283 -54.63 61.92 -39.19
CA ALA D 283 -56.00 61.97 -39.65
C ALA D 283 -56.79 60.69 -39.35
N TRP D 284 -56.16 59.70 -38.71
CA TRP D 284 -56.93 58.61 -38.09
C TRP D 284 -57.73 59.09 -36.87
N PHE D 285 -57.24 60.19 -36.26
CA PHE D 285 -57.72 60.70 -34.98
C PHE D 285 -58.53 62.00 -35.07
N LYS D 286 -58.35 62.79 -36.13
CA LYS D 286 -58.86 64.17 -36.21
C LYS D 286 -60.33 64.35 -35.77
N ASN D 287 -61.12 63.27 -35.82
CA ASN D 287 -62.49 63.26 -35.31
C ASN D 287 -62.70 62.38 -34.04
N MET D 288 -61.67 62.32 -33.18
CA MET D 288 -61.75 61.66 -31.85
C MET D 288 -61.12 62.59 -30.82
N PRO D 289 -61.95 63.35 -30.11
CA PRO D 289 -61.41 64.25 -29.11
C PRO D 289 -61.55 63.69 -27.70
N HIS D 290 -62.17 62.50 -27.57
CA HIS D 290 -62.38 61.85 -26.27
C HIS D 290 -61.47 60.65 -26.05
N LEU D 291 -60.42 60.53 -26.87
CA LEU D 291 -59.57 59.34 -26.84
C LEU D 291 -58.67 59.32 -25.63
N LYS D 292 -58.85 58.29 -24.79
CA LYS D 292 -58.26 58.18 -23.46
C LYS D 292 -57.01 57.28 -23.45
N VAL D 293 -57.18 56.05 -23.92
CA VAL D 293 -56.14 55.01 -23.86
C VAL D 293 -55.71 54.48 -25.23
N LEU D 294 -54.61 54.99 -25.76
CA LEU D 294 -54.08 54.56 -27.05
C LEU D 294 -52.95 53.54 -26.88
N ASP D 295 -53.18 52.29 -27.24
CA ASP D 295 -52.21 51.22 -26.99
C ASP D 295 -51.47 50.77 -28.27
N LEU D 296 -50.19 51.14 -28.36
CA LEU D 296 -49.37 50.89 -29.55
C LEU D 296 -48.12 50.03 -29.28
N GLU D 297 -48.27 48.93 -28.54
CA GLU D 297 -47.12 48.09 -28.21
C GLU D 297 -46.62 47.33 -29.44
N PHE D 298 -45.44 46.71 -29.30
CA PHE D 298 -44.94 45.77 -30.29
C PHE D 298 -45.10 46.21 -31.76
N ASN D 299 -44.70 47.44 -32.08
CA ASN D 299 -44.62 47.90 -33.46
C ASN D 299 -43.20 48.39 -33.71
N TYR D 300 -42.93 49.19 -34.74
CA TYR D 300 -41.57 49.66 -35.04
C TYR D 300 -41.50 51.19 -35.02
N LEU D 301 -42.16 51.79 -34.04
CA LEU D 301 -42.44 53.22 -34.05
C LEU D 301 -41.35 54.14 -33.46
N VAL D 302 -40.11 53.69 -33.48
CA VAL D 302 -39.01 54.55 -33.06
C VAL D 302 -39.00 55.79 -33.96
N GLY D 303 -39.29 55.57 -35.25
CA GLY D 303 -39.40 56.62 -36.23
C GLY D 303 -40.41 57.67 -35.81
N GLU D 304 -41.65 57.26 -35.63
CA GLU D 304 -42.67 58.18 -35.13
C GLU D 304 -42.29 58.81 -33.78
N ILE D 305 -41.90 58.00 -32.80
CA ILE D 305 -41.56 58.56 -31.48
C ILE D 305 -40.67 59.78 -31.66
N ALA D 306 -39.72 59.69 -32.59
CA ALA D 306 -38.85 60.80 -32.90
C ALA D 306 -39.57 62.01 -33.57
N SER D 307 -40.63 61.74 -34.35
CA SER D 307 -41.43 62.81 -35.01
C SER D 307 -42.92 62.83 -34.60
N GLY D 308 -43.66 61.79 -34.96
CA GLY D 308 -45.02 61.59 -34.46
C GLY D 308 -45.91 62.80 -34.60
N ALA D 309 -46.22 63.16 -35.85
CA ALA D 309 -47.17 64.22 -36.09
C ALA D 309 -48.43 63.95 -35.26
N PHE D 310 -48.90 62.70 -35.33
CA PHE D 310 -50.12 62.27 -34.63
C PHE D 310 -50.26 62.69 -33.16
N LEU D 311 -49.13 62.94 -32.50
CA LEU D 311 -49.13 63.47 -31.14
C LEU D 311 -49.81 64.83 -31.02
N THR D 312 -49.77 65.61 -32.10
CA THR D 312 -50.38 66.94 -32.11
C THR D 312 -51.91 66.92 -31.98
N MET D 313 -52.53 65.80 -32.35
CA MET D 313 -54.00 65.71 -32.38
C MET D 313 -54.61 64.84 -31.25
N LEU D 314 -53.97 64.78 -30.08
CA LEU D 314 -54.45 63.91 -28.98
C LEU D 314 -54.54 64.69 -27.67
N PRO D 315 -55.47 65.64 -27.60
CA PRO D 315 -55.44 66.59 -26.52
C PRO D 315 -55.85 65.98 -25.17
N ARG D 316 -56.68 64.94 -25.20
CA ARG D 316 -57.30 64.38 -23.99
C ARG D 316 -56.79 62.98 -23.62
N LEU D 317 -55.71 62.52 -24.25
CA LEU D 317 -55.19 61.18 -23.99
C LEU D 317 -54.54 61.13 -22.63
N GLU D 318 -54.85 60.09 -21.87
CA GLU D 318 -54.37 59.88 -20.49
C GLU D 318 -53.37 58.72 -20.38
N ILE D 319 -53.52 57.68 -21.20
CA ILE D 319 -52.60 56.54 -21.24
C ILE D 319 -52.05 56.27 -22.65
N LEU D 320 -50.76 56.47 -22.84
CA LEU D 320 -50.05 56.13 -24.09
C LEU D 320 -49.08 54.95 -23.85
N ASP D 321 -49.36 53.81 -24.48
CA ASP D 321 -48.45 52.69 -24.34
C ASP D 321 -47.67 52.40 -25.62
N LEU D 322 -46.45 52.96 -25.69
CA LEU D 322 -45.51 52.65 -26.76
C LEU D 322 -44.45 51.57 -26.41
N SER D 323 -44.84 50.60 -25.60
CA SER D 323 -43.91 49.56 -25.18
C SER D 323 -43.42 48.72 -26.35
N PHE D 324 -42.23 48.17 -26.20
CA PHE D 324 -41.65 47.21 -27.12
C PHE D 324 -41.66 47.59 -28.60
N ASN D 325 -41.02 48.72 -28.91
CA ASN D 325 -40.77 49.10 -30.29
C ASN D 325 -39.25 49.11 -30.56
N TYR D 326 -38.49 48.26 -29.86
CA TYR D 326 -37.03 48.23 -30.06
C TYR D 326 -36.69 47.83 -31.48
N ILE D 327 -35.70 48.53 -32.05
CA ILE D 327 -35.15 48.10 -33.31
C ILE D 327 -34.15 46.95 -33.04
N LYS D 328 -34.53 45.76 -33.49
CA LYS D 328 -33.73 44.56 -33.33
C LYS D 328 -32.29 44.85 -33.66
N GLY D 329 -31.46 44.82 -32.63
CA GLY D 329 -30.03 44.93 -32.79
C GLY D 329 -29.45 46.28 -32.45
N SER D 330 -30.27 47.28 -32.18
CA SER D 330 -29.74 48.63 -31.99
C SER D 330 -29.71 49.03 -30.52
N TYR D 331 -28.72 49.84 -30.18
CA TYR D 331 -28.47 50.22 -28.83
C TYR D 331 -28.06 51.68 -28.95
N PRO D 332 -29.05 52.54 -29.25
CA PRO D 332 -28.76 53.98 -29.34
C PRO D 332 -28.24 54.49 -28.02
N GLN D 333 -27.38 55.49 -28.10
CA GLN D 333 -26.82 56.16 -26.91
C GLN D 333 -27.91 56.79 -26.03
N HIS D 334 -28.87 57.47 -26.65
CA HIS D 334 -29.93 58.19 -25.97
C HIS D 334 -31.26 57.78 -26.59
N ILE D 335 -32.35 58.32 -26.07
CA ILE D 335 -33.68 58.07 -26.61
C ILE D 335 -34.18 59.38 -27.20
N ASN D 336 -34.86 59.27 -28.33
CA ASN D 336 -35.27 60.46 -29.08
C ASN D 336 -36.77 60.63 -28.95
N ILE D 337 -37.13 61.69 -28.23
CA ILE D 337 -38.50 62.03 -27.92
C ILE D 337 -38.88 63.26 -28.76
N SER D 338 -39.98 63.15 -29.51
CA SER D 338 -40.48 64.27 -30.32
C SER D 338 -40.88 65.47 -29.47
N ARG D 339 -40.71 66.68 -29.99
CA ARG D 339 -41.24 67.84 -29.25
C ARG D 339 -42.76 67.82 -29.20
N ASN D 340 -43.39 66.99 -30.04
CA ASN D 340 -44.85 66.92 -30.10
C ASN D 340 -45.46 66.09 -28.98
N PHE D 341 -44.62 65.52 -28.13
CA PHE D 341 -45.06 65.26 -26.76
C PHE D 341 -45.14 66.68 -26.24
N SER D 342 -45.94 66.91 -25.21
CA SER D 342 -46.23 68.27 -24.72
C SER D 342 -47.49 68.82 -25.38
N LYS D 343 -47.88 68.30 -26.53
CA LYS D 343 -49.25 68.48 -26.98
C LYS D 343 -50.19 67.55 -26.20
N LEU D 344 -49.61 66.61 -25.44
CA LEU D 344 -50.38 65.62 -24.69
C LEU D 344 -50.74 66.11 -23.28
N LEU D 345 -51.58 67.13 -23.24
CA LEU D 345 -51.82 67.89 -22.02
C LEU D 345 -52.58 67.15 -20.94
N SER D 346 -53.24 66.05 -21.30
CA SER D 346 -54.00 65.28 -20.35
C SER D 346 -53.33 63.95 -20.00
N LEU D 347 -52.06 63.83 -20.37
CA LEU D 347 -51.39 62.55 -20.24
C LEU D 347 -51.05 62.24 -18.80
N ARG D 348 -51.47 61.06 -18.36
CA ARG D 348 -51.17 60.56 -17.02
C ARG D 348 -50.01 59.55 -17.01
N ALA D 349 -50.08 58.55 -17.88
CA ALA D 349 -49.11 57.46 -17.89
C ALA D 349 -48.50 57.29 -19.29
N LEU D 350 -47.18 57.20 -19.37
CA LEU D 350 -46.42 57.00 -20.63
C LEU D 350 -45.54 55.75 -20.52
N HIS D 351 -45.90 54.68 -21.23
CA HIS D 351 -45.16 53.44 -21.15
C HIS D 351 -44.22 53.32 -22.35
N LEU D 352 -42.92 53.42 -22.06
CA LEU D 352 -41.83 53.25 -23.00
C LEU D 352 -40.91 52.10 -22.58
N ARG D 353 -41.48 50.93 -22.35
CA ARG D 353 -40.67 49.75 -22.10
C ARG D 353 -40.17 49.28 -23.44
N GLY D 354 -39.00 48.65 -23.46
CA GLY D 354 -38.53 47.97 -24.67
C GLY D 354 -38.29 48.86 -25.87
N TYR D 355 -37.79 50.07 -25.60
CA TYR D 355 -37.22 50.95 -26.61
C TYR D 355 -35.76 50.58 -26.68
N VAL D 356 -35.15 50.36 -25.52
CA VAL D 356 -33.75 49.97 -25.41
C VAL D 356 -32.80 51.06 -25.87
N PHE D 357 -32.07 51.62 -24.92
CA PHE D 357 -31.07 52.62 -25.17
C PHE D 357 -30.17 52.70 -23.95
N GLN D 358 -28.98 53.29 -24.12
CA GLN D 358 -27.94 53.26 -23.08
C GLN D 358 -28.02 54.30 -21.95
N GLU D 359 -28.62 55.45 -22.22
CA GLU D 359 -28.44 56.62 -21.37
C GLU D 359 -29.65 57.53 -21.40
N LEU D 360 -30.08 58.00 -20.23
CA LEU D 360 -31.14 59.00 -20.13
C LEU D 360 -30.54 60.30 -19.63
N ARG D 361 -30.41 61.29 -20.50
CA ARG D 361 -29.87 62.56 -20.07
C ARG D 361 -31.01 63.52 -19.80
N GLU D 362 -30.76 64.46 -18.89
CA GLU D 362 -31.72 65.52 -18.60
C GLU D 362 -32.41 66.01 -19.85
N ASP D 363 -31.59 66.36 -20.84
CA ASP D 363 -32.09 67.01 -22.05
C ASP D 363 -32.97 66.13 -22.91
N ASP D 364 -32.81 64.81 -22.82
CA ASP D 364 -33.58 63.89 -23.69
C ASP D 364 -35.08 63.88 -23.40
N PHE D 365 -35.43 64.37 -22.22
CA PHE D 365 -36.80 64.29 -21.71
C PHE D 365 -37.39 65.67 -21.45
N GLN D 366 -36.73 66.76 -21.90
CA GLN D 366 -37.30 68.13 -21.82
C GLN D 366 -38.68 68.31 -22.47
N PRO D 367 -39.03 67.48 -23.48
CA PRO D 367 -40.41 67.61 -23.99
C PRO D 367 -41.52 67.27 -22.99
N LEU D 368 -41.20 66.44 -22.00
CA LEU D 368 -42.20 65.96 -21.04
C LEU D 368 -42.27 66.79 -19.76
N MET D 369 -41.31 67.68 -19.54
CA MET D 369 -41.18 68.37 -18.27
C MET D 369 -42.21 69.47 -17.98
N GLN D 370 -43.06 69.78 -18.96
CA GLN D 370 -44.11 70.78 -18.79
C GLN D 370 -45.50 70.16 -18.78
N LEU D 371 -45.59 68.85 -18.95
CA LEU D 371 -46.89 68.19 -18.98
C LEU D 371 -47.50 68.12 -17.59
N PRO D 372 -48.64 68.80 -17.37
CA PRO D 372 -49.05 68.95 -15.98
C PRO D 372 -49.63 67.67 -15.34
N ASN D 373 -50.28 66.80 -16.12
CA ASN D 373 -51.03 65.65 -15.60
C ASN D 373 -50.17 64.37 -15.50
N LEU D 374 -48.92 64.44 -15.94
CA LEU D 374 -48.13 63.22 -16.14
C LEU D 374 -47.70 62.64 -14.79
N SER D 375 -48.35 61.53 -14.42
CA SER D 375 -48.19 60.93 -13.10
C SER D 375 -47.16 59.84 -13.14
N THR D 376 -47.22 59.02 -14.18
CA THR D 376 -46.42 57.81 -14.29
C THR D 376 -45.53 57.83 -15.53
N ILE D 377 -44.27 57.47 -15.36
CA ILE D 377 -43.33 57.36 -16.44
C ILE D 377 -42.65 55.99 -16.31
N ASN D 378 -42.88 55.11 -17.27
CA ASN D 378 -42.39 53.75 -17.20
C ASN D 378 -41.24 53.43 -18.18
N LEU D 379 -40.04 53.21 -17.66
CA LEU D 379 -38.89 52.89 -18.50
C LEU D 379 -38.26 51.52 -18.19
N GLY D 380 -39.11 50.53 -17.93
CA GLY D 380 -38.64 49.20 -17.59
C GLY D 380 -38.22 48.42 -18.81
N ILE D 381 -37.21 47.57 -18.63
CA ILE D 381 -36.75 46.69 -19.69
C ILE D 381 -36.17 47.47 -20.88
N ASN D 382 -35.29 48.41 -20.60
CA ASN D 382 -34.64 49.21 -21.62
C ASN D 382 -33.13 49.13 -21.63
N PHE D 383 -32.57 48.34 -20.75
CA PHE D 383 -31.14 48.10 -20.66
C PHE D 383 -30.31 49.34 -20.45
N ILE D 384 -30.89 50.34 -19.83
CA ILE D 384 -30.22 51.60 -19.64
C ILE D 384 -29.11 51.36 -18.68
N LYS D 385 -28.01 52.06 -18.85
CA LYS D 385 -26.86 51.91 -17.96
C LYS D 385 -26.57 53.16 -17.14
N GLN D 386 -26.99 54.34 -17.62
CA GLN D 386 -26.74 55.56 -16.86
C GLN D 386 -27.95 56.49 -16.84
N ILE D 387 -28.18 57.16 -15.71
CA ILE D 387 -29.30 58.08 -15.57
C ILE D 387 -28.93 59.39 -14.85
N ASP D 388 -29.44 60.49 -15.38
CA ASP D 388 -29.14 61.85 -14.91
C ASP D 388 -30.22 62.31 -13.90
N PHE D 389 -30.29 61.60 -12.77
CA PHE D 389 -31.50 61.63 -11.92
C PHE D 389 -32.13 62.98 -11.66
N LYS D 390 -31.32 64.04 -11.63
CA LYS D 390 -31.83 65.40 -11.43
C LYS D 390 -32.98 65.72 -12.36
N LEU D 391 -33.00 65.08 -13.52
CA LEU D 391 -33.99 65.41 -14.51
C LEU D 391 -35.43 65.26 -14.00
N PHE D 392 -35.66 64.28 -13.13
CA PHE D 392 -37.01 64.07 -12.59
C PHE D 392 -37.43 65.18 -11.64
N GLN D 393 -36.53 66.09 -11.28
CA GLN D 393 -36.93 67.26 -10.50
C GLN D 393 -37.78 68.31 -11.23
N ASN D 394 -37.33 68.78 -12.41
CA ASN D 394 -38.16 69.69 -13.23
C ASN D 394 -39.17 68.85 -13.99
N PHE D 395 -40.17 68.38 -13.27
CA PHE D 395 -41.32 67.69 -13.82
C PHE D 395 -42.46 68.22 -12.99
N SER D 396 -43.65 68.20 -13.55
CA SER D 396 -44.77 68.82 -12.88
C SER D 396 -45.15 67.99 -11.66
N ASN D 397 -45.75 66.80 -11.84
CA ASN D 397 -46.11 65.92 -10.71
C ASN D 397 -45.96 64.42 -11.02
N LEU D 398 -44.72 64.01 -11.24
CA LEU D 398 -44.39 62.59 -11.25
C LEU D 398 -44.69 62.04 -9.89
N GLU D 399 -45.52 60.99 -9.86
CA GLU D 399 -45.81 60.24 -8.65
C GLU D 399 -45.09 58.89 -8.68
N ILE D 400 -45.00 58.29 -9.88
CA ILE D 400 -44.36 56.98 -10.08
C ILE D 400 -43.24 57.03 -11.11
N ILE D 401 -42.02 56.73 -10.69
CA ILE D 401 -40.86 56.69 -11.56
C ILE D 401 -40.36 55.27 -11.62
N TYR D 402 -40.67 54.58 -12.71
CA TYR D 402 -40.47 53.16 -12.79
C TYR D 402 -39.26 52.84 -13.64
N LEU D 403 -38.20 52.36 -12.99
CA LEU D 403 -36.96 52.03 -13.70
C LEU D 403 -36.55 50.59 -13.51
N SER D 404 -37.50 49.74 -13.16
CA SER D 404 -37.24 48.32 -12.92
C SER D 404 -36.67 47.67 -14.17
N GLU D 405 -35.72 46.78 -13.97
CA GLU D 405 -35.23 45.95 -15.05
C GLU D 405 -34.47 46.75 -16.15
N ASN D 406 -33.38 47.42 -15.74
CA ASN D 406 -32.40 48.01 -16.65
C ASN D 406 -30.99 47.49 -16.29
N ARG D 407 -29.95 48.16 -16.75
CA ARG D 407 -28.57 47.76 -16.40
C ARG D 407 -27.85 48.85 -15.64
N ILE D 408 -28.59 49.54 -14.78
CA ILE D 408 -28.04 50.62 -13.97
C ILE D 408 -27.08 50.08 -12.92
N SER D 409 -25.93 50.72 -12.76
CA SER D 409 -24.95 50.34 -11.75
C SER D 409 -24.54 51.64 -11.01
N PRO D 410 -23.63 51.55 -10.03
CA PRO D 410 -23.20 52.79 -9.33
C PRO D 410 -22.59 53.87 -10.22
N GLU D 438 -52.80 28.59 -21.90
CA GLU D 438 -51.74 29.34 -21.20
C GLU D 438 -52.09 30.81 -21.01
N PHE D 439 -52.71 31.45 -22.00
CA PHE D 439 -53.07 32.86 -21.91
C PHE D 439 -54.49 33.01 -21.43
N ASP D 440 -54.72 33.83 -20.41
CA ASP D 440 -56.10 34.05 -19.92
C ASP D 440 -56.89 34.81 -21.01
N PRO D 441 -57.97 34.19 -21.52
CA PRO D 441 -58.80 34.84 -22.54
C PRO D 441 -59.39 36.19 -22.10
N HIS D 442 -59.66 36.32 -20.80
CA HIS D 442 -60.24 37.52 -20.18
C HIS D 442 -59.18 38.52 -19.72
N SER D 443 -57.90 38.16 -19.82
CA SER D 443 -56.85 39.15 -19.60
C SER D 443 -56.39 39.80 -20.91
N ASN D 444 -55.90 41.01 -20.79
CA ASN D 444 -55.07 41.61 -21.79
C ASN D 444 -53.89 40.69 -22.17
N PHE D 445 -53.53 40.69 -23.44
CA PHE D 445 -52.65 39.65 -23.99
C PHE D 445 -51.17 40.06 -24.05
N TYR D 446 -50.92 41.36 -24.20
CA TYR D 446 -49.60 41.90 -24.49
C TYR D 446 -48.84 42.40 -23.25
N HIS D 447 -49.57 42.94 -22.28
CA HIS D 447 -48.97 43.32 -21.02
C HIS D 447 -49.75 42.82 -19.81
N PHE D 448 -49.07 42.78 -18.67
CA PHE D 448 -49.66 42.38 -17.41
C PHE D 448 -50.31 43.67 -16.98
N THR D 449 -51.44 43.60 -16.30
CA THR D 449 -52.14 44.85 -15.91
C THR D 449 -52.02 45.24 -14.43
N ARG D 450 -51.20 44.52 -13.66
CA ARG D 450 -51.08 44.80 -12.23
C ARG D 450 -50.48 46.19 -12.00
N PRO D 451 -50.65 46.78 -10.79
CA PRO D 451 -50.06 48.10 -10.58
C PRO D 451 -48.54 48.03 -10.60
N LEU D 452 -47.93 48.93 -11.37
CA LEU D 452 -46.47 48.97 -11.55
C LEU D 452 -45.66 48.89 -10.25
N ILE D 453 -46.18 49.51 -9.19
CA ILE D 453 -45.53 49.54 -7.88
C ILE D 453 -46.61 49.15 -6.90
N LYS D 454 -46.26 48.46 -5.81
CA LYS D 454 -47.28 48.02 -4.85
C LYS D 454 -48.04 49.24 -4.31
N PRO D 455 -49.37 49.21 -4.34
CA PRO D 455 -50.19 50.29 -3.78
C PRO D 455 -49.89 50.69 -2.34
N GLN D 456 -49.46 49.75 -1.51
CA GLN D 456 -49.10 50.07 -0.12
C GLN D 456 -47.86 50.99 0.00
N CYS D 457 -47.02 51.00 -1.02
CA CYS D 457 -45.79 51.82 -1.07
C CYS D 457 -46.09 53.16 -1.75
N ALA D 458 -46.81 53.11 -2.86
CA ALA D 458 -47.13 54.33 -3.61
C ALA D 458 -48.06 55.26 -2.82
N ALA D 459 -48.97 54.69 -2.04
CA ALA D 459 -49.83 55.49 -1.20
C ALA D 459 -49.05 56.50 -0.35
N TYR D 460 -47.77 56.27 -0.06
CA TYR D 460 -46.99 57.26 0.74
C TYR D 460 -46.51 58.54 0.00
N GLY D 461 -46.58 58.62 -1.32
CA GLY D 461 -45.95 59.74 -2.03
C GLY D 461 -45.13 59.36 -3.26
N LYS D 462 -44.14 60.18 -3.59
CA LYS D 462 -43.36 59.93 -4.81
C LYS D 462 -42.70 58.57 -4.70
N ALA D 463 -42.81 57.79 -5.77
CA ALA D 463 -42.25 56.46 -5.78
C ALA D 463 -41.15 56.32 -6.83
N LEU D 464 -40.09 55.60 -6.47
CA LEU D 464 -39.00 55.29 -7.39
C LEU D 464 -38.60 53.83 -7.34
N ASP D 465 -38.73 53.13 -8.46
CA ASP D 465 -38.51 51.69 -8.46
C ASP D 465 -37.27 51.46 -9.28
N LEU D 466 -36.21 51.13 -8.58
CA LEU D 466 -34.95 50.78 -9.19
C LEU D 466 -34.68 49.30 -8.98
N SER D 467 -35.73 48.49 -8.88
CA SER D 467 -35.59 47.03 -8.73
C SER D 467 -34.94 46.36 -9.93
N LEU D 468 -34.24 45.25 -9.71
CA LEU D 468 -33.71 44.40 -10.79
C LEU D 468 -32.65 45.09 -11.70
N ASN D 469 -31.77 45.89 -11.09
CA ASN D 469 -30.55 46.38 -11.77
C ASN D 469 -29.33 45.82 -11.06
N SER D 470 -28.15 46.39 -11.31
CA SER D 470 -26.94 46.02 -10.60
C SER D 470 -26.32 47.15 -9.76
N ILE D 471 -27.16 47.80 -8.96
CA ILE D 471 -26.70 48.74 -7.95
C ILE D 471 -26.31 47.92 -6.72
N PHE D 472 -25.10 47.36 -6.75
CA PHE D 472 -24.61 46.45 -5.69
C PHE D 472 -23.90 47.17 -4.53
N PHE D 473 -23.66 48.47 -4.71
CA PHE D 473 -23.11 49.34 -3.68
C PHE D 473 -23.92 50.59 -3.81
N ILE D 474 -24.35 51.18 -2.70
CA ILE D 474 -24.90 52.53 -2.72
C ILE D 474 -23.78 53.49 -2.35
N GLY D 475 -23.27 54.22 -3.35
CA GLY D 475 -22.16 55.15 -3.10
C GLY D 475 -22.65 56.45 -2.48
N PRO D 476 -21.71 57.30 -2.03
CA PRO D 476 -22.08 58.55 -1.36
C PRO D 476 -22.99 59.52 -2.12
N ASN D 477 -23.06 59.43 -3.46
CA ASN D 477 -23.92 60.32 -4.22
C ASN D 477 -24.94 59.63 -5.11
N GLN D 478 -25.23 58.38 -4.79
CA GLN D 478 -26.17 57.64 -5.58
C GLN D 478 -27.48 58.38 -5.77
N PHE D 479 -28.01 58.96 -4.70
CA PHE D 479 -29.37 59.53 -4.77
C PHE D 479 -29.48 61.04 -4.85
N GLU D 480 -28.38 61.73 -5.17
CA GLU D 480 -28.37 63.21 -5.17
C GLU D 480 -29.32 63.78 -6.21
N ASN D 481 -29.90 64.91 -5.86
CA ASN D 481 -30.75 65.65 -6.77
C ASN D 481 -31.94 64.83 -7.24
N LEU D 482 -32.51 64.01 -6.33
CA LEU D 482 -33.79 63.38 -6.58
C LEU D 482 -34.92 64.16 -5.91
N PRO D 483 -36.15 63.94 -6.38
CA PRO D 483 -37.28 64.48 -5.64
C PRO D 483 -37.37 63.88 -4.26
N ASP D 484 -38.36 64.31 -3.49
CA ASP D 484 -38.63 63.74 -2.18
C ASP D 484 -39.29 62.36 -2.29
N ILE D 485 -38.47 61.32 -2.36
CA ILE D 485 -38.96 59.98 -2.53
C ILE D 485 -39.55 59.52 -1.22
N ALA D 486 -40.77 58.99 -1.30
CA ALA D 486 -41.44 58.41 -0.14
C ALA D 486 -41.42 56.87 -0.21
N CYS D 487 -41.38 56.33 -1.43
CA CYS D 487 -41.50 54.89 -1.66
C CYS D 487 -40.40 54.50 -2.59
N LEU D 488 -39.52 53.63 -2.14
CA LEU D 488 -38.34 53.30 -2.91
C LEU D 488 -38.08 51.81 -2.95
N ASN D 489 -37.85 51.30 -4.14
CA ASN D 489 -37.63 49.89 -4.32
C ASN D 489 -36.26 49.64 -4.84
N LEU D 490 -35.45 48.99 -4.01
CA LEU D 490 -34.12 48.57 -4.41
C LEU D 490 -33.99 47.03 -4.39
N SER D 491 -35.11 46.32 -4.58
CA SER D 491 -35.07 44.87 -4.58
C SER D 491 -34.25 44.34 -5.74
N ALA D 492 -33.58 43.23 -5.50
CA ALA D 492 -32.92 42.46 -6.55
C ALA D 492 -31.88 43.29 -7.27
N ASN D 493 -31.11 44.05 -6.51
CA ASN D 493 -29.90 44.69 -7.04
C ASN D 493 -28.60 44.03 -6.60
N SER D 494 -28.68 42.84 -6.02
CA SER D 494 -27.51 42.19 -5.43
C SER D 494 -26.65 43.07 -4.53
N ASN D 495 -27.29 43.96 -3.78
CA ASN D 495 -26.53 44.86 -2.92
C ASN D 495 -25.82 44.12 -1.77
N ALA D 496 -24.51 44.25 -1.65
CA ALA D 496 -23.80 43.56 -0.56
C ALA D 496 -23.16 44.51 0.42
N GLN D 497 -23.65 45.71 0.52
CA GLN D 497 -22.92 46.65 1.33
C GLN D 497 -23.34 46.68 2.77
N VAL D 498 -22.59 47.50 3.51
CA VAL D 498 -22.81 47.71 4.91
C VAL D 498 -23.43 49.08 5.05
N LEU D 499 -24.76 49.09 5.15
CA LEU D 499 -25.50 50.33 5.44
C LEU D 499 -25.06 50.88 6.78
N SER D 500 -24.76 52.18 6.82
CA SER D 500 -24.20 52.81 8.03
C SER D 500 -24.92 54.05 8.53
N GLY D 501 -26.04 54.41 7.92
CA GLY D 501 -26.80 55.61 8.36
C GLY D 501 -26.63 56.87 7.50
N THR D 502 -25.81 56.83 6.45
CA THR D 502 -25.60 58.01 5.60
C THR D 502 -26.13 57.82 4.17
N GLU D 503 -26.42 56.58 3.78
CA GLU D 503 -26.62 56.23 2.38
C GLU D 503 -27.89 56.82 1.76
N PHE D 504 -28.90 57.10 2.59
CA PHE D 504 -30.14 57.68 2.12
C PHE D 504 -30.34 59.11 2.61
N SER D 505 -29.27 59.78 3.04
CA SER D 505 -29.36 61.16 3.51
C SER D 505 -29.92 62.17 2.47
N ALA D 506 -29.64 61.98 1.18
CA ALA D 506 -30.32 62.76 0.13
C ALA D 506 -31.84 62.56 -0.02
N ILE D 507 -32.38 61.43 0.43
CA ILE D 507 -33.82 61.19 0.41
C ILE D 507 -34.30 60.66 1.77
N PRO D 508 -34.28 61.52 2.79
CA PRO D 508 -34.53 61.10 4.18
C PRO D 508 -35.97 60.88 4.56
N HIS D 509 -36.92 61.18 3.68
CA HIS D 509 -38.33 61.02 4.03
C HIS D 509 -38.96 59.76 3.37
N VAL D 510 -38.14 58.75 3.05
CA VAL D 510 -38.63 57.44 2.60
C VAL D 510 -39.46 56.77 3.71
N LYS D 511 -40.65 56.29 3.37
CA LYS D 511 -41.57 55.73 4.33
C LYS D 511 -41.78 54.24 4.14
N TYR D 512 -41.67 53.76 2.90
CA TYR D 512 -41.68 52.34 2.56
C TYR D 512 -40.36 52.06 1.83
N LEU D 513 -39.53 51.18 2.39
CA LEU D 513 -38.31 50.85 1.73
C LEU D 513 -38.23 49.33 1.40
N ASP D 514 -38.25 48.98 0.12
CA ASP D 514 -38.14 47.57 -0.29
C ASP D 514 -36.71 47.23 -0.66
N LEU D 515 -36.07 46.42 0.17
CA LEU D 515 -34.67 45.98 -0.06
C LEU D 515 -34.58 44.47 -0.20
N THR D 516 -35.66 43.84 -0.65
CA THR D 516 -35.70 42.40 -0.69
C THR D 516 -34.73 41.86 -1.73
N ASN D 517 -34.45 40.55 -1.68
CA ASN D 517 -33.62 39.88 -2.70
C ASN D 517 -32.32 40.59 -2.96
N ASN D 518 -31.64 40.94 -1.86
CA ASN D 518 -30.32 41.51 -1.95
C ASN D 518 -29.39 40.63 -1.12
N ARG D 519 -28.15 41.06 -0.92
CA ARG D 519 -27.25 40.33 -0.07
C ARG D 519 -26.64 41.25 0.93
N LEU D 520 -27.49 41.91 1.71
CA LEU D 520 -26.96 42.89 2.64
C LEU D 520 -26.10 42.31 3.72
N ASP D 521 -25.08 43.09 4.06
CA ASP D 521 -24.13 42.80 5.13
C ASP D 521 -24.43 43.75 6.27
N PHE D 522 -25.19 43.26 7.23
CA PHE D 522 -25.61 43.98 8.40
C PHE D 522 -24.51 43.98 9.44
N ASP D 523 -23.53 44.85 9.24
CA ASP D 523 -22.46 45.04 10.18
C ASP D 523 -22.37 46.46 10.77
N ASN D 524 -23.48 47.20 10.83
CA ASN D 524 -23.44 48.50 11.45
C ASN D 524 -24.74 48.79 12.12
N ALA D 525 -24.68 49.13 13.40
CA ALA D 525 -25.91 49.32 14.17
C ALA D 525 -26.64 50.59 13.81
N SER D 526 -26.01 51.48 13.06
CA SER D 526 -26.62 52.74 12.58
C SER D 526 -27.31 52.64 11.18
N ALA D 527 -27.28 51.46 10.59
CA ALA D 527 -27.85 51.27 9.26
C ALA D 527 -29.27 51.85 9.17
N LEU D 528 -29.53 52.61 8.13
CA LEU D 528 -30.87 53.14 7.87
C LEU D 528 -31.46 54.09 8.92
N THR D 529 -30.68 54.47 9.93
CA THR D 529 -31.25 55.29 11.00
C THR D 529 -31.63 56.69 10.53
N GLU D 530 -31.05 57.13 9.42
CA GLU D 530 -31.31 58.42 8.83
C GLU D 530 -32.68 58.50 8.19
N LEU D 531 -33.35 57.37 8.00
CA LEU D 531 -34.71 57.37 7.47
C LEU D 531 -35.71 57.40 8.63
N SER D 532 -35.72 58.52 9.36
CA SER D 532 -36.46 58.56 10.62
C SER D 532 -37.96 58.60 10.46
N ASP D 533 -38.47 58.59 9.24
CA ASP D 533 -39.91 58.43 9.03
C ASP D 533 -40.30 57.08 8.42
N LEU D 534 -39.34 56.16 8.32
CA LEU D 534 -39.58 54.83 7.76
C LEU D 534 -40.69 54.10 8.54
N GLU D 535 -41.79 53.77 7.87
CA GLU D 535 -42.87 52.98 8.46
C GLU D 535 -42.89 51.53 8.03
N VAL D 536 -42.36 51.24 6.84
CA VAL D 536 -42.32 49.90 6.31
C VAL D 536 -40.97 49.53 5.70
N LEU D 537 -40.40 48.41 6.15
CA LEU D 537 -39.11 47.95 5.71
C LEU D 537 -39.12 46.45 5.40
N ASP D 538 -38.88 46.10 4.16
CA ASP D 538 -38.91 44.72 3.71
C ASP D 538 -37.48 44.34 3.45
N LEU D 539 -36.95 43.45 4.28
CA LEU D 539 -35.61 42.89 4.10
C LEU D 539 -35.71 41.44 3.73
N SER D 540 -36.86 41.04 3.21
CA SER D 540 -37.04 39.65 2.74
C SER D 540 -35.91 39.20 1.79
N TYR D 541 -35.60 37.89 1.84
CA TYR D 541 -34.64 37.23 0.96
C TYR D 541 -33.30 37.95 0.86
N ASN D 542 -32.68 38.19 2.02
CA ASN D 542 -31.28 38.66 2.17
C ASN D 542 -30.42 37.68 2.98
N SER D 543 -30.60 36.37 2.75
CA SER D 543 -29.97 35.37 3.61
C SER D 543 -28.51 35.14 3.32
N HIS D 544 -28.06 35.65 2.19
CA HIS D 544 -26.66 35.48 1.79
C HIS D 544 -25.66 35.57 2.94
N TYR D 545 -25.65 36.64 3.72
CA TYR D 545 -24.69 36.73 4.83
C TYR D 545 -25.23 36.21 6.17
N PHE D 546 -26.53 36.24 6.35
CA PHE D 546 -27.14 35.68 7.56
C PHE D 546 -26.77 34.21 7.72
N ARG D 547 -26.77 33.44 6.65
CA ARG D 547 -26.48 32.03 6.77
C ARG D 547 -25.01 31.70 7.15
N ILE D 548 -24.12 32.68 7.14
CA ILE D 548 -22.74 32.43 7.45
C ILE D 548 -22.42 32.81 8.91
N ALA D 549 -22.09 31.82 9.71
CA ALA D 549 -21.88 32.03 11.14
C ALA D 549 -20.80 33.07 11.47
N GLY D 550 -19.71 33.01 10.73
CA GLY D 550 -18.55 33.80 11.07
C GLY D 550 -18.62 35.24 10.65
N VAL D 551 -19.63 35.66 9.88
CA VAL D 551 -19.78 37.10 9.66
C VAL D 551 -20.82 37.64 10.63
N THR D 552 -20.81 38.96 10.79
CA THR D 552 -21.61 39.59 11.82
C THR D 552 -23.04 39.80 11.35
N HIS D 553 -23.96 39.95 12.30
CA HIS D 553 -25.36 40.19 11.96
C HIS D 553 -25.97 41.16 12.96
N HIS D 554 -25.81 42.44 12.72
CA HIS D 554 -26.25 43.45 13.67
C HIS D 554 -27.61 43.95 13.27
N LEU D 555 -28.61 43.67 14.10
CA LEU D 555 -29.97 44.13 13.85
C LEU D 555 -30.44 45.29 14.78
N GLU D 556 -29.53 45.83 15.58
CA GLU D 556 -29.82 46.89 16.57
C GLU D 556 -30.57 48.10 16.05
N PHE D 557 -30.28 48.45 14.80
CA PHE D 557 -30.86 49.63 14.15
C PHE D 557 -32.38 49.68 14.18
N ILE D 558 -33.01 48.53 14.36
CA ILE D 558 -34.46 48.49 14.47
C ILE D 558 -35.03 49.39 15.57
N GLN D 559 -34.37 49.45 16.72
CA GLN D 559 -34.84 50.27 17.83
C GLN D 559 -34.81 51.77 17.56
N ASN D 560 -33.95 52.26 16.68
CA ASN D 560 -33.74 53.72 16.53
C ASN D 560 -34.89 54.43 15.85
N PHE D 561 -35.77 53.68 15.17
CA PHE D 561 -36.91 54.24 14.46
C PHE D 561 -38.11 54.47 15.38
N THR D 562 -38.69 55.65 15.28
CA THR D 562 -39.78 56.06 16.18
C THR D 562 -41.18 55.87 15.60
N ASN D 563 -41.29 55.49 14.32
CA ASN D 563 -42.59 55.27 13.70
C ASN D 563 -42.61 54.08 12.75
N LEU D 564 -41.72 53.10 12.93
CA LEU D 564 -41.65 51.90 12.08
C LEU D 564 -42.78 50.96 12.42
N LYS D 565 -43.65 50.69 11.45
CA LYS D 565 -44.80 49.85 11.69
C LYS D 565 -44.63 48.40 11.28
N VAL D 566 -44.02 48.19 10.13
CA VAL D 566 -44.04 46.88 9.52
C VAL D 566 -42.66 46.53 9.07
N LEU D 567 -42.14 45.42 9.60
CA LEU D 567 -40.82 44.93 9.27
C LEU D 567 -40.95 43.48 8.82
N ASN D 568 -40.28 43.15 7.75
CA ASN D 568 -40.36 41.81 7.21
C ASN D 568 -38.93 41.27 7.05
N LEU D 569 -38.58 40.32 7.92
CA LEU D 569 -37.28 39.62 7.86
C LEU D 569 -37.41 38.21 7.29
N SER D 570 -38.47 37.95 6.52
CA SER D 570 -38.71 36.61 6.01
C SER D 570 -37.60 36.11 5.13
N HIS D 571 -37.48 34.78 5.13
CA HIS D 571 -36.58 34.02 4.26
C HIS D 571 -35.16 34.51 4.33
N ASN D 572 -34.70 34.80 5.55
CA ASN D 572 -33.31 35.23 5.77
C ASN D 572 -32.41 34.23 6.45
N ASN D 573 -33.00 33.13 6.91
CA ASN D 573 -32.19 32.07 7.47
C ASN D 573 -31.44 32.57 8.69
N ILE D 574 -32.10 33.42 9.47
CA ILE D 574 -31.48 34.00 10.66
C ILE D 574 -31.37 32.92 11.74
N TYR D 575 -30.15 32.72 12.23
CA TYR D 575 -29.94 31.77 13.28
C TYR D 575 -28.95 32.20 14.33
N THR D 576 -28.32 33.34 14.11
CA THR D 576 -27.37 33.91 15.05
C THR D 576 -27.27 35.43 14.80
N LEU D 577 -27.13 36.20 15.90
CA LEU D 577 -26.95 37.64 15.83
C LEU D 577 -25.75 37.98 16.64
N THR D 578 -25.17 39.15 16.36
CA THR D 578 -23.94 39.65 16.99
C THR D 578 -24.27 40.65 18.11
N ASP D 579 -23.64 40.48 19.27
CA ASP D 579 -23.73 41.42 20.42
C ASP D 579 -25.11 41.55 21.08
N LYS D 580 -26.10 42.05 20.36
CA LYS D 580 -27.39 42.27 20.94
C LYS D 580 -28.27 41.26 20.29
N TYR D 581 -28.91 40.42 21.10
CA TYR D 581 -29.66 39.27 20.66
C TYR D 581 -31.16 39.54 20.60
N ASN D 582 -31.58 40.75 20.97
CA ASN D 582 -32.97 41.10 21.05
C ASN D 582 -33.40 42.15 20.04
N LEU D 583 -34.59 41.99 19.51
CA LEU D 583 -35.19 42.97 18.66
C LEU D 583 -36.02 43.83 19.55
N GLU D 584 -35.88 45.14 19.41
CA GLU D 584 -36.66 46.08 20.22
C GLU D 584 -37.18 47.24 19.39
N SER D 585 -38.42 47.64 19.68
CA SER D 585 -39.09 48.75 19.07
C SER D 585 -40.31 49.13 19.89
N LYS D 586 -40.49 50.44 20.07
CA LYS D 586 -41.68 50.99 20.71
C LYS D 586 -42.80 51.27 19.73
N SER D 587 -42.51 51.25 18.43
CA SER D 587 -43.55 51.43 17.44
C SER D 587 -44.05 50.17 16.72
N LEU D 588 -43.21 49.14 16.59
CA LEU D 588 -43.48 48.02 15.66
C LEU D 588 -44.77 47.26 15.95
N VAL D 589 -45.59 47.13 14.92
CA VAL D 589 -46.92 46.57 14.98
C VAL D 589 -47.00 45.20 14.29
N GLU D 590 -46.22 45.01 13.23
CA GLU D 590 -46.14 43.74 12.51
C GLU D 590 -44.70 43.36 12.28
N LEU D 591 -44.31 42.21 12.79
CA LEU D 591 -43.06 41.58 12.41
C LEU D 591 -43.36 40.27 11.63
N VAL D 592 -42.80 40.15 10.43
CA VAL D 592 -42.82 38.88 9.71
C VAL D 592 -41.46 38.19 9.83
N PHE D 593 -41.41 37.03 10.50
CA PHE D 593 -40.14 36.32 10.74
C PHE D 593 -40.09 34.95 10.09
N SER D 594 -40.92 34.74 9.08
CA SER D 594 -41.01 33.43 8.47
C SER D 594 -39.73 33.05 7.75
N GLY D 595 -39.46 31.75 7.67
CA GLY D 595 -38.37 31.26 6.84
C GLY D 595 -37.03 31.58 7.46
N ASN D 596 -37.01 31.58 8.78
CA ASN D 596 -35.78 31.71 9.53
C ASN D 596 -35.60 30.47 10.40
N ARG D 597 -34.59 30.49 11.25
CA ARG D 597 -34.24 29.33 12.00
C ARG D 597 -34.42 29.49 13.50
N LEU D 598 -35.66 29.74 13.88
CA LEU D 598 -35.99 29.83 15.30
C LEU D 598 -35.74 28.53 16.05
N ASP D 599 -35.76 27.39 15.35
CA ASP D 599 -35.37 26.11 15.95
C ASP D 599 -33.98 26.17 16.55
N ILE D 600 -33.04 26.77 15.86
CA ILE D 600 -31.70 26.98 16.39
C ILE D 600 -31.64 28.10 17.42
N LEU D 601 -32.32 29.21 17.17
CA LEU D 601 -32.26 30.34 18.12
C LEU D 601 -32.83 29.91 19.45
N TRP D 602 -33.86 29.09 19.44
CA TRP D 602 -34.48 28.68 20.68
C TRP D 602 -34.15 27.27 21.06
N ASN D 603 -33.00 26.77 20.63
CA ASN D 603 -32.70 25.40 20.99
C ASN D 603 -32.46 25.37 22.49
N ASP D 604 -32.79 24.25 23.11
CA ASP D 604 -32.69 24.09 24.57
C ASP D 604 -31.29 24.29 25.20
N ASP D 605 -30.21 24.34 24.42
CA ASP D 605 -28.85 24.54 24.98
C ASP D 605 -28.44 26.02 25.06
N ASP D 606 -29.29 26.89 24.53
CA ASP D 606 -28.98 28.28 24.34
C ASP D 606 -30.13 29.14 24.90
N ASN D 607 -29.80 29.98 25.87
CA ASN D 607 -30.74 30.95 26.49
C ASN D 607 -30.72 32.39 25.88
N ARG D 608 -29.78 32.66 24.98
CA ARG D 608 -29.53 34.04 24.57
C ARG D 608 -30.67 34.69 23.80
N TYR D 609 -31.52 33.93 23.13
CA TYR D 609 -32.60 34.49 22.27
C TYR D 609 -33.94 34.19 22.88
N ILE D 610 -33.93 33.92 24.17
CA ILE D 610 -35.15 33.58 24.89
C ILE D 610 -36.12 34.74 25.00
N SER D 611 -35.66 36.00 24.86
CA SER D 611 -36.53 37.19 24.93
C SER D 611 -36.56 38.03 23.63
N ILE D 612 -36.13 37.40 22.53
CA ILE D 612 -35.83 38.05 21.24
C ILE D 612 -36.88 38.99 20.66
N PHE D 613 -38.15 38.72 20.86
CA PHE D 613 -39.23 39.60 20.39
C PHE D 613 -39.93 40.40 21.52
N LYS D 614 -39.55 40.21 22.78
CA LYS D 614 -40.24 40.79 23.93
C LYS D 614 -40.18 42.32 23.96
N GLY D 615 -39.08 42.90 23.46
CA GLY D 615 -38.93 44.36 23.38
C GLY D 615 -39.76 45.01 22.28
N LEU D 616 -40.48 44.20 21.53
CA LEU D 616 -41.47 44.67 20.58
C LEU D 616 -42.78 44.94 21.32
N LYS D 617 -42.71 45.94 22.19
CA LYS D 617 -43.75 46.22 23.16
C LYS D 617 -45.06 46.60 22.53
N ASN D 618 -45.03 47.02 21.27
CA ASN D 618 -46.26 47.43 20.59
C ASN D 618 -46.80 46.46 19.54
N LEU D 619 -46.21 45.27 19.44
CA LEU D 619 -46.50 44.34 18.36
C LEU D 619 -47.84 43.68 18.54
N THR D 620 -48.59 43.63 17.43
CA THR D 620 -49.88 42.98 17.41
C THR D 620 -49.96 41.81 16.43
N ARG D 621 -49.13 41.80 15.39
CA ARG D 621 -49.12 40.74 14.42
C ARG D 621 -47.71 40.14 14.28
N LEU D 622 -47.58 38.83 14.46
CA LEU D 622 -46.28 38.16 14.43
C LEU D 622 -46.36 36.80 13.71
N ASP D 623 -45.51 36.61 12.71
CA ASP D 623 -45.54 35.43 11.85
C ASP D 623 -44.24 34.66 12.04
N LEU D 624 -44.39 33.43 12.54
CA LEU D 624 -43.27 32.54 12.83
C LEU D 624 -43.34 31.30 11.98
N SER D 625 -44.02 31.39 10.84
CA SER D 625 -44.18 30.23 9.99
C SER D 625 -42.81 29.79 9.46
N LEU D 626 -42.72 28.55 8.99
CA LEU D 626 -41.51 28.10 8.30
C LEU D 626 -40.26 28.38 9.08
N ASN D 627 -40.32 28.12 10.37
CA ASN D 627 -39.13 28.18 11.21
C ASN D 627 -38.57 26.85 11.71
N ARG D 628 -39.15 25.74 11.26
CA ARG D 628 -38.64 24.39 11.54
C ARG D 628 -38.72 24.03 13.01
N LEU D 629 -39.74 24.55 13.67
CA LEU D 629 -39.86 24.33 15.10
C LEU D 629 -40.53 22.99 15.43
N LYS D 630 -39.89 22.19 16.26
CA LYS D 630 -40.55 20.98 16.80
C LYS D 630 -41.21 21.30 18.15
N HIS D 631 -40.54 22.12 18.96
CA HIS D 631 -41.05 22.60 20.24
C HIS D 631 -40.61 24.04 20.52
N ILE D 632 -41.51 24.85 21.07
CA ILE D 632 -41.17 26.16 21.61
C ILE D 632 -41.01 26.03 23.12
N PRO D 633 -39.83 26.33 23.67
CA PRO D 633 -39.69 26.34 25.13
C PRO D 633 -40.80 27.16 25.76
N ASN D 634 -41.24 26.76 26.94
CA ASN D 634 -42.24 27.51 27.66
C ASN D 634 -41.75 28.93 27.88
N GLU D 635 -40.50 29.11 28.28
CA GLU D 635 -40.04 30.44 28.67
C GLU D 635 -40.13 31.39 27.48
N ALA D 636 -39.81 30.87 26.30
CA ALA D 636 -39.69 31.69 25.11
C ALA D 636 -41.07 32.09 24.62
N PHE D 637 -42.05 31.19 24.76
CA PHE D 637 -43.42 31.46 24.36
C PHE D 637 -44.09 32.51 25.25
N LEU D 638 -43.70 32.54 26.52
CA LEU D 638 -44.18 33.52 27.48
C LEU D 638 -43.46 34.86 27.37
N ASN D 639 -42.36 34.89 26.65
CA ASN D 639 -41.70 36.15 26.33
C ASN D 639 -42.11 36.75 24.99
N LEU D 640 -43.18 36.27 24.38
CA LEU D 640 -43.73 36.95 23.21
C LEU D 640 -44.63 38.12 23.73
N PRO D 641 -44.66 39.25 23.00
CA PRO D 641 -45.38 40.45 23.40
C PRO D 641 -46.81 40.20 23.75
N ALA D 642 -47.19 40.55 24.97
CA ALA D 642 -48.56 40.40 25.44
C ALA D 642 -49.54 41.33 24.74
N SER D 643 -49.06 42.19 23.86
CA SER D 643 -49.93 43.06 23.08
C SER D 643 -50.44 42.37 21.82
N LEU D 644 -50.08 41.10 21.66
CA LEU D 644 -50.33 40.42 20.42
C LEU D 644 -51.77 40.06 20.22
N THR D 645 -52.32 40.43 19.09
CA THR D 645 -53.70 40.01 18.74
C THR D 645 -53.72 38.86 17.76
N GLU D 646 -52.59 38.54 17.15
CA GLU D 646 -52.58 37.66 15.97
C GLU D 646 -51.27 36.91 15.87
N LEU D 647 -51.29 35.59 16.08
CA LEU D 647 -50.06 34.76 16.12
C LEU D 647 -50.06 33.62 15.13
N HIS D 648 -49.09 33.65 14.23
CA HIS D 648 -48.93 32.63 13.20
C HIS D 648 -47.72 31.79 13.49
N ILE D 649 -47.91 30.49 13.74
CA ILE D 649 -46.82 29.55 13.88
C ILE D 649 -47.00 28.38 12.90
N ASN D 650 -47.54 28.68 11.72
CA ASN D 650 -47.98 27.60 10.85
C ASN D 650 -46.79 26.93 10.20
N ASP D 651 -47.04 25.92 9.38
CA ASP D 651 -45.98 25.23 8.65
C ASP D 651 -44.67 25.15 9.38
N ASN D 652 -44.76 24.70 10.60
CA ASN D 652 -43.66 24.19 11.34
C ASN D 652 -43.78 22.71 11.50
N MET D 653 -43.18 22.16 12.53
CA MET D 653 -43.26 20.74 12.79
C MET D 653 -43.65 20.52 14.23
N LEU D 654 -44.59 21.31 14.72
CA LEU D 654 -44.94 21.24 16.11
C LEU D 654 -45.76 20.00 16.44
N LYS D 655 -45.28 19.27 17.45
CA LYS D 655 -45.92 18.05 17.97
C LYS D 655 -46.88 18.32 19.15
N PHE D 656 -46.48 19.24 20.05
CA PHE D 656 -47.29 19.65 21.20
C PHE D 656 -47.48 21.17 21.20
N PHE D 657 -48.50 21.62 21.93
CA PHE D 657 -48.70 23.05 22.16
C PHE D 657 -49.25 23.29 23.55
N ASN D 658 -48.48 23.98 24.38
CA ASN D 658 -48.89 24.30 25.74
C ASN D 658 -49.95 25.36 25.69
N TRP D 659 -51.20 24.93 25.77
CA TRP D 659 -52.34 25.88 25.67
C TRP D 659 -52.49 26.79 26.90
N THR D 660 -51.93 26.38 28.02
CA THR D 660 -51.90 27.12 29.29
C THR D 660 -51.36 28.53 29.17
N LEU D 661 -50.38 28.70 28.30
CA LEU D 661 -49.70 29.97 28.12
C LEU D 661 -50.56 30.99 27.40
N LEU D 662 -51.67 30.59 26.80
CA LEU D 662 -52.56 31.59 26.22
C LEU D 662 -53.17 32.50 27.32
N GLN D 663 -53.08 32.07 28.57
CA GLN D 663 -53.57 32.87 29.69
C GLN D 663 -52.81 34.16 29.84
N GLN D 664 -51.57 34.20 29.35
CA GLN D 664 -50.76 35.41 29.45
C GLN D 664 -50.91 36.28 28.21
N PHE D 665 -51.87 35.99 27.34
CA PHE D 665 -52.07 36.81 26.14
C PHE D 665 -53.51 37.25 25.99
N PRO D 666 -53.94 38.20 26.84
CA PRO D 666 -55.33 38.62 26.98
C PRO D 666 -55.95 39.32 25.76
N ARG D 667 -55.13 39.77 24.81
CA ARG D 667 -55.66 40.37 23.57
C ARG D 667 -55.62 39.42 22.37
N LEU D 668 -55.02 38.25 22.53
CA LEU D 668 -54.88 37.33 21.38
C LEU D 668 -56.23 36.95 20.76
N GLU D 669 -56.43 37.35 19.49
CA GLU D 669 -57.66 37.09 18.73
C GLU D 669 -57.59 35.98 17.66
N LEU D 670 -56.47 35.84 16.95
CA LEU D 670 -56.31 34.76 15.96
C LEU D 670 -55.08 33.91 16.34
N LEU D 671 -55.21 32.58 16.31
CA LEU D 671 -54.06 31.69 16.53
C LEU D 671 -53.99 30.69 15.41
N ASP D 672 -52.91 30.73 14.64
CA ASP D 672 -52.79 29.93 13.44
C ASP D 672 -51.67 28.91 13.63
N LEU D 673 -52.09 27.64 13.64
CA LEU D 673 -51.18 26.53 13.82
C LEU D 673 -51.29 25.50 12.70
N ARG D 674 -51.90 25.87 11.58
CA ARG D 674 -51.92 25.06 10.36
C ARG D 674 -50.58 24.45 10.01
N GLY D 675 -50.60 23.24 9.46
CA GLY D 675 -49.39 22.59 8.93
C GLY D 675 -48.36 22.26 9.99
N ASN D 676 -48.82 21.75 11.12
CA ASN D 676 -47.91 21.13 12.04
C ASN D 676 -48.27 19.68 12.14
N LYS D 677 -47.71 19.02 13.15
CA LYS D 677 -47.96 17.62 13.45
C LYS D 677 -48.61 17.47 14.82
N LEU D 678 -49.65 18.24 15.08
CA LEU D 678 -50.25 18.19 16.42
C LEU D 678 -51.13 16.95 16.57
N LEU D 679 -51.01 16.29 17.72
CA LEU D 679 -51.69 15.02 18.01
C LEU D 679 -53.05 15.24 18.69
N PHE D 680 -53.01 15.84 19.89
CA PHE D 680 -54.22 16.03 20.68
C PHE D 680 -54.51 17.50 21.03
N LEU D 681 -55.52 17.73 21.87
CA LEU D 681 -55.90 19.07 22.28
C LEU D 681 -55.97 19.21 23.79
N THR D 682 -56.18 20.44 24.24
CA THR D 682 -56.59 20.68 25.62
C THR D 682 -58.10 20.72 25.68
N ASP D 683 -58.66 19.95 26.60
CA ASP D 683 -60.07 20.03 26.97
C ASP D 683 -60.58 21.44 27.34
N SER D 684 -59.69 22.29 27.86
CA SER D 684 -60.06 23.45 28.69
C SER D 684 -59.82 24.84 28.09
N LEU D 685 -60.13 25.01 26.81
CA LEU D 685 -59.71 26.21 26.12
C LEU D 685 -60.14 27.51 26.81
N SER D 686 -61.41 27.62 27.19
CA SER D 686 -61.94 28.81 27.89
C SER D 686 -61.28 29.06 29.25
N ASP D 687 -60.68 28.03 29.83
CA ASP D 687 -59.85 28.26 31.02
C ASP D 687 -58.61 29.05 30.69
N PHE D 688 -58.32 29.17 29.40
CA PHE D 688 -57.08 29.73 28.95
C PHE D 688 -57.20 31.04 28.15
N THR D 689 -58.32 31.27 27.50
CA THR D 689 -58.49 32.51 26.79
C THR D 689 -59.95 32.89 26.76
N SER D 690 -60.19 34.17 26.94
CA SER D 690 -61.51 34.74 26.74
C SER D 690 -61.46 35.75 25.60
N SER D 691 -60.45 35.66 24.74
CA SER D 691 -60.28 36.64 23.65
C SER D 691 -60.32 36.03 22.25
N LEU D 692 -59.79 34.82 22.12
CA LEU D 692 -59.58 34.16 20.84
C LEU D 692 -60.85 34.17 20.01
N ARG D 693 -60.74 34.62 18.76
CA ARG D 693 -61.85 34.65 17.82
C ARG D 693 -61.70 33.60 16.74
N THR D 694 -60.47 33.25 16.38
CA THR D 694 -60.20 32.36 15.25
C THR D 694 -59.09 31.38 15.55
N LEU D 695 -59.35 30.09 15.36
CA LEU D 695 -58.36 29.05 15.68
C LEU D 695 -58.13 28.16 14.47
N LEU D 696 -56.95 28.29 13.87
CA LEU D 696 -56.69 27.64 12.60
C LEU D 696 -55.80 26.45 12.86
N LEU D 697 -56.34 25.25 12.59
CA LEU D 697 -55.70 23.95 12.86
C LEU D 697 -55.65 22.97 11.67
N SER D 698 -56.05 23.38 10.47
CA SER D 698 -55.91 22.51 9.33
C SER D 698 -54.54 21.90 9.25
N HIS D 699 -54.46 20.79 8.56
CA HIS D 699 -53.24 20.00 8.39
C HIS D 699 -52.46 19.81 9.67
N ASN D 700 -53.14 19.24 10.66
CA ASN D 700 -52.47 18.57 11.78
C ASN D 700 -53.04 17.16 11.87
N ARG D 701 -52.77 16.45 12.96
CA ARG D 701 -53.16 15.06 13.12
C ARG D 701 -54.07 14.89 14.32
N ILE D 702 -55.12 15.71 14.38
CA ILE D 702 -55.98 15.68 15.56
C ILE D 702 -56.98 14.56 15.44
N SER D 703 -56.83 13.56 16.29
CA SER D 703 -57.63 12.34 16.25
C SER D 703 -59.02 12.55 16.87
N HIS D 704 -59.09 13.41 17.88
CA HIS D 704 -60.25 13.51 18.74
C HIS D 704 -60.44 14.91 19.35
N LEU D 705 -61.65 15.45 19.18
CA LEU D 705 -62.09 16.69 19.84
C LEU D 705 -62.62 16.41 21.24
N PRO D 706 -62.04 17.05 22.28
CA PRO D 706 -62.61 16.89 23.62
C PRO D 706 -64.07 17.36 23.70
N SER D 707 -64.95 16.50 24.23
CA SER D 707 -66.35 16.84 24.39
C SER D 707 -66.41 18.09 25.25
N GLY D 708 -67.41 18.91 24.98
CA GLY D 708 -67.49 20.24 25.54
C GLY D 708 -66.31 21.02 25.01
N PHE D 709 -66.31 21.21 23.69
CA PHE D 709 -65.37 22.10 23.02
C PHE D 709 -66.09 23.25 22.31
N LEU D 710 -67.35 23.01 21.92
CA LEU D 710 -68.14 23.98 21.16
C LEU D 710 -68.61 25.11 22.09
N SER D 711 -69.52 24.80 23.03
CA SER D 711 -70.03 25.80 24.00
C SER D 711 -69.13 25.99 25.23
N GLU D 712 -68.14 25.11 25.39
CA GLU D 712 -67.06 25.28 26.38
C GLU D 712 -66.54 26.70 26.38
N VAL D 713 -66.24 27.19 25.18
CA VAL D 713 -65.58 28.48 24.99
C VAL D 713 -66.60 29.61 25.11
N SER D 714 -66.25 30.79 24.58
CA SER D 714 -67.18 31.86 24.41
C SER D 714 -66.97 32.49 23.04
N SER D 715 -65.80 33.10 22.86
CA SER D 715 -65.59 34.05 21.76
C SER D 715 -65.19 33.41 20.46
N LEU D 716 -64.97 32.10 20.45
CA LEU D 716 -64.46 31.44 19.26
C LEU D 716 -65.46 31.50 18.12
N LYS D 717 -65.20 32.37 17.15
CA LYS D 717 -66.04 32.58 15.97
C LYS D 717 -65.76 31.59 14.82
N HIS D 718 -64.51 31.14 14.73
CA HIS D 718 -64.04 30.42 13.54
C HIS D 718 -63.08 29.34 13.97
N LEU D 719 -63.49 28.09 13.78
CA LEU D 719 -62.66 26.96 14.16
C LEU D 719 -62.42 26.20 12.89
N ASP D 720 -61.15 25.90 12.60
CA ASP D 720 -60.81 25.18 11.40
C ASP D 720 -60.12 23.93 11.81
N LEU D 721 -60.73 22.82 11.49
CA LEU D 721 -60.23 21.52 11.79
C LEU D 721 -60.11 20.72 10.50
N SER D 722 -60.05 21.43 9.38
CA SER D 722 -59.96 20.76 8.10
C SER D 722 -58.70 19.90 8.06
N SER D 723 -58.67 18.98 7.10
CA SER D 723 -57.52 18.10 6.87
C SER D 723 -56.79 17.66 8.16
N ASN D 724 -57.55 17.06 9.07
CA ASN D 724 -56.99 16.41 10.28
C ASN D 724 -57.45 14.94 10.34
N LEU D 725 -57.34 14.29 11.51
CA LEU D 725 -57.68 12.87 11.65
C LEU D 725 -58.95 12.65 12.47
N LEU D 726 -60.01 13.34 12.07
CA LEU D 726 -61.31 13.18 12.69
C LEU D 726 -62.23 12.24 11.89
N LYS D 727 -62.20 10.98 12.28
CA LYS D 727 -63.24 10.02 11.91
C LYS D 727 -64.60 10.45 12.47
N THR D 728 -64.60 10.90 13.73
CA THR D 728 -65.87 11.13 14.44
C THR D 728 -65.87 12.32 15.44
N ILE D 729 -66.81 13.24 15.20
CA ILE D 729 -67.13 14.27 16.18
C ILE D 729 -67.89 13.64 17.35
N ASN D 730 -67.37 13.85 18.56
CA ASN D 730 -67.98 13.31 19.78
C ASN D 730 -69.27 14.07 20.14
N LYS D 731 -69.87 13.75 21.29
CA LYS D 731 -71.10 14.45 21.74
C LYS D 731 -70.74 15.80 22.35
N SER D 732 -71.49 16.82 21.93
CA SER D 732 -71.05 18.23 21.97
C SER D 732 -70.25 18.58 23.22
N THR D 740 -73.20 28.28 19.97
CA THR D 740 -72.46 29.26 20.77
C THR D 740 -72.29 30.52 19.91
N LYS D 741 -71.23 31.32 20.12
CA LYS D 741 -70.94 32.42 19.18
C LYS D 741 -70.10 31.97 17.96
N LEU D 742 -69.79 30.68 17.89
CA LEU D 742 -69.18 30.06 16.72
C LEU D 742 -70.09 30.15 15.50
N SER D 743 -69.53 30.54 14.37
CA SER D 743 -70.30 30.70 13.15
C SER D 743 -69.59 30.15 11.93
N MET D 744 -68.35 29.69 12.08
CA MET D 744 -67.73 28.91 11.03
C MET D 744 -66.96 27.73 11.63
N LEU D 745 -67.31 26.55 11.18
CA LEU D 745 -66.58 25.35 11.52
C LEU D 745 -66.17 24.68 10.22
N GLU D 746 -64.86 24.53 10.03
CA GLU D 746 -64.27 23.94 8.81
C GLU D 746 -63.82 22.51 9.07
N LEU D 747 -64.31 21.60 8.24
CA LEU D 747 -64.13 20.17 8.48
C LEU D 747 -63.73 19.34 7.26
N HIS D 748 -63.70 19.95 6.07
CA HIS D 748 -63.36 19.16 4.88
C HIS D 748 -62.03 18.43 5.04
N GLY D 749 -61.93 17.26 4.42
CA GLY D 749 -60.69 16.52 4.41
C GLY D 749 -60.37 15.71 5.64
N ASN D 750 -61.33 15.50 6.52
CA ASN D 750 -61.14 14.50 7.59
C ASN D 750 -61.67 13.10 7.15
N PRO D 751 -61.16 12.03 7.78
CA PRO D 751 -61.55 10.66 7.44
C PRO D 751 -62.76 10.21 8.25
N PHE D 752 -63.93 10.69 7.86
CA PHE D 752 -65.16 10.42 8.62
C PHE D 752 -65.52 8.93 8.67
N GLU D 753 -66.65 8.60 9.29
CA GLU D 753 -67.24 7.25 9.19
C GLU D 753 -68.75 7.35 9.31
N CYS D 754 -69.44 6.87 8.30
CA CYS D 754 -70.89 7.01 8.20
C CYS D 754 -71.48 5.59 8.04
N THR D 755 -71.92 4.90 9.11
CA THR D 755 -72.19 5.37 10.50
C THR D 755 -71.33 4.40 11.40
N CYS D 756 -71.62 4.05 12.66
CA CYS D 756 -72.49 4.70 13.68
C CYS D 756 -71.43 5.07 14.74
N ASP D 757 -71.77 5.82 15.79
CA ASP D 757 -73.03 6.54 15.92
C ASP D 757 -72.70 8.00 15.63
N ILE D 758 -72.37 8.25 14.38
CA ILE D 758 -71.99 9.59 13.95
C ILE D 758 -73.22 10.45 13.62
N GLY D 759 -74.39 9.84 13.63
CA GLY D 759 -75.65 10.52 13.31
C GLY D 759 -75.97 11.71 14.22
N ASP D 760 -75.57 11.64 15.49
CA ASP D 760 -75.83 12.72 16.47
C ASP D 760 -75.39 14.08 15.92
N PHE D 761 -74.19 14.10 15.33
CA PHE D 761 -73.65 15.33 14.79
C PHE D 761 -74.47 15.85 13.61
N ARG D 762 -75.06 14.92 12.84
CA ARG D 762 -75.86 15.27 11.65
C ARG D 762 -77.12 16.07 11.99
N ARG D 763 -77.78 15.72 13.09
CA ARG D 763 -78.89 16.53 13.58
C ARG D 763 -78.35 17.77 14.30
N TRP D 764 -77.20 17.62 14.95
CA TRP D 764 -76.51 18.78 15.52
C TRP D 764 -76.39 19.88 14.46
N MET D 765 -76.10 19.49 13.21
CA MET D 765 -76.05 20.44 12.10
C MET D 765 -77.45 21.01 11.77
N ASP D 766 -78.47 20.15 11.70
CA ASP D 766 -79.86 20.59 11.44
C ASP D 766 -80.24 21.69 12.41
N GLU D 767 -79.92 21.48 13.69
CA GLU D 767 -80.31 22.38 14.78
C GLU D 767 -79.53 23.72 14.81
N HIS D 768 -78.38 23.78 14.10
CA HIS D 768 -77.52 24.98 14.05
C HIS D 768 -77.22 25.48 12.65
N LEU D 769 -78.20 26.12 12.02
CA LEU D 769 -78.01 26.73 10.70
C LEU D 769 -77.17 28.01 10.81
N ASN D 770 -77.15 28.62 11.99
CA ASN D 770 -76.21 29.70 12.30
C ASN D 770 -74.74 29.39 11.95
N VAL D 771 -74.31 28.14 12.17
CA VAL D 771 -72.92 27.71 11.95
C VAL D 771 -72.64 27.19 10.54
N LYS D 772 -72.24 28.09 9.63
CA LYS D 772 -71.89 27.68 8.28
C LYS D 772 -70.75 26.66 8.25
N ILE D 773 -71.01 25.47 7.72
CA ILE D 773 -69.93 24.59 7.32
C ILE D 773 -69.71 24.95 5.87
N PRO D 774 -68.45 25.05 5.43
CA PRO D 774 -68.21 25.34 4.04
C PRO D 774 -67.76 24.11 3.26
N ARG D 775 -67.81 24.24 1.93
CA ARG D 775 -67.37 23.20 1.01
C ARG D 775 -67.86 21.83 1.45
N LEU D 776 -69.17 21.70 1.50
CA LEU D 776 -69.84 20.52 2.05
C LEU D 776 -69.61 19.21 1.25
N VAL D 777 -69.26 19.36 -0.02
CA VAL D 777 -68.96 18.23 -0.89
C VAL D 777 -67.63 17.57 -0.51
N ASP D 778 -66.63 18.42 -0.24
CA ASP D 778 -65.31 17.96 0.16
C ASP D 778 -65.31 17.53 1.63
N VAL D 779 -66.42 17.81 2.33
CA VAL D 779 -66.72 17.17 3.61
C VAL D 779 -67.22 15.79 3.22
N ILE D 780 -66.34 14.80 3.34
CA ILE D 780 -66.53 13.51 2.68
C ILE D 780 -66.59 12.38 3.68
N CYS D 781 -67.42 11.39 3.35
CA CYS D 781 -67.43 10.14 4.05
C CYS D 781 -66.23 9.29 3.62
N ALA D 782 -65.37 8.98 4.57
CA ALA D 782 -64.83 7.64 4.69
C ALA D 782 -65.63 7.26 5.94
N SER D 783 -65.34 6.16 6.63
CA SER D 783 -64.88 4.92 6.07
C SER D 783 -65.95 3.94 6.56
N PRO D 784 -67.14 3.93 5.91
CA PRO D 784 -68.04 2.80 6.04
C PRO D 784 -67.42 1.57 5.37
N GLY D 785 -66.59 1.81 4.36
CA GLY D 785 -65.97 0.73 3.59
C GLY D 785 -66.83 0.43 2.38
N ASP D 786 -68.10 0.83 2.45
CA ASP D 786 -69.03 0.73 1.35
C ASP D 786 -69.17 2.13 0.76
N GLN D 787 -69.58 3.09 1.59
CA GLN D 787 -69.94 4.46 1.16
C GLN D 787 -68.91 5.60 1.34
N ARG D 788 -67.67 5.37 0.91
CA ARG D 788 -66.68 6.46 0.84
C ARG D 788 -67.08 7.48 -0.26
N GLY D 789 -66.60 8.71 -0.13
CA GLY D 789 -66.79 9.72 -1.18
C GLY D 789 -68.05 10.56 -1.07
N LYS D 790 -69.04 10.06 -0.31
CA LYS D 790 -70.33 10.73 -0.21
C LYS D 790 -70.25 11.88 0.79
N SER D 791 -70.68 13.07 0.36
CA SER D 791 -70.81 14.20 1.28
C SER D 791 -71.65 13.71 2.45
N ILE D 792 -71.20 13.95 3.69
CA ILE D 792 -71.88 13.40 4.89
C ILE D 792 -73.36 13.78 4.98
N VAL D 793 -73.75 14.91 4.37
CA VAL D 793 -75.16 15.24 4.14
C VAL D 793 -76.06 14.81 5.30
#